data_3FA3
#
_entry.id   3FA3
#
_cell.length_a   160.570
_cell.length_b   160.570
_cell.length_c   161.410
_cell.angle_alpha   90.00
_cell.angle_beta   90.00
_cell.angle_gamma   120.00
#
_symmetry.space_group_name_H-M   'P 32'
#
loop_
_entity.id
_entity.type
_entity.pdbx_description
1 polymer '2,3-dimethylmalate lyase'
2 non-polymer 'MANGANESE (II) ION'
3 non-polymer '2,2-difluoro-3,3-dihydroxybutanedioic acid'
4 non-polymer GLYCEROL
5 water water
#
_entity_poly.entity_id   1
_entity_poly.type   'polypeptide(L)'
_entity_poly.pdbx_seq_one_letter_code
;PMVTAATSLRRALENPDSFIVAPGVYDGLSARVALSAGFDALYMTGAGTAASVHGQADLGICTLNDMRANAEMISNISPS
TPVIADADTGYGGPIMVARTTEQYSRSGVAAFHIEDQVQTKRCGHLAGKILVDTDTYVTRIRAAVQARQRIGSDIVVIAR
TDSLQTHGYEESVARLRAARDAGADVGFLEGITSREMARQVIQDLAGWPLLLNMVEHGATPSISAAEAKEMGFRIIIFPF
AALGPAVAAMREAMEKLKRDGIPGLDKEMTPQMLFRVCGLDESMKVDAQAGGAAFDGGVDLK
;
_entity_poly.pdbx_strand_id   A,B,C,D,E,F,G,H,I,J,K,L,M,N,O,P
#
# COMPACT_ATOMS: atom_id res chain seq x y z
N PRO A 1 -42.42 5.73 18.57
CA PRO A 1 -40.99 6.03 18.72
C PRO A 1 -40.31 5.41 17.51
N MET A 2 -40.92 5.48 16.33
CA MET A 2 -40.24 5.40 15.03
C MET A 2 -39.52 6.69 14.56
N VAL A 3 -38.41 6.53 13.87
CA VAL A 3 -37.31 7.51 13.79
C VAL A 3 -36.86 7.66 12.31
N THR A 4 -36.02 8.63 11.96
CA THR A 4 -35.84 8.86 10.51
C THR A 4 -34.58 9.75 10.32
N ALA A 5 -33.73 9.36 9.39
CA ALA A 5 -32.54 10.11 9.25
C ALA A 5 -32.88 11.63 8.98
N ALA A 6 -34.06 11.92 8.43
CA ALA A 6 -34.41 13.30 8.05
C ALA A 6 -34.07 14.30 9.15
N THR A 7 -34.17 13.85 10.39
CA THR A 7 -34.11 14.74 11.51
C THR A 7 -32.70 14.97 11.96
N SER A 8 -31.91 13.92 11.82
CA SER A 8 -30.50 14.01 11.97
C SER A 8 -29.85 15.08 11.03
N LEU A 9 -30.30 15.05 9.79
CA LEU A 9 -29.78 15.93 8.74
C LEU A 9 -30.34 17.39 8.89
N ARG A 10 -31.65 17.49 9.15
CA ARG A 10 -32.21 18.77 9.56
C ARG A 10 -31.21 19.43 10.54
N ARG A 11 -30.76 18.69 11.54
CA ARG A 11 -29.96 19.30 12.60
C ARG A 11 -28.55 19.68 12.15
N ALA A 12 -27.92 18.77 11.39
CA ALA A 12 -26.64 19.03 10.78
C ALA A 12 -26.64 20.37 10.07
N LEU A 13 -27.67 20.63 9.27
CA LEU A 13 -27.71 21.82 8.48
C LEU A 13 -28.04 23.04 9.34
N GLU A 14 -28.59 22.78 10.51
CA GLU A 14 -28.66 23.91 11.41
C GLU A 14 -27.33 24.39 12.01
N ASN A 15 -26.27 23.60 12.00
CA ASN A 15 -25.07 24.22 12.47
C ASN A 15 -24.05 24.33 11.35
N PRO A 16 -23.61 25.55 11.08
CA PRO A 16 -22.92 25.90 9.79
C PRO A 16 -21.57 25.27 9.63
N ASP A 17 -21.02 24.86 10.78
CA ASP A 17 -19.76 24.09 10.89
C ASP A 17 -19.85 22.61 10.40
N SER A 18 -21.04 22.01 10.41
CA SER A 18 -21.25 20.64 9.93
C SER A 18 -21.03 20.60 8.42
N PHE A 19 -20.34 19.59 7.89
CA PHE A 19 -20.12 19.56 6.45
C PHE A 19 -20.52 18.18 5.92
N ILE A 20 -21.16 18.08 4.77
CA ILE A 20 -21.74 16.80 4.42
C ILE A 20 -21.26 16.26 3.06
N VAL A 21 -20.68 15.04 3.10
CA VAL A 21 -20.09 14.39 1.95
C VAL A 21 -21.01 13.25 1.60
N ALA A 22 -21.62 13.31 0.43
CA ALA A 22 -22.58 12.28 0.07
C ALA A 22 -22.28 11.78 -1.33
N PRO A 23 -21.68 10.57 -1.43
CA PRO A 23 -21.45 9.84 -2.69
C PRO A 23 -22.71 9.32 -3.34
N GLY A 24 -22.73 9.42 -4.69
CA GLY A 24 -23.75 8.74 -5.54
C GLY A 24 -23.81 7.22 -5.42
N VAL A 25 -25.00 6.71 -5.14
CA VAL A 25 -25.24 5.26 -5.17
C VAL A 25 -26.55 5.07 -5.92
N TYR A 26 -26.75 3.89 -6.50
CA TYR A 26 -27.84 3.82 -7.45
C TYR A 26 -28.65 2.53 -7.33
N ASP A 27 -28.26 1.69 -6.37
CA ASP A 27 -28.81 0.32 -6.21
C ASP A 27 -28.32 -0.22 -4.91
N GLY A 28 -28.69 -1.45 -4.58
CA GLY A 28 -28.38 -1.98 -3.25
C GLY A 28 -26.91 -2.17 -3.05
N LEU A 29 -26.27 -2.68 -4.09
CA LEU A 29 -24.84 -2.94 -4.09
C LEU A 29 -23.96 -1.72 -3.87
N SER A 30 -24.04 -0.77 -4.79
CA SER A 30 -23.40 0.52 -4.58
C SER A 30 -23.69 1.04 -3.15
N ALA A 31 -24.88 0.79 -2.64
CA ALA A 31 -25.21 1.36 -1.37
C ALA A 31 -24.42 0.71 -0.21
N ARG A 32 -24.41 -0.63 -0.18
CA ARG A 32 -23.64 -1.44 0.78
C ARG A 32 -22.15 -1.13 0.80
N VAL A 33 -21.60 -0.95 -0.40
CA VAL A 33 -20.18 -0.67 -0.63
C VAL A 33 -19.82 0.68 -0.06
N ALA A 34 -20.58 1.72 -0.46
CA ALA A 34 -20.42 3.04 0.10
C ALA A 34 -20.65 3.04 1.64
N LEU A 35 -21.66 2.31 2.13
CA LEU A 35 -21.80 2.23 3.59
C LEU A 35 -20.54 1.60 4.24
N SER A 36 -20.10 0.46 3.72
CA SER A 36 -18.84 -0.16 4.19
C SER A 36 -17.62 0.74 4.19
N ALA A 37 -17.61 1.71 3.29
CA ALA A 37 -16.51 2.65 3.25
C ALA A 37 -16.46 3.63 4.46
N GLY A 38 -17.61 3.80 5.13
CA GLY A 38 -17.73 4.57 6.35
C GLY A 38 -18.53 5.86 6.21
N PHE A 39 -18.84 6.23 4.97
CA PHE A 39 -19.65 7.38 4.66
C PHE A 39 -20.88 7.51 5.48
N ASP A 40 -21.10 8.76 5.83
CA ASP A 40 -22.08 9.13 6.78
C ASP A 40 -23.33 9.61 6.10
N ALA A 41 -23.28 9.77 4.79
CA ALA A 41 -24.50 10.13 4.03
C ALA A 41 -24.54 9.46 2.66
N LEU A 42 -25.71 9.37 2.06
CA LEU A 42 -25.72 8.84 0.69
C LEU A 42 -26.47 9.76 -0.28
N TYR A 43 -26.12 9.76 -1.58
CA TYR A 43 -26.91 10.48 -2.56
C TYR A 43 -27.49 9.46 -3.57
N MET A 44 -28.79 9.28 -3.60
CA MET A 44 -29.31 8.33 -4.57
C MET A 44 -29.46 9.03 -5.89
N THR A 45 -28.56 8.83 -6.84
CA THR A 45 -28.66 9.52 -8.12
C THR A 45 -29.84 9.10 -9.08
N GLY A 46 -30.59 10.09 -9.58
CA GLY A 46 -31.74 9.86 -10.51
C GLY A 46 -31.27 9.25 -11.80
N ALA A 47 -30.24 9.87 -12.40
CA ALA A 47 -29.43 9.30 -13.51
C ALA A 47 -29.07 7.83 -13.28
N GLY A 48 -28.36 7.59 -12.16
CA GLY A 48 -28.06 6.28 -11.65
C GLY A 48 -29.22 5.33 -11.74
N THR A 49 -30.31 5.66 -11.03
CA THR A 49 -31.51 4.84 -10.95
C THR A 49 -31.98 4.36 -12.34
N ALA A 50 -32.18 5.33 -13.26
CA ALA A 50 -32.48 5.10 -14.68
C ALA A 50 -31.57 4.09 -15.31
N ALA A 51 -30.28 4.15 -14.98
CA ALA A 51 -29.34 3.20 -15.59
C ALA A 51 -29.52 1.77 -15.05
N SER A 52 -29.66 1.60 -13.75
CA SER A 52 -29.83 0.28 -13.19
C SER A 52 -31.24 -0.29 -13.32
N VAL A 53 -32.24 0.53 -13.03
CA VAL A 53 -33.61 0.02 -12.96
C VAL A 53 -34.03 -0.24 -14.38
N HIS A 54 -33.51 0.61 -15.28
CA HIS A 54 -34.09 0.60 -16.58
C HIS A 54 -33.21 0.35 -17.75
N GLY A 55 -31.90 0.50 -17.54
CA GLY A 55 -30.92 0.32 -18.56
C GLY A 55 -31.02 1.44 -19.53
N GLN A 56 -31.43 2.60 -19.03
CA GLN A 56 -31.85 3.74 -19.86
C GLN A 56 -31.03 4.94 -19.41
N ALA A 57 -30.96 5.98 -20.25
CA ALA A 57 -30.32 7.24 -19.85
C ALA A 57 -31.25 8.12 -19.00
N ASP A 58 -30.77 9.29 -18.57
CA ASP A 58 -31.38 10.15 -17.54
C ASP A 58 -32.19 11.09 -18.38
N LEU A 59 -33.42 10.69 -18.73
CA LEU A 59 -34.23 11.44 -19.72
C LEU A 59 -35.65 11.62 -19.21
N GLY A 60 -35.82 11.29 -17.96
CA GLY A 60 -37.14 11.35 -17.36
C GLY A 60 -37.98 10.12 -17.57
N ILE A 61 -37.37 8.94 -17.79
CA ILE A 61 -38.07 7.69 -17.91
C ILE A 61 -38.43 7.08 -16.54
N CYS A 62 -37.68 7.34 -15.49
CA CYS A 62 -38.13 6.89 -14.15
C CYS A 62 -39.42 7.55 -13.68
N THR A 63 -40.40 6.74 -13.28
CA THR A 63 -41.60 7.28 -12.67
C THR A 63 -41.46 7.30 -11.20
N LEU A 64 -42.43 7.93 -10.54
CA LEU A 64 -42.42 8.08 -9.06
C LEU A 64 -42.23 6.71 -8.39
N ASN A 65 -42.89 5.68 -8.92
CA ASN A 65 -42.84 4.33 -8.37
C ASN A 65 -41.47 3.81 -8.30
N ASP A 66 -40.71 4.01 -9.39
CA ASP A 66 -39.33 3.56 -9.50
C ASP A 66 -38.45 4.22 -8.46
N MET A 67 -38.52 5.54 -8.46
CA MET A 67 -37.71 6.38 -7.64
C MET A 67 -38.06 6.21 -6.16
N ARG A 68 -39.33 6.00 -5.83
CA ARG A 68 -39.69 5.81 -4.41
C ARG A 68 -39.14 4.46 -3.93
N ALA A 69 -39.38 3.43 -4.73
CA ALA A 69 -38.93 2.10 -4.37
C ALA A 69 -37.43 2.13 -4.07
N ASN A 70 -36.66 2.71 -5.00
CA ASN A 70 -35.20 2.69 -4.93
C ASN A 70 -34.74 3.44 -3.67
N ALA A 71 -35.23 4.68 -3.55
CA ALA A 71 -35.00 5.53 -2.39
C ALA A 71 -35.29 4.87 -1.04
N GLU A 72 -36.42 4.14 -0.95
CA GLU A 72 -36.81 3.48 0.28
C GLU A 72 -35.80 2.42 0.56
N MET A 73 -35.45 1.65 -0.46
CA MET A 73 -34.72 0.47 -0.12
C MET A 73 -33.34 0.94 0.25
N ILE A 74 -32.80 1.91 -0.51
CA ILE A 74 -31.48 2.41 -0.16
C ILE A 74 -31.57 2.92 1.26
N SER A 75 -32.62 3.69 1.56
CA SER A 75 -32.70 4.42 2.83
C SER A 75 -32.69 3.53 4.01
N ASN A 76 -33.06 2.29 3.80
CA ASN A 76 -33.21 1.35 4.88
C ASN A 76 -32.16 0.28 4.95
N ILE A 77 -31.14 0.42 4.11
CA ILE A 77 -29.97 -0.36 4.37
C ILE A 77 -29.37 0.08 5.68
N SER A 78 -28.96 1.33 5.82
CA SER A 78 -28.58 1.79 7.16
C SER A 78 -29.53 2.88 7.57
N PRO A 79 -30.59 2.50 8.35
CA PRO A 79 -31.64 3.49 8.64
C PRO A 79 -31.06 4.71 9.29
N SER A 80 -30.00 4.61 10.09
CA SER A 80 -29.42 5.82 10.75
C SER A 80 -28.66 6.77 9.83
N THR A 81 -28.38 6.34 8.59
CA THR A 81 -27.59 7.07 7.57
C THR A 81 -28.46 7.91 6.65
N PRO A 82 -28.33 9.22 6.74
CA PRO A 82 -29.17 10.04 5.87
C PRO A 82 -29.01 9.80 4.37
N VAL A 83 -30.12 9.74 3.65
CA VAL A 83 -30.07 9.55 2.21
C VAL A 83 -30.71 10.72 1.47
N ILE A 84 -29.88 11.32 0.60
CA ILE A 84 -30.32 12.45 -0.19
C ILE A 84 -30.77 11.91 -1.48
N ALA A 85 -32.09 11.90 -1.69
CA ALA A 85 -32.73 11.23 -2.78
C ALA A 85 -33.08 12.21 -3.92
N ASP A 86 -32.65 11.92 -5.15
CA ASP A 86 -33.04 12.75 -6.24
C ASP A 86 -34.54 12.61 -6.38
N ALA A 87 -35.25 13.72 -6.60
CA ALA A 87 -36.67 13.55 -6.87
C ALA A 87 -37.16 14.23 -8.14
N ASP A 88 -36.25 14.44 -9.10
CA ASP A 88 -36.50 15.07 -10.44
C ASP A 88 -37.33 16.43 -10.31
N THR A 89 -38.52 16.51 -10.93
CA THR A 89 -39.36 17.71 -10.94
C THR A 89 -40.61 17.48 -10.12
N GLY A 90 -40.63 16.35 -9.42
CA GLY A 90 -41.77 16.03 -8.54
C GLY A 90 -42.86 15.12 -9.12
N TYR A 91 -42.63 14.61 -10.31
CA TYR A 91 -43.52 13.67 -10.91
C TYR A 91 -44.86 14.23 -11.21
N GLY A 92 -44.98 15.55 -11.37
CA GLY A 92 -46.24 16.21 -11.81
C GLY A 92 -46.40 17.62 -11.24
N GLY A 93 -47.62 18.14 -11.15
CA GLY A 93 -47.86 19.38 -10.34
C GLY A 93 -47.98 19.11 -8.86
N PRO A 94 -48.41 20.12 -8.08
CA PRO A 94 -48.57 20.08 -6.61
C PRO A 94 -49.11 18.75 -6.02
N ILE A 95 -50.16 18.19 -6.62
CA ILE A 95 -50.75 16.97 -6.12
C ILE A 95 -49.62 15.97 -6.03
N MET A 96 -48.89 15.74 -7.13
CA MET A 96 -47.80 14.75 -7.21
C MET A 96 -46.56 15.13 -6.37
N VAL A 97 -46.35 16.42 -6.16
CA VAL A 97 -45.19 16.83 -5.34
C VAL A 97 -45.48 16.49 -3.87
N ALA A 98 -46.75 16.54 -3.49
CA ALA A 98 -47.07 16.14 -2.16
C ALA A 98 -46.90 14.63 -2.03
N ARG A 99 -47.51 13.86 -2.94
CA ARG A 99 -47.37 12.42 -2.91
C ARG A 99 -45.93 11.95 -2.89
N THR A 100 -45.09 12.70 -3.61
CA THR A 100 -43.65 12.47 -3.60
C THR A 100 -43.05 12.72 -2.22
N THR A 101 -43.35 13.87 -1.67
CA THR A 101 -42.95 14.25 -0.30
C THR A 101 -43.51 13.25 0.72
N GLU A 102 -44.76 12.86 0.58
CA GLU A 102 -45.34 11.91 1.56
C GLU A 102 -44.66 10.58 1.49
N GLN A 103 -44.51 10.07 0.27
CA GLN A 103 -43.94 8.76 0.12
C GLN A 103 -42.51 8.70 0.53
N TYR A 104 -41.75 9.65 0.05
CA TYR A 104 -40.39 9.70 0.43
C TYR A 104 -40.24 9.77 1.94
N SER A 105 -41.08 10.57 2.60
CA SER A 105 -40.95 10.72 4.04
C SER A 105 -41.27 9.45 4.73
N ARG A 106 -42.38 8.79 4.35
CA ARG A 106 -42.73 7.47 4.94
C ARG A 106 -41.61 6.44 4.73
N SER A 107 -40.95 6.54 3.57
CA SER A 107 -39.82 5.67 3.24
C SER A 107 -38.55 5.90 4.09
N GLY A 108 -38.48 6.89 4.97
CA GLY A 108 -37.22 7.10 5.68
C GLY A 108 -36.24 7.99 4.93
N VAL A 109 -36.51 8.41 3.70
CA VAL A 109 -35.63 9.40 3.00
C VAL A 109 -35.28 10.69 3.80
N ALA A 110 -34.04 11.11 3.84
CA ALA A 110 -33.65 12.27 4.65
C ALA A 110 -33.96 13.61 3.97
N ALA A 111 -33.75 13.63 2.66
CA ALA A 111 -33.88 14.81 1.80
C ALA A 111 -34.07 14.41 0.32
N PHE A 112 -34.68 15.32 -0.43
CA PHE A 112 -34.84 15.16 -1.85
C PHE A 112 -34.65 16.51 -2.53
N HIS A 113 -34.19 16.50 -3.78
CA HIS A 113 -34.20 17.73 -4.57
C HIS A 113 -35.24 17.85 -5.72
N ILE A 114 -35.91 18.99 -5.82
CA ILE A 114 -36.85 19.22 -6.90
C ILE A 114 -36.27 20.26 -7.82
N GLU A 115 -36.39 20.08 -9.11
CA GLU A 115 -35.73 20.99 -10.02
C GLU A 115 -36.74 21.81 -10.83
N ASP A 116 -36.30 22.52 -11.85
CA ASP A 116 -37.22 23.36 -12.59
C ASP A 116 -37.36 23.06 -14.08
N GLN A 117 -37.00 21.85 -14.51
CA GLN A 117 -37.22 21.54 -15.91
C GLN A 117 -38.66 21.08 -16.08
N VAL A 118 -38.94 20.61 -17.30
CA VAL A 118 -40.28 20.16 -17.62
C VAL A 118 -40.19 18.77 -17.03
N GLN A 119 -41.31 18.05 -16.92
CA GLN A 119 -41.31 16.74 -16.31
C GLN A 119 -40.45 15.67 -17.06
N THR A 120 -40.34 15.84 -18.37
CA THR A 120 -39.49 15.00 -19.18
C THR A 120 -38.13 15.64 -19.17
N LYS A 121 -37.55 15.70 -17.99
CA LYS A 121 -36.27 16.34 -17.77
C LYS A 121 -35.09 15.50 -18.26
N ARG A 122 -33.91 16.11 -18.37
CA ARG A 122 -32.73 15.34 -18.71
C ARG A 122 -31.74 15.67 -17.68
N CYS A 123 -30.68 14.87 -17.66
CA CYS A 123 -29.53 15.18 -16.84
C CYS A 123 -29.05 16.65 -16.99
N GLY A 124 -28.78 17.30 -15.87
CA GLY A 124 -28.46 18.74 -15.88
C GLY A 124 -27.18 19.12 -16.64
N HIS A 125 -26.32 18.16 -16.93
CA HIS A 125 -25.17 18.48 -17.76
C HIS A 125 -25.34 18.17 -19.27
N LEU A 126 -26.51 17.79 -19.72
CA LEU A 126 -26.76 17.81 -21.13
C LEU A 126 -27.23 19.15 -21.58
N ALA A 127 -26.98 19.46 -22.84
CA ALA A 127 -27.56 20.59 -23.49
C ALA A 127 -28.99 20.36 -23.75
N GLY A 128 -29.74 21.43 -23.86
CA GLY A 128 -31.03 21.37 -24.44
C GLY A 128 -32.06 21.74 -23.43
N LYS A 129 -31.68 21.86 -22.20
CA LYS A 129 -32.66 21.58 -21.24
C LYS A 129 -33.84 22.44 -21.59
N ILE A 130 -35.03 21.97 -21.28
CA ILE A 130 -36.19 22.82 -21.31
C ILE A 130 -36.77 23.13 -19.94
N LEU A 131 -37.05 24.39 -19.67
CA LEU A 131 -37.52 24.80 -18.34
C LEU A 131 -38.97 25.30 -18.24
N VAL A 132 -39.61 25.09 -17.09
CA VAL A 132 -40.87 25.78 -16.81
C VAL A 132 -40.62 27.14 -16.16
N ASP A 133 -41.59 28.04 -16.28
CA ASP A 133 -41.44 29.40 -15.75
C ASP A 133 -41.20 29.38 -14.23
N THR A 134 -40.79 30.49 -13.64
CA THR A 134 -40.52 30.52 -12.20
C THR A 134 -41.74 30.23 -11.30
N ASP A 135 -42.87 30.86 -11.56
CA ASP A 135 -44.08 30.57 -10.74
C ASP A 135 -44.41 29.08 -10.62
N THR A 136 -44.32 28.35 -11.74
CA THR A 136 -44.69 26.96 -11.80
C THR A 136 -43.72 26.16 -10.97
N TYR A 137 -42.44 26.49 -11.09
CA TYR A 137 -41.42 25.97 -10.19
C TYR A 137 -41.70 26.22 -8.71
N VAL A 138 -41.95 27.48 -8.33
CA VAL A 138 -42.11 27.82 -6.92
C VAL A 138 -43.28 27.02 -6.38
N THR A 139 -44.22 26.73 -7.26
CA THR A 139 -45.41 26.06 -6.86
C THR A 139 -45.00 24.68 -6.39
N ARG A 140 -43.96 24.13 -7.01
CA ARG A 140 -43.47 22.79 -6.61
C ARG A 140 -42.87 22.76 -5.20
N ILE A 141 -41.98 23.69 -4.95
CA ILE A 141 -41.25 23.79 -3.71
C ILE A 141 -42.28 23.95 -2.63
N ARG A 142 -43.21 24.87 -2.90
CA ARG A 142 -44.28 25.18 -1.99
C ARG A 142 -45.09 23.94 -1.66
N ALA A 143 -45.42 23.13 -2.65
CA ALA A 143 -46.14 21.91 -2.32
C ALA A 143 -45.33 20.99 -1.44
N ALA A 144 -44.01 20.95 -1.60
CA ALA A 144 -43.22 19.96 -0.84
C ALA A 144 -43.11 20.43 0.64
N VAL A 145 -42.87 21.74 0.83
CA VAL A 145 -42.89 22.32 2.17
C VAL A 145 -44.23 22.10 2.85
N GLN A 146 -45.30 22.59 2.23
CA GLN A 146 -46.62 22.24 2.78
C GLN A 146 -46.83 20.75 3.10
N ALA A 147 -46.47 19.89 2.15
CA ALA A 147 -46.79 18.47 2.26
C ALA A 147 -46.04 17.92 3.43
N ARG A 148 -44.76 18.22 3.47
CA ARG A 148 -43.89 17.97 4.63
C ARG A 148 -44.64 18.27 5.92
N GLN A 149 -45.29 19.44 5.97
CA GLN A 149 -45.71 20.05 7.22
C GLN A 149 -47.03 19.49 7.69
N ARG A 150 -47.95 19.27 6.75
CA ARG A 150 -49.24 18.59 7.01
C ARG A 150 -49.02 17.27 7.69
N ILE A 151 -47.96 16.54 7.30
CA ILE A 151 -47.67 15.23 7.89
C ILE A 151 -46.62 15.18 9.02
N GLY A 152 -46.07 16.33 9.40
CA GLY A 152 -45.07 16.44 10.44
C GLY A 152 -43.73 15.87 10.07
N SER A 153 -43.36 15.93 8.80
CA SER A 153 -42.09 15.35 8.38
C SER A 153 -40.97 16.31 8.58
N ASP A 154 -39.80 15.79 8.92
CA ASP A 154 -38.59 16.61 8.96
C ASP A 154 -37.73 16.62 7.75
N ILE A 155 -38.21 15.99 6.68
CA ILE A 155 -37.45 15.74 5.46
C ILE A 155 -36.92 17.07 4.91
N VAL A 156 -35.69 17.06 4.41
CA VAL A 156 -35.07 18.27 3.90
C VAL A 156 -35.49 18.49 2.43
N VAL A 157 -36.03 19.66 2.13
CA VAL A 157 -36.33 20.06 0.76
C VAL A 157 -35.17 20.82 0.10
N ILE A 158 -34.67 20.26 -0.99
CA ILE A 158 -33.55 20.88 -1.72
C ILE A 158 -34.01 21.40 -3.06
N ALA A 159 -34.01 22.71 -3.17
CA ALA A 159 -34.41 23.42 -4.35
C ALA A 159 -33.31 23.45 -5.47
N ARG A 160 -33.59 22.89 -6.63
CA ARG A 160 -32.58 22.87 -7.70
C ARG A 160 -33.01 23.79 -8.82
N THR A 161 -32.01 24.42 -9.47
CA THR A 161 -32.33 25.06 -10.76
C THR A 161 -31.38 24.68 -11.85
N ASP A 162 -31.94 24.49 -13.04
CA ASP A 162 -31.18 24.06 -14.17
C ASP A 162 -31.13 25.22 -15.11
N SER A 163 -31.60 26.37 -14.60
CA SER A 163 -31.68 27.61 -15.40
C SER A 163 -30.37 28.27 -15.85
N LEU A 164 -29.22 27.83 -15.32
CA LEU A 164 -27.98 28.55 -15.57
C LEU A 164 -27.69 28.60 -17.03
N GLN A 165 -27.82 27.43 -17.68
CA GLN A 165 -27.39 27.24 -19.07
C GLN A 165 -28.28 28.02 -20.00
N THR A 166 -29.58 28.05 -19.74
CA THR A 166 -30.49 28.68 -20.67
C THR A 166 -30.73 30.14 -20.29
N HIS A 167 -30.91 30.43 -19.01
CA HIS A 167 -31.29 31.80 -18.65
C HIS A 167 -30.13 32.66 -18.09
N GLY A 168 -29.04 32.03 -17.67
CA GLY A 168 -27.91 32.73 -17.04
C GLY A 168 -27.91 32.98 -15.52
N TYR A 169 -26.70 33.23 -15.01
CA TYR A 169 -26.41 33.36 -13.59
C TYR A 169 -27.51 34.01 -12.77
N GLU A 170 -27.98 35.18 -13.19
CA GLU A 170 -28.80 36.04 -12.34
C GLU A 170 -30.23 35.56 -12.30
N GLU A 171 -30.78 35.16 -13.44
CA GLU A 171 -32.08 34.48 -13.36
C GLU A 171 -32.01 33.31 -12.37
N SER A 172 -30.88 32.60 -12.36
CA SER A 172 -30.70 31.40 -11.55
C SER A 172 -30.89 31.64 -10.07
N VAL A 173 -30.06 32.54 -9.56
CA VAL A 173 -30.11 33.12 -8.25
C VAL A 173 -31.55 33.62 -7.94
N ALA A 174 -32.15 34.42 -8.84
CA ALA A 174 -33.56 34.85 -8.66
C ALA A 174 -34.48 33.64 -8.35
N ARG A 175 -34.30 32.54 -9.07
CA ARG A 175 -35.14 31.39 -8.87
C ARG A 175 -34.89 30.73 -7.50
N LEU A 176 -33.64 30.70 -7.14
CA LEU A 176 -33.27 30.07 -5.93
C LEU A 176 -33.84 30.82 -4.72
N ARG A 177 -33.68 32.13 -4.75
CA ARG A 177 -34.15 32.95 -3.64
C ARG A 177 -35.65 32.86 -3.54
N ALA A 178 -36.29 32.76 -4.71
CA ALA A 178 -37.73 32.56 -4.81
C ALA A 178 -38.15 31.25 -4.11
N ALA A 179 -37.25 30.26 -4.09
CA ALA A 179 -37.58 28.95 -3.52
C ALA A 179 -37.29 28.90 -2.05
N ARG A 180 -36.27 29.66 -1.67
CA ARG A 180 -35.91 29.87 -0.30
C ARG A 180 -37.08 30.53 0.42
N ASP A 181 -37.69 31.49 -0.25
CA ASP A 181 -38.77 32.25 0.32
C ASP A 181 -39.95 31.34 0.46
N ALA A 182 -39.93 30.23 -0.27
CA ALA A 182 -41.05 29.34 -0.19
C ALA A 182 -40.80 28.26 0.82
N GLY A 183 -39.70 28.30 1.57
CA GLY A 183 -39.43 27.30 2.63
C GLY A 183 -38.44 26.17 2.33
N ALA A 184 -37.68 26.29 1.26
CA ALA A 184 -36.77 25.28 0.88
C ALA A 184 -35.61 25.25 1.80
N ASP A 185 -35.08 24.07 2.04
CA ASP A 185 -33.99 23.91 3.00
C ASP A 185 -32.56 24.13 2.49
N VAL A 186 -32.32 23.92 1.21
CA VAL A 186 -31.00 23.92 0.67
C VAL A 186 -31.12 24.41 -0.76
N GLY A 187 -30.17 25.25 -1.19
CA GLY A 187 -30.03 25.61 -2.60
C GLY A 187 -29.08 24.68 -3.33
N PHE A 188 -29.37 24.47 -4.62
CA PHE A 188 -28.67 23.53 -5.50
C PHE A 188 -28.64 24.15 -6.95
N LEU A 189 -27.54 24.86 -7.24
CA LEU A 189 -27.32 25.46 -8.58
C LEU A 189 -26.65 24.47 -9.56
N GLU A 190 -27.47 23.67 -10.24
CA GLU A 190 -26.95 22.60 -11.12
C GLU A 190 -25.85 23.14 -12.04
N GLY A 191 -24.82 22.33 -12.26
CA GLY A 191 -23.80 22.68 -13.20
C GLY A 191 -23.29 24.11 -13.24
N ILE A 192 -23.07 24.68 -12.03
CA ILE A 192 -22.12 25.83 -11.83
C ILE A 192 -20.89 25.66 -12.75
N THR A 193 -20.43 26.76 -13.31
CA THR A 193 -19.49 26.68 -14.44
C THR A 193 -18.07 27.09 -14.13
N SER A 194 -17.86 27.80 -13.01
CA SER A 194 -16.52 28.18 -12.53
C SER A 194 -16.36 28.25 -11.00
N ARG A 195 -15.13 28.06 -10.54
CA ARG A 195 -14.83 28.12 -9.12
C ARG A 195 -15.13 29.51 -8.57
N GLU A 196 -15.14 30.54 -9.40
CA GLU A 196 -15.58 31.83 -8.85
C GLU A 196 -17.12 32.07 -8.88
N MET A 197 -17.85 31.39 -9.76
CA MET A 197 -19.31 31.36 -9.62
C MET A 197 -19.57 30.68 -8.27
N ALA A 198 -18.94 29.52 -8.09
CA ALA A 198 -18.94 28.80 -6.83
C ALA A 198 -18.96 29.77 -5.63
N ARG A 199 -17.93 30.57 -5.55
CA ARG A 199 -17.81 31.50 -4.48
C ARG A 199 -18.79 32.67 -4.57
N GLN A 200 -19.22 33.05 -5.78
CA GLN A 200 -20.18 34.16 -5.90
C GLN A 200 -21.53 33.79 -5.32
N VAL A 201 -21.91 32.54 -5.58
CA VAL A 201 -23.23 32.09 -5.19
C VAL A 201 -23.31 31.92 -3.67
N ILE A 202 -22.18 31.58 -3.07
CA ILE A 202 -22.16 31.22 -1.66
C ILE A 202 -22.34 32.48 -0.84
N GLN A 203 -21.79 33.57 -1.33
CA GLN A 203 -22.03 34.84 -0.66
C GLN A 203 -23.35 35.47 -1.18
N ASP A 204 -23.84 35.03 -2.34
CA ASP A 204 -25.14 35.54 -2.81
C ASP A 204 -26.33 35.06 -2.02
N LEU A 205 -26.28 33.84 -1.51
CA LEU A 205 -27.31 33.38 -0.60
C LEU A 205 -26.60 32.99 0.70
N ALA A 206 -25.96 33.95 1.35
CA ALA A 206 -25.19 33.55 2.48
C ALA A 206 -26.17 33.31 3.61
N GLY A 207 -25.76 32.46 4.56
CA GLY A 207 -26.67 32.05 5.60
C GLY A 207 -27.44 30.82 5.16
N TRP A 208 -27.71 30.64 3.88
CA TRP A 208 -28.49 29.50 3.41
C TRP A 208 -27.68 28.28 2.87
N PRO A 209 -27.85 27.09 3.47
CA PRO A 209 -26.98 25.96 3.10
C PRO A 209 -27.05 25.68 1.60
N LEU A 210 -25.88 25.49 0.96
CA LEU A 210 -25.76 25.17 -0.46
C LEU A 210 -25.12 23.82 -0.75
N LEU A 211 -25.64 23.17 -1.80
CA LEU A 211 -25.10 21.90 -2.25
C LEU A 211 -24.30 22.11 -3.52
N LEU A 212 -23.12 21.48 -3.51
CA LEU A 212 -22.32 21.32 -4.76
C LEU A 212 -22.48 19.95 -5.40
N ASN A 213 -22.81 19.97 -6.68
CA ASN A 213 -22.95 18.73 -7.40
C ASN A 213 -21.68 18.38 -8.17
N MET A 214 -20.87 17.50 -7.62
CA MET A 214 -19.62 17.22 -8.27
C MET A 214 -19.67 16.01 -9.22
N VAL A 215 -20.38 16.23 -10.34
CA VAL A 215 -20.34 15.40 -11.54
C VAL A 215 -19.19 15.92 -12.40
N GLU A 216 -18.29 15.01 -12.77
CA GLU A 216 -17.07 15.37 -13.48
C GLU A 216 -17.22 15.46 -15.00
N HIS A 217 -16.35 16.28 -15.62
CA HIS A 217 -16.18 16.39 -17.09
C HIS A 217 -17.43 16.71 -17.91
N GLY A 218 -18.34 17.45 -17.28
CA GLY A 218 -19.39 18.11 -17.99
C GLY A 218 -19.04 19.56 -17.82
N ALA A 219 -19.89 20.24 -17.06
CA ALA A 219 -20.01 21.69 -16.95
C ALA A 219 -19.23 22.31 -15.81
N THR A 220 -18.94 21.49 -14.82
CA THR A 220 -18.44 21.95 -13.54
C THR A 220 -16.98 21.66 -13.35
N PRO A 221 -16.20 22.70 -13.01
CA PRO A 221 -14.79 22.35 -12.78
C PRO A 221 -14.68 21.35 -11.61
N SER A 222 -13.64 20.55 -11.65
CA SER A 222 -13.38 19.57 -10.63
C SER A 222 -13.00 20.23 -9.31
N ILE A 223 -13.92 20.22 -8.35
CA ILE A 223 -13.70 20.80 -7.01
C ILE A 223 -13.78 19.70 -5.98
N SER A 224 -12.89 19.66 -5.00
CA SER A 224 -12.92 18.65 -3.90
C SER A 224 -13.74 19.01 -2.64
N ALA A 225 -14.00 17.98 -1.82
CA ALA A 225 -14.69 18.18 -0.55
C ALA A 225 -13.96 19.17 0.34
N ALA A 226 -12.65 18.98 0.48
CA ALA A 226 -11.82 19.92 1.21
C ALA A 226 -12.14 21.33 0.66
N GLU A 227 -11.93 21.52 -0.65
CA GLU A 227 -12.09 22.78 -1.37
C GLU A 227 -13.50 23.37 -1.30
N ALA A 228 -14.48 22.48 -1.41
CA ALA A 228 -15.87 22.83 -1.28
C ALA A 228 -16.16 23.28 0.09
N LYS A 229 -15.71 22.53 1.10
CA LYS A 229 -15.95 22.93 2.47
C LYS A 229 -15.45 24.37 2.59
N GLU A 230 -14.19 24.59 2.27
CA GLU A 230 -13.55 25.90 2.35
C GLU A 230 -14.40 26.98 1.66
N MET A 231 -14.83 26.68 0.44
CA MET A 231 -15.66 27.60 -0.30
C MET A 231 -16.92 28.04 0.47
N GLY A 232 -17.53 27.12 1.26
CA GLY A 232 -18.69 27.47 2.05
C GLY A 232 -19.92 26.72 1.68
N PHE A 233 -19.69 25.60 1.02
CA PHE A 233 -20.77 24.68 0.78
C PHE A 233 -21.15 23.92 2.02
N ARG A 234 -22.42 23.55 2.07
CA ARG A 234 -22.88 22.71 3.15
C ARG A 234 -22.93 21.23 2.83
N ILE A 235 -23.12 20.90 1.54
CA ILE A 235 -23.23 19.51 1.08
C ILE A 235 -22.52 19.29 -0.26
N ILE A 236 -21.74 18.22 -0.35
CA ILE A 236 -21.14 17.90 -1.64
C ILE A 236 -21.63 16.56 -2.11
N ILE A 237 -22.10 16.46 -3.35
CA ILE A 237 -22.48 15.12 -3.80
C ILE A 237 -21.68 14.70 -5.04
N PHE A 238 -21.63 13.37 -5.30
CA PHE A 238 -20.95 12.80 -6.45
C PHE A 238 -21.83 11.71 -7.11
N PRO A 239 -22.78 12.11 -7.95
CA PRO A 239 -23.65 11.16 -8.60
C PRO A 239 -22.97 9.91 -9.19
N PHE A 240 -21.75 10.02 -9.71
CA PHE A 240 -21.20 8.81 -10.37
C PHE A 240 -20.05 8.15 -9.64
N ALA A 241 -19.99 8.31 -8.33
CA ALA A 241 -18.79 7.86 -7.63
C ALA A 241 -18.69 6.35 -7.60
N ALA A 242 -19.85 5.67 -7.77
CA ALA A 242 -19.97 4.21 -7.78
C ALA A 242 -20.19 3.79 -9.21
N LEU A 243 -21.10 4.49 -9.86
CA LEU A 243 -21.55 4.18 -11.21
C LEU A 243 -20.45 4.05 -12.25
N GLY A 244 -19.71 5.14 -12.49
CA GLY A 244 -18.66 5.06 -13.52
C GLY A 244 -17.68 3.91 -13.33
N PRO A 245 -17.08 3.80 -12.13
CA PRO A 245 -16.09 2.73 -11.93
C PRO A 245 -16.69 1.37 -12.13
N ALA A 246 -17.99 1.23 -11.85
CA ALA A 246 -18.62 -0.04 -12.07
C ALA A 246 -18.69 -0.30 -13.55
N VAL A 247 -19.24 0.65 -14.30
CA VAL A 247 -19.23 0.52 -15.77
C VAL A 247 -17.89 0.05 -16.33
N ALA A 248 -16.81 0.78 -15.99
CA ALA A 248 -15.48 0.57 -16.59
C ALA A 248 -14.91 -0.78 -16.22
N ALA A 249 -15.19 -1.19 -15.00
CA ALA A 249 -14.72 -2.46 -14.50
C ALA A 249 -15.46 -3.60 -15.19
N MET A 250 -16.75 -3.38 -15.48
CA MET A 250 -17.60 -4.41 -16.05
C MET A 250 -17.26 -4.53 -17.52
N ARG A 251 -16.94 -3.39 -18.11
CA ARG A 251 -16.58 -3.34 -19.54
C ARG A 251 -15.36 -4.25 -19.78
N GLU A 252 -14.32 -4.03 -18.96
CA GLU A 252 -13.09 -4.78 -19.06
C GLU A 252 -13.25 -6.26 -18.71
N ALA A 253 -14.20 -6.57 -17.83
CA ALA A 253 -14.42 -7.95 -17.40
C ALA A 253 -15.23 -8.66 -18.42
N MET A 254 -16.09 -7.94 -19.14
CA MET A 254 -16.82 -8.57 -20.22
C MET A 254 -15.95 -8.88 -21.44
N GLU A 255 -14.86 -8.14 -21.67
CA GLU A 255 -14.02 -8.39 -22.83
C GLU A 255 -13.20 -9.59 -22.54
N LYS A 256 -12.83 -9.69 -21.26
CA LYS A 256 -11.92 -10.73 -20.81
C LYS A 256 -12.69 -12.03 -20.64
N LEU A 257 -13.92 -11.94 -20.12
CA LEU A 257 -14.81 -13.06 -20.29
C LEU A 257 -15.06 -13.37 -21.78
N LYS A 258 -15.05 -12.36 -22.64
CA LYS A 258 -15.21 -12.61 -24.09
C LYS A 258 -14.10 -13.46 -24.59
N ARG A 259 -12.90 -12.93 -24.58
CA ARG A 259 -11.76 -13.68 -25.06
C ARG A 259 -11.60 -14.99 -24.27
N ASP A 260 -11.23 -14.85 -22.97
CA ASP A 260 -10.73 -16.03 -22.22
C ASP A 260 -11.79 -17.11 -21.91
N GLY A 261 -13.08 -16.75 -21.99
CA GLY A 261 -14.18 -17.72 -21.82
C GLY A 261 -14.41 -18.26 -20.39
N ILE A 262 -13.66 -17.70 -19.44
CA ILE A 262 -13.98 -17.87 -18.04
C ILE A 262 -13.51 -16.59 -17.38
N PRO A 263 -14.37 -16.03 -16.50
CA PRO A 263 -14.31 -14.72 -15.87
C PRO A 263 -12.97 -14.51 -15.17
N GLY A 264 -12.62 -15.48 -14.32
CA GLY A 264 -11.35 -15.43 -13.58
C GLY A 264 -11.40 -14.33 -12.52
N LEU A 265 -12.56 -14.18 -11.84
CA LEU A 265 -12.68 -13.30 -10.65
C LEU A 265 -11.66 -13.73 -9.63
N ASP A 266 -11.21 -12.77 -8.82
CA ASP A 266 -10.21 -13.07 -7.80
C ASP A 266 -10.64 -14.15 -6.74
N LYS A 267 -9.65 -14.88 -6.17
CA LYS A 267 -9.88 -16.07 -5.29
C LYS A 267 -10.76 -15.74 -4.09
N GLU A 268 -10.95 -14.45 -3.88
CA GLU A 268 -11.69 -13.98 -2.72
C GLU A 268 -13.19 -13.65 -3.00
N MET A 269 -13.52 -13.27 -4.23
CA MET A 269 -14.92 -13.16 -4.62
C MET A 269 -15.65 -14.48 -4.43
N THR A 270 -15.82 -15.01 -3.23
CA THR A 270 -16.56 -16.26 -3.20
C THR A 270 -18.02 -15.85 -3.24
N PRO A 271 -18.95 -16.81 -3.41
CA PRO A 271 -20.34 -16.34 -3.23
C PRO A 271 -20.52 -15.67 -1.84
N GLN A 272 -19.93 -16.27 -0.82
CA GLN A 272 -20.17 -15.85 0.57
C GLN A 272 -19.63 -14.48 0.86
N MET A 273 -18.40 -14.20 0.43
CA MET A 273 -17.86 -12.84 0.45
C MET A 273 -18.83 -11.83 -0.17
N LEU A 274 -19.27 -12.08 -1.40
CA LEU A 274 -20.23 -11.22 -2.05
C LEU A 274 -21.48 -11.02 -1.24
N PHE A 275 -21.93 -12.06 -0.55
CA PHE A 275 -23.19 -11.97 0.23
C PHE A 275 -23.07 -11.19 1.51
N ARG A 276 -21.86 -11.26 2.09
CA ARG A 276 -21.56 -10.54 3.31
C ARG A 276 -21.49 -9.03 3.01
N VAL A 277 -21.04 -8.68 1.80
CA VAL A 277 -21.26 -7.31 1.30
C VAL A 277 -22.70 -6.85 1.41
N CYS A 278 -23.65 -7.78 1.32
CA CYS A 278 -25.04 -7.43 1.46
C CYS A 278 -25.67 -8.14 2.64
N GLY A 279 -25.17 -7.89 3.84
CA GLY A 279 -25.89 -8.18 5.05
C GLY A 279 -26.20 -9.63 5.32
N LEU A 280 -25.50 -10.57 4.67
CA LEU A 280 -25.75 -11.98 4.97
C LEU A 280 -25.71 -12.23 6.49
N ASP A 281 -24.65 -11.77 7.14
CA ASP A 281 -24.43 -12.14 8.54
C ASP A 281 -25.53 -11.64 9.41
N GLU A 282 -25.95 -10.43 9.06
CA GLU A 282 -26.95 -9.71 9.82
C GLU A 282 -28.30 -10.36 9.54
N SER A 283 -28.51 -10.87 8.34
CA SER A 283 -29.80 -11.39 8.08
C SER A 283 -29.84 -12.87 8.42
N MET A 284 -28.68 -13.49 8.60
CA MET A 284 -28.64 -14.81 9.24
C MET A 284 -28.98 -14.70 10.75
N LYS A 285 -28.63 -13.56 11.36
CA LYS A 285 -28.85 -13.30 12.77
C LYS A 285 -30.33 -13.09 12.98
N VAL A 286 -30.94 -12.34 12.08
CA VAL A 286 -32.36 -12.10 12.14
C VAL A 286 -33.14 -13.42 12.31
N ASP A 287 -32.74 -14.41 11.54
CA ASP A 287 -33.34 -15.73 11.55
C ASP A 287 -33.15 -16.41 12.89
N ALA A 288 -31.91 -16.43 13.34
CA ALA A 288 -31.51 -17.13 14.54
C ALA A 288 -32.23 -16.62 15.79
N GLN A 289 -32.18 -15.30 15.99
CA GLN A 289 -32.92 -14.59 17.02
C GLN A 289 -34.41 -14.85 17.03
N ALA A 290 -34.98 -15.36 15.95
CA ALA A 290 -36.41 -15.62 15.93
C ALA A 290 -36.89 -16.85 16.71
N GLY A 291 -36.29 -18.02 16.62
CA GLY A 291 -35.31 -18.40 15.67
C GLY A 291 -35.48 -19.80 15.10
N GLY A 292 -35.33 -19.83 13.79
CA GLY A 292 -35.32 -21.04 13.03
C GLY A 292 -33.92 -21.59 12.91
N ALA A 293 -33.82 -22.80 12.39
CA ALA A 293 -32.56 -23.43 12.18
C ALA A 293 -32.15 -23.20 10.74
N ALA A 294 -32.79 -22.29 10.04
CA ALA A 294 -32.46 -22.19 8.64
C ALA A 294 -30.93 -22.12 8.36
N PHE A 295 -30.23 -21.24 9.02
CA PHE A 295 -28.82 -21.21 8.79
C PHE A 295 -28.07 -21.76 9.92
N ASP A 296 -28.57 -22.87 10.46
CA ASP A 296 -28.01 -23.49 11.61
C ASP A 296 -27.03 -24.47 11.11
N GLY A 297 -25.79 -24.32 11.55
CA GLY A 297 -24.65 -24.81 10.81
C GLY A 297 -23.73 -23.65 10.49
N GLY A 298 -24.28 -22.62 9.85
CA GLY A 298 -23.46 -21.78 9.05
C GLY A 298 -23.76 -22.02 7.62
N VAL A 299 -23.02 -21.34 6.72
CA VAL A 299 -23.34 -21.34 5.33
C VAL A 299 -22.15 -21.79 4.51
N ASP A 300 -21.01 -22.02 5.15
CA ASP A 300 -19.77 -22.18 4.41
C ASP A 300 -19.51 -23.56 3.99
N LEU A 301 -18.50 -23.74 3.12
CA LEU A 301 -18.06 -25.04 2.55
C LEU A 301 -19.12 -25.65 1.61
N PRO B 1 -46.98 -9.45 -36.27
CA PRO B 1 -46.84 -10.29 -35.05
C PRO B 1 -45.61 -9.93 -34.15
N MET B 2 -45.81 -9.87 -32.84
CA MET B 2 -44.68 -9.67 -31.92
C MET B 2 -43.80 -10.91 -31.92
N VAL B 3 -42.47 -10.75 -31.86
CA VAL B 3 -41.55 -11.95 -31.96
C VAL B 3 -40.71 -12.21 -30.67
N THR B 4 -40.71 -13.45 -30.18
CA THR B 4 -39.93 -13.69 -28.95
C THR B 4 -38.59 -14.38 -29.24
N ALA B 5 -37.55 -13.90 -28.52
CA ALA B 5 -36.23 -14.49 -28.57
C ALA B 5 -36.28 -15.92 -27.97
N ALA B 6 -37.44 -16.30 -27.47
CA ALA B 6 -37.62 -17.65 -26.97
C ALA B 6 -37.72 -18.65 -28.11
N THR B 7 -38.35 -18.25 -29.19
CA THR B 7 -38.32 -19.09 -30.38
C THR B 7 -36.93 -19.27 -30.96
N SER B 8 -36.21 -18.17 -31.19
CA SER B 8 -34.88 -18.25 -31.83
C SER B 8 -33.99 -19.25 -31.10
N LEU B 9 -34.15 -19.30 -29.77
CA LEU B 9 -33.42 -20.15 -28.81
C LEU B 9 -33.91 -21.58 -28.71
N ARG B 10 -35.23 -21.79 -28.66
CA ARG B 10 -35.78 -23.16 -28.75
C ARG B 10 -35.19 -23.92 -29.92
N ARG B 11 -35.06 -23.19 -31.01
CA ARG B 11 -34.60 -23.75 -32.25
C ARG B 11 -33.08 -23.92 -32.28
N ALA B 12 -32.39 -22.95 -31.70
CA ALA B 12 -30.95 -23.07 -31.43
C ALA B 12 -30.63 -24.32 -30.61
N LEU B 13 -31.57 -24.74 -29.77
CA LEU B 13 -31.32 -25.84 -28.88
C LEU B 13 -31.59 -27.22 -29.50
N GLU B 14 -32.26 -27.23 -30.66
CA GLU B 14 -32.50 -28.46 -31.41
C GLU B 14 -31.27 -28.73 -32.24
N ASN B 15 -30.59 -27.66 -32.63
CA ASN B 15 -29.32 -27.81 -33.28
C ASN B 15 -28.37 -28.39 -32.25
N PRO B 16 -27.85 -29.59 -32.54
CA PRO B 16 -26.98 -30.21 -31.51
C PRO B 16 -25.62 -29.52 -31.49
N ASP B 17 -25.36 -28.76 -32.55
CA ASP B 17 -24.12 -28.01 -32.74
C ASP B 17 -24.15 -26.64 -32.05
N SER B 18 -25.30 -26.08 -31.66
CA SER B 18 -25.23 -24.71 -31.17
C SER B 18 -24.87 -24.61 -29.68
N PHE B 19 -23.72 -24.01 -29.36
CA PHE B 19 -23.39 -23.80 -27.97
C PHE B 19 -23.69 -22.39 -27.50
N ILE B 20 -24.33 -22.27 -26.34
CA ILE B 20 -24.82 -20.97 -25.85
C ILE B 20 -23.96 -20.44 -24.72
N VAL B 21 -23.36 -19.29 -24.95
CA VAL B 21 -22.56 -18.67 -23.89
C VAL B 21 -23.30 -17.51 -23.29
N ALA B 22 -23.66 -17.64 -22.02
CA ALA B 22 -24.46 -16.57 -21.37
C ALA B 22 -23.92 -15.94 -20.05
N PRO B 23 -23.39 -14.71 -20.11
CA PRO B 23 -22.90 -14.03 -18.90
C PRO B 23 -24.01 -13.46 -17.92
N GLY B 24 -23.74 -13.50 -16.63
CA GLY B 24 -24.73 -13.10 -15.67
C GLY B 24 -24.79 -11.59 -15.56
N VAL B 25 -25.92 -11.02 -15.94
CA VAL B 25 -26.14 -9.58 -15.72
C VAL B 25 -27.20 -9.46 -14.68
N TYR B 26 -27.38 -8.29 -14.08
CA TYR B 26 -28.31 -8.16 -12.95
C TYR B 26 -29.06 -6.81 -12.86
N ASP B 27 -28.68 -5.86 -13.70
CA ASP B 27 -29.36 -4.56 -13.75
C ASP B 27 -29.19 -4.09 -15.17
N GLY B 28 -29.67 -2.90 -15.48
CA GLY B 28 -29.68 -2.44 -16.86
C GLY B 28 -28.29 -2.11 -17.35
N LEU B 29 -27.50 -1.44 -16.51
CA LEU B 29 -26.07 -1.17 -16.73
C LEU B 29 -25.28 -2.43 -17.11
N SER B 30 -25.51 -3.47 -16.33
CA SER B 30 -24.75 -4.70 -16.47
C SER B 30 -25.30 -5.48 -17.66
N ALA B 31 -26.56 -5.22 -18.02
CA ALA B 31 -27.04 -5.73 -19.30
C ALA B 31 -26.38 -4.98 -20.49
N ARG B 32 -26.52 -3.66 -20.51
CA ARG B 32 -25.99 -2.83 -21.61
C ARG B 32 -24.53 -3.06 -21.87
N VAL B 33 -23.76 -3.19 -20.80
CA VAL B 33 -22.33 -3.54 -20.92
C VAL B 33 -22.11 -4.94 -21.52
N ALA B 34 -22.73 -5.94 -20.94
CA ALA B 34 -22.59 -7.25 -21.49
C ALA B 34 -22.88 -7.19 -22.99
N LEU B 35 -23.96 -6.53 -23.41
CA LEU B 35 -24.31 -6.53 -24.81
C LEU B 35 -23.19 -5.97 -25.68
N SER B 36 -22.66 -4.82 -25.32
CA SER B 36 -21.63 -4.20 -26.14
C SER B 36 -20.34 -4.98 -26.25
N ALA B 37 -20.05 -5.83 -25.27
CA ALA B 37 -18.90 -6.70 -25.31
C ALA B 37 -19.08 -7.77 -26.40
N GLY B 38 -20.34 -7.87 -26.87
CA GLY B 38 -20.83 -8.69 -28.01
C GLY B 38 -21.49 -10.05 -27.69
N PHE B 39 -22.08 -10.23 -26.52
CA PHE B 39 -22.66 -11.55 -26.16
C PHE B 39 -24.00 -11.74 -26.81
N ASP B 40 -24.26 -12.98 -27.21
CA ASP B 40 -25.41 -13.30 -28.00
C ASP B 40 -26.48 -13.81 -27.11
N ALA B 41 -26.24 -13.85 -25.80
CA ALA B 41 -27.24 -14.35 -24.81
C ALA B 41 -26.87 -13.73 -23.49
N LEU B 42 -27.86 -13.45 -22.63
CA LEU B 42 -27.64 -12.93 -21.28
C LEU B 42 -28.28 -13.83 -20.21
N TYR B 43 -27.69 -13.88 -19.01
CA TYR B 43 -28.30 -14.58 -17.82
C TYR B 43 -28.68 -13.63 -16.67
N MET B 44 -29.97 -13.57 -16.33
CA MET B 44 -30.34 -12.78 -15.17
C MET B 44 -30.10 -13.57 -13.87
N THR B 45 -29.12 -13.15 -13.11
CA THR B 45 -28.90 -13.82 -11.85
C THR B 45 -29.90 -13.49 -10.76
N GLY B 46 -30.59 -14.52 -10.28
CA GLY B 46 -31.40 -14.39 -9.07
C GLY B 46 -30.65 -13.69 -7.91
N ALA B 47 -29.52 -14.27 -7.44
CA ALA B 47 -28.57 -13.59 -6.51
C ALA B 47 -28.33 -12.11 -6.73
N GLY B 48 -28.18 -11.71 -7.98
CA GLY B 48 -27.64 -10.40 -8.31
C GLY B 48 -28.77 -9.43 -8.25
N THR B 49 -29.96 -9.97 -8.59
CA THR B 49 -31.22 -9.25 -8.46
C THR B 49 -31.49 -8.92 -7.01
N ALA B 50 -31.42 -9.91 -6.13
CA ALA B 50 -31.54 -9.68 -4.71
C ALA B 50 -30.61 -8.52 -4.34
N ALA B 51 -29.36 -8.58 -4.81
CA ALA B 51 -28.32 -7.62 -4.37
C ALA B 51 -28.62 -6.23 -4.87
N SER B 52 -29.06 -6.13 -6.11
CA SER B 52 -29.09 -4.84 -6.70
C SER B 52 -30.43 -4.19 -6.42
N VAL B 53 -31.50 -4.92 -6.64
CA VAL B 53 -32.84 -4.42 -6.35
C VAL B 53 -33.06 -4.27 -4.84
N HIS B 54 -32.44 -5.09 -4.01
CA HIS B 54 -32.75 -5.03 -2.57
C HIS B 54 -31.61 -4.65 -1.60
N GLY B 55 -30.35 -4.73 -2.03
CA GLY B 55 -29.22 -4.54 -1.11
C GLY B 55 -29.02 -5.77 -0.24
N GLN B 56 -29.65 -6.90 -0.63
CA GLN B 56 -29.75 -8.08 0.24
C GLN B 56 -29.10 -9.36 -0.32
N ALA B 57 -28.79 -10.32 0.53
CA ALA B 57 -28.23 -11.62 0.11
C ALA B 57 -29.20 -12.50 -0.68
N ASP B 58 -28.71 -13.67 -1.15
CA ASP B 58 -29.47 -14.56 -2.04
C ASP B 58 -30.15 -15.63 -1.20
N LEU B 59 -31.34 -15.24 -0.68
CA LEU B 59 -32.05 -15.93 0.41
C LEU B 59 -33.57 -16.03 0.21
N GLY B 60 -34.07 -15.74 -0.98
CA GLY B 60 -35.51 -15.85 -1.12
C GLY B 60 -36.20 -14.54 -0.81
N ILE B 61 -35.44 -13.45 -0.67
CA ILE B 61 -36.02 -12.12 -0.52
C ILE B 61 -36.84 -11.72 -1.79
N CYS B 62 -36.24 -11.81 -2.99
CA CYS B 62 -36.99 -11.48 -4.23
C CYS B 62 -38.36 -12.17 -4.45
N THR B 63 -39.40 -11.37 -4.75
CA THR B 63 -40.71 -11.93 -5.05
C THR B 63 -40.88 -12.01 -6.56
N LEU B 64 -41.92 -12.69 -7.03
CA LEU B 64 -42.14 -12.79 -8.45
C LEU B 64 -42.13 -11.38 -9.01
N ASN B 65 -42.91 -10.49 -8.42
CA ASN B 65 -42.98 -9.12 -8.92
C ASN B 65 -41.62 -8.61 -9.28
N ASP B 66 -40.73 -8.69 -8.30
CA ASP B 66 -39.36 -8.30 -8.36
C ASP B 66 -38.61 -8.87 -9.47
N MET B 67 -38.74 -10.18 -9.61
CA MET B 67 -37.90 -10.92 -10.55
C MET B 67 -38.39 -10.69 -11.94
N ARG B 68 -39.72 -10.62 -12.12
CA ARG B 68 -40.33 -10.47 -13.43
C ARG B 68 -39.93 -9.12 -13.98
N ALA B 69 -39.89 -8.11 -13.13
CA ALA B 69 -39.65 -6.74 -13.62
C ALA B 69 -38.27 -6.59 -14.18
N ASN B 70 -37.30 -7.14 -13.46
CA ASN B 70 -35.92 -7.18 -13.87
C ASN B 70 -35.78 -8.04 -15.10
N ALA B 71 -36.33 -9.24 -15.05
CA ALA B 71 -36.33 -10.09 -16.23
C ALA B 71 -36.97 -9.41 -17.44
N GLU B 72 -37.91 -8.52 -17.22
CA GLU B 72 -38.60 -7.99 -18.39
C GLU B 72 -37.78 -6.86 -18.99
N MET B 73 -37.24 -6.04 -18.12
CA MET B 73 -36.50 -4.93 -18.62
C MET B 73 -35.26 -5.46 -19.25
N ILE B 74 -34.65 -6.48 -18.66
CA ILE B 74 -33.47 -7.09 -19.23
C ILE B 74 -33.73 -7.78 -20.60
N SER B 75 -34.89 -8.42 -20.81
CA SER B 75 -35.13 -9.05 -22.12
C SER B 75 -35.25 -8.03 -23.23
N ASN B 76 -35.73 -6.83 -22.90
CA ASN B 76 -36.24 -5.95 -23.90
C ASN B 76 -35.35 -4.82 -24.25
N ILE B 77 -34.10 -4.93 -23.90
CA ILE B 77 -33.13 -3.96 -24.27
C ILE B 77 -32.50 -4.25 -25.59
N SER B 78 -32.08 -5.48 -25.74
CA SER B 78 -31.96 -6.15 -26.99
C SER B 78 -33.05 -7.21 -27.00
N PRO B 79 -34.06 -7.05 -27.81
CA PRO B 79 -35.13 -8.00 -27.77
C PRO B 79 -34.87 -9.18 -28.60
N SER B 80 -33.87 -9.14 -29.43
CA SER B 80 -33.53 -10.34 -30.20
C SER B 80 -32.49 -11.24 -29.49
N THR B 81 -31.87 -10.75 -28.43
CA THR B 81 -30.90 -11.54 -27.73
C THR B 81 -31.65 -12.33 -26.68
N PRO B 82 -31.51 -13.68 -26.69
CA PRO B 82 -32.20 -14.47 -25.65
C PRO B 82 -31.70 -14.16 -24.24
N VAL B 83 -32.64 -14.11 -23.29
CA VAL B 83 -32.35 -13.87 -21.87
C VAL B 83 -32.87 -15.04 -21.08
N ILE B 84 -31.96 -15.67 -20.35
CA ILE B 84 -32.22 -16.80 -19.48
C ILE B 84 -32.35 -16.25 -18.09
N ALA B 85 -33.54 -16.34 -17.55
CA ALA B 85 -33.83 -15.69 -16.31
C ALA B 85 -34.05 -16.68 -15.16
N ASP B 86 -33.38 -16.43 -14.04
CA ASP B 86 -33.71 -17.10 -12.78
C ASP B 86 -35.24 -16.99 -12.48
N ALA B 87 -35.81 -18.02 -11.84
CA ALA B 87 -37.24 -18.09 -11.48
C ALA B 87 -37.33 -18.74 -10.12
N ASP B 88 -36.18 -18.97 -9.51
CA ASP B 88 -36.12 -19.47 -8.18
C ASP B 88 -36.88 -20.76 -8.05
N THR B 89 -38.00 -20.79 -7.38
CA THR B 89 -38.76 -22.03 -7.36
C THR B 89 -40.13 -21.83 -8.00
N GLY B 90 -40.46 -20.62 -8.43
CA GLY B 90 -41.70 -20.44 -9.18
C GLY B 90 -42.74 -19.81 -8.29
N TYR B 91 -42.20 -19.34 -7.19
CA TYR B 91 -42.91 -18.53 -6.25
C TYR B 91 -44.19 -19.14 -5.68
N GLY B 92 -44.21 -20.44 -5.38
CA GLY B 92 -45.43 -21.13 -4.85
C GLY B 92 -45.78 -22.42 -5.57
N GLY B 93 -47.04 -22.84 -5.54
CA GLY B 93 -47.39 -24.13 -6.12
C GLY B 93 -47.65 -23.93 -7.58
N PRO B 94 -48.31 -24.90 -8.23
CA PRO B 94 -48.61 -24.73 -9.64
C PRO B 94 -49.12 -23.34 -9.91
N ILE B 95 -50.21 -22.98 -9.24
CA ILE B 95 -50.86 -21.70 -9.55
C ILE B 95 -49.85 -20.61 -9.83
N MET B 96 -48.91 -20.43 -8.90
CA MET B 96 -47.85 -19.47 -9.03
C MET B 96 -46.81 -19.77 -10.12
N VAL B 97 -46.44 -21.04 -10.24
CA VAL B 97 -45.54 -21.40 -11.29
C VAL B 97 -46.23 -21.04 -12.60
N ALA B 98 -47.53 -21.31 -12.70
CA ALA B 98 -48.25 -20.90 -13.89
C ALA B 98 -48.09 -19.38 -14.10
N ARG B 99 -48.31 -18.56 -13.08
CA ARG B 99 -48.30 -17.12 -13.34
C ARG B 99 -46.91 -16.63 -13.80
N THR B 100 -45.87 -17.27 -13.24
CA THR B 100 -44.46 -16.94 -13.51
C THR B 100 -44.12 -17.26 -14.93
N THR B 101 -44.45 -18.50 -15.31
CA THR B 101 -44.34 -18.91 -16.66
C THR B 101 -45.06 -17.89 -17.52
N GLU B 102 -46.28 -17.51 -17.17
CA GLU B 102 -46.99 -16.59 -18.04
C GLU B 102 -46.32 -15.19 -18.21
N GLN B 103 -46.00 -14.58 -17.08
CA GLN B 103 -45.45 -13.26 -17.07
C GLN B 103 -44.08 -13.16 -17.75
N TYR B 104 -43.23 -14.13 -17.44
CA TYR B 104 -41.96 -14.29 -18.15
C TYR B 104 -42.11 -14.51 -19.70
N SER B 105 -43.14 -15.23 -20.13
CA SER B 105 -43.37 -15.30 -21.56
C SER B 105 -43.75 -13.92 -22.07
N ARG B 106 -44.74 -13.24 -21.44
CA ARG B 106 -45.22 -11.98 -22.03
C ARG B 106 -44.08 -11.01 -22.07
N SER B 107 -43.19 -11.09 -21.10
CA SER B 107 -42.06 -10.21 -20.96
C SER B 107 -40.96 -10.34 -22.06
N GLY B 108 -40.92 -11.52 -22.67
CA GLY B 108 -39.92 -11.76 -23.72
C GLY B 108 -38.78 -12.61 -23.23
N VAL B 109 -38.95 -13.16 -22.02
CA VAL B 109 -37.90 -14.02 -21.44
C VAL B 109 -37.71 -15.26 -22.29
N ALA B 110 -36.49 -15.47 -22.73
CA ALA B 110 -36.22 -16.61 -23.60
C ALA B 110 -36.34 -17.97 -22.86
N ALA B 111 -35.70 -18.08 -21.70
CA ALA B 111 -35.64 -19.30 -20.88
C ALA B 111 -35.76 -18.92 -19.40
N PHE B 112 -36.23 -19.84 -18.57
CA PHE B 112 -36.15 -19.60 -17.11
C PHE B 112 -35.88 -20.91 -16.37
N HIS B 113 -35.31 -20.86 -15.17
CA HIS B 113 -35.02 -22.14 -14.47
C HIS B 113 -35.77 -22.30 -13.15
N ILE B 114 -36.19 -23.52 -12.82
CA ILE B 114 -36.95 -23.77 -11.61
C ILE B 114 -36.26 -24.84 -10.76
N GLU B 115 -35.98 -24.55 -9.50
CA GLU B 115 -35.19 -25.48 -8.67
C GLU B 115 -36.10 -26.30 -7.68
N ASP B 116 -35.54 -27.27 -6.94
CA ASP B 116 -36.30 -28.14 -6.00
C ASP B 116 -36.18 -27.75 -4.54
N GLN B 117 -35.80 -26.52 -4.33
CA GLN B 117 -35.72 -25.98 -2.97
C GLN B 117 -37.09 -25.62 -2.34
N VAL B 118 -37.08 -25.54 -1.02
CA VAL B 118 -38.12 -24.81 -0.30
C VAL B 118 -38.21 -23.38 -0.83
N GLN B 119 -39.37 -22.75 -0.69
CA GLN B 119 -39.58 -21.47 -1.34
C GLN B 119 -38.67 -20.34 -0.73
N THR B 120 -38.23 -20.53 0.52
CA THR B 120 -37.17 -19.71 1.12
C THR B 120 -35.78 -20.21 0.78
N LYS B 121 -35.44 -20.03 -0.51
CA LYS B 121 -34.24 -20.62 -1.09
C LYS B 121 -32.95 -19.91 -0.70
N ARG B 122 -31.83 -20.53 -0.98
CA ARG B 122 -30.55 -19.90 -0.81
C ARG B 122 -29.71 -20.18 -2.02
N CYS B 123 -28.81 -19.28 -2.36
CA CYS B 123 -27.75 -19.62 -3.32
C CYS B 123 -27.32 -21.10 -3.23
N GLY B 124 -27.23 -21.75 -4.41
CA GLY B 124 -26.98 -23.19 -4.50
C GLY B 124 -25.52 -23.47 -4.24
N HIS B 125 -24.78 -22.44 -3.80
CA HIS B 125 -23.41 -22.65 -3.34
C HIS B 125 -23.26 -22.35 -1.84
N LEU B 126 -24.34 -22.11 -1.13
CA LEU B 126 -24.28 -22.12 0.30
C LEU B 126 -24.70 -23.44 0.82
N ALA B 127 -24.11 -23.81 1.95
CA ALA B 127 -24.62 -24.83 2.82
C ALA B 127 -25.98 -24.58 3.41
N GLY B 128 -26.56 -25.64 3.91
CA GLY B 128 -27.82 -25.61 4.65
C GLY B 128 -29.08 -25.85 3.83
N LYS B 129 -28.89 -26.06 2.52
CA LYS B 129 -30.00 -26.06 1.58
C LYS B 129 -30.98 -27.07 2.03
N ILE B 130 -32.25 -26.65 2.02
CA ILE B 130 -33.35 -27.52 2.44
C ILE B 130 -34.26 -27.71 1.24
N LEU B 131 -34.49 -28.95 0.88
CA LEU B 131 -35.14 -29.20 -0.41
C LEU B 131 -36.59 -29.50 -0.20
N VAL B 132 -37.28 -29.67 -1.32
CA VAL B 132 -38.66 -30.16 -1.28
C VAL B 132 -38.49 -31.53 -1.82
N ASP B 133 -39.58 -32.27 -1.90
CA ASP B 133 -39.53 -33.65 -2.42
C ASP B 133 -39.83 -33.74 -3.91
N THR B 134 -39.42 -34.88 -4.49
CA THR B 134 -39.52 -35.14 -5.95
C THR B 134 -40.88 -34.89 -6.51
N ASP B 135 -41.95 -35.54 -6.01
CA ASP B 135 -43.33 -35.23 -6.46
C ASP B 135 -43.53 -33.73 -6.49
N THR B 136 -43.36 -33.09 -5.34
CA THR B 136 -43.64 -31.67 -5.22
C THR B 136 -42.95 -30.95 -6.35
N TYR B 137 -41.71 -31.34 -6.64
CA TYR B 137 -40.87 -30.67 -7.63
C TYR B 137 -41.31 -30.92 -9.06
N VAL B 138 -41.79 -32.13 -9.35
CA VAL B 138 -42.24 -32.45 -10.69
C VAL B 138 -43.52 -31.67 -10.99
N THR B 139 -44.31 -31.48 -9.94
CA THR B 139 -45.53 -30.65 -9.95
C THR B 139 -45.18 -29.27 -10.46
N ARG B 140 -44.05 -28.70 -10.00
CA ARG B 140 -43.57 -27.37 -10.43
C ARG B 140 -43.21 -27.37 -11.91
N ILE B 141 -42.39 -28.37 -12.31
CA ILE B 141 -41.95 -28.53 -13.68
C ILE B 141 -43.12 -28.72 -14.59
N ARG B 142 -44.03 -29.59 -14.19
CA ARG B 142 -45.17 -29.96 -15.04
C ARG B 142 -46.12 -28.78 -15.20
N ALA B 143 -46.12 -27.91 -14.19
CA ALA B 143 -46.98 -26.77 -14.26
C ALA B 143 -46.45 -25.69 -15.22
N ALA B 144 -45.13 -25.46 -15.23
CA ALA B 144 -44.54 -24.46 -16.16
C ALA B 144 -44.68 -24.99 -17.59
N VAL B 145 -44.41 -26.26 -17.78
CA VAL B 145 -44.75 -26.84 -19.05
C VAL B 145 -46.27 -26.79 -19.45
N GLN B 146 -47.21 -27.15 -18.58
CA GLN B 146 -48.62 -27.00 -18.97
C GLN B 146 -48.99 -25.51 -19.18
N ALA B 147 -48.49 -24.61 -18.33
CA ALA B 147 -48.82 -23.19 -18.44
C ALA B 147 -48.36 -22.67 -19.76
N ARG B 148 -47.22 -23.17 -20.19
CA ARG B 148 -46.56 -22.64 -21.35
C ARG B 148 -47.38 -22.97 -22.60
N GLN B 149 -47.96 -24.16 -22.61
CA GLN B 149 -48.66 -24.65 -23.79
C GLN B 149 -50.06 -24.09 -23.85
N ARG B 150 -50.60 -23.84 -22.66
CA ARG B 150 -51.92 -23.27 -22.48
C ARG B 150 -51.93 -21.92 -23.22
N ILE B 151 -50.79 -21.26 -23.25
CA ILE B 151 -50.77 -19.98 -23.86
C ILE B 151 -49.92 -19.98 -25.11
N GLY B 152 -49.36 -21.13 -25.49
CA GLY B 152 -48.49 -21.18 -26.70
C GLY B 152 -47.15 -20.44 -26.74
N SER B 153 -46.41 -20.41 -25.64
CA SER B 153 -45.09 -19.86 -25.68
C SER B 153 -44.02 -20.89 -26.01
N ASP B 154 -43.02 -20.42 -26.74
CA ASP B 154 -41.79 -21.19 -26.92
C ASP B 154 -40.93 -21.23 -25.66
N ILE B 155 -41.32 -20.55 -24.58
CA ILE B 155 -40.39 -20.39 -23.43
C ILE B 155 -39.74 -21.69 -22.92
N VAL B 156 -38.40 -21.67 -22.81
CA VAL B 156 -37.61 -22.84 -22.44
C VAL B 156 -37.61 -23.02 -20.93
N VAL B 157 -38.18 -24.14 -20.47
CA VAL B 157 -38.27 -24.47 -19.07
C VAL B 157 -37.08 -25.28 -18.69
N ILE B 158 -36.12 -24.62 -18.07
CA ILE B 158 -34.92 -25.25 -17.48
C ILE B 158 -35.18 -25.89 -16.08
N ALA B 159 -34.89 -27.19 -15.95
CA ALA B 159 -35.02 -27.93 -14.68
C ALA B 159 -33.74 -27.96 -13.82
N ARG B 160 -33.85 -27.50 -12.58
CA ARG B 160 -32.66 -27.43 -11.75
C ARG B 160 -32.88 -28.24 -10.48
N THR B 161 -31.84 -28.98 -10.09
CA THR B 161 -31.83 -29.53 -8.75
C THR B 161 -30.67 -28.99 -7.91
N ASP B 162 -30.94 -28.79 -6.62
CA ASP B 162 -29.96 -28.44 -5.61
C ASP B 162 -29.65 -29.66 -4.72
N SER B 163 -30.01 -30.83 -5.21
CA SER B 163 -30.12 -31.98 -4.34
C SER B 163 -28.82 -32.71 -4.18
N LEU B 164 -27.80 -32.24 -4.89
CA LEU B 164 -26.49 -32.89 -4.91
C LEU B 164 -25.83 -32.77 -3.57
N GLN B 165 -25.69 -31.53 -3.05
CA GLN B 165 -25.12 -31.29 -1.70
C GLN B 165 -25.81 -32.12 -0.63
N THR B 166 -27.13 -32.27 -0.76
CA THR B 166 -27.99 -32.79 0.30
C THR B 166 -28.29 -34.29 0.28
N HIS B 167 -28.58 -34.83 -0.91
CA HIS B 167 -29.07 -36.19 -1.14
C HIS B 167 -28.14 -37.02 -2.06
N GLY B 168 -27.02 -36.45 -2.51
CA GLY B 168 -25.99 -37.19 -3.28
C GLY B 168 -26.19 -36.98 -4.77
N TYR B 169 -25.21 -37.49 -5.58
CA TYR B 169 -25.23 -37.51 -7.07
C TYR B 169 -26.38 -38.29 -7.73
N GLU B 170 -26.66 -39.50 -7.24
CA GLU B 170 -27.55 -40.41 -7.92
C GLU B 170 -28.97 -39.92 -7.72
N GLU B 171 -29.31 -39.50 -6.51
CA GLU B 171 -30.59 -38.81 -6.34
C GLU B 171 -30.66 -37.55 -7.23
N SER B 172 -29.52 -36.90 -7.41
CA SER B 172 -29.48 -35.63 -8.14
C SER B 172 -29.94 -35.78 -9.56
N VAL B 173 -29.57 -36.93 -10.11
CA VAL B 173 -29.80 -37.31 -11.48
C VAL B 173 -31.19 -37.94 -11.62
N ALA B 174 -31.69 -38.52 -10.53
CA ALA B 174 -33.05 -39.05 -10.53
C ALA B 174 -34.02 -37.87 -10.70
N ARG B 175 -33.78 -36.80 -9.95
CA ARG B 175 -34.66 -35.65 -9.99
C ARG B 175 -34.62 -35.01 -11.36
N LEU B 176 -33.42 -34.67 -11.82
CA LEU B 176 -33.23 -34.11 -13.12
C LEU B 176 -33.96 -34.93 -14.19
N ARG B 177 -34.08 -36.23 -13.95
CA ARG B 177 -34.69 -37.17 -14.90
C ARG B 177 -36.22 -37.12 -14.85
N ALA B 178 -36.77 -37.40 -13.68
CA ALA B 178 -38.19 -37.17 -13.41
C ALA B 178 -38.63 -35.92 -14.12
N ALA B 179 -37.71 -34.97 -14.29
CA ALA B 179 -38.14 -33.65 -14.78
C ALA B 179 -38.03 -33.54 -16.30
N ARG B 180 -37.05 -34.21 -16.90
CA ARG B 180 -37.00 -34.30 -18.34
C ARG B 180 -38.31 -34.94 -18.78
N ASP B 181 -38.85 -35.74 -17.87
CA ASP B 181 -39.95 -36.60 -18.14
C ASP B 181 -41.23 -35.84 -18.17
N ALA B 182 -41.35 -34.85 -17.29
CA ALA B 182 -42.49 -34.03 -17.25
C ALA B 182 -42.42 -32.91 -18.32
N GLY B 183 -41.39 -32.95 -19.18
CA GLY B 183 -41.35 -32.07 -20.32
C GLY B 183 -40.37 -30.91 -20.26
N ALA B 184 -39.49 -30.87 -19.27
CA ALA B 184 -38.52 -29.78 -19.25
C ALA B 184 -37.55 -29.86 -20.44
N ASP B 185 -37.05 -28.73 -20.89
CA ASP B 185 -36.16 -28.70 -22.06
C ASP B 185 -34.68 -28.75 -21.75
N VAL B 186 -34.23 -28.16 -20.64
CA VAL B 186 -32.80 -28.12 -20.32
C VAL B 186 -32.52 -28.53 -18.87
N GLY B 187 -31.46 -29.31 -18.68
CA GLY B 187 -31.12 -29.82 -17.36
C GLY B 187 -30.08 -28.93 -16.72
N PHE B 188 -30.14 -28.84 -15.38
CA PHE B 188 -29.27 -27.98 -14.55
C PHE B 188 -28.86 -28.70 -13.25
N LEU B 189 -27.78 -29.48 -13.29
CA LEU B 189 -27.21 -30.03 -12.04
C LEU B 189 -26.46 -28.89 -11.45
N GLU B 190 -26.91 -28.39 -10.30
CA GLU B 190 -26.28 -27.21 -9.76
C GLU B 190 -25.15 -27.63 -8.82
N GLY B 191 -24.03 -26.91 -8.87
CA GLY B 191 -22.97 -27.08 -7.86
C GLY B 191 -22.12 -28.33 -7.98
N ILE B 192 -21.75 -28.61 -9.22
CA ILE B 192 -20.98 -29.77 -9.62
C ILE B 192 -19.65 -29.88 -8.88
N THR B 193 -19.41 -31.03 -8.24
CA THR B 193 -18.32 -31.08 -7.26
C THR B 193 -16.95 -31.19 -7.91
N SER B 194 -16.88 -31.68 -9.13
CA SER B 194 -15.60 -31.95 -9.74
C SER B 194 -15.77 -31.99 -11.27
N ARG B 195 -14.66 -32.12 -12.00
CA ARG B 195 -14.73 -31.99 -13.43
C ARG B 195 -15.07 -33.34 -14.10
N GLU B 196 -14.77 -34.42 -13.42
CA GLU B 196 -15.09 -35.76 -13.88
C GLU B 196 -16.60 -36.04 -13.73
N MET B 197 -17.24 -35.36 -12.79
CA MET B 197 -18.68 -35.46 -12.66
C MET B 197 -19.36 -34.57 -13.69
N ALA B 198 -18.78 -33.40 -14.00
CA ALA B 198 -19.32 -32.62 -15.14
C ALA B 198 -19.33 -33.42 -16.47
N ARG B 199 -18.30 -34.24 -16.65
CA ARG B 199 -18.17 -35.18 -17.73
C ARG B 199 -19.24 -36.28 -17.52
N GLN B 200 -19.40 -36.76 -16.29
CA GLN B 200 -20.31 -37.87 -16.06
C GLN B 200 -21.74 -37.48 -16.36
N VAL B 201 -22.27 -36.49 -15.62
CA VAL B 201 -23.66 -36.00 -15.82
C VAL B 201 -24.12 -35.78 -17.31
N ILE B 202 -23.20 -35.34 -18.20
CA ILE B 202 -23.54 -35.21 -19.64
C ILE B 202 -23.88 -36.57 -20.23
N GLN B 203 -23.02 -37.56 -19.98
CA GLN B 203 -23.24 -38.98 -20.34
C GLN B 203 -24.55 -39.53 -19.80
N ASP B 204 -24.78 -39.35 -18.50
CA ASP B 204 -25.95 -39.94 -17.88
C ASP B 204 -27.21 -39.41 -18.47
N LEU B 205 -27.21 -38.15 -18.87
CA LEU B 205 -28.39 -37.53 -19.40
C LEU B 205 -28.17 -37.21 -20.84
N ALA B 206 -27.46 -38.10 -21.54
CA ALA B 206 -27.38 -37.99 -22.97
C ALA B 206 -28.78 -38.04 -23.55
N GLY B 207 -28.90 -37.27 -24.63
CA GLY B 207 -30.16 -36.99 -25.28
C GLY B 207 -30.52 -35.54 -24.98
N TRP B 208 -30.22 -35.07 -23.78
CA TRP B 208 -30.89 -33.89 -23.25
C TRP B 208 -29.92 -32.77 -22.98
N PRO B 209 -30.23 -31.54 -23.46
CA PRO B 209 -29.26 -30.48 -23.46
C PRO B 209 -29.12 -29.96 -22.05
N LEU B 210 -27.89 -29.71 -21.64
CA LEU B 210 -27.58 -29.37 -20.26
C LEU B 210 -26.89 -28.04 -20.10
N LEU B 211 -27.04 -27.46 -18.92
CA LEU B 211 -26.49 -26.17 -18.56
C LEU B 211 -25.48 -26.28 -17.45
N LEU B 212 -24.33 -25.70 -17.67
CA LEU B 212 -23.38 -25.58 -16.61
C LEU B 212 -23.48 -24.19 -15.99
N ASN B 213 -23.70 -24.17 -14.69
CA ASN B 213 -23.55 -22.92 -13.91
C ASN B 213 -22.11 -22.76 -13.40
N MET B 214 -21.33 -21.95 -14.10
CA MET B 214 -19.95 -21.76 -13.73
C MET B 214 -19.80 -20.57 -12.76
N VAL B 215 -20.03 -20.84 -11.47
CA VAL B 215 -19.92 -19.83 -10.41
C VAL B 215 -18.55 -20.14 -9.83
N GLU B 216 -17.68 -19.12 -9.75
CA GLU B 216 -16.32 -19.37 -9.33
C GLU B 216 -16.24 -19.38 -7.83
N HIS B 217 -15.26 -20.11 -7.31
CA HIS B 217 -14.93 -20.02 -5.87
C HIS B 217 -16.09 -20.41 -5.00
N GLY B 218 -16.85 -21.38 -5.49
CA GLY B 218 -17.78 -22.15 -4.67
C GLY B 218 -17.40 -23.63 -4.74
N ALA B 219 -18.39 -24.46 -5.09
CA ALA B 219 -18.31 -25.94 -5.16
C ALA B 219 -17.70 -26.46 -6.44
N THR B 220 -17.82 -25.70 -7.53
CA THR B 220 -17.52 -26.23 -8.87
C THR B 220 -16.17 -25.77 -9.30
N PRO B 221 -15.37 -26.72 -9.77
CA PRO B 221 -14.03 -26.31 -10.08
C PRO B 221 -14.16 -25.55 -11.36
N SER B 222 -13.22 -24.67 -11.62
CA SER B 222 -13.40 -23.76 -12.69
C SER B 222 -13.16 -24.45 -14.04
N ILE B 223 -14.20 -24.38 -14.87
CA ILE B 223 -14.25 -24.98 -16.16
C ILE B 223 -14.65 -23.87 -17.16
N SER B 224 -13.95 -23.79 -18.29
CA SER B 224 -14.19 -22.69 -19.26
C SER B 224 -15.21 -23.00 -20.35
N ALA B 225 -15.51 -21.94 -21.13
CA ALA B 225 -16.46 -21.95 -22.25
C ALA B 225 -16.18 -23.08 -23.22
N ALA B 226 -14.99 -23.07 -23.85
CA ALA B 226 -14.65 -24.09 -24.87
C ALA B 226 -14.61 -25.47 -24.22
N GLU B 227 -14.16 -25.46 -22.97
CA GLU B 227 -14.02 -26.70 -22.22
C GLU B 227 -15.38 -27.40 -21.88
N ALA B 228 -16.43 -26.63 -21.66
CA ALA B 228 -17.71 -27.20 -21.33
C ALA B 228 -18.39 -27.54 -22.63
N LYS B 229 -18.02 -26.82 -23.67
CA LYS B 229 -18.62 -27.13 -24.97
C LYS B 229 -18.15 -28.49 -25.39
N GLU B 230 -16.86 -28.75 -25.17
CA GLU B 230 -16.24 -30.01 -25.58
C GLU B 230 -16.83 -31.18 -24.87
N MET B 231 -16.83 -31.11 -23.56
CA MET B 231 -17.55 -32.06 -22.74
C MET B 231 -18.99 -32.35 -23.18
N GLY B 232 -19.65 -31.36 -23.76
CA GLY B 232 -21.00 -31.56 -24.29
C GLY B 232 -22.11 -30.84 -23.53
N PHE B 233 -21.83 -29.64 -23.08
CA PHE B 233 -22.91 -28.77 -22.59
C PHE B 233 -23.51 -27.97 -23.72
N ARG B 234 -24.71 -27.47 -23.50
CA ARG B 234 -25.39 -26.69 -24.50
C ARG B 234 -25.40 -25.18 -24.12
N ILE B 235 -25.45 -24.95 -22.81
CA ILE B 235 -25.45 -23.63 -22.18
C ILE B 235 -24.48 -23.56 -21.01
N ILE B 236 -23.57 -22.59 -21.04
CA ILE B 236 -22.80 -22.20 -19.83
C ILE B 236 -23.15 -20.78 -19.31
N ILE B 237 -23.48 -20.66 -18.03
CA ILE B 237 -23.70 -19.35 -17.39
C ILE B 237 -22.59 -19.01 -16.34
N PHE B 238 -22.34 -17.71 -16.20
CA PHE B 238 -21.43 -17.18 -15.19
C PHE B 238 -22.17 -16.10 -14.41
N PRO B 239 -22.98 -16.49 -13.43
CA PRO B 239 -23.84 -15.59 -12.69
C PRO B 239 -23.21 -14.28 -12.11
N PHE B 240 -21.96 -14.33 -11.60
CA PHE B 240 -21.32 -13.15 -11.02
C PHE B 240 -20.43 -12.39 -11.94
N ALA B 241 -20.61 -12.60 -13.24
CA ALA B 241 -19.69 -12.03 -14.22
C ALA B 241 -19.82 -10.54 -14.32
N ALA B 242 -20.96 -9.98 -13.90
CA ALA B 242 -21.06 -8.51 -13.89
C ALA B 242 -20.84 -7.98 -12.47
N LEU B 243 -21.09 -8.83 -11.49
CA LEU B 243 -21.37 -8.37 -10.16
C LEU B 243 -20.11 -8.47 -9.36
N GLY B 244 -19.34 -9.54 -9.57
CA GLY B 244 -17.98 -9.60 -8.90
C GLY B 244 -17.21 -8.32 -9.21
N PRO B 245 -16.92 -8.08 -10.51
CA PRO B 245 -16.08 -6.95 -10.88
C PRO B 245 -16.62 -5.64 -10.32
N ALA B 246 -17.94 -5.43 -10.39
CA ALA B 246 -18.55 -4.17 -9.95
C ALA B 246 -18.30 -3.92 -8.48
N VAL B 247 -18.33 -5.03 -7.73
CA VAL B 247 -18.09 -4.94 -6.31
C VAL B 247 -16.65 -4.52 -6.08
N ALA B 248 -15.71 -5.13 -6.81
CA ALA B 248 -14.29 -4.88 -6.59
C ALA B 248 -14.04 -3.42 -6.96
N ALA B 249 -14.55 -2.99 -8.10
CA ALA B 249 -14.30 -1.60 -8.59
C ALA B 249 -14.90 -0.53 -7.66
N MET B 250 -16.16 -0.71 -7.30
CA MET B 250 -16.78 0.18 -6.30
C MET B 250 -16.05 0.25 -4.94
N ARG B 251 -15.64 -0.89 -4.39
CA ARG B 251 -14.88 -0.84 -3.10
C ARG B 251 -13.71 0.09 -3.24
N GLU B 252 -12.97 -0.04 -4.35
CA GLU B 252 -11.76 0.76 -4.63
C GLU B 252 -12.07 2.25 -4.80
N ALA B 253 -13.10 2.54 -5.60
CA ALA B 253 -13.65 3.90 -5.86
C ALA B 253 -13.98 4.68 -4.59
N MET B 254 -14.54 3.96 -3.61
CA MET B 254 -14.87 4.56 -2.34
C MET B 254 -13.60 4.93 -1.59
N GLU B 255 -12.65 4.00 -1.51
CA GLU B 255 -11.38 4.28 -0.86
C GLU B 255 -10.72 5.47 -1.51
N LYS B 256 -10.79 5.56 -2.83
CA LYS B 256 -10.19 6.70 -3.53
C LYS B 256 -10.92 8.01 -3.24
N LEU B 257 -12.22 7.92 -2.98
CA LEU B 257 -13.01 9.11 -2.83
C LEU B 257 -12.70 9.76 -1.47
N LYS B 258 -12.40 8.92 -0.47
CA LYS B 258 -11.91 9.39 0.82
C LYS B 258 -10.51 9.95 0.71
N ARG B 259 -9.65 9.27 -0.03
CA ARG B 259 -8.27 9.67 -0.19
C ARG B 259 -8.22 11.01 -0.92
N ASP B 260 -8.97 11.13 -2.01
CA ASP B 260 -8.80 12.30 -2.89
C ASP B 260 -9.88 13.39 -2.71
N GLY B 261 -11.07 12.98 -2.27
CA GLY B 261 -12.10 13.95 -1.93
C GLY B 261 -12.83 14.29 -3.22
N ILE B 262 -12.63 13.45 -4.24
CA ILE B 262 -13.30 13.56 -5.53
C ILE B 262 -13.00 12.22 -6.26
N PRO B 263 -13.94 11.67 -7.06
CA PRO B 263 -13.73 10.35 -7.64
C PRO B 263 -12.53 10.31 -8.55
N GLY B 264 -12.32 11.33 -9.36
CA GLY B 264 -11.17 11.38 -10.23
C GLY B 264 -11.38 10.40 -11.38
N LEU B 265 -12.66 10.26 -11.81
CA LEU B 265 -13.06 9.45 -12.97
C LEU B 265 -12.31 9.86 -14.20
N ASP B 266 -12.23 8.96 -15.17
CA ASP B 266 -11.39 9.18 -16.35
C ASP B 266 -12.02 10.27 -17.29
N LYS B 267 -11.17 11.08 -17.97
CA LYS B 267 -11.66 12.18 -18.84
C LYS B 267 -12.68 11.61 -19.80
N GLU B 268 -12.48 10.36 -20.18
CA GLU B 268 -13.43 9.65 -20.99
C GLU B 268 -14.88 9.61 -20.45
N MET B 269 -15.07 9.49 -19.13
CA MET B 269 -16.44 9.31 -18.63
C MET B 269 -17.17 10.62 -18.52
N THR B 270 -17.65 11.17 -19.62
CA THR B 270 -18.51 12.33 -19.54
C THR B 270 -19.86 11.78 -19.13
N PRO B 271 -20.77 12.60 -18.58
CA PRO B 271 -22.15 12.10 -18.45
C PRO B 271 -22.75 11.49 -19.75
N GLN B 272 -22.62 12.21 -20.87
CA GLN B 272 -22.90 11.74 -22.23
C GLN B 272 -22.37 10.33 -22.49
N MET B 273 -21.07 10.12 -22.27
CA MET B 273 -20.51 8.79 -22.44
C MET B 273 -21.30 7.68 -21.67
N LEU B 274 -21.69 7.93 -20.41
CA LEU B 274 -22.32 6.89 -19.64
C LEU B 274 -23.69 6.71 -20.15
N PHE B 275 -24.34 7.80 -20.49
CA PHE B 275 -25.69 7.78 -21.08
C PHE B 275 -25.80 6.99 -22.38
N ARG B 276 -24.77 7.14 -23.22
CA ARG B 276 -24.69 6.49 -24.50
C ARG B 276 -24.48 5.03 -24.26
N VAL B 277 -23.60 4.66 -23.32
CA VAL B 277 -23.60 3.29 -22.77
C VAL B 277 -25.01 2.78 -22.38
N CYS B 278 -25.96 3.70 -22.26
CA CYS B 278 -27.29 3.28 -21.88
C CYS B 278 -28.28 3.61 -22.96
N GLY B 279 -27.80 3.83 -24.17
CA GLY B 279 -28.70 3.88 -25.30
C GLY B 279 -29.29 5.24 -25.55
N LEU B 280 -28.60 6.28 -25.08
CA LEU B 280 -29.01 7.66 -25.24
C LEU B 280 -29.29 8.04 -26.68
N ASP B 281 -28.41 7.60 -27.60
CA ASP B 281 -28.59 7.85 -29.05
C ASP B 281 -29.83 7.23 -29.60
N GLU B 282 -30.11 5.99 -29.18
CA GLU B 282 -31.29 5.28 -29.61
C GLU B 282 -32.48 6.09 -29.11
N SER B 283 -32.41 6.42 -27.84
CA SER B 283 -33.45 7.17 -27.17
C SER B 283 -33.74 8.45 -27.93
N MET B 284 -32.72 9.15 -28.37
CA MET B 284 -32.91 10.45 -29.00
C MET B 284 -33.48 10.34 -30.43
N LYS B 285 -33.51 9.12 -30.95
CA LYS B 285 -33.86 8.91 -32.36
C LYS B 285 -35.32 8.62 -32.42
N VAL B 286 -35.77 7.98 -31.35
CA VAL B 286 -37.16 7.73 -31.11
C VAL B 286 -37.91 9.07 -31.07
N ASP B 287 -37.38 10.03 -30.31
CA ASP B 287 -38.00 11.37 -30.28
C ASP B 287 -38.00 12.06 -31.64
N ALA B 288 -36.88 12.09 -32.34
CA ALA B 288 -36.79 12.79 -33.62
C ALA B 288 -37.69 12.17 -34.63
N GLN B 289 -37.66 10.86 -34.73
CA GLN B 289 -38.53 10.21 -35.69
C GLN B 289 -40.02 10.47 -35.40
N ALA B 290 -40.41 10.60 -34.15
CA ALA B 290 -41.81 10.83 -33.88
C ALA B 290 -42.19 12.27 -34.11
N GLY B 291 -41.21 13.12 -34.44
CA GLY B 291 -41.44 14.56 -34.77
C GLY B 291 -41.09 15.51 -33.61
N GLY B 292 -40.81 14.92 -32.47
CA GLY B 292 -40.28 15.66 -31.37
C GLY B 292 -38.97 16.27 -31.79
N ALA B 293 -38.70 17.45 -31.23
CA ALA B 293 -37.47 18.21 -31.38
C ALA B 293 -36.79 18.44 -30.00
N ALA B 294 -37.05 17.57 -29.02
CA ALA B 294 -36.52 17.77 -27.66
C ALA B 294 -34.98 17.70 -27.64
N PHE B 295 -34.41 17.13 -28.70
CA PHE B 295 -33.02 16.89 -28.72
C PHE B 295 -32.39 17.64 -29.85
N ASP B 296 -33.02 18.75 -30.25
CA ASP B 296 -32.46 19.58 -31.31
C ASP B 296 -31.13 20.21 -30.91
N GLY B 297 -30.27 20.41 -31.92
CA GLY B 297 -28.88 20.81 -31.69
C GLY B 297 -28.09 19.76 -30.92
N GLY B 298 -28.70 18.60 -30.69
CA GLY B 298 -28.07 17.53 -29.92
C GLY B 298 -27.92 17.88 -28.45
N VAL B 299 -27.08 17.12 -27.75
CA VAL B 299 -27.03 17.16 -26.29
C VAL B 299 -25.62 17.20 -25.64
N ASP B 300 -24.60 17.32 -26.49
CA ASP B 300 -23.24 17.52 -26.02
C ASP B 300 -23.05 19.01 -25.80
N LEU B 301 -22.52 19.36 -24.60
CA LEU B 301 -22.24 20.76 -24.12
C LEU B 301 -21.33 21.64 -25.10
N LYS B 302 -21.41 22.98 -25.00
CA LYS B 302 -20.99 23.90 -26.11
C LYS B 302 -19.98 24.96 -25.64
N PRO C 1 -42.50 15.61 14.66
CA PRO C 1 -42.16 14.33 13.99
C PRO C 1 -43.38 13.58 13.33
N MET C 2 -43.12 12.48 12.61
CA MET C 2 -44.19 11.76 11.90
C MET C 2 -44.98 10.91 12.89
N VAL C 3 -46.30 10.75 12.67
CA VAL C 3 -47.17 9.97 13.59
C VAL C 3 -47.70 8.77 12.84
N THR C 4 -48.15 7.74 13.59
CA THR C 4 -48.84 6.59 12.93
C THR C 4 -49.97 6.10 13.81
N ALA C 5 -50.92 5.39 13.22
CA ALA C 5 -52.08 5.09 14.00
C ALA C 5 -51.80 3.81 14.84
N ALA C 6 -50.67 3.15 14.59
CA ALA C 6 -50.21 2.11 15.51
C ALA C 6 -50.43 2.51 17.00
N THR C 7 -49.97 3.74 17.34
CA THR C 7 -49.89 4.13 18.73
C THR C 7 -51.33 4.30 19.34
N SER C 8 -52.32 4.70 18.53
CA SER C 8 -53.70 4.89 19.04
C SER C 8 -54.33 3.56 19.34
N LEU C 9 -54.14 2.66 18.39
CA LEU C 9 -54.78 1.37 18.50
C LEU C 9 -54.12 0.62 19.66
N ARG C 10 -52.81 0.78 19.77
CA ARG C 10 -52.05 0.05 20.76
C ARG C 10 -52.44 0.64 22.06
N ARG C 11 -52.57 1.97 22.10
CA ARG C 11 -53.15 2.62 23.30
C ARG C 11 -54.57 2.17 23.63
N ALA C 12 -55.43 2.07 22.60
CA ALA C 12 -56.86 1.75 22.82
C ALA C 12 -57.01 0.28 23.28
N LEU C 13 -56.18 -0.57 22.68
CA LEU C 13 -56.01 -1.91 23.15
C LEU C 13 -55.73 -2.03 24.67
N GLU C 14 -55.26 -0.95 25.32
CA GLU C 14 -54.89 -1.07 26.77
C GLU C 14 -56.03 -0.76 27.71
N ASN C 15 -56.89 0.13 27.28
CA ASN C 15 -58.08 0.48 28.00
C ASN C 15 -59.09 -0.60 27.67
N PRO C 16 -59.51 -1.39 28.69
CA PRO C 16 -60.18 -2.66 28.29
C PRO C 16 -61.70 -2.41 28.08
N ASP C 17 -62.12 -1.14 28.08
CA ASP C 17 -63.46 -0.76 27.63
C ASP C 17 -63.53 -0.39 26.12
N SER C 18 -62.39 -0.23 25.46
CA SER C 18 -62.45 0.20 24.07
C SER C 18 -62.67 -1.01 23.24
N PHE C 19 -63.57 -0.99 22.24
CA PHE C 19 -63.83 -2.19 21.42
C PHE C 19 -63.80 -1.83 19.97
N ILE C 20 -62.81 -2.38 19.25
CA ILE C 20 -62.47 -1.95 17.91
C ILE C 20 -63.34 -2.62 16.86
N VAL C 21 -64.15 -1.85 16.16
CA VAL C 21 -64.97 -2.43 15.06
C VAL C 21 -64.43 -2.03 13.68
N ALA C 22 -64.02 -3.00 12.88
CA ALA C 22 -63.36 -2.71 11.61
C ALA C 22 -63.96 -3.46 10.45
N PRO C 23 -64.56 -2.75 9.46
CA PRO C 23 -65.14 -3.52 8.34
C PRO C 23 -64.12 -3.86 7.29
N GLY C 24 -64.31 -4.87 6.50
CA GLY C 24 -63.43 -5.10 5.36
C GLY C 24 -63.44 -4.23 4.12
N VAL C 25 -62.29 -3.62 3.81
CA VAL C 25 -62.08 -3.00 2.51
C VAL C 25 -60.86 -3.59 1.80
N TYR C 26 -60.70 -3.24 0.53
CA TYR C 26 -59.92 -4.06 -0.40
C TYR C 26 -59.45 -3.24 -1.58
N ASP C 27 -59.61 -1.93 -1.50
CA ASP C 27 -59.14 -1.02 -2.55
C ASP C 27 -59.52 0.38 -2.10
N GLY C 28 -59.16 1.37 -2.84
CA GLY C 28 -59.29 2.72 -2.41
C GLY C 28 -60.74 3.07 -2.25
N LEU C 29 -61.57 2.59 -3.16
CA LEU C 29 -62.95 3.05 -3.23
C LEU C 29 -63.75 2.58 -2.03
N SER C 30 -63.74 1.27 -1.80
CA SER C 30 -64.29 0.68 -0.59
C SER C 30 -63.74 1.43 0.61
N ALA C 31 -62.47 1.76 0.62
CA ALA C 31 -61.89 2.40 1.78
C ALA C 31 -62.55 3.77 1.99
N ARG C 32 -62.56 4.61 0.96
CA ARG C 32 -63.09 5.95 1.15
C ARG C 32 -64.51 5.87 1.61
N VAL C 33 -65.21 4.84 1.13
CA VAL C 33 -66.63 4.68 1.40
C VAL C 33 -66.90 4.21 2.83
N ALA C 34 -66.09 3.29 3.32
CA ALA C 34 -66.12 2.85 4.72
C ALA C 34 -65.87 4.02 5.67
N LEU C 35 -64.77 4.76 5.44
CA LEU C 35 -64.47 6.04 6.12
C LEU C 35 -65.67 7.05 6.08
N SER C 36 -66.23 7.29 4.89
CA SER C 36 -67.33 8.23 4.71
C SER C 36 -68.48 7.90 5.60
N ALA C 37 -68.61 6.60 5.92
CA ALA C 37 -69.73 6.11 6.73
C ALA C 37 -69.46 6.09 8.24
N GLY C 38 -68.35 6.68 8.66
CA GLY C 38 -68.02 6.91 10.06
C GLY C 38 -67.25 5.89 10.87
N PHE C 39 -66.86 4.76 10.30
CA PHE C 39 -65.98 3.78 10.93
C PHE C 39 -64.69 4.40 11.48
N ASP C 40 -64.26 3.89 12.65
CA ASP C 40 -63.08 4.34 13.35
C ASP C 40 -61.89 3.44 13.04
N ALA C 41 -62.11 2.37 12.32
CA ALA C 41 -61.03 1.50 11.97
C ALA C 41 -61.32 0.75 10.64
N LEU C 42 -60.29 0.37 9.92
CA LEU C 42 -60.51 -0.38 8.72
C LEU C 42 -59.83 -1.74 8.78
N TYR C 43 -60.38 -2.77 8.12
CA TYR C 43 -59.66 -3.99 7.88
C TYR C 43 -59.51 -4.26 6.39
N MET C 44 -58.26 -4.39 5.94
CA MET C 44 -57.93 -4.76 4.60
C MET C 44 -57.91 -6.27 4.53
N THR C 45 -58.89 -6.87 3.84
CA THR C 45 -58.95 -8.30 3.56
C THR C 45 -57.87 -8.69 2.54
N GLY C 46 -57.10 -9.74 2.83
CA GLY C 46 -56.20 -10.40 1.86
C GLY C 46 -57.02 -10.95 0.72
N ALA C 47 -58.12 -11.56 1.06
CA ALA C 47 -58.95 -12.16 0.04
C ALA C 47 -59.38 -11.12 -0.99
N GLY C 48 -59.93 -10.00 -0.49
CA GLY C 48 -60.26 -8.86 -1.21
C GLY C 48 -59.09 -8.26 -1.90
N THR C 49 -57.93 -8.13 -1.25
CA THR C 49 -56.73 -7.74 -2.06
C THR C 49 -56.50 -8.64 -3.34
N ALA C 50 -56.53 -9.96 -3.17
CA ALA C 50 -56.30 -10.87 -4.28
C ALA C 50 -57.26 -10.66 -5.45
N ALA C 51 -58.53 -10.45 -5.07
CA ALA C 51 -59.66 -10.32 -5.97
C ALA C 51 -59.66 -8.99 -6.75
N SER C 52 -59.44 -7.90 -6.07
CA SER C 52 -59.38 -6.63 -6.73
C SER C 52 -58.05 -6.49 -7.49
N VAL C 53 -56.90 -6.78 -6.90
CA VAL C 53 -55.61 -6.54 -7.62
C VAL C 53 -55.38 -7.51 -8.80
N HIS C 54 -55.81 -8.76 -8.61
CA HIS C 54 -55.44 -9.86 -9.50
C HIS C 54 -56.63 -10.53 -10.19
N GLY C 55 -57.82 -10.30 -9.65
CA GLY C 55 -58.99 -10.98 -10.11
C GLY C 55 -58.92 -12.46 -9.81
N GLN C 56 -58.27 -12.79 -8.73
CA GLN C 56 -57.95 -14.17 -8.46
C GLN C 56 -58.61 -14.56 -7.13
N ALA C 57 -58.83 -15.83 -6.84
CA ALA C 57 -59.27 -16.23 -5.46
C ALA C 57 -58.14 -16.15 -4.44
N ASP C 58 -58.52 -16.31 -3.16
CA ASP C 58 -57.67 -16.21 -1.97
C ASP C 58 -56.80 -17.49 -1.78
N LEU C 59 -55.66 -17.59 -2.48
CA LEU C 59 -54.86 -18.81 -2.43
C LEU C 59 -53.37 -18.55 -2.33
N GLY C 60 -52.96 -17.49 -1.64
CA GLY C 60 -51.58 -17.08 -1.63
C GLY C 60 -51.05 -16.49 -2.92
N ILE C 61 -51.91 -16.22 -3.89
CA ILE C 61 -51.44 -15.47 -5.08
C ILE C 61 -50.84 -14.06 -4.68
N CYS C 62 -51.32 -13.40 -3.65
CA CYS C 62 -50.76 -12.10 -3.44
C CYS C 62 -49.38 -12.21 -2.88
N THR C 63 -48.53 -11.40 -3.47
CA THR C 63 -47.18 -11.25 -3.03
C THR C 63 -47.04 -10.16 -1.91
N LEU C 64 -45.92 -10.12 -1.20
CA LEU C 64 -45.68 -9.02 -0.22
C LEU C 64 -45.85 -7.62 -0.83
N ASN C 65 -45.20 -7.44 -1.98
CA ASN C 65 -45.38 -6.26 -2.83
C ASN C 65 -46.83 -5.81 -3.01
N ASP C 66 -47.67 -6.71 -3.53
CA ASP C 66 -49.10 -6.44 -3.66
C ASP C 66 -49.68 -5.96 -2.33
N MET C 67 -49.28 -6.62 -1.26
CA MET C 67 -50.06 -6.55 -0.05
C MET C 67 -49.73 -5.26 0.59
N ARG C 68 -48.44 -4.99 0.70
CA ARG C 68 -47.90 -3.84 1.35
C ARG C 68 -48.46 -2.61 0.66
N ALA C 69 -48.37 -2.55 -0.67
CA ALA C 69 -48.73 -1.37 -1.48
C ALA C 69 -50.17 -1.04 -1.20
N ASN C 70 -50.97 -2.08 -1.25
CA ASN C 70 -52.33 -1.91 -0.97
C ASN C 70 -52.52 -1.54 0.47
N ALA C 71 -51.73 -2.11 1.35
CA ALA C 71 -51.85 -1.67 2.74
C ALA C 71 -51.48 -0.18 2.95
N GLU C 72 -50.41 0.29 2.36
CA GLU C 72 -49.98 1.66 2.56
C GLU C 72 -51.00 2.65 2.05
N MET C 73 -51.50 2.45 0.84
CA MET C 73 -52.44 3.42 0.33
C MET C 73 -53.67 3.52 1.18
N ILE C 74 -54.27 2.40 1.53
CA ILE C 74 -55.46 2.36 2.36
C ILE C 74 -55.18 3.07 3.66
N SER C 75 -53.99 2.88 4.23
CA SER C 75 -53.65 3.45 5.54
C SER C 75 -53.51 4.96 5.47
N ASN C 76 -53.17 5.49 4.30
CA ASN C 76 -52.89 6.92 4.16
C ASN C 76 -53.99 7.77 3.55
N ILE C 77 -55.09 7.12 3.22
CA ILE C 77 -56.28 7.83 2.86
C ILE C 77 -56.72 8.73 3.99
N SER C 78 -56.77 8.16 5.20
CA SER C 78 -57.08 8.86 6.43
C SER C 78 -55.97 8.45 7.44
N PRO C 79 -54.87 9.23 7.55
CA PRO C 79 -53.79 8.79 8.46
C PRO C 79 -54.17 8.53 9.94
N SER C 80 -55.09 9.32 10.51
CA SER C 80 -55.51 9.07 11.89
C SER C 80 -56.40 7.85 12.08
N THR C 81 -56.77 7.11 11.02
CA THR C 81 -57.63 5.95 11.25
C THR C 81 -56.81 4.68 11.33
N PRO C 82 -56.91 3.91 12.39
CA PRO C 82 -56.06 2.72 12.35
C PRO C 82 -56.49 1.67 11.27
N VAL C 83 -55.53 1.03 10.60
CA VAL C 83 -55.87 -0.03 9.65
C VAL C 83 -55.26 -1.39 10.06
N ILE C 84 -56.09 -2.42 10.19
CA ILE C 84 -55.65 -3.81 10.52
C ILE C 84 -55.55 -4.50 9.21
N ALA C 85 -54.33 -4.87 8.84
CA ALA C 85 -54.04 -5.31 7.50
C ALA C 85 -53.64 -6.75 7.54
N ASP C 86 -54.18 -7.54 6.64
CA ASP C 86 -53.88 -8.98 6.55
C ASP C 86 -52.43 -9.10 6.14
N ALA C 87 -51.61 -9.94 6.80
CA ALA C 87 -50.23 -10.24 6.33
C ALA C 87 -49.99 -11.71 5.97
N ASP C 88 -51.09 -12.44 5.77
CA ASP C 88 -51.10 -13.85 5.45
C ASP C 88 -50.21 -14.62 6.36
N THR C 89 -49.08 -15.15 5.84
CA THR C 89 -48.04 -15.81 6.69
C THR C 89 -46.68 -15.11 6.81
N GLY C 90 -46.57 -13.84 6.45
CA GLY C 90 -45.26 -13.23 6.49
C GLY C 90 -44.40 -13.40 5.25
N TYR C 91 -44.92 -14.06 4.22
CA TYR C 91 -44.32 -14.04 2.89
C TYR C 91 -42.95 -14.63 2.83
N GLY C 92 -42.60 -15.45 3.82
CA GLY C 92 -41.28 -16.11 3.87
C GLY C 92 -41.03 -16.68 5.25
N GLY C 93 -39.78 -16.99 5.55
CA GLY C 93 -39.40 -17.26 6.90
C GLY C 93 -39.26 -15.95 7.64
N PRO C 94 -38.46 -15.94 8.72
CA PRO C 94 -38.23 -14.77 9.57
C PRO C 94 -37.71 -13.51 8.85
N ILE C 95 -36.71 -13.68 7.97
CA ILE C 95 -36.17 -12.58 7.16
C ILE C 95 -37.28 -11.76 6.51
N MET C 96 -38.31 -12.45 6.02
CA MET C 96 -39.44 -11.87 5.33
C MET C 96 -40.55 -11.41 6.27
N VAL C 97 -40.80 -12.21 7.30
CA VAL C 97 -41.72 -11.78 8.33
C VAL C 97 -41.23 -10.40 8.82
N ALA C 98 -39.92 -10.22 8.83
CA ALA C 98 -39.32 -9.01 9.34
C ALA C 98 -39.42 -7.86 8.38
N ARG C 99 -39.09 -8.04 7.10
CA ARG C 99 -39.31 -6.97 6.10
C ARG C 99 -40.80 -6.64 6.05
N THR C 100 -41.66 -7.66 6.22
CA THR C 100 -43.10 -7.44 6.17
C THR C 100 -43.56 -6.46 7.23
N THR C 101 -43.00 -6.65 8.43
CA THR C 101 -43.27 -5.81 9.56
C THR C 101 -42.79 -4.35 9.35
N GLU C 102 -41.59 -4.21 8.75
CA GLU C 102 -40.92 -2.92 8.72
C GLU C 102 -41.65 -2.15 7.68
N GLN C 103 -42.03 -2.84 6.63
CA GLN C 103 -42.62 -2.14 5.53
C GLN C 103 -44.06 -1.71 5.84
N TYR C 104 -44.88 -2.64 6.32
CA TYR C 104 -46.14 -2.30 6.91
C TYR C 104 -45.94 -1.20 7.93
N SER C 105 -44.92 -1.28 8.77
CA SER C 105 -44.78 -0.15 9.70
C SER C 105 -44.62 1.19 8.99
N ARG C 106 -43.65 1.25 8.08
CA ARG C 106 -43.33 2.49 7.43
C ARG C 106 -44.51 2.98 6.63
N SER C 107 -45.36 2.06 6.24
CA SER C 107 -46.48 2.40 5.42
C SER C 107 -47.53 3.14 6.21
N GLY C 108 -47.46 2.96 7.53
CA GLY C 108 -48.39 3.54 8.51
C GLY C 108 -49.48 2.53 8.95
N VAL C 109 -49.30 1.26 8.62
CA VAL C 109 -50.20 0.20 9.08
C VAL C 109 -50.26 0.23 10.60
N ALA C 110 -51.48 0.07 11.12
CA ALA C 110 -51.72 0.12 12.54
C ALA C 110 -51.64 -1.29 13.13
N ALA C 111 -52.27 -2.26 12.53
CA ALA C 111 -52.11 -3.64 13.03
C ALA C 111 -51.99 -4.62 11.90
N PHE C 112 -51.42 -5.79 12.15
CA PHE C 112 -51.47 -6.82 11.12
C PHE C 112 -51.62 -8.28 11.61
N HIS C 113 -51.92 -9.19 10.68
CA HIS C 113 -52.05 -10.58 11.14
C HIS C 113 -51.29 -11.69 10.41
N ILE C 114 -50.57 -12.49 11.22
CA ILE C 114 -49.83 -13.65 10.70
C ILE C 114 -50.37 -14.97 11.16
N GLU C 115 -50.65 -15.84 10.20
CA GLU C 115 -51.23 -17.16 10.49
C GLU C 115 -50.24 -18.33 10.37
N ASP C 116 -50.72 -19.52 10.75
CA ASP C 116 -49.92 -20.78 10.87
C ASP C 116 -50.11 -21.75 9.65
N GLN C 117 -50.55 -21.21 8.54
CA GLN C 117 -50.56 -22.01 7.33
C GLN C 117 -49.19 -22.11 6.61
N VAL C 118 -49.07 -22.99 5.61
CA VAL C 118 -47.93 -22.92 4.69
C VAL C 118 -48.07 -21.63 3.86
N GLN C 119 -46.98 -21.14 3.27
CA GLN C 119 -46.98 -19.78 2.62
C GLN C 119 -47.98 -19.71 1.48
N THR C 120 -48.27 -20.91 0.97
CA THR C 120 -48.99 -21.10 -0.25
C THR C 120 -50.40 -21.35 0.22
N LYS C 121 -50.91 -20.31 0.91
CA LYS C 121 -52.02 -20.32 1.87
C LYS C 121 -53.40 -20.23 1.20
N ARG C 122 -54.44 -20.17 2.01
CA ARG C 122 -55.79 -20.29 1.51
C ARG C 122 -56.68 -19.65 2.58
N CYS C 123 -57.83 -19.12 2.17
CA CYS C 123 -58.83 -18.55 3.05
C CYS C 123 -59.20 -19.52 4.13
N GLY C 124 -59.48 -18.97 5.28
CA GLY C 124 -59.65 -19.81 6.43
C GLY C 124 -60.93 -20.61 6.48
N HIS C 125 -61.88 -20.30 5.60
CA HIS C 125 -63.21 -20.94 5.63
C HIS C 125 -63.37 -21.91 4.45
N LEU C 126 -62.29 -22.45 3.97
CA LEU C 126 -62.38 -23.51 3.02
C LEU C 126 -61.77 -24.72 3.61
N ALA C 127 -62.27 -25.89 3.22
CA ALA C 127 -61.68 -27.15 3.63
C ALA C 127 -60.25 -27.30 3.10
N GLY C 128 -59.42 -28.04 3.84
CA GLY C 128 -58.21 -28.60 3.29
C GLY C 128 -56.96 -28.00 3.91
N LYS C 129 -57.12 -26.85 4.55
CA LYS C 129 -55.99 -25.99 4.87
C LYS C 129 -54.80 -26.79 5.37
N ILE C 130 -53.62 -26.45 4.88
CA ILE C 130 -52.41 -27.13 5.27
C ILE C 130 -51.59 -26.19 6.16
N LEU C 131 -51.14 -26.68 7.32
CA LEU C 131 -50.43 -25.90 8.32
C LEU C 131 -48.93 -26.16 8.52
N VAL C 132 -48.26 -25.25 9.17
CA VAL C 132 -46.93 -25.51 9.51
C VAL C 132 -46.98 -25.90 11.00
N ASP C 133 -45.86 -26.41 11.58
CA ASP C 133 -45.90 -26.87 12.94
C ASP C 133 -45.90 -25.68 13.93
N THR C 134 -45.89 -25.98 15.23
CA THR C 134 -45.89 -24.90 16.18
C THR C 134 -44.59 -24.09 16.26
N ASP C 135 -43.44 -24.75 16.37
CA ASP C 135 -42.17 -24.03 16.33
C ASP C 135 -42.06 -23.04 15.12
N THR C 136 -42.11 -23.53 13.89
CA THR C 136 -42.00 -22.62 12.73
C THR C 136 -42.85 -21.33 12.89
N TYR C 137 -44.13 -21.58 13.20
CA TYR C 137 -45.16 -20.53 13.40
C TYR C 137 -44.71 -19.52 14.43
N VAL C 138 -44.27 -20.04 15.55
CA VAL C 138 -43.83 -19.20 16.65
C VAL C 138 -42.63 -18.36 16.15
N THR C 139 -41.73 -19.02 15.45
CA THR C 139 -40.64 -18.33 14.80
C THR C 139 -41.09 -17.04 14.03
N ARG C 140 -42.23 -17.15 13.32
CA ARG C 140 -42.84 -16.06 12.57
C ARG C 140 -43.37 -14.99 13.51
N ILE C 141 -44.11 -15.41 14.54
CA ILE C 141 -44.71 -14.45 15.47
C ILE C 141 -43.60 -13.75 16.25
N ARG C 142 -42.60 -14.52 16.67
CA ARG C 142 -41.42 -13.89 17.21
C ARG C 142 -40.66 -12.91 16.25
N ALA C 143 -40.58 -13.30 14.96
CA ALA C 143 -39.91 -12.46 13.97
C ALA C 143 -40.55 -11.08 13.85
N ALA C 144 -41.88 -11.01 13.91
CA ALA C 144 -42.60 -9.77 13.78
C ALA C 144 -42.38 -8.93 15.00
N VAL C 145 -42.58 -9.52 16.17
CA VAL C 145 -42.29 -8.86 17.44
C VAL C 145 -40.88 -8.28 17.40
N GLN C 146 -39.87 -9.11 17.23
CA GLN C 146 -38.51 -8.59 17.17
C GLN C 146 -38.29 -7.48 16.12
N ALA C 147 -38.96 -7.52 14.99
CA ALA C 147 -38.58 -6.56 13.98
C ALA C 147 -39.20 -5.18 14.30
N ARG C 148 -40.39 -5.23 14.89
CA ARG C 148 -41.14 -4.02 15.29
C ARG C 148 -40.36 -3.26 16.38
N GLN C 149 -39.87 -4.00 17.35
CA GLN C 149 -39.26 -3.36 18.48
C GLN C 149 -37.90 -2.92 18.12
N ARG C 150 -37.25 -3.62 17.21
CA ARG C 150 -35.99 -3.13 16.61
C ARG C 150 -36.07 -1.72 15.92
N ILE C 151 -37.22 -1.37 15.33
CA ILE C 151 -37.39 -0.06 14.64
C ILE C 151 -38.16 0.98 15.46
N GLY C 152 -38.54 0.56 16.65
CA GLY C 152 -39.34 1.37 17.55
C GLY C 152 -40.80 1.50 17.17
N SER C 153 -41.34 0.48 16.52
CA SER C 153 -42.67 0.57 15.96
C SER C 153 -43.70 0.06 16.92
N ASP C 154 -44.89 0.67 16.89
CA ASP C 154 -46.00 0.35 17.76
C ASP C 154 -47.02 -0.43 17.06
N ILE C 155 -46.71 -0.83 15.83
CA ILE C 155 -47.64 -1.64 15.06
C ILE C 155 -48.04 -2.77 16.00
N VAL C 156 -49.33 -3.10 16.00
CA VAL C 156 -49.94 -4.25 16.65
C VAL C 156 -49.85 -5.59 15.84
N VAL C 157 -49.16 -6.56 16.46
CA VAL C 157 -49.00 -7.93 15.92
C VAL C 157 -50.15 -8.80 16.41
N ILE C 158 -51.01 -9.25 15.49
CA ILE C 158 -52.08 -10.21 15.78
C ILE C 158 -51.70 -11.67 15.45
N ALA C 159 -51.63 -12.53 16.45
CA ALA C 159 -51.33 -13.94 16.20
C ALA C 159 -52.60 -14.69 15.73
N ARG C 160 -52.60 -15.26 14.53
CA ARG C 160 -53.70 -16.12 14.06
C ARG C 160 -53.33 -17.63 14.01
N THR C 161 -54.31 -18.48 14.26
CA THR C 161 -54.11 -19.91 13.96
C THR C 161 -55.28 -20.38 13.13
N ASP C 162 -54.97 -21.18 12.10
CA ASP C 162 -55.96 -21.76 11.21
C ASP C 162 -56.15 -23.25 11.52
N SER C 163 -55.76 -23.67 12.71
CA SER C 163 -55.58 -25.08 13.00
C SER C 163 -56.79 -25.79 13.65
N LEU C 164 -57.82 -25.04 14.04
CA LEU C 164 -59.03 -25.69 14.57
C LEU C 164 -59.65 -26.75 13.69
N GLN C 165 -59.85 -26.49 12.40
CA GLN C 165 -60.53 -27.49 11.56
C GLN C 165 -59.81 -28.85 11.47
N THR C 166 -58.49 -28.87 11.51
CA THR C 166 -57.72 -30.14 11.41
C THR C 166 -57.11 -30.62 12.72
N HIS C 167 -56.63 -29.72 13.55
CA HIS C 167 -56.01 -30.18 14.79
C HIS C 167 -56.90 -30.15 16.02
N GLY C 168 -58.02 -29.42 16.01
CA GLY C 168 -58.94 -29.37 17.16
C GLY C 168 -58.76 -28.23 18.16
N TYR C 169 -59.85 -27.91 18.85
CA TYR C 169 -59.88 -26.75 19.68
C TYR C 169 -58.67 -26.69 20.59
N GLU C 170 -58.39 -27.80 21.27
CA GLU C 170 -57.27 -27.85 22.19
C GLU C 170 -56.00 -27.31 21.52
N GLU C 171 -55.56 -27.92 20.43
CA GLU C 171 -54.33 -27.44 19.77
C GLU C 171 -54.35 -25.91 19.49
N SER C 172 -55.49 -25.45 18.97
CA SER C 172 -55.69 -24.07 18.49
C SER C 172 -55.38 -23.13 19.59
N VAL C 173 -55.78 -23.53 20.79
CA VAL C 173 -55.58 -22.72 22.01
C VAL C 173 -54.09 -22.79 22.41
N ALA C 174 -53.50 -23.96 22.28
CA ALA C 174 -52.10 -24.13 22.58
C ALA C 174 -51.24 -23.26 21.65
N ARG C 175 -51.64 -23.11 20.39
CA ARG C 175 -50.82 -22.26 19.53
C ARG C 175 -51.01 -20.79 19.87
N LEU C 176 -52.25 -20.35 20.11
CA LEU C 176 -52.43 -19.01 20.65
C LEU C 176 -51.58 -18.75 21.91
N ARG C 177 -51.49 -19.69 22.83
CA ARG C 177 -50.68 -19.55 24.03
C ARG C 177 -49.19 -19.25 23.75
N ALA C 178 -48.56 -20.16 23.01
CA ALA C 178 -47.22 -20.01 22.49
C ALA C 178 -47.01 -18.60 21.97
N ALA C 179 -47.94 -18.16 21.12
CA ALA C 179 -47.90 -16.91 20.42
C ALA C 179 -47.90 -15.77 21.38
N ARG C 180 -48.84 -15.83 22.33
CA ARG C 180 -48.96 -14.87 23.43
C ARG C 180 -47.65 -14.75 24.15
N ASP C 181 -46.98 -15.87 24.42
CA ASP C 181 -45.69 -15.91 25.10
C ASP C 181 -44.64 -15.34 24.22
N ALA C 182 -44.89 -15.30 22.94
CA ALA C 182 -43.86 -14.91 22.00
C ALA C 182 -43.95 -13.44 21.80
N GLY C 183 -45.11 -12.88 22.15
CA GLY C 183 -45.24 -11.45 22.35
C GLY C 183 -46.32 -10.83 21.51
N ALA C 184 -47.14 -11.66 20.87
CA ALA C 184 -48.24 -11.10 20.15
C ALA C 184 -49.14 -10.32 21.12
N ASP C 185 -49.84 -9.38 20.54
CA ASP C 185 -50.67 -8.43 21.23
C ASP C 185 -52.10 -8.94 21.29
N VAL C 186 -52.53 -9.66 20.25
CA VAL C 186 -53.91 -10.01 20.09
C VAL C 186 -53.95 -11.43 19.54
N GLY C 187 -54.85 -12.26 20.11
CA GLY C 187 -55.14 -13.60 19.58
C GLY C 187 -56.22 -13.62 18.52
N PHE C 188 -56.06 -14.50 17.54
CA PHE C 188 -56.98 -14.65 16.36
C PHE C 188 -57.35 -16.11 16.09
N LEU C 189 -58.43 -16.61 16.69
CA LEU C 189 -58.89 -17.99 16.40
C LEU C 189 -59.72 -17.95 15.14
N GLU C 190 -59.13 -18.39 14.03
CA GLU C 190 -59.86 -18.44 12.79
C GLU C 190 -60.94 -19.54 12.75
N GLY C 191 -62.13 -19.15 12.38
CA GLY C 191 -63.11 -20.12 12.07
C GLY C 191 -63.74 -20.67 13.30
N ILE C 192 -63.92 -19.83 14.32
CA ILE C 192 -64.65 -20.21 15.55
C ILE C 192 -65.99 -20.80 15.14
N THR C 193 -66.28 -22.03 15.60
CA THR C 193 -67.42 -22.80 15.10
C THR C 193 -68.70 -22.64 15.88
N SER C 194 -68.67 -22.00 17.05
CA SER C 194 -69.89 -21.86 17.89
C SER C 194 -69.78 -20.76 18.95
N ARG C 195 -70.93 -20.43 19.54
CA ARG C 195 -70.93 -19.45 20.56
C ARG C 195 -70.23 -20.04 21.78
N GLU C 196 -70.58 -21.29 22.12
CA GLU C 196 -69.82 -22.07 23.17
C GLU C 196 -68.32 -21.76 23.10
N MET C 197 -67.76 -21.87 21.88
CA MET C 197 -66.35 -21.80 21.64
C MET C 197 -65.86 -20.37 21.68
N ALA C 198 -66.66 -19.44 21.19
CA ALA C 198 -66.35 -18.02 21.35
C ALA C 198 -66.20 -17.60 22.83
N ARG C 199 -67.24 -17.80 23.64
CA ARG C 199 -67.10 -17.58 25.09
C ARG C 199 -65.89 -18.31 25.66
N GLN C 200 -65.60 -19.49 25.10
CA GLN C 200 -64.57 -20.38 25.66
C GLN C 200 -63.14 -19.94 25.42
N VAL C 201 -62.79 -19.51 24.22
CA VAL C 201 -61.45 -18.96 23.97
C VAL C 201 -61.16 -17.80 24.92
N ILE C 202 -61.95 -16.74 24.78
CA ILE C 202 -61.94 -15.61 25.68
C ILE C 202 -61.53 -16.02 27.08
N GLN C 203 -62.22 -17.02 27.67
CA GLN C 203 -61.86 -17.52 29.03
C GLN C 203 -60.49 -18.17 29.13
N ASP C 204 -60.21 -19.13 28.26
CA ASP C 204 -58.96 -19.80 28.28
C ASP C 204 -57.83 -18.84 28.06
N LEU C 205 -58.03 -17.78 27.31
CA LEU C 205 -56.98 -16.82 27.14
C LEU C 205 -57.28 -15.47 27.78
N ALA C 206 -58.02 -15.48 28.88
CA ALA C 206 -58.42 -14.24 29.55
C ALA C 206 -57.22 -13.33 29.89
N GLY C 207 -57.43 -12.03 29.79
CA GLY C 207 -56.34 -11.10 29.98
C GLY C 207 -55.79 -10.58 28.66
N TRP C 208 -56.13 -11.27 27.57
CA TRP C 208 -55.43 -11.09 26.28
C TRP C 208 -56.44 -10.72 25.18
N PRO C 209 -56.25 -9.57 24.50
CA PRO C 209 -57.31 -9.16 23.58
C PRO C 209 -57.52 -10.18 22.45
N LEU C 210 -58.76 -10.51 22.06
CA LEU C 210 -58.98 -11.43 20.90
C LEU C 210 -59.79 -10.77 19.83
N LEU C 211 -59.57 -11.16 18.60
CA LEU C 211 -60.27 -10.66 17.47
C LEU C 211 -61.30 -11.68 17.09
N LEU C 212 -62.49 -11.27 16.70
CA LEU C 212 -63.42 -12.24 16.09
C LEU C 212 -63.51 -12.00 14.58
N ASN C 213 -63.28 -12.99 13.75
CA ASN C 213 -63.36 -12.71 12.32
C ASN C 213 -64.79 -13.02 11.81
N MET C 214 -65.61 -11.99 11.60
CA MET C 214 -67.04 -12.27 11.35
C MET C 214 -67.38 -12.34 9.86
N VAL C 215 -66.92 -13.43 9.27
CA VAL C 215 -67.20 -13.79 7.92
C VAL C 215 -68.45 -14.63 7.98
N GLU C 216 -69.52 -14.14 7.33
CA GLU C 216 -70.82 -14.80 7.31
C GLU C 216 -70.87 -15.93 6.32
N HIS C 217 -71.72 -16.89 6.68
CA HIS C 217 -72.12 -18.01 5.85
C HIS C 217 -70.93 -18.89 5.57
N GLY C 218 -69.97 -18.97 6.52
CA GLY C 218 -68.76 -19.82 6.42
C GLY C 218 -68.78 -20.77 7.61
N ALA C 219 -67.72 -20.86 8.42
CA ALA C 219 -67.77 -21.74 9.63
C ALA C 219 -68.35 -21.15 10.90
N THR C 220 -68.58 -19.84 10.94
CA THR C 220 -68.84 -19.12 12.18
C THR C 220 -70.28 -18.69 12.15
N PRO C 221 -71.03 -18.90 13.24
CA PRO C 221 -72.45 -18.49 13.23
C PRO C 221 -72.48 -17.01 13.38
N SER C 222 -73.54 -16.36 12.99
CA SER C 222 -73.58 -14.91 12.90
C SER C 222 -73.65 -14.27 14.25
N ILE C 223 -72.55 -13.60 14.61
CA ILE C 223 -72.48 -12.83 15.85
C ILE C 223 -72.30 -11.35 15.44
N SER C 224 -73.21 -10.49 15.92
CA SER C 224 -73.12 -9.04 15.76
C SER C 224 -72.05 -8.54 16.67
N ALA C 225 -71.59 -7.31 16.38
CA ALA C 225 -70.57 -6.62 17.12
C ALA C 225 -71.01 -6.46 18.56
N ALA C 226 -72.17 -5.86 18.77
CA ALA C 226 -72.62 -5.61 20.15
C ALA C 226 -72.48 -6.89 21.02
N GLU C 227 -72.74 -8.03 20.38
CA GLU C 227 -72.73 -9.35 21.00
C GLU C 227 -71.32 -9.84 21.27
N ALA C 228 -70.45 -9.71 20.27
CA ALA C 228 -69.00 -9.93 20.43
C ALA C 228 -68.40 -9.06 21.53
N LYS C 229 -68.83 -7.79 21.60
CA LYS C 229 -68.34 -6.88 22.66
C LYS C 229 -68.68 -7.49 24.03
N GLU C 230 -69.98 -7.70 24.23
CA GLU C 230 -70.50 -8.37 25.40
C GLU C 230 -69.84 -9.72 25.76
N MET C 231 -69.60 -10.61 24.80
CA MET C 231 -68.73 -11.82 25.04
C MET C 231 -67.30 -11.55 25.58
N GLY C 232 -66.75 -10.38 25.25
CA GLY C 232 -65.41 -10.06 25.70
C GLY C 232 -64.36 -9.95 24.60
N PHE C 233 -64.74 -9.87 23.32
CA PHE C 233 -63.73 -9.71 22.26
C PHE C 233 -63.25 -8.29 22.22
N ARG C 234 -62.12 -8.01 21.58
CA ARG C 234 -61.63 -6.61 21.52
C ARG C 234 -61.71 -5.97 20.12
N ILE C 235 -61.70 -6.80 19.07
CA ILE C 235 -61.79 -6.34 17.72
C ILE C 235 -62.77 -7.31 17.06
N ILE C 236 -63.59 -6.79 16.15
CA ILE C 236 -64.36 -7.63 15.23
C ILE C 236 -64.09 -7.15 13.79
N ILE C 237 -63.61 -8.05 12.96
CA ILE C 237 -63.56 -7.72 11.55
C ILE C 237 -64.76 -8.41 10.79
N PHE C 238 -65.06 -7.85 9.58
CA PHE C 238 -66.01 -8.30 8.56
C PHE C 238 -65.42 -8.16 7.14
N PRO C 239 -64.51 -9.06 6.76
CA PRO C 239 -63.75 -9.09 5.48
C PRO C 239 -64.54 -8.77 4.20
N PHE C 240 -65.78 -9.25 4.14
CA PHE C 240 -66.55 -9.10 2.92
C PHE C 240 -67.60 -8.00 2.93
N ALA C 241 -67.57 -7.16 3.94
CA ALA C 241 -68.43 -5.99 4.04
C ALA C 241 -68.64 -5.19 2.80
N ALA C 242 -67.60 -4.86 2.05
CA ALA C 242 -67.76 -4.12 0.80
C ALA C 242 -67.77 -5.09 -0.35
N LEU C 243 -67.02 -6.15 -0.24
CA LEU C 243 -66.83 -6.94 -1.41
C LEU C 243 -68.12 -7.73 -1.88
N GLY C 244 -68.76 -8.44 -0.94
CA GLY C 244 -70.01 -9.09 -1.23
C GLY C 244 -70.97 -8.17 -1.96
N PRO C 245 -71.28 -7.02 -1.33
CA PRO C 245 -72.19 -6.08 -1.93
C PRO C 245 -71.74 -5.51 -3.24
N ALA C 246 -70.44 -5.27 -3.44
CA ALA C 246 -69.99 -4.78 -4.75
C ALA C 246 -70.12 -5.87 -5.82
N VAL C 247 -69.97 -7.12 -5.43
CA VAL C 247 -70.05 -8.14 -6.39
C VAL C 247 -71.53 -8.28 -6.81
N ALA C 248 -72.44 -8.13 -5.85
CA ALA C 248 -73.87 -8.25 -6.16
C ALA C 248 -74.30 -7.11 -7.09
N ALA C 249 -73.94 -5.89 -6.72
CA ALA C 249 -74.40 -4.73 -7.41
C ALA C 249 -73.85 -4.66 -8.83
N MET C 250 -72.60 -5.08 -8.99
CA MET C 250 -71.95 -5.00 -10.31
C MET C 250 -72.53 -6.08 -11.23
N ARG C 251 -72.85 -7.24 -10.65
CA ARG C 251 -73.35 -8.35 -11.42
C ARG C 251 -74.68 -7.94 -11.96
N GLU C 252 -75.51 -7.38 -11.07
CA GLU C 252 -76.80 -6.74 -11.38
C GLU C 252 -76.65 -5.82 -12.54
N ALA C 253 -75.76 -4.84 -12.35
CA ALA C 253 -75.62 -3.69 -13.20
C ALA C 253 -75.13 -4.09 -14.59
N MET C 254 -74.15 -5.00 -14.64
CA MET C 254 -73.68 -5.60 -15.90
C MET C 254 -74.74 -6.39 -16.63
N GLU C 255 -75.59 -7.09 -15.89
CA GLU C 255 -76.71 -7.75 -16.51
C GLU C 255 -77.67 -6.73 -17.13
N LYS C 256 -77.96 -5.64 -16.42
CA LYS C 256 -78.81 -4.59 -16.93
C LYS C 256 -78.21 -3.98 -18.18
N LEU C 257 -76.96 -3.57 -18.11
CA LEU C 257 -76.25 -3.05 -19.26
C LEU C 257 -76.40 -3.95 -20.48
N LYS C 258 -76.12 -5.25 -20.32
CA LYS C 258 -76.30 -6.19 -21.44
C LYS C 258 -77.70 -6.15 -22.11
N ARG C 259 -78.81 -6.12 -21.35
CA ARG C 259 -80.12 -6.08 -21.96
C ARG C 259 -80.35 -4.68 -22.46
N ASP C 260 -79.94 -3.68 -21.69
CA ASP C 260 -80.34 -2.29 -21.97
C ASP C 260 -79.47 -1.46 -22.91
N GLY C 261 -78.16 -1.72 -22.93
CA GLY C 261 -77.27 -0.99 -23.81
C GLY C 261 -76.88 0.41 -23.37
N ILE C 262 -77.35 0.78 -22.18
CA ILE C 262 -76.97 2.02 -21.54
C ILE C 262 -77.12 1.75 -20.06
N PRO C 263 -76.14 2.14 -19.25
CA PRO C 263 -76.08 1.61 -17.88
C PRO C 263 -77.22 2.06 -17.02
N GLY C 264 -77.71 3.26 -17.31
CA GLY C 264 -78.72 3.98 -16.54
C GLY C 264 -78.31 4.18 -15.08
N LEU C 265 -77.18 4.85 -14.84
CA LEU C 265 -76.81 5.24 -13.46
C LEU C 265 -77.73 6.32 -12.93
N ASP C 266 -78.01 6.26 -11.65
CA ASP C 266 -78.80 7.30 -11.06
C ASP C 266 -78.11 8.60 -11.43
N LYS C 267 -78.92 9.61 -11.73
CA LYS C 267 -78.45 10.97 -12.07
C LYS C 267 -77.48 11.61 -11.04
N GLU C 268 -77.56 11.21 -9.79
CA GLU C 268 -76.70 11.69 -8.72
C GLU C 268 -75.24 11.31 -8.92
N MET C 269 -75.01 10.34 -9.79
CA MET C 269 -73.71 9.76 -9.93
C MET C 269 -73.05 10.34 -11.15
N THR C 270 -72.93 11.69 -11.16
CA THR C 270 -72.07 12.43 -12.10
C THR C 270 -70.63 12.00 -11.85
N PRO C 271 -69.74 12.21 -12.86
CA PRO C 271 -68.28 12.07 -12.64
C PRO C 271 -67.76 12.82 -11.38
N GLN C 272 -68.04 14.12 -11.30
CA GLN C 272 -67.74 14.92 -10.10
C GLN C 272 -68.23 14.25 -8.82
N MET C 273 -69.47 13.84 -8.77
CA MET C 273 -69.91 13.07 -7.67
C MET C 273 -68.92 12.02 -7.26
N LEU C 274 -68.40 11.28 -8.22
CA LEU C 274 -67.69 10.08 -7.85
C LEU C 274 -66.30 10.45 -7.45
N PHE C 275 -65.77 11.52 -8.04
CA PHE C 275 -64.42 11.89 -7.69
C PHE C 275 -64.42 12.50 -6.34
N ARG C 276 -65.51 13.19 -6.03
CA ARG C 276 -65.62 13.84 -4.75
C ARG C 276 -65.61 12.84 -3.60
N VAL C 277 -66.17 11.66 -3.82
CA VAL C 277 -66.04 10.53 -2.90
C VAL C 277 -64.57 10.07 -2.72
N CYS C 278 -63.77 10.32 -3.78
CA CYS C 278 -62.37 9.97 -3.80
C CYS C 278 -61.42 11.18 -3.61
N GLY C 279 -61.89 12.16 -2.85
CA GLY C 279 -61.00 13.17 -2.28
C GLY C 279 -60.70 14.38 -3.13
N LEU C 280 -61.43 14.51 -4.25
CA LEU C 280 -61.31 15.57 -5.27
C LEU C 280 -61.26 17.00 -4.74
N ASP C 281 -62.27 17.40 -3.95
CA ASP C 281 -62.17 18.62 -3.15
C ASP C 281 -60.79 18.81 -2.47
N GLU C 282 -60.29 17.78 -1.78
CA GLU C 282 -59.00 17.93 -1.03
C GLU C 282 -57.74 18.02 -1.95
N SER C 283 -57.78 17.22 -3.03
CA SER C 283 -56.76 17.23 -4.02
C SER C 283 -56.79 18.62 -4.62
N MET C 284 -57.97 19.18 -4.83
CA MET C 284 -58.07 20.50 -5.45
C MET C 284 -57.52 21.61 -4.57
N LYS C 285 -57.48 21.40 -3.26
CA LYS C 285 -56.98 22.39 -2.31
C LYS C 285 -55.49 22.38 -2.32
N VAL C 286 -54.91 21.19 -2.34
CA VAL C 286 -53.46 21.04 -2.28
C VAL C 286 -52.81 21.93 -3.35
N ASP C 287 -53.40 21.83 -4.55
CA ASP C 287 -52.99 22.59 -5.73
C ASP C 287 -53.13 24.10 -5.47
N ALA C 288 -54.33 24.50 -5.03
CA ALA C 288 -54.68 25.89 -4.89
C ALA C 288 -53.78 26.54 -3.85
N GLN C 289 -53.58 25.79 -2.78
CA GLN C 289 -52.70 26.17 -1.71
C GLN C 289 -51.30 26.40 -2.19
N ALA C 290 -50.85 25.70 -3.23
CA ALA C 290 -49.41 25.55 -3.40
C ALA C 290 -48.54 26.57 -4.12
N GLY C 291 -49.12 27.45 -4.93
CA GLY C 291 -50.54 27.44 -5.16
C GLY C 291 -50.89 27.45 -6.65
N GLY C 292 -51.60 26.43 -7.08
CA GLY C 292 -51.73 26.14 -8.50
C GLY C 292 -52.97 26.79 -9.10
N ALA C 293 -53.04 26.76 -10.42
CA ALA C 293 -54.07 27.44 -11.13
C ALA C 293 -54.93 26.45 -11.80
N ALA C 294 -54.61 25.19 -11.62
CA ALA C 294 -55.04 24.15 -12.50
C ALA C 294 -56.52 24.05 -12.42
N PHE C 295 -57.04 24.46 -11.30
CA PHE C 295 -58.31 23.98 -10.91
C PHE C 295 -59.24 25.10 -10.84
N ASP C 296 -59.06 26.08 -11.72
CA ASP C 296 -59.46 27.46 -11.42
C ASP C 296 -60.85 27.75 -11.95
N GLY C 297 -61.80 27.98 -11.04
CA GLY C 297 -63.21 27.98 -11.39
C GLY C 297 -63.84 26.62 -11.22
N GLY C 298 -63.40 25.88 -10.20
CA GLY C 298 -63.50 24.45 -10.20
C GLY C 298 -63.75 23.71 -11.50
N VAL C 299 -64.44 22.62 -11.35
CA VAL C 299 -64.52 21.60 -12.38
C VAL C 299 -65.93 21.25 -12.76
N ASP C 300 -66.89 22.11 -12.43
CA ASP C 300 -68.28 21.76 -12.67
C ASP C 300 -68.72 22.24 -14.02
N LEU C 301 -69.74 21.61 -14.58
CA LEU C 301 -69.88 21.77 -16.01
C LEU C 301 -71.03 22.80 -16.26
N PRO D 1 -46.09 -20.09 -30.90
CA PRO D 1 -46.68 -18.77 -31.21
C PRO D 1 -47.61 -18.20 -30.10
N MET D 2 -47.33 -16.99 -29.58
CA MET D 2 -48.19 -16.40 -28.54
C MET D 2 -49.27 -15.49 -29.11
N VAL D 3 -50.37 -15.24 -28.41
CA VAL D 3 -51.47 -14.56 -29.13
C VAL D 3 -51.90 -13.29 -28.47
N THR D 4 -52.35 -12.34 -29.27
CA THR D 4 -52.92 -11.15 -28.64
C THR D 4 -54.26 -10.85 -29.26
N ALA D 5 -55.08 -10.30 -28.40
CA ALA D 5 -56.37 -9.87 -28.79
C ALA D 5 -56.27 -8.60 -29.68
N ALA D 6 -55.13 -7.91 -29.72
CA ALA D 6 -54.96 -6.82 -30.69
C ALA D 6 -55.34 -7.27 -32.06
N THR D 7 -55.02 -8.52 -32.35
CA THR D 7 -55.12 -9.02 -33.70
C THR D 7 -56.59 -9.13 -34.16
N SER D 8 -57.41 -9.73 -33.33
CA SER D 8 -58.77 -10.01 -33.81
C SER D 8 -59.71 -8.82 -33.58
N LEU D 9 -59.32 -7.94 -32.66
CA LEU D 9 -59.91 -6.64 -32.54
C LEU D 9 -59.52 -5.82 -33.77
N ARG D 10 -58.27 -5.97 -34.21
CA ARG D 10 -57.84 -5.23 -35.34
C ARG D 10 -58.66 -5.69 -36.54
N ARG D 11 -58.79 -6.99 -36.79
CA ARG D 11 -59.68 -7.46 -37.88
C ARG D 11 -61.15 -6.94 -37.80
N ALA D 12 -61.67 -6.79 -36.58
CA ALA D 12 -63.06 -6.43 -36.45
C ALA D 12 -63.25 -4.95 -36.79
N LEU D 13 -62.24 -4.12 -36.51
CA LEU D 13 -62.36 -2.68 -36.78
C LEU D 13 -61.91 -2.42 -38.22
N GLU D 14 -61.53 -3.48 -38.90
CA GLU D 14 -61.36 -3.47 -40.34
C GLU D 14 -62.63 -3.90 -41.07
N ASN D 15 -63.41 -4.82 -40.48
CA ASN D 15 -64.77 -5.15 -40.97
C ASN D 15 -65.69 -3.95 -40.74
N PRO D 16 -66.27 -3.41 -41.80
CA PRO D 16 -67.01 -2.22 -41.49
C PRO D 16 -68.39 -2.43 -40.77
N ASP D 17 -68.81 -3.68 -40.47
CA ASP D 17 -70.11 -3.94 -39.80
C ASP D 17 -69.96 -4.20 -38.28
N SER D 18 -69.01 -5.04 -37.88
CA SER D 18 -68.99 -5.56 -36.50
C SER D 18 -68.80 -4.34 -35.61
N PHE D 19 -69.57 -4.29 -34.49
CA PHE D 19 -69.67 -3.11 -33.58
C PHE D 19 -69.18 -3.50 -32.21
N ILE D 20 -68.39 -2.65 -31.57
CA ILE D 20 -67.71 -3.12 -30.40
C ILE D 20 -68.25 -2.51 -29.15
N VAL D 21 -68.82 -3.36 -28.30
CA VAL D 21 -69.43 -2.88 -27.03
C VAL D 21 -68.58 -3.19 -25.80
N ALA D 22 -68.10 -2.15 -25.09
CA ALA D 22 -67.12 -2.33 -24.02
C ALA D 22 -67.42 -1.60 -22.67
N PRO D 23 -67.84 -2.36 -21.63
CA PRO D 23 -68.19 -1.81 -20.32
C PRO D 23 -66.93 -1.41 -19.61
N GLY D 24 -67.03 -0.38 -18.76
CA GLY D 24 -65.85 0.09 -18.09
C GLY D 24 -65.63 -0.65 -16.79
N VAL D 25 -64.54 -1.45 -16.77
CA VAL D 25 -63.95 -2.04 -15.54
C VAL D 25 -62.67 -1.32 -14.95
N TYR D 26 -62.45 -1.55 -13.65
CA TYR D 26 -61.42 -0.89 -12.89
C TYR D 26 -60.52 -1.78 -12.00
N ASP D 27 -60.77 -3.08 -11.92
CA ASP D 27 -59.98 -4.01 -11.07
C ASP D 27 -60.33 -5.46 -11.38
N GLY D 28 -59.77 -6.39 -10.63
CA GLY D 28 -59.95 -7.80 -10.92
C GLY D 28 -61.40 -8.20 -10.95
N LEU D 29 -62.18 -7.68 -10.00
CA LEU D 29 -63.56 -8.16 -9.81
C LEU D 29 -64.56 -7.70 -10.85
N SER D 30 -64.63 -6.38 -11.07
CA SER D 30 -65.43 -5.76 -12.15
C SER D 30 -65.13 -6.46 -13.50
N ALA D 31 -63.88 -6.89 -13.68
CA ALA D 31 -63.53 -7.51 -14.91
C ALA D 31 -64.12 -8.91 -15.00
N ARG D 32 -64.14 -9.62 -13.86
CA ARG D 32 -64.71 -10.99 -13.76
C ARG D 32 -66.24 -11.02 -13.89
N VAL D 33 -66.87 -9.98 -13.36
CA VAL D 33 -68.29 -9.84 -13.45
C VAL D 33 -68.67 -9.50 -14.86
N ALA D 34 -68.03 -8.48 -15.45
CA ALA D 34 -68.39 -8.07 -16.80
C ALA D 34 -68.15 -9.24 -17.77
N LEU D 35 -67.12 -10.05 -17.54
CA LEU D 35 -66.96 -11.25 -18.32
C LEU D 35 -68.14 -12.25 -18.19
N SER D 36 -68.45 -12.65 -16.98
CA SER D 36 -69.60 -13.49 -16.71
C SER D 36 -70.92 -12.99 -17.31
N ALA D 37 -71.06 -11.69 -17.48
CA ALA D 37 -72.28 -11.14 -18.08
C ALA D 37 -72.28 -11.28 -19.63
N GLY D 38 -71.13 -11.57 -20.23
CA GLY D 38 -71.14 -12.12 -21.58
C GLY D 38 -70.69 -11.10 -22.60
N PHE D 39 -70.15 -9.99 -22.10
CA PHE D 39 -69.51 -9.01 -22.94
C PHE D 39 -68.26 -9.56 -23.66
N ASP D 40 -68.06 -9.09 -24.90
CA ASP D 40 -66.97 -9.53 -25.79
C ASP D 40 -65.88 -8.47 -25.86
N ALA D 41 -65.85 -7.55 -24.88
CA ALA D 41 -64.82 -6.49 -24.88
C ALA D 41 -64.76 -5.79 -23.57
N LEU D 42 -63.59 -5.46 -23.04
CA LEU D 42 -63.65 -4.59 -21.86
C LEU D 42 -62.99 -3.21 -22.03
N TYR D 43 -63.36 -2.27 -21.19
CA TYR D 43 -62.68 -0.99 -21.18
C TYR D 43 -62.06 -0.81 -19.77
N MET D 44 -60.73 -0.69 -19.69
CA MET D 44 -60.07 -0.32 -18.44
C MET D 44 -60.11 1.20 -18.25
N THR D 45 -60.93 1.70 -17.34
CA THR D 45 -60.95 3.17 -17.08
C THR D 45 -59.70 3.75 -16.32
N GLY D 46 -59.13 4.86 -16.81
CA GLY D 46 -58.11 5.61 -16.08
C GLY D 46 -58.67 6.14 -14.76
N ALA D 47 -59.80 6.84 -14.83
CA ALA D 47 -60.53 7.22 -13.60
C ALA D 47 -60.72 6.04 -12.62
N GLY D 48 -61.24 4.92 -13.11
CA GLY D 48 -61.48 3.84 -12.19
C GLY D 48 -60.22 3.27 -11.64
N THR D 49 -59.16 3.21 -12.45
CA THR D 49 -57.85 2.80 -11.89
C THR D 49 -57.43 3.69 -10.64
N ALA D 50 -57.54 5.01 -10.84
CA ALA D 50 -57.32 6.03 -9.83
C ALA D 50 -58.10 5.74 -8.56
N ALA D 51 -59.34 5.32 -8.76
CA ALA D 51 -60.28 5.19 -7.68
C ALA D 51 -59.82 3.96 -6.89
N SER D 52 -59.57 2.89 -7.61
CA SER D 52 -59.39 1.66 -6.91
C SER D 52 -57.97 1.51 -6.39
N VAL D 53 -56.97 1.83 -7.21
CA VAL D 53 -55.57 1.64 -6.84
C VAL D 53 -55.10 2.75 -5.92
N HIS D 54 -55.55 4.00 -6.15
CA HIS D 54 -55.15 5.05 -5.25
C HIS D 54 -56.25 5.61 -4.29
N GLY D 55 -57.51 5.42 -4.62
CA GLY D 55 -58.54 6.00 -3.77
C GLY D 55 -58.62 7.46 -4.12
N GLN D 56 -58.40 7.75 -5.38
CA GLN D 56 -58.13 9.14 -5.80
C GLN D 56 -58.87 9.55 -7.08
N ALA D 57 -59.13 10.82 -7.24
CA ALA D 57 -59.88 11.28 -8.40
C ALA D 57 -58.99 11.26 -9.64
N ASP D 58 -59.62 11.38 -10.81
CA ASP D 58 -59.01 11.22 -12.12
C ASP D 58 -58.28 12.53 -12.53
N LEU D 59 -57.06 12.62 -11.99
CA LEU D 59 -56.29 13.82 -12.02
C LEU D 59 -54.79 13.65 -12.44
N GLY D 60 -54.41 12.51 -13.04
CA GLY D 60 -53.07 12.32 -13.60
C GLY D 60 -52.18 11.70 -12.52
N ILE D 61 -52.82 11.35 -11.42
CA ILE D 61 -52.18 10.65 -10.30
C ILE D 61 -51.66 9.25 -10.73
N CYS D 62 -52.29 8.57 -11.67
CA CYS D 62 -51.86 7.25 -12.01
C CYS D 62 -50.62 7.31 -12.82
N THR D 63 -49.66 6.48 -12.44
CA THR D 63 -48.37 6.31 -13.09
C THR D 63 -48.34 5.25 -14.23
N LEU D 64 -47.43 5.31 -15.20
CA LEU D 64 -47.40 4.22 -16.24
C LEU D 64 -47.36 2.82 -15.61
N ASN D 65 -46.56 2.67 -14.56
CA ASN D 65 -46.43 1.42 -13.82
C ASN D 65 -47.80 1.04 -13.34
N ASP D 66 -48.52 2.06 -12.85
CA ASP D 66 -49.86 1.84 -12.24
C ASP D 66 -50.87 1.29 -13.27
N MET D 67 -51.02 2.06 -14.34
CA MET D 67 -51.86 1.73 -15.43
C MET D 67 -51.46 0.45 -16.09
N ARG D 68 -50.15 0.25 -16.36
CA ARG D 68 -49.76 -0.97 -17.10
C ARG D 68 -50.06 -2.28 -16.34
N ALA D 69 -49.70 -2.36 -15.09
CA ALA D 69 -50.04 -3.52 -14.26
C ALA D 69 -51.57 -3.81 -14.20
N ASN D 70 -52.35 -2.75 -14.06
CA ASN D 70 -53.75 -2.93 -14.01
C ASN D 70 -54.23 -3.36 -15.38
N ALA D 71 -53.77 -2.69 -16.43
CA ALA D 71 -54.15 -3.05 -17.78
C ALA D 71 -53.72 -4.49 -18.07
N GLU D 72 -52.55 -4.88 -17.58
CA GLU D 72 -52.04 -6.22 -17.90
C GLU D 72 -52.92 -7.31 -17.32
N MET D 73 -53.19 -7.19 -16.01
CA MET D 73 -53.84 -8.27 -15.32
C MET D 73 -55.27 -8.36 -15.81
N ILE D 74 -55.87 -7.20 -16.10
CA ILE D 74 -57.21 -7.23 -16.68
C ILE D 74 -57.23 -7.93 -18.05
N SER D 75 -56.16 -7.77 -18.83
CA SER D 75 -56.09 -8.36 -20.13
C SER D 75 -56.01 -9.88 -20.12
N ASN D 76 -55.39 -10.51 -19.10
CA ASN D 76 -55.16 -11.96 -19.06
C ASN D 76 -56.13 -12.80 -18.19
N ILE D 77 -57.12 -12.09 -17.66
CA ILE D 77 -58.21 -12.73 -17.01
C ILE D 77 -58.88 -13.62 -18.04
N SER D 78 -59.25 -13.06 -19.20
CA SER D 78 -59.59 -13.87 -20.39
C SER D 78 -58.79 -13.31 -21.51
N PRO D 79 -57.74 -14.04 -21.99
CA PRO D 79 -56.82 -13.53 -23.02
C PRO D 79 -57.49 -13.32 -24.40
N SER D 80 -58.66 -13.88 -24.66
CA SER D 80 -59.33 -13.58 -25.96
C SER D 80 -60.37 -12.41 -25.95
N THR D 81 -60.65 -11.83 -24.80
CA THR D 81 -61.49 -10.69 -24.83
C THR D 81 -60.55 -9.57 -25.14
N PRO D 82 -60.85 -8.80 -26.20
CA PRO D 82 -60.01 -7.65 -26.46
C PRO D 82 -60.25 -6.74 -25.29
N VAL D 83 -59.19 -6.13 -24.78
CA VAL D 83 -59.33 -5.08 -23.74
C VAL D 83 -58.91 -3.75 -24.30
N ILE D 84 -59.83 -2.78 -24.34
CA ILE D 84 -59.48 -1.38 -24.63
C ILE D 84 -59.05 -0.67 -23.35
N ALA D 85 -57.82 -0.13 -23.31
CA ALA D 85 -57.23 0.46 -22.08
C ALA D 85 -56.87 1.95 -22.16
N ASP D 86 -57.20 2.70 -21.11
CA ASP D 86 -56.84 4.07 -21.04
C ASP D 86 -55.30 4.18 -20.89
N ALA D 87 -54.73 5.25 -21.41
CA ALA D 87 -53.27 5.51 -21.36
C ALA D 87 -53.11 7.01 -21.28
N ASP D 88 -54.19 7.71 -20.92
CA ASP D 88 -54.12 9.07 -20.58
C ASP D 88 -53.36 9.83 -21.69
N THR D 89 -52.16 10.34 -21.44
CA THR D 89 -51.52 11.21 -22.42
C THR D 89 -50.14 10.66 -22.74
N GLY D 90 -49.84 9.44 -22.25
CA GLY D 90 -48.64 8.71 -22.69
C GLY D 90 -47.51 8.68 -21.70
N TYR D 91 -47.76 9.21 -20.50
CA TYR D 91 -46.74 9.30 -19.42
C TYR D 91 -45.40 10.02 -19.77
N GLY D 92 -45.37 10.66 -20.95
CA GLY D 92 -44.38 11.68 -21.28
C GLY D 92 -44.35 12.11 -22.75
N GLY D 93 -43.16 12.12 -23.34
CA GLY D 93 -43.04 12.37 -24.75
C GLY D 93 -42.81 11.05 -25.45
N PRO D 94 -42.33 11.12 -26.70
CA PRO D 94 -42.08 9.98 -27.53
C PRO D 94 -41.36 8.84 -26.85
N ILE D 95 -40.22 9.09 -26.25
CA ILE D 95 -39.52 8.09 -25.42
C ILE D 95 -40.50 7.32 -24.52
N MET D 96 -41.33 8.08 -23.80
CA MET D 96 -42.31 7.48 -22.92
C MET D 96 -43.52 6.86 -23.59
N VAL D 97 -44.05 7.48 -24.63
CA VAL D 97 -45.23 6.93 -25.24
C VAL D 97 -44.90 5.55 -25.80
N ALA D 98 -43.68 5.41 -26.37
CA ALA D 98 -43.20 4.13 -26.92
C ALA D 98 -43.09 3.05 -25.83
N ARG D 99 -42.52 3.40 -24.67
CA ARG D 99 -42.47 2.43 -23.58
C ARG D 99 -43.90 1.99 -23.23
N THR D 100 -44.89 2.87 -23.37
CA THR D 100 -46.21 2.57 -22.89
C THR D 100 -46.84 1.58 -23.88
N THR D 101 -46.73 1.96 -25.15
CA THR D 101 -47.08 1.10 -26.28
C THR D 101 -46.39 -0.27 -26.15
N GLU D 102 -45.08 -0.29 -26.09
CA GLU D 102 -44.36 -1.56 -25.96
C GLU D 102 -44.89 -2.34 -24.78
N GLN D 103 -44.89 -1.69 -23.63
CA GLN D 103 -45.47 -2.30 -22.48
C GLN D 103 -46.92 -2.81 -22.69
N TYR D 104 -47.85 -1.95 -23.09
CA TYR D 104 -49.21 -2.42 -23.25
C TYR D 104 -49.27 -3.60 -24.25
N SER D 105 -48.37 -3.66 -25.24
CA SER D 105 -48.41 -4.74 -26.25
C SER D 105 -48.00 -6.09 -25.67
N ARG D 106 -46.85 -6.13 -25.03
CA ARG D 106 -46.38 -7.28 -24.32
C ARG D 106 -47.47 -7.79 -23.37
N SER D 107 -48.21 -6.84 -22.80
CA SER D 107 -49.24 -7.13 -21.77
C SER D 107 -50.49 -7.82 -22.30
N GLY D 108 -50.69 -7.79 -23.61
CA GLY D 108 -51.81 -8.45 -24.25
C GLY D 108 -52.93 -7.47 -24.42
N VAL D 109 -52.64 -6.19 -24.18
CA VAL D 109 -53.65 -5.12 -24.21
C VAL D 109 -54.06 -4.90 -25.68
N ALA D 110 -55.35 -4.83 -25.98
CA ALA D 110 -55.78 -4.90 -27.39
C ALA D 110 -55.83 -3.49 -28.02
N ALA D 111 -56.02 -2.48 -27.18
CA ALA D 111 -56.04 -1.12 -27.68
C ALA D 111 -55.81 -0.13 -26.60
N PHE D 112 -55.35 1.02 -27.03
CA PHE D 112 -55.25 2.11 -26.09
C PHE D 112 -55.51 3.47 -26.66
N HIS D 113 -55.72 4.42 -25.78
CA HIS D 113 -55.96 5.74 -26.21
C HIS D 113 -55.14 6.82 -25.57
N ILE D 114 -54.69 7.73 -26.46
CA ILE D 114 -53.78 8.80 -26.11
C ILE D 114 -54.56 10.07 -26.30
N GLU D 115 -54.62 10.93 -25.29
CA GLU D 115 -55.36 12.17 -25.45
C GLU D 115 -54.40 13.35 -25.66
N ASP D 116 -54.95 14.54 -25.85
CA ASP D 116 -54.19 15.72 -26.17
C ASP D 116 -53.96 16.66 -24.98
N GLN D 117 -54.21 16.19 -23.77
CA GLN D 117 -54.01 17.08 -22.61
C GLN D 117 -52.56 17.20 -22.14
N VAL D 118 -52.30 18.02 -21.13
CA VAL D 118 -50.92 18.05 -20.60
C VAL D 118 -50.77 16.79 -19.74
N GLN D 119 -49.58 16.32 -19.44
CA GLN D 119 -49.52 15.07 -18.68
C GLN D 119 -50.32 15.04 -17.35
N THR D 120 -50.36 16.14 -16.61
CA THR D 120 -51.23 16.15 -15.38
C THR D 120 -52.68 16.40 -15.84
N LYS D 121 -53.21 15.33 -16.45
CA LYS D 121 -54.48 15.37 -17.12
C LYS D 121 -55.68 15.33 -16.16
N ARG D 122 -56.87 15.50 -16.72
CA ARG D 122 -58.11 15.63 -15.95
C ARG D 122 -59.20 14.70 -16.48
N CYS D 123 -60.14 14.24 -15.67
CA CYS D 123 -61.28 13.57 -16.29
C CYS D 123 -61.82 14.45 -17.37
N GLY D 124 -62.07 13.87 -18.54
CA GLY D 124 -62.64 14.55 -19.71
C GLY D 124 -63.94 15.34 -19.46
N HIS D 125 -64.84 14.81 -18.64
CA HIS D 125 -66.09 15.51 -18.28
C HIS D 125 -65.91 16.54 -17.15
N LEU D 126 -64.67 16.99 -16.93
CA LEU D 126 -64.41 18.08 -15.96
C LEU D 126 -64.08 19.43 -16.61
N ALA D 127 -64.55 20.52 -16.00
CA ALA D 127 -64.24 21.86 -16.51
C ALA D 127 -62.73 22.27 -16.36
N GLY D 128 -62.28 23.15 -17.25
CA GLY D 128 -60.99 23.86 -17.08
C GLY D 128 -59.74 23.10 -17.51
N LYS D 129 -59.96 22.14 -18.40
CA LYS D 129 -58.95 21.31 -18.96
C LYS D 129 -57.79 22.14 -19.58
N ILE D 130 -56.59 21.53 -19.61
CA ILE D 130 -55.41 22.19 -20.23
C ILE D 130 -54.78 21.32 -21.29
N LEU D 131 -54.62 21.85 -22.49
CA LEU D 131 -54.21 21.00 -23.58
C LEU D 131 -52.81 21.29 -24.07
N VAL D 132 -52.33 20.41 -24.93
CA VAL D 132 -51.04 20.58 -25.53
C VAL D 132 -51.22 20.95 -27.03
N ASP D 133 -50.34 21.73 -27.62
CA ASP D 133 -50.63 22.16 -28.99
C ASP D 133 -50.70 20.95 -29.98
N THR D 134 -51.17 21.21 -31.18
CA THR D 134 -51.45 20.15 -32.11
C THR D 134 -50.17 19.41 -32.43
N ASP D 135 -49.08 20.15 -32.66
CA ASP D 135 -47.80 19.49 -32.94
C ASP D 135 -47.28 18.48 -31.90
N THR D 136 -47.30 18.84 -30.65
CA THR D 136 -46.86 17.89 -29.68
C THR D 136 -47.77 16.69 -29.70
N TYR D 137 -49.04 16.92 -30.01
CA TYR D 137 -50.06 15.91 -29.86
C TYR D 137 -49.85 14.84 -30.92
N VAL D 138 -49.63 15.29 -32.14
CA VAL D 138 -49.38 14.41 -33.27
C VAL D 138 -48.13 13.56 -33.02
N THR D 139 -47.06 14.23 -32.60
CA THR D 139 -45.88 13.58 -32.09
C THR D 139 -46.17 12.45 -31.10
N ARG D 140 -47.11 12.56 -30.17
CA ARG D 140 -47.38 11.38 -29.30
C ARG D 140 -47.91 10.22 -30.15
N ILE D 141 -48.90 10.51 -30.99
CA ILE D 141 -49.62 9.52 -31.79
C ILE D 141 -48.64 8.90 -32.75
N ARG D 142 -47.76 9.73 -33.33
CA ARG D 142 -46.82 9.23 -34.31
C ARG D 142 -45.80 8.35 -33.59
N ALA D 143 -45.47 8.66 -32.34
CA ALA D 143 -44.63 7.75 -31.59
C ALA D 143 -45.35 6.46 -31.34
N ALA D 144 -46.64 6.46 -31.06
CA ALA D 144 -47.27 5.23 -30.63
C ALA D 144 -47.36 4.29 -31.85
N VAL D 145 -47.60 4.91 -33.00
CA VAL D 145 -47.73 4.18 -34.24
C VAL D 145 -46.40 3.57 -34.65
N GLN D 146 -45.37 4.39 -34.80
CA GLN D 146 -43.97 3.93 -34.98
C GLN D 146 -43.46 2.88 -33.92
N ALA D 147 -43.91 3.03 -32.67
CA ALA D 147 -43.55 2.08 -31.61
C ALA D 147 -44.13 0.70 -31.91
N ARG D 148 -45.45 0.64 -32.18
CA ARG D 148 -46.08 -0.65 -32.48
C ARG D 148 -45.45 -1.30 -33.74
N GLN D 149 -45.01 -0.48 -34.71
CA GLN D 149 -44.55 -1.04 -35.98
C GLN D 149 -43.29 -1.77 -35.83
N ARG D 150 -42.45 -1.21 -34.99
CA ARG D 150 -41.11 -1.64 -34.82
C ARG D 150 -41.14 -3.01 -34.15
N ILE D 151 -42.07 -3.25 -33.23
CA ILE D 151 -42.22 -4.52 -32.57
C ILE D 151 -43.30 -5.40 -33.23
N GLY D 152 -44.00 -4.88 -34.22
CA GLY D 152 -44.83 -5.78 -34.98
C GLY D 152 -46.13 -6.06 -34.26
N SER D 153 -46.38 -5.29 -33.20
CA SER D 153 -47.66 -5.30 -32.55
C SER D 153 -48.85 -4.80 -33.39
N ASP D 154 -49.99 -5.48 -33.24
CA ASP D 154 -51.29 -5.00 -33.76
C ASP D 154 -52.05 -4.07 -32.86
N ILE D 155 -51.47 -3.68 -31.74
CA ILE D 155 -52.24 -2.94 -30.75
C ILE D 155 -52.91 -1.72 -31.39
N VAL D 156 -54.21 -1.59 -31.15
CA VAL D 156 -55.04 -0.58 -31.84
C VAL D 156 -54.84 0.81 -31.24
N VAL D 157 -54.41 1.78 -32.05
CA VAL D 157 -54.02 3.11 -31.50
C VAL D 157 -55.24 3.99 -31.62
N ILE D 158 -55.80 4.41 -30.47
CA ILE D 158 -57.00 5.29 -30.36
C ILE D 158 -56.65 6.74 -29.98
N ALA D 159 -56.90 7.69 -30.87
CA ALA D 159 -56.57 9.09 -30.64
C ALA D 159 -57.77 9.89 -30.10
N ARG D 160 -57.66 10.22 -28.81
CA ARG D 160 -58.65 10.99 -28.10
C ARG D 160 -58.32 12.48 -28.27
N THR D 161 -59.37 13.28 -28.42
CA THR D 161 -59.15 14.71 -28.27
C THR D 161 -60.03 15.30 -27.17
N ASP D 162 -59.41 16.10 -26.31
CA ASP D 162 -60.19 16.74 -25.26
C ASP D 162 -60.45 18.17 -25.65
N SER D 163 -60.28 18.53 -26.91
CA SER D 163 -60.25 19.96 -27.18
C SER D 163 -61.60 20.66 -27.40
N LEU D 164 -62.66 19.89 -27.64
CA LEU D 164 -63.97 20.49 -27.89
C LEU D 164 -64.22 21.55 -26.83
N GLN D 165 -64.13 21.17 -25.55
CA GLN D 165 -64.47 22.06 -24.45
C GLN D 165 -63.76 23.37 -24.53
N THR D 166 -62.44 23.29 -24.67
CA THR D 166 -61.61 24.49 -24.60
C THR D 166 -61.67 25.21 -25.92
N HIS D 167 -61.36 24.47 -27.01
CA HIS D 167 -61.15 25.04 -28.34
C HIS D 167 -62.29 25.03 -29.41
N GLY D 168 -63.52 24.61 -29.09
CA GLY D 168 -64.58 24.56 -30.13
C GLY D 168 -64.49 23.31 -31.03
N TYR D 169 -65.62 22.96 -31.65
CA TYR D 169 -65.73 21.74 -32.48
C TYR D 169 -64.71 21.65 -33.61
N GLU D 170 -64.69 22.67 -34.44
CA GLU D 170 -63.84 22.72 -35.60
C GLU D 170 -62.41 22.31 -35.24
N GLU D 171 -61.89 22.78 -34.11
CA GLU D 171 -60.46 22.56 -33.79
C GLU D 171 -60.22 21.13 -33.31
N SER D 172 -61.15 20.58 -32.58
CA SER D 172 -61.03 19.21 -32.14
C SER D 172 -60.94 18.27 -33.35
N VAL D 173 -61.73 18.58 -34.39
CA VAL D 173 -61.75 17.83 -35.67
C VAL D 173 -60.44 17.96 -36.45
N ALA D 174 -59.87 19.17 -36.46
CA ALA D 174 -58.58 19.39 -37.07
C ALA D 174 -57.54 18.45 -36.37
N ARG D 175 -57.64 18.38 -35.03
CA ARG D 175 -56.80 17.49 -34.25
C ARG D 175 -56.98 15.97 -34.59
N LEU D 176 -58.21 15.55 -34.85
CA LEU D 176 -58.51 14.18 -35.11
C LEU D 176 -58.05 13.84 -36.47
N ARG D 177 -58.24 14.77 -37.42
CA ARG D 177 -57.69 14.60 -38.76
C ARG D 177 -56.16 14.40 -38.69
N ALA D 178 -55.50 15.33 -38.00
CA ALA D 178 -54.04 15.28 -37.81
C ALA D 178 -53.54 14.02 -37.12
N ALA D 179 -54.28 13.53 -36.14
CA ALA D 179 -54.02 12.16 -35.63
C ALA D 179 -54.28 11.02 -36.65
N ARG D 180 -55.32 11.13 -37.48
CA ARG D 180 -55.52 10.16 -38.52
C ARG D 180 -54.30 10.12 -39.48
N ASP D 181 -53.66 11.28 -39.69
CA ASP D 181 -52.55 11.35 -40.62
C ASP D 181 -51.29 10.77 -40.06
N ALA D 182 -51.17 10.71 -38.74
CA ALA D 182 -49.97 10.14 -38.18
C ALA D 182 -50.10 8.64 -38.05
N GLY D 183 -51.23 8.10 -38.50
CA GLY D 183 -51.49 6.68 -38.52
C GLY D 183 -52.36 6.13 -37.41
N ALA D 184 -53.26 6.93 -36.81
CA ALA D 184 -54.09 6.34 -35.75
C ALA D 184 -55.22 5.48 -36.33
N ASP D 185 -55.82 4.63 -35.51
CA ASP D 185 -56.72 3.61 -36.01
C ASP D 185 -58.17 3.91 -35.75
N VAL D 186 -58.46 4.62 -34.66
CA VAL D 186 -59.82 4.93 -34.24
C VAL D 186 -59.77 6.38 -33.77
N GLY D 187 -60.85 7.14 -33.93
CA GLY D 187 -60.83 8.52 -33.46
C GLY D 187 -61.71 8.63 -32.23
N PHE D 188 -61.32 9.46 -31.25
CA PHE D 188 -62.00 9.56 -29.96
C PHE D 188 -62.16 11.05 -29.61
N LEU D 189 -63.31 11.62 -30.01
CA LEU D 189 -63.76 12.96 -29.60
C LEU D 189 -64.35 12.91 -28.19
N GLU D 190 -63.69 13.46 -27.22
CA GLU D 190 -64.21 13.29 -25.85
C GLU D 190 -65.36 14.30 -25.53
N GLY D 191 -66.36 13.85 -24.77
CA GLY D 191 -67.43 14.72 -24.32
C GLY D 191 -68.24 15.37 -25.43
N ILE D 192 -68.69 14.56 -26.38
CA ILE D 192 -69.64 15.01 -27.40
C ILE D 192 -70.88 15.64 -26.70
N THR D 193 -71.26 16.85 -27.09
CA THR D 193 -72.32 17.57 -26.40
C THR D 193 -73.70 17.48 -27.05
N SER D 194 -73.85 16.76 -28.16
CA SER D 194 -75.15 16.61 -28.84
C SER D 194 -75.25 15.51 -29.90
N ARG D 195 -76.45 14.99 -30.13
CA ARG D 195 -76.67 14.08 -31.24
C ARG D 195 -76.31 14.70 -32.59
N GLU D 196 -76.64 15.99 -32.81
CA GLU D 196 -76.18 16.76 -34.04
C GLU D 196 -74.66 16.53 -34.21
N MET D 197 -73.95 16.64 -33.09
CA MET D 197 -72.51 16.58 -33.11
C MET D 197 -72.02 15.15 -33.23
N ALA D 198 -72.68 14.15 -32.66
CA ALA D 198 -72.20 12.80 -32.88
C ALA D 198 -72.37 12.47 -34.35
N ARG D 199 -73.55 12.80 -34.89
CA ARG D 199 -73.82 12.65 -36.29
C ARG D 199 -72.79 13.41 -37.16
N GLN D 200 -72.44 14.63 -36.71
CA GLN D 200 -71.59 15.49 -37.51
C GLN D 200 -70.13 15.03 -37.51
N VAL D 201 -69.65 14.38 -36.47
CA VAL D 201 -68.24 13.94 -36.50
C VAL D 201 -68.06 12.75 -37.39
N ILE D 202 -69.10 11.93 -37.35
CA ILE D 202 -69.07 10.67 -38.01
C ILE D 202 -68.94 10.97 -39.49
N GLN D 203 -69.70 11.94 -40.00
CA GLN D 203 -69.57 12.19 -41.45
C GLN D 203 -68.24 12.90 -41.77
N ASP D 204 -67.82 13.84 -40.89
CA ASP D 204 -66.62 14.62 -41.09
C ASP D 204 -65.42 13.73 -41.00
N LEU D 205 -65.55 12.57 -40.39
CA LEU D 205 -64.46 11.65 -40.43
C LEU D 205 -64.91 10.36 -41.04
N ALA D 206 -65.88 10.43 -41.92
CA ALA D 206 -66.35 9.25 -42.62
C ALA D 206 -65.26 8.27 -43.05
N GLY D 207 -65.49 7.00 -42.67
CA GLY D 207 -64.64 5.88 -43.01
C GLY D 207 -63.53 5.70 -42.00
N TRP D 208 -63.42 6.60 -41.03
CA TRP D 208 -62.54 6.32 -39.91
C TRP D 208 -63.37 5.87 -38.74
N PRO D 209 -63.08 4.69 -38.20
CA PRO D 209 -63.86 4.21 -37.05
C PRO D 209 -63.75 5.17 -35.87
N LEU D 210 -64.85 5.55 -35.26
CA LEU D 210 -64.83 6.52 -34.17
C LEU D 210 -65.29 5.81 -32.91
N LEU D 211 -65.00 6.39 -31.73
CA LEU D 211 -65.44 5.79 -30.46
C LEU D 211 -66.24 6.78 -29.63
N LEU D 212 -67.30 6.29 -28.99
CA LEU D 212 -68.13 7.11 -28.17
C LEU D 212 -67.96 6.80 -26.70
N ASN D 213 -67.66 7.84 -25.94
CA ASN D 213 -67.57 7.72 -24.52
C ASN D 213 -68.87 7.98 -23.79
N MET D 214 -69.61 6.93 -23.47
CA MET D 214 -70.90 7.13 -22.92
C MET D 214 -70.74 7.17 -21.42
N VAL D 215 -70.06 8.23 -20.97
CA VAL D 215 -70.02 8.59 -19.55
C VAL D 215 -71.30 9.36 -19.32
N GLU D 216 -72.08 8.96 -18.32
CA GLU D 216 -73.39 9.59 -18.09
C GLU D 216 -73.31 10.83 -17.23
N HIS D 217 -74.34 11.69 -17.32
CA HIS D 217 -74.48 12.88 -16.46
C HIS D 217 -73.29 13.81 -16.46
N GLY D 218 -72.62 13.84 -17.61
CA GLY D 218 -71.52 14.75 -17.87
C GLY D 218 -71.97 15.55 -19.08
N ALA D 219 -71.12 15.63 -20.09
CA ALA D 219 -71.25 16.60 -21.17
C ALA D 219 -72.04 15.98 -22.29
N THR D 220 -72.22 14.67 -22.19
CA THR D 220 -72.67 13.89 -23.33
C THR D 220 -74.07 13.37 -23.07
N PRO D 221 -74.98 13.56 -24.03
CA PRO D 221 -76.34 13.12 -23.74
C PRO D 221 -76.46 11.62 -23.94
N SER D 222 -77.30 10.94 -23.15
CA SER D 222 -77.48 9.47 -23.27
C SER D 222 -77.69 8.81 -24.61
N ILE D 223 -76.71 8.07 -25.09
CA ILE D 223 -76.92 7.26 -26.29
C ILE D 223 -76.71 5.83 -25.93
N SER D 224 -77.76 5.04 -26.16
CA SER D 224 -77.71 3.58 -26.06
C SER D 224 -76.76 3.02 -27.10
N ALA D 225 -76.27 1.84 -26.78
CA ALA D 225 -75.40 1.14 -27.67
C ALA D 225 -76.07 0.96 -29.07
N ALA D 226 -77.32 0.53 -29.12
CA ALA D 226 -77.96 0.30 -30.42
C ALA D 226 -77.93 1.55 -31.29
N GLU D 227 -78.29 2.70 -30.70
CA GLU D 227 -78.41 3.96 -31.42
C GLU D 227 -77.04 4.39 -31.91
N ALA D 228 -76.03 4.14 -31.08
CA ALA D 228 -74.67 4.47 -31.47
C ALA D 228 -74.24 3.62 -32.68
N LYS D 229 -74.48 2.30 -32.62
CA LYS D 229 -74.16 1.44 -33.74
C LYS D 229 -74.83 2.12 -34.90
N GLU D 230 -76.09 2.46 -34.72
CA GLU D 230 -76.93 2.92 -35.83
C GLU D 230 -76.41 4.29 -36.36
N MET D 231 -75.89 5.12 -35.47
CA MET D 231 -75.39 6.42 -35.86
C MET D 231 -74.20 6.31 -36.76
N GLY D 232 -73.56 5.15 -36.75
CA GLY D 232 -72.24 5.03 -37.38
C GLY D 232 -71.04 4.76 -36.48
N PHE D 233 -71.16 4.80 -35.17
CA PHE D 233 -70.00 4.55 -34.35
C PHE D 233 -69.52 3.11 -34.45
N ARG D 234 -68.28 2.85 -34.07
CA ARG D 234 -67.70 1.52 -34.15
C ARG D 234 -67.40 0.90 -32.78
N ILE D 235 -67.31 1.76 -31.76
CA ILE D 235 -67.05 1.36 -30.38
C ILE D 235 -67.85 2.27 -29.42
N ILE D 236 -68.47 1.72 -28.40
CA ILE D 236 -69.05 2.56 -27.34
C ILE D 236 -68.47 2.10 -25.99
N ILE D 237 -68.12 3.06 -25.11
CA ILE D 237 -67.50 2.71 -23.80
C ILE D 237 -68.27 3.27 -22.62
N PHE D 238 -68.28 2.51 -21.56
CA PHE D 238 -69.16 2.84 -20.45
C PHE D 238 -68.31 2.97 -19.19
N PRO D 239 -67.41 4.01 -19.15
CA PRO D 239 -66.37 3.92 -18.12
C PRO D 239 -66.85 3.55 -16.67
N PHE D 240 -68.09 3.87 -16.28
CA PHE D 240 -68.54 3.68 -14.87
C PHE D 240 -69.56 2.60 -14.72
N ALA D 241 -69.57 1.71 -15.70
CA ALA D 241 -70.54 0.64 -15.72
C ALA D 241 -70.46 -0.20 -14.44
N ALA D 242 -69.24 -0.42 -13.95
CA ALA D 242 -69.02 -1.11 -12.71
C ALA D 242 -68.92 -0.17 -11.47
N LEU D 243 -68.06 0.81 -11.64
CA LEU D 243 -67.71 1.77 -10.61
C LEU D 243 -68.88 2.44 -9.97
N GLY D 244 -69.90 2.76 -10.76
CA GLY D 244 -71.05 3.51 -10.25
C GLY D 244 -71.79 2.64 -9.24
N PRO D 245 -72.37 1.57 -9.75
CA PRO D 245 -73.09 0.58 -9.00
C PRO D 245 -72.38 0.19 -7.72
N ALA D 246 -71.09 -0.05 -7.82
CA ALA D 246 -70.29 -0.54 -6.75
C ALA D 246 -70.21 0.49 -5.67
N VAL D 247 -70.08 1.76 -6.04
CA VAL D 247 -70.13 2.81 -5.03
C VAL D 247 -71.46 2.88 -4.24
N ALA D 248 -72.58 2.90 -4.94
CA ALA D 248 -73.92 3.06 -4.32
C ALA D 248 -74.17 1.96 -3.33
N ALA D 249 -73.88 0.73 -3.76
CA ALA D 249 -74.06 -0.46 -2.96
C ALA D 249 -73.14 -0.50 -1.73
N MET D 250 -71.83 -0.21 -1.88
CA MET D 250 -70.92 -0.30 -0.72
C MET D 250 -71.34 0.71 0.33
N ARG D 251 -71.72 1.90 -0.15
CA ARG D 251 -72.21 2.97 0.70
C ARG D 251 -73.40 2.50 1.54
N GLU D 252 -74.46 2.02 0.87
CA GLU D 252 -75.62 1.53 1.60
C GLU D 252 -75.24 0.42 2.50
N ALA D 253 -74.41 -0.46 2.01
CA ALA D 253 -73.91 -1.55 2.77
C ALA D 253 -73.17 -1.10 4.04
N MET D 254 -72.22 -0.15 3.93
CA MET D 254 -71.49 0.32 5.09
C MET D 254 -72.38 1.05 6.01
N GLU D 255 -73.44 1.70 5.54
CA GLU D 255 -74.36 2.39 6.49
C GLU D 255 -75.28 1.40 7.23
N LYS D 256 -75.53 0.29 6.56
CA LYS D 256 -76.29 -0.77 7.11
C LYS D 256 -75.44 -1.42 8.20
N LEU D 257 -74.22 -1.81 7.84
CA LEU D 257 -73.28 -2.36 8.80
C LEU D 257 -73.15 -1.46 10.02
N LYS D 258 -72.89 -0.18 9.81
CA LYS D 258 -72.92 0.83 10.90
C LYS D 258 -74.16 0.81 11.90
N ARG D 259 -75.39 0.98 11.40
CA ARG D 259 -76.54 0.93 12.30
C ARG D 259 -76.60 -0.45 12.94
N ASP D 260 -76.21 -1.51 12.17
CA ASP D 260 -76.56 -2.91 12.54
C ASP D 260 -75.52 -3.72 13.33
N GLY D 261 -74.27 -3.77 12.94
CA GLY D 261 -73.33 -4.52 13.79
C GLY D 261 -72.94 -5.85 13.15
N ILE D 262 -73.51 -6.09 11.97
CA ILE D 262 -73.19 -7.21 11.09
C ILE D 262 -73.69 -6.85 9.68
N PRO D 263 -72.97 -7.32 8.64
CA PRO D 263 -73.28 -7.04 7.25
C PRO D 263 -74.63 -7.58 6.80
N GLY D 264 -74.96 -8.80 7.21
CA GLY D 264 -76.15 -9.48 6.72
C GLY D 264 -76.12 -9.76 5.21
N LEU D 265 -75.02 -10.23 4.65
CA LEU D 265 -75.01 -10.58 3.21
C LEU D 265 -76.00 -11.67 2.93
N ASP D 266 -76.52 -11.71 1.73
CA ASP D 266 -77.40 -12.78 1.35
C ASP D 266 -76.65 -14.13 1.54
N LYS D 267 -77.36 -15.17 2.01
CA LYS D 267 -76.79 -16.52 2.28
C LYS D 267 -76.16 -17.21 1.07
N GLU D 268 -76.45 -16.68 -0.13
CA GLU D 268 -75.80 -17.06 -1.37
C GLU D 268 -74.31 -16.70 -1.37
N MET D 269 -73.98 -15.51 -0.90
CA MET D 269 -72.60 -15.03 -0.93
C MET D 269 -71.75 -15.72 0.12
N THR D 270 -71.25 -16.89 -0.21
CA THR D 270 -70.40 -17.58 0.69
C THR D 270 -69.02 -17.31 0.18
N PRO D 271 -68.00 -17.56 1.03
CA PRO D 271 -66.67 -17.28 0.51
C PRO D 271 -66.38 -18.06 -0.77
N GLN D 272 -66.73 -19.34 -0.83
CA GLN D 272 -66.58 -20.11 -2.08
C GLN D 272 -67.34 -19.47 -3.28
N MET D 273 -68.56 -18.98 -3.04
CA MET D 273 -69.32 -18.32 -4.09
C MET D 273 -68.50 -17.17 -4.56
N LEU D 274 -68.14 -16.33 -3.58
CA LEU D 274 -67.42 -15.10 -3.84
C LEU D 274 -66.11 -15.44 -4.59
N PHE D 275 -65.48 -16.55 -4.21
CA PHE D 275 -64.20 -16.95 -4.84
C PHE D 275 -64.36 -17.44 -6.23
N ARG D 276 -65.53 -18.05 -6.49
CA ARG D 276 -65.87 -18.64 -7.79
C ARG D 276 -65.99 -17.56 -8.86
N VAL D 277 -66.60 -16.45 -8.50
CA VAL D 277 -66.52 -15.22 -9.33
C VAL D 277 -65.06 -14.90 -9.73
N CYS D 278 -64.11 -15.23 -8.88
CA CYS D 278 -62.74 -14.97 -9.26
C CYS D 278 -61.92 -16.18 -9.75
N GLY D 279 -62.58 -17.20 -10.22
CA GLY D 279 -61.90 -18.22 -10.95
C GLY D 279 -61.39 -19.26 -10.02
N LEU D 280 -62.08 -19.52 -8.91
CA LEU D 280 -61.57 -20.54 -7.98
C LEU D 280 -61.36 -21.86 -8.73
N ASP D 281 -62.42 -22.28 -9.41
CA ASP D 281 -62.53 -23.62 -9.98
C ASP D 281 -61.51 -23.80 -11.08
N GLU D 282 -61.26 -22.73 -11.83
CA GLU D 282 -60.23 -22.86 -12.82
C GLU D 282 -58.88 -22.90 -12.18
N SER D 283 -58.74 -22.16 -11.09
CA SER D 283 -57.52 -22.16 -10.36
C SER D 283 -57.19 -23.56 -9.75
N MET D 284 -58.16 -24.22 -9.13
CA MET D 284 -57.87 -25.59 -8.67
C MET D 284 -57.64 -26.60 -9.79
N LYS D 285 -58.27 -26.46 -10.96
CA LYS D 285 -57.96 -27.36 -12.08
C LYS D 285 -56.46 -27.34 -12.44
N VAL D 286 -55.93 -26.13 -12.53
CA VAL D 286 -54.49 -25.91 -12.77
C VAL D 286 -53.55 -26.69 -11.83
N ASP D 287 -53.84 -26.65 -10.52
CA ASP D 287 -53.17 -27.50 -9.51
C ASP D 287 -53.32 -29.03 -9.68
N ALA D 288 -54.57 -29.54 -9.75
CA ALA D 288 -54.81 -30.96 -10.03
C ALA D 288 -54.14 -31.47 -11.34
N GLN D 289 -54.17 -30.63 -12.39
CA GLN D 289 -53.56 -30.88 -13.71
C GLN D 289 -52.07 -31.09 -13.68
N ALA D 290 -51.36 -30.39 -12.82
CA ALA D 290 -49.90 -30.49 -12.81
C ALA D 290 -49.30 -31.49 -11.77
N GLY D 291 -50.16 -32.28 -11.15
CA GLY D 291 -49.71 -33.30 -10.19
C GLY D 291 -49.91 -32.92 -8.73
N GLY D 292 -50.38 -31.71 -8.51
CA GLY D 292 -50.56 -31.20 -7.16
C GLY D 292 -51.80 -31.78 -6.55
N ALA D 293 -51.92 -31.65 -5.23
CA ALA D 293 -52.98 -32.33 -4.48
C ALA D 293 -53.43 -31.44 -3.37
N ALA D 294 -53.53 -30.15 -3.60
CA ALA D 294 -53.78 -29.27 -2.51
C ALA D 294 -55.24 -29.06 -2.39
N PHE D 295 -55.98 -29.32 -3.45
CA PHE D 295 -57.40 -29.02 -3.48
C PHE D 295 -58.16 -30.27 -3.67
N ASP D 296 -57.25 -31.33 -3.41
CA ASP D 296 -57.78 -32.57 -2.91
C ASP D 296 -58.87 -32.49 -1.91
N GLY D 297 -60.05 -32.63 -2.44
CA GLY D 297 -61.21 -32.88 -1.65
C GLY D 297 -62.24 -31.88 -2.03
N GLY D 298 -61.86 -30.91 -2.83
CA GLY D 298 -62.57 -29.68 -2.81
C GLY D 298 -62.20 -28.74 -1.71
N VAL D 299 -63.16 -27.92 -1.37
CA VAL D 299 -62.90 -26.65 -0.84
C VAL D 299 -64.12 -26.24 -0.03
N ASP D 300 -65.20 -27.02 -0.12
CA ASP D 300 -66.34 -26.89 0.80
C ASP D 300 -66.23 -28.07 1.73
N LEU D 301 -66.56 -27.93 3.03
CA LEU D 301 -67.39 -26.90 3.68
C LEU D 301 -66.75 -26.47 5.03
N PRO E 1 24.27 52.98 -24.41
CA PRO E 1 24.55 51.56 -24.46
C PRO E 1 23.33 50.66 -24.35
N MET E 2 23.58 49.34 -24.35
CA MET E 2 22.56 48.38 -24.76
C MET E 2 21.77 47.73 -23.62
N VAL E 3 20.46 47.50 -23.83
CA VAL E 3 19.53 47.13 -22.72
C VAL E 3 19.08 45.66 -22.94
N THR E 4 18.44 45.04 -21.94
CA THR E 4 17.97 43.65 -22.09
C THR E 4 16.91 43.44 -21.05
N ALA E 5 15.79 42.88 -21.49
CA ALA E 5 14.68 42.66 -20.59
C ALA E 5 15.04 41.69 -19.41
N ALA E 6 16.23 41.10 -19.41
CA ALA E 6 16.68 40.29 -18.27
C ALA E 6 16.72 41.10 -16.98
N THR E 7 17.20 42.32 -17.09
CA THR E 7 17.35 43.20 -15.91
C THR E 7 15.97 43.60 -15.39
N SER E 8 15.04 43.74 -16.33
CA SER E 8 13.70 44.17 -16.04
C SER E 8 12.96 43.14 -15.18
N LEU E 9 13.06 41.89 -15.62
CA LEU E 9 12.49 40.69 -14.97
C LEU E 9 13.21 40.36 -13.65
N ARG E 10 14.53 40.38 -13.63
CA ARG E 10 15.23 40.29 -12.38
C ARG E 10 14.58 41.26 -11.38
N ARG E 11 14.29 42.50 -11.82
CA ARG E 11 13.75 43.43 -10.81
C ARG E 11 12.37 43.03 -10.34
N ALA E 12 11.60 42.44 -11.25
CA ALA E 12 10.26 42.01 -10.96
C ALA E 12 10.31 40.94 -9.91
N LEU E 13 11.17 39.94 -10.12
CA LEU E 13 11.25 38.81 -9.20
C LEU E 13 11.86 39.20 -7.87
N GLU E 14 12.50 40.35 -7.82
CA GLU E 14 12.87 40.85 -6.50
C GLU E 14 11.72 41.40 -5.70
N ASN E 15 10.62 41.65 -6.41
CA ASN E 15 9.46 42.24 -5.83
C ASN E 15 8.46 41.17 -5.47
N PRO E 16 8.18 41.02 -4.18
CA PRO E 16 7.32 39.88 -3.76
C PRO E 16 5.87 40.04 -4.27
N ASP E 17 5.42 41.32 -4.26
CA ASP E 17 4.12 41.76 -4.74
C ASP E 17 3.82 41.49 -6.25
N SER E 18 4.86 41.22 -7.03
CA SER E 18 4.78 41.24 -8.48
C SER E 18 4.31 39.89 -8.95
N PHE E 19 3.64 39.80 -10.10
CA PHE E 19 3.17 38.51 -10.61
C PHE E 19 3.27 38.46 -12.13
N ILE E 20 3.79 37.38 -12.68
CA ILE E 20 4.16 37.35 -14.09
C ILE E 20 3.41 36.29 -14.91
N VAL E 21 2.76 36.73 -16.01
CA VAL E 21 1.92 35.88 -16.82
C VAL E 21 2.61 35.77 -18.15
N ALA E 22 2.94 34.55 -18.55
CA ALA E 22 3.59 34.38 -19.85
C ALA E 22 2.86 33.36 -20.73
N PRO E 23 2.12 33.85 -21.74
CA PRO E 23 1.47 32.95 -22.72
C PRO E 23 2.55 32.31 -23.62
N GLY E 24 2.33 31.04 -23.97
CA GLY E 24 3.22 30.25 -24.79
C GLY E 24 3.23 30.78 -26.19
N VAL E 25 4.42 31.03 -26.72
CA VAL E 25 4.56 31.37 -28.15
C VAL E 25 5.63 30.51 -28.74
N TYR E 26 5.54 30.31 -30.06
CA TYR E 26 6.41 29.33 -30.68
C TYR E 26 7.01 29.79 -32.01
N ASP E 27 6.48 30.86 -32.58
CA ASP E 27 7.02 31.41 -33.82
C ASP E 27 6.74 32.87 -33.90
N GLY E 28 6.98 33.45 -35.07
CA GLY E 28 6.74 34.86 -35.28
C GLY E 28 5.32 35.34 -35.10
N LEU E 29 4.35 34.60 -35.67
CA LEU E 29 2.92 34.91 -35.55
C LEU E 29 2.36 34.87 -34.12
N SER E 30 2.48 33.69 -33.50
CA SER E 30 2.12 33.50 -32.09
C SER E 30 2.67 34.63 -31.23
N ALA E 31 3.80 35.18 -31.64
CA ALA E 31 4.50 36.13 -30.84
C ALA E 31 3.86 37.54 -30.93
N ARG E 32 3.81 38.08 -32.16
CA ARG E 32 3.10 39.29 -32.56
C ARG E 32 1.69 39.35 -32.04
N VAL E 33 1.01 38.21 -32.14
CA VAL E 33 -0.38 38.11 -31.70
C VAL E 33 -0.48 38.22 -30.16
N ALA E 34 0.44 37.57 -29.47
CA ALA E 34 0.48 37.68 -28.06
C ALA E 34 0.78 39.14 -27.66
N LEU E 35 1.78 39.75 -28.31
CA LEU E 35 2.15 41.09 -27.95
C LEU E 35 0.94 41.99 -28.16
N SER E 36 0.32 41.92 -29.35
CA SER E 36 -0.83 42.76 -29.67
C SER E 36 -1.95 42.60 -28.69
N ALA E 37 -2.05 41.46 -28.04
CA ALA E 37 -3.06 41.34 -26.98
C ALA E 37 -2.75 42.11 -25.69
N GLY E 38 -1.50 42.50 -25.50
CA GLY E 38 -1.08 43.36 -24.40
C GLY E 38 -0.22 42.68 -23.34
N PHE E 39 0.04 41.39 -23.51
CA PHE E 39 0.88 40.68 -22.57
C PHE E 39 2.25 41.30 -22.31
N ASP E 40 2.60 41.23 -21.06
CA ASP E 40 3.78 41.85 -20.56
C ASP E 40 4.94 40.88 -20.49
N ALA E 41 4.72 39.60 -20.85
CA ALA E 41 5.85 38.64 -20.95
C ALA E 41 5.55 37.49 -21.93
N LEU E 42 6.54 36.69 -22.29
CA LEU E 42 6.29 35.65 -23.32
C LEU E 42 6.98 34.38 -22.92
N TYR E 43 6.33 33.26 -23.08
CA TYR E 43 7.01 32.04 -22.84
C TYR E 43 7.28 31.37 -24.21
N MET E 44 8.53 31.19 -24.59
CA MET E 44 8.81 30.44 -25.79
C MET E 44 8.82 28.91 -25.50
N THR E 45 7.75 28.22 -25.89
CA THR E 45 7.70 26.79 -25.70
C THR E 45 8.69 25.92 -26.57
N GLY E 46 9.56 25.11 -25.95
CA GLY E 46 10.44 24.16 -26.67
C GLY E 46 9.60 23.19 -27.45
N ALA E 47 8.47 22.78 -26.86
CA ALA E 47 7.46 21.90 -27.50
C ALA E 47 6.94 22.51 -28.83
N GLY E 48 6.56 23.80 -28.77
CA GLY E 48 6.04 24.50 -29.93
C GLY E 48 7.12 24.73 -30.96
N THR E 49 8.28 25.20 -30.47
CA THR E 49 9.46 25.28 -31.32
C THR E 49 9.70 24.03 -32.19
N ALA E 50 9.85 22.88 -31.55
CA ALA E 50 9.91 21.56 -32.20
C ALA E 50 8.76 21.30 -33.15
N ALA E 51 7.55 21.72 -32.78
CA ALA E 51 6.40 21.60 -33.68
C ALA E 51 6.56 22.55 -34.90
N SER E 52 6.89 23.82 -34.66
CA SER E 52 6.97 24.78 -35.79
C SER E 52 8.19 24.67 -36.76
N VAL E 53 9.39 24.55 -36.20
CA VAL E 53 10.64 24.50 -36.96
C VAL E 53 10.75 23.13 -37.64
N HIS E 54 10.34 22.11 -36.91
CA HIS E 54 10.59 20.75 -37.37
C HIS E 54 9.43 19.89 -37.80
N GLY E 55 8.22 20.30 -37.47
CA GLY E 55 7.06 19.54 -37.76
C GLY E 55 7.22 18.28 -36.97
N GLN E 56 7.60 18.45 -35.70
CA GLN E 56 8.07 17.31 -34.90
C GLN E 56 7.62 17.39 -33.43
N ALA E 57 7.50 16.22 -32.75
CA ALA E 57 7.05 16.26 -31.36
C ALA E 57 8.22 16.66 -30.50
N ASP E 58 7.95 16.91 -29.21
CA ASP E 58 8.90 17.47 -28.21
C ASP E 58 9.75 16.31 -27.65
N LEU E 59 10.58 15.74 -28.52
CA LEU E 59 11.43 14.59 -28.18
C LEU E 59 12.96 14.93 -28.08
N GLY E 60 13.27 16.11 -27.55
CA GLY E 60 14.64 16.59 -27.61
C GLY E 60 15.27 16.65 -28.99
N ILE E 61 14.48 16.90 -30.03
CA ILE E 61 14.98 16.90 -31.41
C ILE E 61 15.56 18.26 -31.79
N CYS E 62 15.25 19.29 -31.00
CA CYS E 62 15.68 20.65 -31.30
C CYS E 62 17.06 20.89 -30.78
N THR E 63 17.90 21.52 -31.57
CA THR E 63 19.31 21.74 -31.34
C THR E 63 19.49 23.15 -30.77
N LEU E 64 20.64 23.41 -30.12
CA LEU E 64 20.95 24.78 -29.60
C LEU E 64 20.69 25.88 -30.69
N ASN E 65 21.36 25.75 -31.85
CA ASN E 65 21.09 26.59 -33.00
C ASN E 65 19.62 26.82 -33.19
N ASP E 66 18.82 25.76 -33.03
CA ASP E 66 17.40 25.84 -33.25
C ASP E 66 16.68 26.78 -32.30
N MET E 67 17.04 26.64 -31.05
CA MET E 67 16.34 27.25 -29.98
C MET E 67 16.82 28.68 -29.80
N ARG E 68 18.14 28.88 -29.83
CA ARG E 68 18.70 30.22 -29.73
C ARG E 68 18.13 31.08 -30.87
N ALA E 69 18.16 30.57 -32.08
CA ALA E 69 17.64 31.34 -33.18
C ALA E 69 16.24 31.84 -32.84
N ASN E 70 15.38 30.92 -32.43
CA ASN E 70 13.95 31.17 -32.25
C ASN E 70 13.73 32.14 -31.11
N ALA E 71 14.31 31.81 -29.96
CA ALA E 71 14.48 32.71 -28.83
C ALA E 71 14.96 34.11 -29.16
N GLU E 72 15.88 34.25 -30.11
CA GLU E 72 16.33 35.59 -30.42
C GLU E 72 15.28 36.33 -31.21
N MET E 73 14.75 35.69 -32.25
CA MET E 73 13.82 36.45 -33.03
C MET E 73 12.62 36.79 -32.12
N ILE E 74 12.13 35.82 -31.35
CA ILE E 74 11.05 36.16 -30.44
C ILE E 74 11.44 37.35 -29.49
N SER E 75 12.63 37.32 -28.94
CA SER E 75 12.96 38.23 -27.91
C SER E 75 13.05 39.59 -28.45
N ASN E 76 13.21 39.64 -29.76
CA ASN E 76 13.46 40.90 -30.39
C ASN E 76 12.32 41.45 -31.20
N ILE E 77 11.15 40.86 -31.07
CA ILE E 77 10.00 41.55 -31.58
C ILE E 77 9.67 42.77 -30.75
N SER E 78 9.52 42.62 -29.46
CA SER E 78 9.35 43.78 -28.61
C SER E 78 10.51 43.72 -27.64
N PRO E 79 11.63 44.42 -27.94
CA PRO E 79 12.86 44.19 -27.16
C PRO E 79 12.60 44.45 -25.70
N SER E 80 11.58 45.26 -25.37
CA SER E 80 11.30 45.58 -23.95
C SER E 80 10.49 44.56 -23.19
N THR E 81 9.93 43.58 -23.90
CA THR E 81 9.08 42.56 -23.29
C THR E 81 9.96 41.37 -22.88
N PRO E 82 9.97 41.04 -21.59
CA PRO E 82 10.72 39.88 -21.13
C PRO E 82 10.14 38.57 -21.72
N VAL E 83 11.03 37.69 -22.11
CA VAL E 83 10.74 36.45 -22.79
C VAL E 83 11.42 35.31 -22.02
N ILE E 84 10.59 34.41 -21.50
CA ILE E 84 11.11 33.31 -20.72
C ILE E 84 11.30 32.20 -21.69
N ALA E 85 12.49 31.64 -21.81
CA ALA E 85 12.76 30.73 -22.96
C ALA E 85 13.12 29.28 -22.60
N ASP E 86 12.41 28.29 -23.14
CA ASP E 86 12.73 26.89 -22.85
C ASP E 86 14.15 26.68 -23.25
N ALA E 87 14.94 25.98 -22.45
CA ALA E 87 16.32 25.66 -22.83
C ALA E 87 16.67 24.21 -22.57
N ASP E 88 15.63 23.36 -22.50
CA ASP E 88 15.68 21.91 -22.27
C ASP E 88 16.69 21.60 -21.13
N THR E 89 17.73 20.79 -21.45
CA THR E 89 18.77 20.45 -20.49
C THR E 89 20.07 21.24 -20.72
N GLY E 90 20.07 22.18 -21.65
CA GLY E 90 21.25 22.99 -21.90
C GLY E 90 22.18 22.49 -23.00
N TYR E 91 21.77 21.49 -23.76
CA TYR E 91 22.48 21.13 -24.94
C TYR E 91 23.80 20.44 -24.76
N GLY E 92 24.12 20.00 -23.52
CA GLY E 92 25.28 19.16 -23.24
C GLY E 92 25.75 19.21 -21.81
N GLY E 93 27.05 19.25 -21.57
CA GLY E 93 27.55 19.42 -20.22
C GLY E 93 27.73 20.90 -19.91
N PRO E 94 28.44 21.23 -18.81
CA PRO E 94 28.79 22.61 -18.51
C PRO E 94 29.25 23.45 -19.70
N ILE E 95 30.08 22.86 -20.56
CA ILE E 95 30.62 23.64 -21.65
C ILE E 95 29.48 24.19 -22.45
N MET E 96 28.53 23.31 -22.82
CA MET E 96 27.40 23.68 -23.65
C MET E 96 26.38 24.55 -22.93
N VAL E 97 26.17 24.26 -21.64
CA VAL E 97 25.24 25.05 -20.82
C VAL E 97 25.74 26.50 -20.75
N ALA E 98 27.05 26.66 -20.70
CA ALA E 98 27.64 27.98 -20.80
C ALA E 98 27.34 28.60 -22.16
N ARG E 99 27.49 27.87 -23.25
CA ARG E 99 27.25 28.54 -24.55
C ARG E 99 25.82 28.98 -24.74
N THR E 100 24.90 28.21 -24.15
CA THR E 100 23.48 28.53 -24.13
C THR E 100 23.24 29.83 -23.37
N THR E 101 23.68 29.85 -22.11
CA THR E 101 23.56 31.04 -21.26
C THR E 101 24.16 32.23 -22.01
N GLU E 102 25.26 32.00 -22.72
CA GLU E 102 26.00 33.11 -23.24
C GLU E 102 25.26 33.64 -24.43
N GLN E 103 24.74 32.73 -25.25
CA GLN E 103 24.06 33.13 -26.46
C GLN E 103 22.67 33.60 -26.19
N TYR E 104 22.08 33.10 -25.12
CA TYR E 104 20.75 33.52 -24.80
C TYR E 104 20.80 34.95 -24.36
N SER E 105 21.91 35.28 -23.69
CA SER E 105 21.99 36.57 -23.10
C SER E 105 22.23 37.55 -24.22
N ARG E 106 23.20 37.25 -25.07
CA ARG E 106 23.39 38.06 -26.29
C ARG E 106 22.13 38.28 -27.14
N SER E 107 21.33 37.26 -27.29
CA SER E 107 20.07 37.37 -28.06
C SER E 107 19.05 38.25 -27.37
N GLY E 108 19.32 38.67 -26.15
CA GLY E 108 18.30 39.51 -25.53
C GLY E 108 17.28 38.77 -24.69
N VAL E 109 17.47 37.46 -24.50
CA VAL E 109 16.56 36.65 -23.73
C VAL E 109 16.40 37.00 -22.22
N ALA E 110 15.18 37.07 -21.71
CA ALA E 110 15.01 37.49 -20.33
C ALA E 110 15.34 36.42 -19.30
N ALA E 111 14.90 35.20 -19.57
CA ALA E 111 15.10 34.03 -18.71
C ALA E 111 15.04 32.75 -19.53
N PHE E 112 15.54 31.66 -18.94
CA PHE E 112 15.44 30.37 -19.52
C PHE E 112 15.36 29.23 -18.49
N HIS E 113 14.78 28.08 -18.86
CA HIS E 113 14.77 26.92 -17.97
C HIS E 113 15.64 25.73 -18.38
N ILE E 114 16.14 25.04 -17.35
CA ILE E 114 17.02 23.86 -17.48
C ILE E 114 16.50 22.77 -16.61
N GLU E 115 16.26 21.60 -17.18
CA GLU E 115 15.62 20.52 -16.44
C GLU E 115 16.65 19.50 -16.11
N ASP E 116 16.18 18.35 -15.65
CA ASP E 116 17.08 17.30 -15.25
C ASP E 116 16.92 15.96 -16.00
N GLN E 117 16.50 16.01 -17.25
CA GLN E 117 16.33 14.80 -17.99
C GLN E 117 17.68 14.47 -18.63
N VAL E 118 17.71 13.34 -19.32
CA VAL E 118 18.83 13.08 -20.25
C VAL E 118 18.69 14.05 -21.43
N GLN E 119 19.77 14.26 -22.20
CA GLN E 119 19.77 15.25 -23.26
C GLN E 119 18.68 15.00 -24.31
N THR E 120 18.34 13.73 -24.51
CA THR E 120 17.23 13.38 -25.40
C THR E 120 15.95 13.40 -24.57
N LYS E 121 15.58 14.61 -24.23
CA LYS E 121 14.51 14.81 -23.29
C LYS E 121 13.16 14.65 -23.99
N ARG E 122 12.09 14.79 -23.20
CA ARG E 122 10.74 14.45 -23.66
C ARG E 122 9.88 15.53 -23.10
N CYS E 123 8.75 15.87 -23.66
CA CYS E 123 7.81 16.70 -22.92
C CYS E 123 7.52 16.15 -21.56
N GLY E 124 7.37 17.00 -20.55
CA GLY E 124 7.43 16.45 -19.23
C GLY E 124 6.16 15.85 -18.71
N HIS E 125 5.06 16.21 -19.35
CA HIS E 125 3.82 15.49 -19.25
C HIS E 125 3.62 14.20 -20.08
N LEU E 126 4.60 13.70 -20.79
CA LEU E 126 4.59 12.29 -21.14
C LEU E 126 5.24 11.30 -20.20
N ALA E 127 5.08 10.02 -20.43
CA ALA E 127 5.47 9.07 -19.44
C ALA E 127 6.85 8.62 -19.83
N GLY E 128 7.40 7.81 -18.93
CA GLY E 128 8.62 7.07 -19.15
C GLY E 128 9.88 7.91 -19.14
N LYS E 129 9.88 9.06 -18.46
CA LYS E 129 11.00 9.98 -18.65
C LYS E 129 12.25 9.50 -17.93
N ILE E 130 13.41 9.69 -18.55
CA ILE E 130 14.68 9.20 -18.03
C ILE E 130 15.43 10.42 -17.49
N LEU E 131 15.94 10.32 -16.26
CA LEU E 131 16.60 11.40 -15.54
C LEU E 131 18.13 11.26 -15.46
N VAL E 132 18.81 12.25 -14.90
CA VAL E 132 20.23 12.16 -14.67
C VAL E 132 20.30 12.44 -13.19
N ASP E 133 21.36 11.97 -12.51
CA ASP E 133 21.53 12.13 -11.02
C ASP E 133 21.51 13.57 -10.52
N THR E 134 21.09 13.78 -9.29
CA THR E 134 21.18 15.13 -8.70
C THR E 134 22.51 15.91 -9.00
N ASP E 135 23.70 15.34 -8.78
CA ASP E 135 24.98 16.04 -9.17
C ASP E 135 25.03 16.52 -10.62
N THR E 136 24.65 15.65 -11.58
CA THR E 136 24.89 15.95 -12.97
C THR E 136 23.96 17.02 -13.30
N TYR E 137 22.76 16.97 -12.76
CA TYR E 137 21.84 18.14 -12.73
C TYR E 137 22.49 19.44 -12.16
N VAL E 138 22.91 19.47 -10.89
CA VAL E 138 23.41 20.69 -10.27
C VAL E 138 24.59 21.30 -11.05
N THR E 139 25.38 20.44 -11.68
CA THR E 139 26.43 20.93 -12.59
C THR E 139 25.89 21.88 -13.65
N ARG E 140 24.75 21.55 -14.23
CA ARG E 140 24.14 22.37 -15.31
C ARG E 140 23.73 23.75 -14.81
N ILE E 141 23.16 23.78 -13.62
CA ILE E 141 22.65 24.99 -13.08
C ILE E 141 23.84 25.83 -12.74
N ARG E 142 24.83 25.19 -12.13
CA ARG E 142 26.02 25.87 -11.71
C ARG E 142 26.76 26.54 -12.94
N ALA E 143 26.78 25.83 -14.09
CA ALA E 143 27.37 26.36 -15.31
C ALA E 143 26.57 27.55 -15.81
N ALA E 144 25.26 27.57 -15.59
CA ALA E 144 24.42 28.65 -16.17
C ALA E 144 24.71 29.92 -15.39
N VAL E 145 24.67 29.81 -14.04
CA VAL E 145 24.84 31.00 -13.20
C VAL E 145 26.28 31.56 -13.35
N GLN E 146 27.28 30.69 -13.21
CA GLN E 146 28.67 30.96 -13.64
C GLN E 146 28.78 31.60 -15.00
N ALA E 147 28.14 31.03 -16.01
CA ALA E 147 28.31 31.55 -17.34
C ALA E 147 27.84 32.97 -17.35
N ARG E 148 26.81 33.21 -16.59
CA ARG E 148 26.16 34.49 -16.59
C ARG E 148 26.94 35.54 -15.81
N GLN E 149 27.66 35.10 -14.78
CA GLN E 149 28.41 36.04 -13.97
C GLN E 149 29.63 36.49 -14.77
N ARG E 150 30.37 35.54 -15.35
CA ARG E 150 31.46 35.82 -16.28
C ARG E 150 31.10 36.88 -17.34
N ILE E 151 29.89 36.88 -17.91
CA ILE E 151 29.64 37.92 -18.95
C ILE E 151 28.85 39.17 -18.53
N GLY E 152 28.64 39.33 -17.22
CA GLY E 152 27.93 40.45 -16.65
C GLY E 152 26.48 40.36 -17.02
N SER E 153 25.99 39.17 -17.29
CA SER E 153 24.60 39.08 -17.68
C SER E 153 23.66 38.99 -16.49
N ASP E 154 22.46 39.57 -16.67
CA ASP E 154 21.37 39.49 -15.70
C ASP E 154 20.38 38.44 -16.00
N ILE E 155 20.56 37.68 -17.05
CA ILE E 155 19.55 36.68 -17.41
C ILE E 155 19.04 35.83 -16.20
N VAL E 156 17.76 35.49 -16.18
CA VAL E 156 17.24 34.78 -15.03
C VAL E 156 17.31 33.27 -15.27
N VAL E 157 18.09 32.59 -14.43
CA VAL E 157 18.17 31.13 -14.44
C VAL E 157 17.04 30.43 -13.72
N ILE E 158 16.32 29.60 -14.46
CA ILE E 158 15.16 28.85 -13.91
C ILE E 158 15.42 27.35 -13.95
N ALA E 159 15.54 26.80 -12.75
CA ALA E 159 15.74 25.38 -12.48
C ALA E 159 14.45 24.53 -12.56
N ARG E 160 14.43 23.53 -13.44
CA ARG E 160 13.30 22.69 -13.58
C ARG E 160 13.62 21.27 -13.15
N THR E 161 12.63 20.58 -12.60
CA THR E 161 12.79 19.14 -12.35
C THR E 161 11.64 18.35 -12.89
N ASP E 162 11.98 17.24 -13.49
CA ASP E 162 10.98 16.36 -14.01
C ASP E 162 10.95 15.15 -13.14
N SER E 163 11.61 15.25 -11.98
CA SER E 163 11.88 14.08 -11.13
C SER E 163 10.67 13.57 -10.32
N LEU E 164 9.57 14.33 -10.38
CA LEU E 164 8.35 14.01 -9.67
C LEU E 164 7.74 12.65 -10.04
N GLN E 165 7.54 12.44 -11.34
CA GLN E 165 6.80 11.27 -11.87
C GLN E 165 7.60 10.00 -11.63
N THR E 166 8.93 10.11 -11.66
CA THR E 166 9.78 8.92 -11.50
C THR E 166 10.16 8.73 -9.98
N HIS E 167 10.73 9.76 -9.34
CA HIS E 167 11.31 9.57 -8.01
C HIS E 167 10.43 10.02 -6.84
N GLY E 168 9.28 10.62 -7.09
CA GLY E 168 8.43 11.19 -6.02
C GLY E 168 8.60 12.64 -5.52
N TYR E 169 7.49 13.27 -5.12
CA TYR E 169 7.49 14.65 -4.57
C TYR E 169 8.77 15.07 -3.77
N GLU E 170 8.99 14.44 -2.62
CA GLU E 170 10.14 14.76 -1.76
C GLU E 170 11.49 14.82 -2.45
N GLU E 171 11.80 13.88 -3.34
CA GLU E 171 13.06 13.99 -4.09
C GLU E 171 13.18 15.26 -4.94
N SER E 172 12.08 15.68 -5.58
CA SER E 172 11.99 16.90 -6.48
C SER E 172 12.39 18.18 -5.79
N VAL E 173 11.70 18.42 -4.67
CA VAL E 173 12.09 19.36 -3.65
C VAL E 173 13.60 19.34 -3.29
N ALA E 174 14.19 18.19 -2.96
CA ALA E 174 15.66 18.15 -2.73
C ALA E 174 16.39 18.59 -4.01
N ARG E 175 16.03 18.00 -5.13
CA ARG E 175 16.63 18.43 -6.35
C ARG E 175 16.48 19.95 -6.58
N LEU E 176 15.38 20.54 -6.14
CA LEU E 176 15.28 21.94 -6.39
C LEU E 176 16.08 22.77 -5.41
N ARG E 177 16.16 22.35 -4.15
CA ARG E 177 16.95 23.09 -3.15
C ARG E 177 18.43 23.12 -3.48
N ALA E 178 18.95 21.98 -3.91
CA ALA E 178 20.29 21.98 -4.47
C ALA E 178 20.41 23.08 -5.55
N ALA E 179 19.36 23.23 -6.38
CA ALA E 179 19.44 24.18 -7.51
C ALA E 179 19.39 25.60 -7.01
N ARG E 180 18.55 25.81 -6.02
CA ARG E 180 18.54 27.09 -5.34
C ARG E 180 19.95 27.41 -4.81
N ASP E 181 20.57 26.45 -4.12
CA ASP E 181 21.89 26.63 -3.48
C ASP E 181 22.97 26.81 -4.53
N ALA E 182 22.69 26.41 -5.79
CA ALA E 182 23.71 26.72 -6.79
C ALA E 182 23.56 28.12 -7.38
N GLY E 183 22.50 28.86 -7.02
CA GLY E 183 22.35 30.18 -7.58
C GLY E 183 21.22 30.39 -8.57
N ALA E 184 20.51 29.34 -8.93
CA ALA E 184 19.26 29.46 -9.70
C ALA E 184 18.30 30.45 -9.06
N ASP E 185 17.58 31.10 -9.94
CA ASP E 185 16.76 32.26 -9.61
C ASP E 185 15.28 31.98 -9.31
N VAL E 186 14.75 30.91 -9.89
CA VAL E 186 13.35 30.57 -9.87
C VAL E 186 13.25 29.07 -9.83
N GLY E 187 12.26 28.53 -9.11
CA GLY E 187 12.00 27.06 -9.11
C GLY E 187 10.88 26.63 -10.06
N PHE E 188 11.02 25.48 -10.71
CA PHE E 188 10.05 24.99 -11.72
C PHE E 188 9.79 23.47 -11.41
N LEU E 189 8.78 23.21 -10.57
CA LEU E 189 8.36 21.84 -10.30
C LEU E 189 7.42 21.39 -11.41
N GLU E 190 7.95 20.70 -12.39
CA GLU E 190 7.17 20.37 -13.54
C GLU E 190 6.03 19.44 -13.20
N GLY E 191 4.88 19.65 -13.82
CA GLY E 191 3.85 18.64 -13.83
C GLY E 191 3.39 18.28 -12.42
N ILE E 192 3.33 19.30 -11.53
CA ILE E 192 2.66 19.24 -10.21
C ILE E 192 1.29 18.52 -10.37
N THR E 193 0.93 17.63 -9.45
CA THR E 193 -0.20 16.72 -9.73
C THR E 193 -1.55 17.03 -9.07
N SER E 194 -1.55 17.94 -8.09
CA SER E 194 -2.74 18.30 -7.30
C SER E 194 -2.49 19.69 -6.72
N ARG E 195 -3.52 20.36 -6.44
CA ARG E 195 -3.34 21.67 -5.89
C ARG E 195 -3.02 21.61 -4.42
N GLU E 196 -3.09 20.52 -3.87
CA GLU E 196 -2.58 20.42 -2.52
C GLU E 196 -1.00 20.44 -2.57
N MET E 197 -0.39 19.80 -3.58
CA MET E 197 1.04 19.86 -3.75
C MET E 197 1.40 21.31 -4.03
N ALA E 198 0.64 21.93 -4.92
CA ALA E 198 0.93 23.27 -5.37
C ALA E 198 1.21 24.13 -4.12
N ARG E 199 0.21 24.24 -3.29
CA ARG E 199 0.33 25.00 -2.08
C ARG E 199 1.52 24.50 -1.22
N GLN E 200 1.75 23.19 -1.16
CA GLN E 200 2.83 22.62 -0.28
C GLN E 200 4.27 23.00 -0.71
N VAL E 201 4.46 23.11 -2.01
CA VAL E 201 5.77 23.33 -2.62
C VAL E 201 6.11 24.80 -2.44
N ILE E 202 5.07 25.63 -2.36
CA ILE E 202 5.22 27.08 -2.15
C ILE E 202 5.68 27.43 -0.76
N GLN E 203 5.17 26.75 0.25
CA GLN E 203 5.79 26.92 1.56
C GLN E 203 7.14 26.16 1.70
N ASP E 204 7.25 24.91 1.27
CA ASP E 204 8.59 24.29 1.23
C ASP E 204 9.76 25.21 0.68
N LEU E 205 9.48 26.08 -0.28
CA LEU E 205 10.52 26.96 -0.76
C LEU E 205 10.05 28.41 -0.55
N ALA E 206 9.62 28.74 0.65
CA ALA E 206 9.04 30.06 0.79
C ALA E 206 10.15 31.09 0.62
N GLY E 207 9.82 32.18 -0.05
CA GLY E 207 10.76 33.25 -0.27
C GLY E 207 11.59 33.00 -1.48
N TRP E 208 11.34 31.96 -2.23
CA TRP E 208 12.09 31.75 -3.46
C TRP E 208 11.10 31.62 -4.60
N PRO E 209 11.26 32.40 -5.65
CA PRO E 209 10.12 32.46 -6.53
C PRO E 209 9.90 31.18 -7.42
N LEU E 210 8.63 30.74 -7.52
CA LEU E 210 8.26 29.50 -8.23
C LEU E 210 7.35 29.74 -9.45
N LEU E 211 7.45 28.83 -10.41
CA LEU E 211 6.75 28.93 -11.70
C LEU E 211 5.75 27.79 -11.85
N LEU E 212 4.53 28.14 -12.24
CA LEU E 212 3.51 27.13 -12.53
C LEU E 212 3.47 26.91 -14.00
N ASN E 213 3.69 25.67 -14.38
CA ASN E 213 3.57 25.33 -15.76
C ASN E 213 2.19 24.84 -16.12
N MET E 214 1.36 25.77 -16.56
CA MET E 214 -0.01 25.46 -16.91
C MET E 214 -0.27 24.86 -18.33
N VAL E 215 0.22 23.63 -18.50
CA VAL E 215 -0.07 22.82 -19.68
C VAL E 215 -1.34 22.04 -19.32
N GLU E 216 -2.42 22.21 -20.07
CA GLU E 216 -3.67 21.57 -19.66
C GLU E 216 -3.78 20.10 -20.12
N HIS E 217 -4.56 19.33 -19.34
CA HIS E 217 -4.96 17.95 -19.59
C HIS E 217 -3.82 16.94 -19.57
N GLY E 218 -2.77 17.22 -18.80
CA GLY E 218 -1.79 16.20 -18.49
C GLY E 218 -1.82 15.83 -17.01
N ALA E 219 -0.70 16.01 -16.33
CA ALA E 219 -0.63 15.70 -14.90
C ALA E 219 -1.08 16.82 -14.02
N THR E 220 -1.25 18.02 -14.59
CA THR E 220 -1.53 19.20 -13.77
C THR E 220 -2.97 19.63 -13.85
N PRO E 221 -3.61 19.79 -12.69
CA PRO E 221 -4.99 20.23 -12.68
C PRO E 221 -5.08 21.67 -13.16
N SER E 222 -6.22 22.01 -13.72
CA SER E 222 -6.35 23.32 -14.29
C SER E 222 -6.29 24.38 -13.21
N ILE E 223 -5.47 25.41 -13.41
CA ILE E 223 -5.33 26.46 -12.39
C ILE E 223 -5.08 27.78 -13.08
N SER E 224 -5.86 28.79 -12.71
CA SER E 224 -5.75 30.10 -13.31
C SER E 224 -4.74 30.98 -12.63
N ALA E 225 -4.27 31.94 -13.41
CA ALA E 225 -3.42 32.98 -12.91
C ALA E 225 -3.93 33.53 -11.61
N ALA E 226 -5.20 33.93 -11.58
CA ALA E 226 -5.76 34.54 -10.39
C ALA E 226 -5.44 33.60 -9.23
N GLU E 227 -5.79 32.34 -9.48
CA GLU E 227 -5.73 31.28 -8.51
C GLU E 227 -4.32 30.93 -8.10
N ALA E 228 -3.41 31.02 -9.07
CA ALA E 228 -1.99 30.86 -8.82
C ALA E 228 -1.32 32.03 -8.19
N LYS E 229 -1.68 33.25 -8.56
CA LYS E 229 -1.06 34.38 -7.92
C LYS E 229 -1.44 34.24 -6.49
N GLU E 230 -2.73 34.01 -6.30
CA GLU E 230 -3.27 33.72 -5.01
C GLU E 230 -2.48 32.70 -4.21
N MET E 231 -2.21 31.57 -4.84
CA MET E 231 -1.44 30.50 -4.19
C MET E 231 -0.05 30.89 -3.69
N GLY E 232 0.70 31.74 -4.42
CA GLY E 232 2.07 32.09 -4.05
C GLY E 232 3.08 32.07 -5.18
N PHE E 233 2.59 31.60 -6.32
CA PHE E 233 3.39 31.45 -7.50
C PHE E 233 3.79 32.82 -7.96
N ARG E 234 4.95 32.85 -8.60
CA ARG E 234 5.55 34.09 -9.07
C ARG E 234 5.46 34.30 -10.58
N ILE E 235 5.34 33.17 -11.31
CA ILE E 235 5.21 33.17 -12.77
C ILE E 235 4.33 32.02 -13.22
N ILE E 236 3.34 32.33 -14.07
CA ILE E 236 2.52 31.29 -14.66
C ILE E 236 2.76 31.17 -16.17
N ILE E 237 2.95 29.98 -16.70
CA ILE E 237 3.15 29.89 -18.17
C ILE E 237 2.05 29.03 -18.88
N PHE E 238 1.71 29.40 -20.11
CA PHE E 238 0.78 28.59 -20.86
C PHE E 238 1.38 28.20 -22.23
N PRO E 239 2.15 27.09 -22.28
CA PRO E 239 2.88 26.75 -23.50
C PRO E 239 1.98 26.57 -24.73
N PHE E 240 0.74 26.16 -24.53
CA PHE E 240 -0.04 25.90 -25.71
C PHE E 240 -1.10 26.93 -25.94
N ALA E 241 -0.99 28.07 -25.28
CA ALA E 241 -2.04 29.07 -25.39
C ALA E 241 -2.31 29.49 -26.84
N ALA E 242 -1.29 29.30 -27.68
CA ALA E 242 -1.31 29.79 -29.07
C ALA E 242 -1.44 28.61 -29.96
N LEU E 243 -0.55 27.63 -29.73
CA LEU E 243 -0.38 26.50 -30.56
C LEU E 243 -1.67 25.75 -30.67
N GLY E 244 -2.17 25.25 -29.56
CA GLY E 244 -3.38 24.45 -29.60
C GLY E 244 -4.54 25.03 -30.42
N PRO E 245 -4.92 26.28 -30.13
CA PRO E 245 -6.00 26.85 -30.93
C PRO E 245 -5.64 27.04 -32.37
N ALA E 246 -4.37 27.03 -32.68
CA ALA E 246 -4.01 27.23 -34.03
C ALA E 246 -4.16 25.90 -34.74
N VAL E 247 -3.66 24.84 -34.12
CA VAL E 247 -3.89 23.47 -34.57
C VAL E 247 -5.32 23.27 -35.02
N ALA E 248 -6.28 23.54 -34.14
CA ALA E 248 -7.70 23.21 -34.38
C ALA E 248 -8.30 24.16 -35.38
N ALA E 249 -7.78 25.37 -35.41
CA ALA E 249 -8.26 26.32 -36.39
C ALA E 249 -7.83 25.94 -37.78
N MET E 250 -6.58 25.44 -37.89
CA MET E 250 -5.98 25.06 -39.17
C MET E 250 -6.62 23.77 -39.58
N ARG E 251 -6.71 22.84 -38.62
CA ARG E 251 -7.37 21.53 -38.86
C ARG E 251 -8.68 21.74 -39.60
N GLU E 252 -9.52 22.58 -39.01
CA GLU E 252 -10.85 22.81 -39.53
C GLU E 252 -10.88 23.53 -40.87
N ALA E 253 -9.96 24.48 -41.09
CA ALA E 253 -9.83 25.22 -42.36
C ALA E 253 -9.38 24.35 -43.50
N MET E 254 -8.63 23.33 -43.14
CA MET E 254 -8.04 22.44 -44.12
C MET E 254 -9.07 21.47 -44.65
N GLU E 255 -9.97 21.01 -43.78
CA GLU E 255 -11.02 20.12 -44.14
C GLU E 255 -12.02 20.96 -44.85
N LYS E 256 -12.18 22.20 -44.40
CA LYS E 256 -13.04 23.11 -45.16
C LYS E 256 -12.57 23.45 -46.57
N LEU E 257 -11.27 23.69 -46.72
CA LEU E 257 -10.65 23.79 -48.03
C LEU E 257 -10.75 22.50 -48.84
N LYS E 258 -10.52 21.34 -48.18
CA LYS E 258 -10.76 20.01 -48.76
C LYS E 258 -12.08 20.06 -49.44
N ARG E 259 -13.16 20.25 -48.65
CA ARG E 259 -14.53 20.17 -49.14
C ARG E 259 -14.73 21.21 -50.21
N ASP E 260 -14.68 22.48 -49.82
CA ASP E 260 -15.07 23.59 -50.69
C ASP E 260 -14.16 23.92 -51.86
N GLY E 261 -12.85 23.79 -51.68
CA GLY E 261 -11.88 24.15 -52.75
C GLY E 261 -11.59 25.65 -52.88
N ILE E 262 -11.89 26.36 -51.81
CA ILE E 262 -11.56 27.76 -51.66
C ILE E 262 -11.72 28.00 -50.19
N PRO E 263 -10.73 28.64 -49.59
CA PRO E 263 -10.61 28.58 -48.15
C PRO E 263 -11.66 29.44 -47.45
N GLY E 264 -11.97 30.60 -48.02
CA GLY E 264 -13.01 31.47 -47.49
C GLY E 264 -12.55 32.16 -46.21
N LEU E 265 -11.47 32.93 -46.28
CA LEU E 265 -11.04 33.76 -45.15
C LEU E 265 -11.97 34.95 -44.92
N ASP E 266 -12.30 35.21 -43.67
CA ASP E 266 -12.99 36.46 -43.32
C ASP E 266 -12.46 37.71 -44.13
N LYS E 267 -13.34 38.60 -44.56
CA LYS E 267 -13.01 39.69 -45.50
C LYS E 267 -12.00 40.73 -45.02
N GLU E 268 -11.85 40.84 -43.70
CA GLU E 268 -10.86 41.70 -43.07
C GLU E 268 -9.44 41.16 -43.16
N MET E 269 -9.29 39.86 -43.42
CA MET E 269 -7.95 39.28 -43.55
C MET E 269 -7.39 39.40 -44.94
N THR E 270 -6.98 40.62 -45.28
CA THR E 270 -6.38 40.98 -46.55
C THR E 270 -4.88 40.69 -46.35
N PRO E 271 -4.10 40.58 -47.43
CA PRO E 271 -2.70 40.35 -47.11
C PRO E 271 -2.24 41.44 -46.15
N GLN E 272 -2.75 42.64 -46.42
CA GLN E 272 -2.31 43.86 -45.77
C GLN E 272 -2.54 43.89 -44.27
N MET E 273 -3.70 43.41 -43.85
CA MET E 273 -4.02 43.10 -42.47
C MET E 273 -3.05 42.03 -41.91
N LEU E 274 -2.78 40.97 -42.67
CA LEU E 274 -1.93 39.94 -42.12
C LEU E 274 -0.57 40.53 -41.93
N PHE E 275 -0.09 41.34 -42.86
CA PHE E 275 1.21 41.98 -42.67
C PHE E 275 1.28 42.99 -41.51
N ARG E 276 0.15 43.69 -41.27
CA ARG E 276 0.11 44.67 -40.23
C ARG E 276 0.18 43.96 -38.86
N VAL E 277 -0.28 42.72 -38.79
CA VAL E 277 -0.08 41.95 -37.57
C VAL E 277 1.43 41.73 -37.29
N CYS E 278 2.22 41.59 -38.35
CA CYS E 278 3.67 41.38 -38.25
C CYS E 278 4.46 42.66 -38.56
N GLY E 279 3.97 43.79 -38.08
CA GLY E 279 4.81 44.95 -38.02
C GLY E 279 5.15 45.59 -39.35
N LEU E 280 4.31 45.42 -40.35
CA LEU E 280 4.49 46.14 -41.63
C LEU E 280 4.64 47.67 -41.49
N ASP E 281 3.58 48.33 -41.07
CA ASP E 281 3.64 49.77 -40.74
C ASP E 281 4.93 50.18 -40.08
N GLU E 282 5.37 49.44 -39.07
CA GLU E 282 6.61 49.81 -38.37
C GLU E 282 7.79 49.72 -39.29
N SER E 283 7.94 48.55 -39.94
CA SER E 283 9.02 48.37 -40.85
C SER E 283 8.93 49.29 -42.09
N MET E 284 7.77 49.80 -42.44
CA MET E 284 7.73 50.74 -43.60
C MET E 284 8.27 52.05 -43.17
N LYS E 285 8.18 52.27 -41.88
CA LYS E 285 8.63 53.50 -41.30
C LYS E 285 10.15 53.48 -41.25
N VAL E 286 10.69 52.32 -40.92
CA VAL E 286 12.09 52.17 -40.89
C VAL E 286 12.74 52.61 -42.16
N ASP E 287 12.14 52.23 -43.30
CA ASP E 287 12.59 52.60 -44.64
C ASP E 287 12.48 54.09 -44.86
N ALA E 288 11.31 54.63 -44.63
CA ALA E 288 11.08 56.07 -44.85
C ALA E 288 12.03 56.96 -44.02
N GLN E 289 12.20 56.64 -42.74
CA GLN E 289 13.18 57.33 -41.85
C GLN E 289 14.61 57.35 -42.38
N ALA E 290 15.02 56.38 -43.18
CA ALA E 290 16.36 56.36 -43.74
C ALA E 290 16.41 57.24 -44.97
N GLY E 291 15.23 57.63 -45.42
CA GLY E 291 15.08 58.41 -46.63
C GLY E 291 14.76 57.55 -47.83
N GLY E 292 14.53 56.23 -47.63
CA GLY E 292 14.12 55.32 -48.69
C GLY E 292 12.79 55.73 -49.26
N ALA E 293 12.45 55.22 -50.44
CA ALA E 293 11.23 55.63 -51.17
C ALA E 293 10.41 54.41 -51.51
N ALA E 294 10.89 53.25 -51.11
CA ALA E 294 10.25 51.98 -51.37
C ALA E 294 8.74 51.97 -51.09
N PHE E 295 8.33 52.66 -50.04
CA PHE E 295 6.93 52.63 -49.70
C PHE E 295 6.18 53.92 -49.95
N ASP E 296 6.79 54.81 -50.73
CA ASP E 296 6.06 55.91 -51.34
C ASP E 296 4.70 55.41 -51.87
N GLY E 297 3.62 56.07 -51.49
CA GLY E 297 2.31 55.74 -51.98
C GLY E 297 1.52 54.84 -51.06
N GLY E 298 2.12 54.52 -49.96
CA GLY E 298 1.69 53.38 -49.21
C GLY E 298 1.75 52.12 -50.00
N VAL E 299 1.08 51.14 -49.50
CA VAL E 299 1.24 49.82 -50.02
C VAL E 299 -0.08 49.20 -50.49
N ASP E 300 -1.12 50.05 -50.55
CA ASP E 300 -2.50 49.55 -50.65
C ASP E 300 -3.09 49.65 -52.01
N LEU E 301 -3.97 48.71 -52.34
CA LEU E 301 -4.44 48.64 -53.74
C LEU E 301 -5.69 49.45 -53.95
N PRO F 1 18.97 4.78 -55.91
CA PRO F 1 17.87 4.64 -54.95
C PRO F 1 17.38 5.88 -54.07
N MET F 2 17.94 7.08 -54.14
CA MET F 2 17.17 8.23 -53.55
C MET F 2 16.15 8.74 -54.56
N VAL F 3 15.03 9.28 -54.05
CA VAL F 3 13.86 9.53 -54.92
C VAL F 3 13.15 10.85 -54.55
N THR F 4 12.75 11.66 -55.57
CA THR F 4 12.15 12.96 -55.24
C THR F 4 10.79 13.15 -55.81
N ALA F 5 9.91 13.71 -54.96
CA ALA F 5 8.62 14.15 -55.41
C ALA F 5 8.69 14.98 -56.73
N ALA F 6 9.79 15.70 -56.97
CA ALA F 6 10.04 16.37 -58.24
C ALA F 6 9.78 15.53 -59.50
N THR F 7 10.08 14.26 -59.46
CA THR F 7 9.90 13.50 -60.68
C THR F 7 8.46 13.17 -60.92
N SER F 8 7.81 12.62 -59.88
CA SER F 8 6.43 12.19 -60.04
C SER F 8 5.51 13.38 -60.32
N LEU F 9 5.95 14.57 -59.92
CA LEU F 9 5.28 15.85 -60.24
C LEU F 9 5.65 16.36 -61.62
N ARG F 10 6.85 16.10 -62.07
CA ARG F 10 7.17 16.56 -63.40
C ARG F 10 6.37 15.73 -64.37
N ARG F 11 6.17 14.48 -64.02
CA ARG F 11 5.40 13.62 -64.87
C ARG F 11 3.90 13.88 -64.77
N ALA F 12 3.45 14.28 -63.57
CA ALA F 12 2.05 14.62 -63.36
C ALA F 12 1.67 15.79 -64.25
N LEU F 13 2.57 16.75 -64.40
CA LEU F 13 2.38 17.90 -65.30
C LEU F 13 2.42 17.56 -66.80
N GLU F 14 3.05 16.44 -67.16
CA GLU F 14 3.14 16.01 -68.58
C GLU F 14 1.78 15.42 -69.03
N ASN F 15 1.08 14.84 -68.06
CA ASN F 15 -0.29 14.44 -68.24
C ASN F 15 -1.14 15.68 -68.16
N PRO F 16 -1.94 15.91 -69.23
CA PRO F 16 -2.78 17.11 -69.34
C PRO F 16 -3.97 17.05 -68.39
N ASP F 17 -4.33 15.84 -67.95
CA ASP F 17 -5.55 15.65 -67.18
C ASP F 17 -5.25 15.90 -65.72
N SER F 18 -3.99 16.08 -65.31
CA SER F 18 -3.76 16.18 -63.88
C SER F 18 -3.99 17.59 -63.38
N PHE F 19 -4.48 17.71 -62.15
CA PHE F 19 -4.68 19.00 -61.56
C PHE F 19 -4.20 19.04 -60.15
N ILE F 20 -3.23 19.92 -59.94
CA ILE F 20 -2.55 20.01 -58.68
C ILE F 20 -3.18 21.07 -57.84
N VAL F 21 -3.63 20.66 -56.66
CA VAL F 21 -4.21 21.58 -55.65
C VAL F 21 -3.27 21.69 -54.45
N ALA F 22 -2.67 22.83 -54.23
CA ALA F 22 -1.67 22.93 -53.17
C ALA F 22 -1.97 23.97 -52.05
N PRO F 23 -2.40 23.51 -50.86
CA PRO F 23 -2.57 24.51 -49.79
C PRO F 23 -1.26 25.17 -49.31
N GLY F 24 -1.35 26.42 -48.85
CA GLY F 24 -0.21 27.18 -48.34
C GLY F 24 0.08 26.75 -46.90
N VAL F 25 1.26 26.16 -46.71
CA VAL F 25 1.73 25.71 -45.41
C VAL F 25 2.94 26.59 -45.18
N TYR F 26 3.30 26.88 -43.91
CA TYR F 26 4.39 27.86 -43.63
C TYR F 26 5.34 27.48 -42.48
N ASP F 27 5.09 26.31 -41.93
CA ASP F 27 5.93 25.76 -40.91
C ASP F 27 5.46 24.33 -40.70
N GLY F 28 6.06 23.66 -39.71
CA GLY F 28 5.81 22.23 -39.49
C GLY F 28 4.40 21.84 -39.10
N LEU F 29 3.76 22.61 -38.21
CA LEU F 29 2.37 22.33 -37.80
C LEU F 29 1.41 22.46 -39.00
N SER F 30 1.50 23.59 -39.70
CA SER F 30 0.73 23.82 -40.88
C SER F 30 0.96 22.70 -41.87
N ALA F 31 2.16 22.20 -42.02
CA ALA F 31 2.33 21.03 -42.87
C ALA F 31 1.64 19.75 -42.32
N ARG F 32 1.77 19.47 -41.02
CA ARG F 32 1.22 18.19 -40.54
C ARG F 32 -0.28 18.22 -40.53
N VAL F 33 -0.81 19.39 -40.18
CA VAL F 33 -2.24 19.64 -40.30
C VAL F 33 -2.77 19.53 -41.75
N ALA F 34 -2.11 20.12 -42.73
CA ALA F 34 -2.53 19.95 -44.10
C ALA F 34 -2.49 18.51 -44.57
N LEU F 35 -1.41 17.80 -44.27
CA LEU F 35 -1.34 16.40 -44.72
C LEU F 35 -2.41 15.49 -44.07
N SER F 36 -2.70 15.69 -42.79
CA SER F 36 -3.85 15.00 -42.20
C SER F 36 -5.17 15.25 -42.91
N ALA F 37 -5.42 16.48 -43.36
CA ALA F 37 -6.63 16.77 -44.17
C ALA F 37 -6.72 15.93 -45.46
N GLY F 38 -5.55 15.46 -45.96
CA GLY F 38 -5.42 14.57 -47.08
C GLY F 38 -4.96 15.17 -48.41
N PHE F 39 -4.30 16.32 -48.41
CA PHE F 39 -3.76 16.98 -49.63
C PHE F 39 -2.55 16.25 -50.21
N ASP F 40 -2.46 16.18 -51.54
CA ASP F 40 -1.37 15.50 -52.24
C ASP F 40 -0.31 16.44 -52.80
N ALA F 41 -0.30 17.70 -52.35
CA ALA F 41 0.72 18.68 -52.77
C ALA F 41 0.70 19.74 -51.72
N LEU F 42 1.80 20.44 -51.45
CA LEU F 42 1.85 21.58 -50.48
C LEU F 42 2.54 22.76 -51.14
N TYR F 43 2.15 23.98 -50.81
CA TYR F 43 2.92 25.19 -51.23
C TYR F 43 3.53 25.83 -50.00
N MET F 44 4.86 25.97 -49.96
CA MET F 44 5.54 26.78 -48.95
C MET F 44 5.46 28.29 -49.31
N THR F 45 4.76 29.05 -48.49
CA THR F 45 4.59 30.43 -48.75
C THR F 45 5.72 31.24 -48.21
N GLY F 46 6.39 31.95 -49.12
CA GLY F 46 7.26 33.09 -48.73
C GLY F 46 6.69 34.00 -47.60
N ALA F 47 5.64 34.76 -47.89
CA ALA F 47 4.98 35.56 -46.88
C ALA F 47 4.88 34.89 -45.53
N GLY F 48 4.37 33.67 -45.55
CA GLY F 48 4.06 32.92 -44.34
C GLY F 48 5.32 32.58 -43.60
N THR F 49 6.40 32.34 -44.36
CA THR F 49 7.70 31.96 -43.81
C THR F 49 8.33 33.18 -43.16
N ALA F 50 8.31 34.36 -43.81
CA ALA F 50 8.76 35.57 -43.14
C ALA F 50 8.04 35.71 -41.78
N ALA F 51 6.74 35.51 -41.76
CA ALA F 51 6.01 35.76 -40.55
C ALA F 51 6.26 34.69 -39.46
N SER F 52 6.47 33.45 -39.86
CA SER F 52 6.68 32.45 -38.86
C SER F 52 8.09 32.46 -38.32
N VAL F 53 9.05 32.37 -39.22
CA VAL F 53 10.46 32.44 -38.88
C VAL F 53 10.90 33.80 -38.36
N HIS F 54 10.40 34.91 -38.90
CA HIS F 54 10.91 36.20 -38.47
C HIS F 54 9.94 37.08 -37.69
N GLY F 55 8.65 36.71 -37.62
CA GLY F 55 7.65 37.61 -37.05
C GLY F 55 7.62 38.92 -37.82
N GLN F 56 7.85 38.82 -39.12
CA GLN F 56 8.06 39.96 -39.97
C GLN F 56 7.24 39.88 -41.31
N ALA F 57 6.88 41.03 -41.88
CA ALA F 57 6.13 41.01 -43.15
C ALA F 57 6.92 40.54 -44.42
N ASP F 58 6.16 40.26 -45.50
CA ASP F 58 6.64 39.76 -46.80
C ASP F 58 7.32 40.89 -47.53
N LEU F 59 8.59 41.07 -47.21
CA LEU F 59 9.35 42.20 -47.70
C LEU F 59 10.82 41.86 -48.08
N GLY F 60 11.04 40.61 -48.45
CA GLY F 60 12.39 40.15 -48.80
C GLY F 60 13.26 40.05 -47.59
N ILE F 61 12.67 39.94 -46.38
CA ILE F 61 13.45 39.76 -45.17
C ILE F 61 14.14 38.39 -45.21
N CYS F 62 13.48 37.34 -45.71
CA CYS F 62 14.09 35.98 -45.72
C CYS F 62 15.32 35.85 -46.59
N THR F 63 16.34 35.15 -46.09
CA THR F 63 17.45 34.74 -46.95
C THR F 63 17.30 33.33 -47.55
N LEU F 64 18.18 32.99 -48.49
CA LEU F 64 18.19 31.64 -49.07
C LEU F 64 18.28 30.64 -47.91
N ASN F 65 19.26 30.88 -47.04
CA ASN F 65 19.42 30.15 -45.81
C ASN F 65 18.11 29.84 -45.13
N ASP F 66 17.25 30.85 -44.99
CA ASP F 66 15.99 30.76 -44.29
C ASP F 66 15.00 29.94 -45.05
N MET F 67 14.84 30.28 -46.34
CA MET F 67 13.83 29.69 -47.15
C MET F 67 14.15 28.22 -47.37
N ARG F 68 15.41 27.92 -47.72
CA ARG F 68 15.83 26.54 -48.06
C ARG F 68 15.62 25.60 -46.86
N ALA F 69 16.04 26.08 -45.68
CA ALA F 69 15.84 25.38 -44.41
C ALA F 69 14.41 24.93 -44.22
N ASN F 70 13.51 25.90 -44.35
CA ASN F 70 12.08 25.69 -44.24
C ASN F 70 11.50 24.78 -45.30
N ALA F 71 11.87 25.03 -46.56
CA ALA F 71 11.42 24.14 -47.62
C ALA F 71 11.93 22.71 -47.47
N GLU F 72 13.08 22.51 -46.91
CA GLU F 72 13.63 21.15 -46.84
C GLU F 72 12.90 20.30 -45.81
N MET F 73 12.53 20.96 -44.72
CA MET F 73 11.76 20.27 -43.69
C MET F 73 10.31 20.01 -44.14
N ILE F 74 9.65 21.01 -44.71
CA ILE F 74 8.35 20.78 -45.33
C ILE F 74 8.38 19.67 -46.39
N SER F 75 9.37 19.68 -47.28
CA SER F 75 9.40 18.60 -48.28
C SER F 75 9.46 17.18 -47.72
N ASN F 76 9.79 17.06 -46.43
CA ASN F 76 10.31 15.82 -45.87
C ASN F 76 9.53 15.13 -44.75
N ILE F 77 8.46 15.77 -44.33
CA ILE F 77 7.42 15.14 -43.55
C ILE F 77 6.75 14.09 -44.43
N SER F 78 6.40 14.47 -45.65
CA SER F 78 6.01 13.46 -46.60
C SER F 78 6.90 13.58 -47.85
N PRO F 79 8.00 12.81 -47.92
CA PRO F 79 8.90 12.88 -49.08
C PRO F 79 8.18 12.51 -50.39
N SER F 80 7.12 11.73 -50.29
CA SER F 80 6.40 11.47 -51.53
C SER F 80 5.39 12.54 -51.86
N THR F 81 5.06 13.45 -50.97
CA THR F 81 4.17 14.52 -51.39
C THR F 81 5.00 15.59 -52.06
N PRO F 82 4.65 15.96 -53.31
CA PRO F 82 5.31 17.15 -53.93
C PRO F 82 5.09 18.45 -53.13
N VAL F 83 6.19 19.19 -52.86
CA VAL F 83 6.18 20.53 -52.29
C VAL F 83 6.73 21.55 -53.29
N ILE F 84 5.93 22.61 -53.53
CA ILE F 84 6.24 23.79 -54.32
C ILE F 84 6.64 24.89 -53.34
N ALA F 85 7.85 25.41 -53.50
CA ALA F 85 8.38 26.36 -52.54
C ALA F 85 8.63 27.65 -53.24
N ASP F 86 8.19 28.73 -52.58
CA ASP F 86 8.52 30.07 -52.96
C ASP F 86 10.08 30.16 -53.01
N ALA F 87 10.61 30.89 -53.98
CA ALA F 87 12.07 31.13 -54.05
C ALA F 87 12.34 32.59 -54.35
N ASP F 88 11.28 33.41 -54.25
CA ASP F 88 11.36 34.86 -54.36
C ASP F 88 12.01 35.18 -55.69
N THR F 89 13.18 35.80 -55.69
CA THR F 89 13.88 36.12 -56.92
C THR F 89 15.12 35.28 -57.09
N GLY F 90 15.34 34.28 -56.25
CA GLY F 90 16.57 33.42 -56.31
C GLY F 90 17.81 33.98 -55.63
N TYR F 91 17.57 34.95 -54.77
CA TYR F 91 18.54 35.51 -53.89
C TYR F 91 19.81 35.98 -54.51
N GLY F 92 19.75 36.59 -55.70
CA GLY F 92 20.92 37.22 -56.35
C GLY F 92 21.04 37.02 -57.87
N GLY F 93 22.24 36.86 -58.40
CA GLY F 93 22.38 36.76 -59.84
C GLY F 93 22.44 35.30 -60.16
N PRO F 94 22.76 34.98 -61.44
CA PRO F 94 22.90 33.55 -61.82
C PRO F 94 23.42 32.71 -60.68
N ILE F 95 24.59 33.08 -60.15
CA ILE F 95 25.33 32.32 -59.15
C ILE F 95 24.39 31.81 -58.08
N MET F 96 23.70 32.73 -57.39
CA MET F 96 22.76 32.43 -56.31
C MET F 96 21.55 31.65 -56.76
N VAL F 97 21.00 31.98 -57.92
CA VAL F 97 19.92 31.21 -58.49
C VAL F 97 20.32 29.73 -58.67
N ALA F 98 21.57 29.54 -59.11
CA ALA F 98 22.15 28.21 -59.19
C ALA F 98 22.17 27.61 -57.77
N ARG F 99 22.66 28.32 -56.78
CA ARG F 99 22.73 27.64 -55.49
C ARG F 99 21.32 27.28 -54.98
N THR F 100 20.39 28.21 -55.14
CA THR F 100 19.02 27.97 -54.77
C THR F 100 18.46 26.71 -55.41
N THR F 101 18.68 26.58 -56.72
CA THR F 101 18.08 25.53 -57.49
C THR F 101 18.73 24.24 -57.01
N GLU F 102 20.04 24.25 -56.87
CA GLU F 102 20.80 23.12 -56.30
C GLU F 102 20.34 22.66 -54.87
N GLN F 103 20.18 23.63 -53.97
CA GLN F 103 19.86 23.33 -52.58
C GLN F 103 18.45 22.79 -52.44
N TYR F 104 17.51 23.57 -52.97
CA TYR F 104 16.12 23.13 -53.14
C TYR F 104 15.94 21.69 -53.77
N SER F 105 16.62 21.45 -54.89
CA SER F 105 16.90 20.12 -55.40
C SER F 105 17.28 19.08 -54.33
N ARG F 106 18.51 19.17 -53.79
CA ARG F 106 18.94 18.23 -52.73
C ARG F 106 17.99 18.11 -51.52
N SER F 107 17.19 19.15 -51.30
CA SER F 107 16.33 19.19 -50.15
C SER F 107 15.04 18.37 -50.34
N GLY F 108 14.57 18.30 -51.57
CA GLY F 108 13.48 17.41 -51.82
C GLY F 108 12.37 18.25 -52.37
N VAL F 109 12.66 19.52 -52.70
CA VAL F 109 11.60 20.43 -53.10
C VAL F 109 11.12 20.03 -54.46
N ALA F 110 9.82 19.75 -54.57
CA ALA F 110 9.27 19.31 -55.87
C ALA F 110 9.34 20.41 -56.98
N ALA F 111 8.91 21.64 -56.68
CA ALA F 111 8.93 22.75 -57.65
C ALA F 111 9.32 24.01 -56.92
N PHE F 112 9.65 25.05 -57.64
CA PHE F 112 9.88 26.29 -56.99
C PHE F 112 9.59 27.48 -57.90
N HIS F 113 9.35 28.66 -57.35
CA HIS F 113 9.09 29.85 -58.25
C HIS F 113 10.04 31.03 -58.20
N ILE F 114 10.38 31.56 -59.38
CA ILE F 114 11.18 32.79 -59.47
C ILE F 114 10.46 34.02 -60.10
N GLU F 115 10.46 35.15 -59.38
CA GLU F 115 9.80 36.37 -59.86
C GLU F 115 10.70 37.44 -60.57
N ASP F 116 10.08 38.50 -61.07
CA ASP F 116 10.86 39.52 -61.77
C ASP F 116 11.01 40.83 -61.00
N GLN F 117 10.82 40.78 -59.68
CA GLN F 117 11.10 41.93 -58.81
C GLN F 117 12.58 42.07 -58.50
N VAL F 118 12.92 43.25 -57.98
CA VAL F 118 14.18 43.55 -57.35
C VAL F 118 14.34 42.55 -56.20
N GLN F 119 15.55 42.38 -55.70
CA GLN F 119 15.72 41.36 -54.70
C GLN F 119 15.01 41.68 -53.32
N THR F 120 14.92 42.95 -52.96
CA THR F 120 14.15 43.35 -51.78
C THR F 120 12.68 43.45 -52.11
N LYS F 121 12.15 42.32 -52.55
CA LYS F 121 10.78 42.19 -52.97
C LYS F 121 9.83 42.41 -51.83
N ARG F 122 8.63 42.77 -52.23
CA ARG F 122 7.48 42.79 -51.38
C ARG F 122 6.51 41.76 -51.95
N CYS F 123 5.59 41.29 -51.12
CA CYS F 123 4.44 40.49 -51.56
C CYS F 123 3.70 41.07 -52.76
N GLY F 124 3.31 40.17 -53.68
CA GLY F 124 2.82 40.58 -54.98
C GLY F 124 1.38 41.02 -55.00
N HIS F 125 0.80 41.31 -53.83
CA HIS F 125 -0.48 42.06 -53.75
C HIS F 125 -0.34 43.39 -53.03
N LEU F 126 0.84 43.93 -52.94
CA LEU F 126 1.00 45.25 -52.42
C LEU F 126 1.31 46.19 -53.55
N ALA F 127 0.73 47.38 -53.49
CA ALA F 127 1.21 48.53 -54.17
C ALA F 127 2.68 48.77 -54.17
N GLY F 128 3.13 49.32 -55.27
CA GLY F 128 4.48 49.88 -55.44
C GLY F 128 5.58 48.91 -55.73
N LYS F 129 5.26 47.75 -56.34
CA LYS F 129 6.25 46.72 -56.62
C LYS F 129 7.24 47.28 -57.60
N ILE F 130 8.51 46.98 -57.37
CA ILE F 130 9.56 47.49 -58.23
C ILE F 130 10.14 46.28 -58.97
N LEU F 131 10.19 46.32 -60.30
CA LEU F 131 10.73 45.15 -61.01
C LEU F 131 12.12 45.38 -61.55
N VAL F 132 12.73 44.28 -61.98
CA VAL F 132 14.00 44.27 -62.72
C VAL F 132 13.63 44.12 -64.17
N ASP F 133 14.58 44.34 -65.10
CA ASP F 133 14.20 44.20 -66.55
C ASP F 133 14.26 42.78 -67.10
N THR F 134 13.67 42.61 -68.29
CA THR F 134 13.51 41.30 -68.92
C THR F 134 14.77 40.47 -69.09
N ASP F 135 15.85 41.05 -69.61
CA ASP F 135 17.11 40.31 -69.64
C ASP F 135 17.46 39.84 -68.20
N THR F 136 17.53 40.80 -67.25
CA THR F 136 17.94 40.51 -65.89
C THR F 136 17.09 39.34 -65.45
N TYR F 137 15.81 39.42 -65.80
CA TYR F 137 14.83 38.41 -65.48
C TYR F 137 14.94 37.07 -66.14
N VAL F 138 15.14 37.04 -67.47
CA VAL F 138 15.30 35.75 -68.18
C VAL F 138 16.54 35.01 -67.73
N THR F 139 17.60 35.78 -67.54
CA THR F 139 18.80 35.34 -66.86
C THR F 139 18.50 34.50 -65.63
N ARG F 140 17.63 34.98 -64.75
CA ARG F 140 17.30 34.20 -63.55
C ARG F 140 16.75 32.83 -63.94
N ILE F 141 15.85 32.80 -64.91
CA ILE F 141 15.26 31.57 -65.41
C ILE F 141 16.30 30.66 -66.04
N ARG F 142 17.13 31.21 -66.91
CA ARG F 142 18.08 30.38 -67.64
C ARG F 142 19.09 29.68 -66.71
N ALA F 143 19.30 30.33 -65.57
CA ALA F 143 20.30 29.92 -64.62
C ALA F 143 19.74 28.78 -63.81
N ALA F 144 18.48 28.89 -63.42
CA ALA F 144 17.76 27.82 -62.76
C ALA F 144 17.68 26.64 -63.68
N VAL F 145 17.24 26.84 -64.94
CA VAL F 145 17.22 25.68 -65.85
C VAL F 145 18.65 25.12 -66.08
N GLN F 146 19.62 25.90 -66.52
CA GLN F 146 20.99 25.36 -66.56
C GLN F 146 21.47 24.74 -65.20
N ALA F 147 21.11 25.36 -64.06
CA ALA F 147 21.47 24.78 -62.76
C ALA F 147 20.98 23.36 -62.59
N ARG F 148 19.70 23.11 -62.87
CA ARG F 148 19.15 21.75 -62.65
C ARG F 148 19.73 20.67 -63.58
N GLN F 149 19.86 21.01 -64.86
CA GLN F 149 20.36 20.05 -65.82
C GLN F 149 21.77 19.57 -65.45
N ARG F 150 22.67 20.54 -65.20
CA ARG F 150 24.03 20.25 -64.75
C ARG F 150 24.02 19.20 -63.66
N ILE F 151 23.00 19.22 -62.80
CA ILE F 151 23.00 18.24 -61.75
C ILE F 151 22.08 17.08 -61.94
N GLY F 152 21.11 17.16 -62.86
CA GLY F 152 20.24 16.01 -63.17
C GLY F 152 18.93 15.91 -62.39
N SER F 153 18.51 17.04 -61.84
CA SER F 153 17.29 17.07 -61.05
C SER F 153 16.05 17.35 -61.91
N ASP F 154 14.94 16.66 -61.60
CA ASP F 154 13.66 16.96 -62.21
C ASP F 154 12.97 18.23 -61.64
N ILE F 155 13.59 18.98 -60.73
CA ILE F 155 12.85 20.11 -60.07
C ILE F 155 12.10 20.96 -61.10
N VAL F 156 10.89 21.40 -60.75
CA VAL F 156 10.06 22.20 -61.66
C VAL F 156 10.32 23.69 -61.44
N VAL F 157 10.76 24.37 -62.49
CA VAL F 157 11.08 25.78 -62.46
C VAL F 157 9.88 26.58 -62.88
N ILE F 158 9.10 26.99 -61.90
CA ILE F 158 7.94 27.85 -62.15
C ILE F 158 8.39 29.33 -62.25
N ALA F 159 8.00 30.01 -63.34
CA ALA F 159 8.42 31.40 -63.65
C ALA F 159 7.26 32.33 -63.34
N ARG F 160 7.49 33.36 -62.53
CA ARG F 160 6.37 34.22 -62.10
C ARG F 160 6.61 35.65 -62.53
N THR F 161 5.56 36.35 -62.93
CA THR F 161 5.75 37.78 -63.12
C THR F 161 4.83 38.61 -62.28
N ASP F 162 5.43 39.63 -61.65
CA ASP F 162 4.79 40.63 -60.79
C ASP F 162 4.50 41.91 -61.55
N SER F 163 4.43 41.78 -62.87
CA SER F 163 4.53 42.93 -63.70
C SER F 163 3.21 43.35 -64.25
N LEU F 164 2.16 42.62 -63.87
CA LEU F 164 0.80 43.01 -64.26
C LEU F 164 0.43 44.39 -63.73
N GLN F 165 0.54 44.58 -62.41
CA GLN F 165 0.18 45.86 -61.77
C GLN F 165 1.04 47.01 -62.30
N THR F 166 2.27 46.75 -62.78
CA THR F 166 3.25 47.82 -63.13
C THR F 166 3.46 48.21 -64.65
N HIS F 167 3.20 47.24 -65.55
CA HIS F 167 3.35 47.36 -67.02
C HIS F 167 2.14 46.76 -67.79
N GLY F 168 1.06 46.45 -67.07
CA GLY F 168 -0.17 46.01 -67.75
C GLY F 168 -0.09 44.54 -68.15
N TYR F 169 -1.18 44.09 -68.77
CA TYR F 169 -1.35 42.70 -69.22
C TYR F 169 -0.40 42.18 -70.28
N GLU F 170 -0.22 42.95 -71.36
CA GLU F 170 0.52 42.48 -72.52
C GLU F 170 2.03 42.29 -72.24
N GLU F 171 2.70 43.34 -71.77
CA GLU F 171 4.10 43.17 -71.33
C GLU F 171 4.16 42.07 -70.28
N SER F 172 3.04 41.82 -69.60
CA SER F 172 3.03 40.74 -68.59
C SER F 172 3.27 39.37 -69.16
N VAL F 173 2.55 39.10 -70.24
CA VAL F 173 2.63 37.84 -70.96
C VAL F 173 3.94 37.75 -71.79
N ALA F 174 4.36 38.87 -72.34
CA ALA F 174 5.68 39.03 -72.89
C ALA F 174 6.77 38.38 -72.02
N ARG F 175 6.72 38.69 -70.73
CA ARG F 175 7.76 38.23 -69.86
C ARG F 175 7.63 36.73 -69.58
N LEU F 176 6.43 36.28 -69.22
CA LEU F 176 6.15 34.85 -69.12
C LEU F 176 6.61 34.06 -70.40
N ARG F 177 6.39 34.64 -71.59
CA ARG F 177 6.79 34.00 -72.87
C ARG F 177 8.28 33.85 -72.96
N ALA F 178 9.02 34.90 -72.57
CA ALA F 178 10.47 34.84 -72.59
C ALA F 178 10.93 33.70 -71.70
N ALA F 179 10.40 33.63 -70.50
CA ALA F 179 10.74 32.51 -69.61
C ALA F 179 10.30 31.05 -70.07
N ARG F 180 9.10 30.87 -70.68
CA ARG F 180 8.69 29.51 -71.18
C ARG F 180 9.79 29.07 -72.09
N ASP F 181 10.25 30.08 -72.79
CA ASP F 181 11.12 29.99 -73.90
C ASP F 181 12.50 29.69 -73.43
N ALA F 182 12.89 30.19 -72.27
CA ALA F 182 14.22 29.87 -71.79
C ALA F 182 14.22 28.61 -70.94
N GLY F 183 13.18 27.78 -71.08
CA GLY F 183 13.16 26.48 -70.42
C GLY F 183 12.26 26.27 -69.23
N ALA F 184 11.66 27.30 -68.70
CA ALA F 184 10.79 27.15 -67.53
C ALA F 184 9.69 26.14 -67.83
N ASP F 185 9.11 25.53 -66.79
CA ASP F 185 8.03 24.52 -66.94
C ASP F 185 6.60 25.01 -66.68
N VAL F 186 6.41 25.92 -65.73
CA VAL F 186 5.08 26.37 -65.34
C VAL F 186 5.07 27.88 -65.32
N GLY F 187 3.94 28.50 -65.67
CA GLY F 187 3.92 29.95 -65.74
C GLY F 187 3.02 30.43 -64.64
N PHE F 188 3.35 31.62 -64.09
CA PHE F 188 2.70 32.15 -62.90
C PHE F 188 2.43 33.63 -63.08
N LEU F 189 1.23 33.99 -63.55
CA LEU F 189 0.85 35.39 -63.68
C LEU F 189 0.33 35.76 -62.31
N GLU F 190 1.02 36.66 -61.60
CA GLU F 190 0.70 36.94 -60.22
C GLU F 190 -0.38 38.01 -60.13
N GLY F 191 -1.37 37.82 -59.26
CA GLY F 191 -2.36 38.87 -58.97
C GLY F 191 -3.35 39.16 -60.11
N ILE F 192 -3.77 38.10 -60.78
CA ILE F 192 -4.68 38.19 -61.90
C ILE F 192 -5.89 39.03 -61.52
N THR F 193 -6.16 40.10 -62.27
CA THR F 193 -7.21 41.05 -61.91
C THR F 193 -8.64 40.63 -62.18
N SER F 194 -8.87 39.55 -62.90
CA SER F 194 -10.26 39.13 -63.15
C SER F 194 -10.39 37.72 -63.72
N ARG F 195 -11.60 37.18 -63.74
CA ARG F 195 -11.77 35.83 -64.29
C ARG F 195 -11.72 35.83 -65.78
N GLU F 196 -11.94 36.98 -66.39
CA GLU F 196 -11.88 37.11 -67.84
C GLU F 196 -10.42 37.07 -68.24
N MET F 197 -9.57 37.65 -67.39
CA MET F 197 -8.13 37.54 -67.54
C MET F 197 -7.66 36.13 -67.21
N ALA F 198 -8.13 35.57 -66.10
CA ALA F 198 -7.78 34.17 -65.80
C ALA F 198 -8.07 33.27 -67.00
N ARG F 199 -9.16 33.56 -67.70
CA ARG F 199 -9.53 32.91 -68.94
C ARG F 199 -8.56 33.35 -70.05
N GLN F 200 -8.28 34.64 -70.14
CA GLN F 200 -7.46 35.14 -71.25
C GLN F 200 -6.05 34.58 -71.23
N VAL F 201 -5.34 34.71 -70.10
CA VAL F 201 -3.97 34.19 -70.05
C VAL F 201 -3.88 32.64 -70.31
N ILE F 202 -4.86 31.86 -69.84
CA ILE F 202 -4.80 30.42 -70.07
C ILE F 202 -4.71 30.23 -71.57
N GLN F 203 -5.58 30.94 -72.31
CA GLN F 203 -5.62 30.86 -73.78
C GLN F 203 -4.29 31.29 -74.45
N ASP F 204 -3.79 32.49 -74.07
CA ASP F 204 -2.61 33.07 -74.73
C ASP F 204 -1.40 32.16 -74.68
N LEU F 205 -1.26 31.40 -73.59
CA LEU F 205 -0.14 30.50 -73.38
C LEU F 205 -0.60 29.05 -73.51
N ALA F 206 -1.12 28.68 -74.69
CA ALA F 206 -1.63 27.36 -74.84
C ALA F 206 -0.47 26.40 -74.87
N GLY F 207 -0.81 25.24 -74.30
CA GLY F 207 0.06 24.09 -74.16
C GLY F 207 1.12 24.18 -73.07
N TRP F 208 0.98 25.12 -72.13
CA TRP F 208 2.01 25.30 -71.13
C TRP F 208 1.44 25.47 -69.73
N PRO F 209 1.73 24.52 -68.86
CA PRO F 209 0.99 24.38 -67.65
C PRO F 209 1.12 25.64 -66.81
N LEU F 210 0.07 26.01 -66.10
CA LEU F 210 -0.08 27.34 -65.55
C LEU F 210 -0.64 27.38 -64.14
N LEU F 211 -0.31 28.43 -63.42
CA LEU F 211 -0.41 28.47 -61.97
C LEU F 211 -1.25 29.65 -61.52
N LEU F 212 -2.13 29.40 -60.59
CA LEU F 212 -3.02 30.44 -60.18
C LEU F 212 -2.78 30.49 -58.73
N ASN F 213 -2.55 31.71 -58.26
CA ASN F 213 -2.26 31.99 -56.88
C ASN F 213 -3.50 32.63 -56.25
N MET F 214 -4.26 31.77 -55.59
CA MET F 214 -5.55 32.18 -55.11
C MET F 214 -5.34 32.77 -53.75
N VAL F 215 -4.89 34.01 -53.71
CA VAL F 215 -4.78 34.76 -52.45
C VAL F 215 -6.09 35.54 -52.41
N GLU F 216 -6.84 35.49 -51.30
CA GLU F 216 -8.16 36.14 -51.24
C GLU F 216 -8.04 37.55 -50.73
N HIS F 217 -8.89 38.45 -51.21
CA HIS F 217 -8.98 39.75 -50.57
C HIS F 217 -7.79 40.63 -50.93
N GLY F 218 -7.16 40.28 -52.04
CA GLY F 218 -6.24 41.20 -52.73
C GLY F 218 -6.84 41.53 -54.11
N ALA F 219 -6.02 41.32 -55.14
CA ALA F 219 -6.24 41.83 -56.49
C ALA F 219 -7.13 40.86 -57.31
N THR F 220 -6.87 39.57 -57.11
CA THR F 220 -7.50 38.46 -57.83
C THR F 220 -8.82 38.09 -57.17
N PRO F 221 -9.89 38.05 -57.99
CA PRO F 221 -11.20 37.82 -57.45
C PRO F 221 -11.22 36.34 -57.13
N SER F 222 -12.18 35.91 -56.34
CA SER F 222 -12.00 34.59 -55.86
C SER F 222 -12.56 33.57 -56.85
N ILE F 223 -11.78 32.52 -57.00
CA ILE F 223 -11.94 31.47 -57.97
C ILE F 223 -11.55 30.12 -57.28
N SER F 224 -12.44 29.12 -57.42
CA SER F 224 -12.33 27.84 -56.73
C SER F 224 -11.44 26.81 -57.44
N ALA F 225 -11.14 25.75 -56.68
CA ALA F 225 -10.36 24.60 -57.14
C ALA F 225 -11.03 23.97 -58.36
N ALA F 226 -12.26 23.46 -58.17
CA ALA F 226 -13.06 22.86 -59.27
C ALA F 226 -13.00 23.77 -60.49
N GLU F 227 -13.09 25.07 -60.22
CA GLU F 227 -13.29 26.05 -61.28
C GLU F 227 -12.05 26.39 -62.12
N ALA F 228 -10.88 26.55 -61.50
CA ALA F 228 -9.67 26.85 -62.27
C ALA F 228 -9.26 25.63 -63.07
N LYS F 229 -9.49 24.46 -62.46
CA LYS F 229 -9.29 23.22 -63.18
C LYS F 229 -10.13 23.40 -64.42
N GLU F 230 -11.42 23.74 -64.27
CA GLU F 230 -12.29 23.85 -65.45
C GLU F 230 -11.75 24.78 -66.53
N MET F 231 -11.11 25.86 -66.14
CA MET F 231 -10.71 26.87 -67.08
C MET F 231 -9.41 26.55 -67.80
N GLY F 232 -8.67 25.56 -67.31
CA GLY F 232 -7.44 25.11 -67.99
C GLY F 232 -6.17 25.40 -67.24
N PHE F 233 -6.27 25.75 -65.97
CA PHE F 233 -5.04 25.86 -65.16
C PHE F 233 -4.47 24.51 -64.73
N ARG F 234 -3.17 24.43 -64.53
CA ARG F 234 -2.56 23.16 -64.12
C ARG F 234 -2.34 22.97 -62.58
N ILE F 235 -2.01 24.09 -61.90
CA ILE F 235 -1.89 24.13 -60.45
C ILE F 235 -2.71 25.30 -59.82
N ILE F 236 -3.36 25.07 -58.67
CA ILE F 236 -3.94 26.19 -57.91
C ILE F 236 -3.32 26.20 -56.53
N ILE F 237 -2.74 27.34 -56.12
CA ILE F 237 -2.21 27.50 -54.76
C ILE F 237 -3.06 28.48 -53.89
N PHE F 238 -3.05 28.25 -52.58
CA PHE F 238 -3.73 29.14 -51.66
C PHE F 238 -2.79 29.53 -50.55
N PRO F 239 -1.92 30.50 -50.80
CA PRO F 239 -0.88 30.81 -49.79
C PRO F 239 -1.29 31.03 -48.27
N PHE F 240 -2.41 31.72 -47.97
CA PHE F 240 -2.76 31.96 -46.54
C PHE F 240 -3.77 30.98 -46.01
N ALA F 241 -3.75 29.78 -46.59
CA ALA F 241 -4.73 28.75 -46.24
C ALA F 241 -4.61 28.31 -44.81
N ALA F 242 -3.39 28.27 -44.27
CA ALA F 242 -3.16 27.82 -42.88
C ALA F 242 -3.06 29.01 -41.94
N LEU F 243 -2.48 30.07 -42.47
CA LEU F 243 -2.06 31.25 -41.73
C LEU F 243 -3.17 32.21 -41.39
N GLY F 244 -4.11 32.40 -42.28
CA GLY F 244 -5.21 33.30 -41.91
C GLY F 244 -5.94 32.75 -40.69
N PRO F 245 -6.41 31.46 -40.79
CA PRO F 245 -7.13 30.70 -39.76
C PRO F 245 -6.32 30.72 -38.48
N ALA F 246 -5.00 30.48 -38.62
CA ALA F 246 -4.03 30.53 -37.52
C ALA F 246 -4.09 31.83 -36.74
N VAL F 247 -4.17 32.94 -37.47
CA VAL F 247 -4.13 34.26 -36.85
C VAL F 247 -5.46 34.59 -36.18
N ALA F 248 -6.56 34.21 -36.84
CA ALA F 248 -7.84 34.54 -36.31
C ALA F 248 -7.96 33.76 -34.98
N ALA F 249 -7.73 32.44 -35.02
CA ALA F 249 -7.72 31.59 -33.83
C ALA F 249 -6.89 32.11 -32.62
N MET F 250 -5.72 32.66 -32.90
CA MET F 250 -4.78 33.00 -31.84
C MET F 250 -5.15 34.35 -31.16
N ARG F 251 -5.65 35.30 -31.95
CA ARG F 251 -6.08 36.63 -31.44
C ARG F 251 -7.21 36.40 -30.52
N GLU F 252 -8.13 35.54 -30.97
CA GLU F 252 -9.29 35.12 -30.17
C GLU F 252 -8.80 34.42 -28.90
N ALA F 253 -7.87 33.46 -29.09
CA ALA F 253 -7.28 32.68 -28.01
C ALA F 253 -6.58 33.56 -26.96
N MET F 254 -5.91 34.59 -27.43
CA MET F 254 -5.42 35.60 -26.53
C MET F 254 -6.43 36.32 -25.68
N GLU F 255 -7.64 36.60 -26.17
CA GLU F 255 -8.60 37.40 -25.40
C GLU F 255 -9.27 36.54 -24.36
N LYS F 256 -9.54 35.30 -24.73
CA LYS F 256 -10.06 34.30 -23.81
C LYS F 256 -9.04 34.03 -22.71
N LEU F 257 -7.76 34.23 -22.99
CA LEU F 257 -6.80 33.89 -21.99
C LEU F 257 -6.76 34.96 -20.89
N LYS F 258 -6.89 36.24 -21.25
CA LYS F 258 -7.06 37.26 -20.22
C LYS F 258 -8.42 37.35 -19.55
N ARG F 259 -9.51 36.96 -20.23
CA ARG F 259 -10.87 36.89 -19.62
C ARG F 259 -10.90 35.78 -18.60
N ASP F 260 -10.29 34.67 -18.94
CA ASP F 260 -10.42 33.45 -18.15
C ASP F 260 -9.15 33.10 -17.37
N GLY F 261 -8.03 33.74 -17.70
CA GLY F 261 -6.78 33.51 -17.00
C GLY F 261 -6.33 32.08 -17.13
N ILE F 262 -6.82 31.37 -18.15
CA ILE F 262 -6.34 30.02 -18.57
C ILE F 262 -6.93 29.76 -19.96
N PRO F 263 -6.20 29.01 -20.88
CA PRO F 263 -6.64 28.97 -22.28
C PRO F 263 -7.96 28.23 -22.39
N GLY F 264 -8.07 27.16 -21.64
CA GLY F 264 -9.33 26.47 -21.63
C GLY F 264 -9.46 25.66 -22.92
N LEU F 265 -8.32 25.22 -23.49
CA LEU F 265 -8.32 24.27 -24.64
C LEU F 265 -9.15 23.04 -24.27
N ASP F 266 -9.69 22.30 -25.23
CA ASP F 266 -10.56 21.19 -24.76
C ASP F 266 -9.85 19.85 -24.49
N LYS F 267 -10.57 19.01 -23.72
CA LYS F 267 -10.11 17.73 -23.16
C LYS F 267 -9.46 16.86 -24.20
N GLU F 268 -9.82 17.06 -25.46
CA GLU F 268 -9.19 16.31 -26.52
C GLU F 268 -7.76 16.80 -26.84
N MET F 269 -7.48 18.09 -26.57
CA MET F 269 -6.14 18.62 -26.84
C MET F 269 -5.12 18.42 -25.73
N THR F 270 -4.90 17.16 -25.38
CA THR F 270 -3.85 16.76 -24.47
C THR F 270 -2.55 17.09 -25.20
N PRO F 271 -1.42 17.12 -24.46
CA PRO F 271 -0.10 17.19 -25.12
C PRO F 271 0.14 16.03 -26.14
N GLN F 272 -0.17 14.81 -25.73
CA GLN F 272 -0.11 13.64 -26.64
C GLN F 272 -0.87 13.84 -27.94
N MET F 273 -2.12 14.28 -27.85
CA MET F 273 -2.87 14.59 -29.07
C MET F 273 -2.11 15.56 -30.01
N LEU F 274 -1.54 16.63 -29.46
CA LEU F 274 -0.81 17.59 -30.24
C LEU F 274 0.49 17.02 -30.76
N PHE F 275 1.14 16.17 -29.98
CA PHE F 275 2.36 15.52 -30.46
C PHE F 275 2.09 14.48 -31.56
N ARG F 276 0.98 13.74 -31.44
CA ARG F 276 0.57 12.82 -32.51
C ARG F 276 0.36 13.61 -33.78
N VAL F 277 -0.30 14.75 -33.68
CA VAL F 277 -0.34 15.70 -34.78
C VAL F 277 1.06 15.94 -35.42
N CYS F 278 2.12 15.74 -34.65
CA CYS F 278 3.48 15.91 -35.19
C CYS F 278 4.30 14.66 -35.25
N GLY F 279 3.63 13.54 -35.49
CA GLY F 279 4.30 12.29 -35.87
C GLY F 279 4.97 11.59 -34.71
N LEU F 280 4.44 11.80 -33.51
CA LEU F 280 4.91 11.16 -32.30
C LEU F 280 4.97 9.61 -32.31
N ASP F 281 4.02 8.93 -32.99
CA ASP F 281 4.04 7.47 -33.03
C ASP F 281 5.05 7.02 -34.06
N GLU F 282 5.27 7.84 -35.10
CA GLU F 282 6.26 7.49 -36.15
C GLU F 282 7.62 7.65 -35.54
N SER F 283 7.76 8.70 -34.77
CA SER F 283 8.99 8.98 -34.09
C SER F 283 9.31 7.88 -33.11
N MET F 284 8.30 7.43 -32.39
CA MET F 284 8.49 6.34 -31.45
C MET F 284 8.76 4.98 -32.15
N LYS F 285 8.27 4.82 -33.38
CA LYS F 285 8.42 3.57 -34.09
C LYS F 285 9.88 3.48 -34.53
N VAL F 286 10.50 4.63 -34.82
CA VAL F 286 11.89 4.65 -35.24
C VAL F 286 12.83 4.22 -34.12
N ASP F 287 12.62 4.75 -32.92
CA ASP F 287 13.38 4.29 -31.75
C ASP F 287 13.12 2.81 -31.42
N ALA F 288 11.94 2.32 -31.78
CA ALA F 288 11.63 0.92 -31.50
C ALA F 288 12.35 -0.03 -32.46
N GLN F 289 12.21 0.19 -33.76
CA GLN F 289 12.91 -0.63 -34.70
C GLN F 289 14.44 -0.57 -34.45
N ALA F 290 15.03 0.58 -34.21
CA ALA F 290 16.47 0.61 -33.94
C ALA F 290 16.91 -0.22 -32.74
N GLY F 291 15.98 -0.68 -31.89
CA GLY F 291 16.31 -1.45 -30.67
C GLY F 291 16.34 -0.62 -29.36
N GLY F 292 16.29 0.70 -29.49
CA GLY F 292 16.08 1.54 -28.33
C GLY F 292 14.82 1.14 -27.60
N ALA F 293 14.71 1.61 -26.36
CA ALA F 293 13.59 1.37 -25.46
C ALA F 293 13.28 2.68 -24.72
N ALA F 294 13.50 3.81 -25.37
CA ALA F 294 13.22 5.09 -24.72
C ALA F 294 11.72 5.19 -24.43
N PHE F 295 10.94 4.43 -25.19
CA PHE F 295 9.55 4.59 -25.22
C PHE F 295 8.69 3.39 -24.83
N ASP F 296 9.19 2.44 -24.06
CA ASP F 296 8.20 1.46 -23.54
C ASP F 296 7.85 1.90 -22.14
N GLY F 297 6.67 1.52 -21.67
CA GLY F 297 5.60 0.99 -22.51
C GLY F 297 4.66 2.13 -22.84
N GLY F 298 4.94 2.87 -23.91
CA GLY F 298 4.08 3.97 -24.30
C GLY F 298 4.39 5.17 -23.43
N VAL F 299 3.61 6.24 -23.58
CA VAL F 299 4.03 7.56 -23.15
C VAL F 299 2.79 8.35 -22.69
N ASP F 300 1.80 7.61 -22.19
CA ASP F 300 0.60 8.23 -21.67
C ASP F 300 0.52 8.00 -20.16
N LEU F 301 0.11 9.05 -19.44
CA LEU F 301 -0.51 9.02 -18.08
C LEU F 301 -0.64 10.50 -17.70
N PRO G 1 24.66 45.17 -16.89
CA PRO G 1 26.07 44.77 -16.71
C PRO G 1 26.80 44.04 -17.92
N MET G 2 26.10 43.78 -19.05
CA MET G 2 26.75 43.21 -20.24
C MET G 2 27.59 44.32 -20.90
N VAL G 3 28.69 43.97 -21.59
CA VAL G 3 29.69 44.94 -22.11
C VAL G 3 30.06 44.56 -23.55
N THR G 4 30.45 45.56 -24.34
CA THR G 4 30.80 45.24 -25.76
C THR G 4 32.03 46.04 -26.10
N ALA G 5 32.80 45.51 -27.03
CA ALA G 5 34.08 46.13 -27.32
C ALA G 5 33.79 47.33 -28.24
N ALA G 6 32.53 47.42 -28.68
CA ALA G 6 32.12 48.57 -29.48
C ALA G 6 32.35 49.89 -28.73
N THR G 7 32.36 49.88 -27.39
CA THR G 7 32.49 51.13 -26.66
C THR G 7 33.95 51.56 -26.50
N SER G 8 34.85 50.57 -26.35
CA SER G 8 36.29 50.79 -26.36
C SER G 8 36.71 51.41 -27.66
N LEU G 9 36.37 50.72 -28.73
CA LEU G 9 36.80 51.15 -30.04
C LEU G 9 36.30 52.59 -30.32
N ARG G 10 35.02 52.84 -30.00
CA ARG G 10 34.40 54.10 -30.32
C ARG G 10 35.10 55.17 -29.51
N ARG G 11 35.40 54.82 -28.27
CA ARG G 11 36.17 55.71 -27.40
C ARG G 11 37.60 55.90 -27.89
N ALA G 12 38.26 54.84 -28.42
CA ALA G 12 39.60 54.95 -28.98
C ALA G 12 39.62 55.92 -30.20
N LEU G 13 38.55 55.83 -30.98
CA LEU G 13 38.38 56.73 -32.10
C LEU G 13 38.14 58.18 -31.69
N GLU G 14 37.79 58.45 -30.43
CA GLU G 14 37.67 59.88 -30.01
C GLU G 14 39.02 60.43 -29.67
N ASN G 15 39.93 59.56 -29.32
CA ASN G 15 41.25 60.01 -29.08
C ASN G 15 42.13 59.94 -30.33
N PRO G 16 42.58 61.10 -30.84
CA PRO G 16 43.24 61.23 -32.16
C PRO G 16 44.60 60.53 -32.19
N ASP G 17 45.19 60.23 -31.02
CA ASP G 17 46.41 59.44 -30.93
C ASP G 17 46.23 57.92 -31.22
N SER G 18 45.07 57.38 -30.92
CA SER G 18 44.87 55.95 -30.98
C SER G 18 45.04 55.63 -32.41
N PHE G 19 45.77 54.56 -32.70
CA PHE G 19 45.84 54.04 -34.06
C PHE G 19 45.47 52.57 -34.00
N ILE G 20 44.44 52.16 -34.75
CA ILE G 20 43.90 50.82 -34.71
C ILE G 20 44.48 49.95 -35.83
N VAL G 21 45.02 48.80 -35.49
CA VAL G 21 45.56 47.82 -36.48
C VAL G 21 44.85 46.47 -36.31
N ALA G 22 44.22 45.97 -37.39
CA ALA G 22 43.36 44.82 -37.35
C ALA G 22 43.76 43.85 -38.46
N PRO G 23 44.35 42.65 -38.16
CA PRO G 23 44.69 41.73 -39.28
C PRO G 23 43.44 41.07 -39.82
N GLY G 24 43.45 40.68 -41.09
CA GLY G 24 42.33 39.84 -41.60
C GLY G 24 42.28 38.44 -41.02
N VAL G 25 41.15 38.10 -40.39
CA VAL G 25 40.85 36.68 -40.07
C VAL G 25 39.50 36.26 -40.66
N TYR G 26 39.24 34.95 -40.72
CA TYR G 26 38.05 34.48 -41.44
C TYR G 26 37.36 33.28 -40.83
N ASP G 27 37.80 32.92 -39.64
CA ASP G 27 37.29 31.83 -38.87
C ASP G 27 37.92 31.73 -37.48
N GLY G 28 37.93 30.59 -36.87
CA GLY G 28 38.22 30.58 -35.48
C GLY G 28 39.57 30.07 -35.13
N LEU G 29 40.12 29.24 -35.98
CA LEU G 29 41.55 29.08 -36.11
C LEU G 29 42.32 30.32 -36.40
N SER G 30 41.93 31.07 -37.40
CA SER G 30 42.64 32.26 -37.72
C SER G 30 42.40 33.30 -36.67
N ALA G 31 41.23 33.30 -36.08
CA ALA G 31 40.96 34.38 -35.11
C ALA G 31 41.79 34.09 -33.89
N ARG G 32 41.80 32.82 -33.45
CA ARG G 32 42.57 32.47 -32.23
C ARG G 32 44.06 32.79 -32.45
N VAL G 33 44.53 32.45 -33.64
CA VAL G 33 45.95 32.57 -33.95
C VAL G 33 46.42 34.04 -33.99
N ALA G 34 45.62 34.93 -34.54
CA ALA G 34 45.84 36.39 -34.49
C ALA G 34 45.87 36.98 -33.06
N LEU G 35 44.78 36.72 -32.32
CA LEU G 35 44.66 36.97 -30.88
C LEU G 35 45.88 36.50 -30.11
N SER G 36 46.33 35.28 -30.41
CA SER G 36 47.48 34.70 -29.75
C SER G 36 48.76 35.46 -30.05
N ALA G 37 48.81 35.99 -31.27
CA ALA G 37 49.92 36.83 -31.67
C ALA G 37 49.95 38.24 -31.04
N GLY G 38 49.01 38.54 -30.12
CA GLY G 38 48.90 39.83 -29.41
C GLY G 38 48.17 41.03 -30.04
N PHE G 39 47.51 40.87 -31.18
CA PHE G 39 46.78 41.95 -31.82
C PHE G 39 45.69 42.54 -30.93
N ASP G 40 45.42 43.84 -31.04
CA ASP G 40 44.43 44.47 -30.19
C ASP G 40 43.11 44.68 -30.93
N ALA G 41 43.09 44.37 -32.21
CA ALA G 41 41.85 44.46 -32.89
C ALA G 41 41.79 43.36 -33.97
N LEU G 42 40.58 42.94 -34.36
CA LEU G 42 40.48 41.99 -35.47
C LEU G 42 39.68 42.48 -36.66
N TYR G 43 40.01 42.00 -37.85
CA TYR G 43 39.20 42.29 -39.00
C TYR G 43 38.69 40.98 -39.61
N MET G 44 37.39 40.84 -39.72
CA MET G 44 36.81 39.69 -40.41
C MET G 44 36.55 40.05 -41.87
N THR G 45 37.29 39.43 -42.78
CA THR G 45 37.12 39.58 -44.21
C THR G 45 35.84 38.89 -44.73
N GLY G 46 34.94 39.63 -45.41
CA GLY G 46 33.86 39.02 -46.19
C GLY G 46 34.39 38.03 -47.24
N ALA G 47 35.44 38.45 -47.95
CA ALA G 47 36.12 37.55 -48.90
C ALA G 47 36.51 36.23 -48.24
N GLY G 48 37.10 36.29 -47.05
CA GLY G 48 37.64 35.13 -46.42
C GLY G 48 36.49 34.37 -45.86
N THR G 49 35.45 35.06 -45.42
CA THR G 49 34.26 34.36 -44.92
C THR G 49 33.66 33.46 -46.05
N ALA G 50 33.64 34.00 -47.25
CA ALA G 50 33.09 33.31 -48.37
C ALA G 50 33.90 32.03 -48.63
N ALA G 51 35.21 32.22 -48.73
CA ALA G 51 36.12 31.12 -48.95
C ALA G 51 35.99 30.06 -47.84
N SER G 52 35.96 30.46 -46.58
CA SER G 52 35.88 29.44 -45.55
C SER G 52 34.49 28.79 -45.40
N VAL G 53 33.43 29.59 -45.33
CA VAL G 53 32.10 29.05 -45.18
C VAL G 53 31.61 28.26 -46.36
N HIS G 54 31.92 28.70 -47.58
CA HIS G 54 31.32 28.11 -48.79
C HIS G 54 32.30 27.58 -49.81
N GLY G 55 33.58 27.90 -49.62
CA GLY G 55 34.55 27.59 -50.63
C GLY G 55 34.37 28.30 -51.97
N GLN G 56 33.79 29.51 -51.92
CA GLN G 56 33.58 30.26 -53.13
C GLN G 56 34.25 31.65 -53.10
N ALA G 57 34.27 32.34 -54.22
CA ALA G 57 34.95 33.62 -54.29
C ALA G 57 34.13 34.88 -53.80
N ASP G 58 34.76 36.03 -53.69
CA ASP G 58 34.12 37.21 -53.11
C ASP G 58 33.04 37.83 -54.02
N LEU G 59 31.86 37.22 -54.11
CA LEU G 59 30.87 37.63 -55.10
C LEU G 59 29.48 37.81 -54.55
N GLY G 60 29.37 37.98 -53.25
CA GLY G 60 28.10 38.24 -52.66
C GLY G 60 27.33 36.98 -52.36
N ILE G 61 28.02 35.84 -52.45
CA ILE G 61 27.45 34.55 -52.11
C ILE G 61 27.15 34.42 -50.59
N CYS G 62 27.72 35.23 -49.71
CA CYS G 62 27.33 35.10 -48.33
C CYS G 62 26.08 35.89 -47.96
N THR G 63 25.16 35.25 -47.21
CA THR G 63 23.93 35.92 -46.73
C THR G 63 24.19 36.53 -45.41
N LEU G 64 23.26 37.32 -44.90
CA LEU G 64 23.48 37.94 -43.58
C LEU G 64 23.66 36.85 -42.52
N ASN G 65 22.91 35.77 -42.69
CA ASN G 65 23.01 34.62 -41.85
C ASN G 65 24.42 34.09 -41.73
N ASP G 66 25.11 34.01 -42.85
CA ASP G 66 26.44 33.49 -42.84
C ASP G 66 27.42 34.41 -42.11
N MET G 67 27.23 35.71 -42.35
CA MET G 67 28.23 36.66 -42.05
C MET G 67 28.09 36.97 -40.57
N ARG G 68 26.84 37.07 -40.12
CA ARG G 68 26.53 37.43 -38.77
C ARG G 68 27.08 36.33 -37.83
N ALA G 69 26.89 35.05 -38.22
CA ALA G 69 27.30 33.88 -37.43
C ALA G 69 28.81 33.88 -37.28
N ASN G 70 29.49 34.22 -38.36
CA ASN G 70 30.90 34.30 -38.33
C ASN G 70 31.30 35.49 -37.55
N ALA G 71 30.60 36.60 -37.72
CA ALA G 71 30.90 37.72 -36.86
C ALA G 71 30.71 37.43 -35.34
N GLU G 72 29.64 36.80 -34.93
CA GLU G 72 29.44 36.58 -33.52
C GLU G 72 30.51 35.67 -32.89
N MET G 73 30.74 34.49 -33.51
CA MET G 73 31.77 33.62 -32.92
C MET G 73 33.15 34.27 -32.82
N ILE G 74 33.59 34.93 -33.89
CA ILE G 74 34.85 35.69 -33.89
C ILE G 74 34.91 36.71 -32.79
N SER G 75 33.81 37.42 -32.58
CA SER G 75 33.78 38.52 -31.62
C SER G 75 33.81 38.00 -30.21
N ASN G 76 33.35 36.77 -30.01
CA ASN G 76 33.27 36.19 -28.68
C ASN G 76 34.40 35.26 -28.23
N ILE G 77 35.39 35.02 -29.10
CA ILE G 77 36.61 34.31 -28.71
C ILE G 77 37.34 35.05 -27.57
N SER G 78 37.61 36.32 -27.84
CA SER G 78 38.02 37.30 -26.85
C SER G 78 37.03 38.50 -26.90
N PRO G 79 36.03 38.52 -25.98
CA PRO G 79 34.99 39.59 -25.99
C PRO G 79 35.54 41.06 -25.86
N SER G 80 36.69 41.22 -25.18
CA SER G 80 37.27 42.53 -25.05
C SER G 80 38.05 42.99 -26.28
N THR G 81 38.27 42.11 -27.25
CA THR G 81 38.94 42.54 -28.46
C THR G 81 37.91 43.05 -29.45
N PRO G 82 38.07 44.28 -29.91
CA PRO G 82 37.18 44.76 -30.93
C PRO G 82 37.29 43.99 -32.24
N VAL G 83 36.15 43.81 -32.90
CA VAL G 83 36.20 43.18 -34.19
C VAL G 83 35.51 44.09 -35.20
N ILE G 84 36.27 44.52 -36.23
CA ILE G 84 35.73 45.20 -37.42
C ILE G 84 35.32 44.13 -38.44
N ALA G 85 34.00 44.07 -38.69
CA ALA G 85 33.41 43.04 -39.52
C ALA G 85 32.77 43.57 -40.78
N ASP G 86 33.11 42.93 -41.89
CA ASP G 86 32.57 43.26 -43.18
C ASP G 86 31.08 42.96 -43.11
N ALA G 87 30.25 43.83 -43.71
CA ALA G 87 28.82 43.60 -43.80
C ALA G 87 28.37 43.99 -45.20
N ASP G 88 29.29 43.80 -46.14
CA ASP G 88 29.09 43.98 -47.56
C ASP G 88 28.28 45.21 -47.90
N THR G 89 27.00 45.03 -48.23
CA THR G 89 26.10 46.15 -48.50
C THR G 89 24.87 46.23 -47.58
N GLY G 90 24.83 45.43 -46.53
CA GLY G 90 23.65 45.45 -45.71
C GLY G 90 22.57 44.47 -46.17
N TYR G 91 22.89 43.65 -47.16
CA TYR G 91 22.07 42.50 -47.39
C TYR G 91 20.64 42.80 -47.75
N GLY G 92 20.40 44.02 -48.21
CA GLY G 92 19.05 44.44 -48.63
C GLY G 92 18.85 45.94 -48.64
N GLY G 93 17.65 46.40 -48.28
CA GLY G 93 17.41 47.81 -48.20
C GLY G 93 17.58 48.22 -46.77
N PRO G 94 17.04 49.41 -46.40
CA PRO G 94 16.96 49.90 -45.00
C PRO G 94 16.46 48.86 -43.94
N ILE G 95 15.29 48.24 -44.14
CA ILE G 95 14.90 47.07 -43.34
C ILE G 95 16.10 46.13 -43.06
N MET G 96 16.77 45.64 -44.06
CA MET G 96 17.86 44.69 -43.82
C MET G 96 19.13 45.29 -43.25
N VAL G 97 19.53 46.48 -43.72
CA VAL G 97 20.68 47.18 -43.20
C VAL G 97 20.42 47.24 -41.71
N ALA G 98 19.23 47.72 -41.35
CA ALA G 98 18.77 47.77 -39.95
C ALA G 98 18.89 46.45 -39.15
N ARG G 99 18.33 45.36 -39.66
CA ARG G 99 18.59 44.06 -39.03
C ARG G 99 20.07 43.70 -38.94
N THR G 100 20.87 43.93 -40.01
CA THR G 100 22.33 43.72 -39.93
C THR G 100 22.98 44.38 -38.75
N THR G 101 22.58 45.63 -38.56
CA THR G 101 23.13 46.47 -37.55
C THR G 101 22.76 45.96 -36.14
N GLU G 102 21.52 45.48 -35.95
CA GLU G 102 21.07 45.07 -34.63
C GLU G 102 21.74 43.75 -34.34
N GLN G 103 21.72 42.85 -35.29
CA GLN G 103 22.22 41.54 -35.05
C GLN G 103 23.72 41.54 -34.76
N TYR G 104 24.48 42.28 -35.57
CA TYR G 104 25.91 42.49 -35.31
C TYR G 104 26.10 43.23 -34.01
N SER G 105 25.22 44.13 -33.65
CA SER G 105 25.40 44.69 -32.31
C SER G 105 25.29 43.61 -31.25
N ARG G 106 24.15 42.88 -31.24
CA ARG G 106 23.87 41.87 -30.20
C ARG G 106 24.96 40.88 -30.19
N SER G 107 25.49 40.61 -31.37
CA SER G 107 26.52 39.63 -31.56
C SER G 107 27.83 40.00 -30.88
N GLY G 108 28.01 41.29 -30.62
CA GLY G 108 29.20 41.82 -29.91
C GLY G 108 30.22 42.42 -30.84
N VAL G 109 29.90 42.45 -32.14
CA VAL G 109 30.65 43.23 -33.16
C VAL G 109 30.89 44.64 -32.71
N ALA G 110 32.11 45.08 -32.96
CA ALA G 110 32.60 46.31 -32.51
C ALA G 110 32.53 47.38 -33.60
N ALA G 111 32.63 47.02 -34.87
CA ALA G 111 32.53 48.02 -35.91
C ALA G 111 32.24 47.27 -37.15
N PHE G 112 31.58 47.88 -38.14
CA PHE G 112 31.37 47.18 -39.45
C PHE G 112 31.36 48.13 -40.67
N HIS G 113 31.56 47.58 -41.88
CA HIS G 113 31.55 48.41 -43.06
C HIS G 113 30.47 48.13 -44.12
N ILE G 114 29.85 49.20 -44.63
CA ILE G 114 28.89 49.11 -45.74
C ILE G 114 29.31 49.86 -46.96
N GLU G 115 29.31 49.22 -48.14
CA GLU G 115 29.76 49.87 -49.39
C GLU G 115 28.61 50.25 -50.28
N ASP G 116 28.94 50.83 -51.44
CA ASP G 116 27.95 51.39 -52.43
C ASP G 116 27.70 50.52 -53.70
N GLN G 117 27.95 49.23 -53.55
CA GLN G 117 27.82 48.37 -54.66
C GLN G 117 26.37 47.87 -54.78
N VAL G 118 26.03 47.21 -55.90
CA VAL G 118 24.79 46.46 -55.94
C VAL G 118 24.96 45.32 -54.94
N GLN G 119 23.86 44.79 -54.40
CA GLN G 119 23.93 43.75 -53.36
C GLN G 119 24.71 42.49 -53.81
N THR G 120 24.72 42.24 -55.13
CA THR G 120 25.45 41.08 -55.62
C THR G 120 26.82 41.57 -55.86
N LYS G 121 27.41 42.07 -54.77
CA LYS G 121 28.68 42.70 -54.68
C LYS G 121 29.90 41.81 -55.12
N ARG G 122 31.07 42.45 -55.10
CA ARG G 122 32.32 41.92 -55.60
C ARG G 122 33.46 42.47 -54.73
N CYS G 123 34.55 41.73 -54.64
CA CYS G 123 35.76 42.24 -54.04
C CYS G 123 36.22 43.60 -54.61
N GLY G 124 36.89 44.36 -53.75
CA GLY G 124 37.34 45.70 -54.10
C GLY G 124 38.43 45.84 -55.16
N HIS G 125 39.21 44.79 -55.41
CA HIS G 125 40.40 44.98 -56.23
C HIS G 125 40.15 44.16 -57.48
N LEU G 126 38.93 44.18 -57.90
CA LEU G 126 38.50 43.25 -58.90
C LEU G 126 37.74 44.15 -59.73
N ALA G 127 37.78 43.96 -61.02
CA ALA G 127 37.34 44.99 -61.88
C ALA G 127 35.94 44.74 -62.29
N GLY G 128 35.33 45.75 -62.86
CA GLY G 128 34.00 45.62 -63.36
C GLY G 128 32.93 45.94 -62.38
N LYS G 129 33.30 46.74 -61.37
CA LYS G 129 32.47 46.94 -60.19
C LYS G 129 31.21 47.73 -60.51
N ILE G 130 30.10 47.27 -59.95
CA ILE G 130 28.82 47.83 -60.28
C ILE G 130 28.22 48.54 -59.06
N LEU G 131 27.84 49.80 -59.25
CA LEU G 131 27.54 50.74 -58.19
C LEU G 131 26.07 51.18 -58.14
N VAL G 132 25.53 51.41 -56.95
CA VAL G 132 24.20 51.97 -56.90
C VAL G 132 24.33 53.47 -56.80
N ASP G 133 23.23 54.23 -56.87
CA ASP G 133 23.39 55.69 -56.83
C ASP G 133 23.73 56.20 -55.43
N THR G 134 24.07 57.49 -55.38
CA THR G 134 24.45 58.17 -54.12
C THR G 134 23.33 58.26 -53.09
N ASP G 135 22.13 58.72 -53.49
CA ASP G 135 20.97 58.63 -52.56
C ASP G 135 20.78 57.23 -51.90
N THR G 136 20.62 56.19 -52.69
CA THR G 136 20.42 54.83 -52.23
C THR G 136 21.47 54.41 -51.17
N TYR G 137 22.74 54.48 -51.60
CA TYR G 137 23.91 54.43 -50.69
C TYR G 137 23.68 55.12 -49.35
N VAL G 138 23.45 56.41 -49.45
CA VAL G 138 23.25 57.22 -48.24
C VAL G 138 22.04 56.72 -47.42
N THR G 139 21.02 56.24 -48.11
CA THR G 139 19.93 55.53 -47.49
C THR G 139 20.39 54.28 -46.67
N ARG G 140 21.40 53.57 -47.17
CA ARG G 140 21.97 52.44 -46.43
C ARG G 140 22.66 52.99 -45.22
N ILE G 141 23.47 54.03 -45.43
CA ILE G 141 24.28 54.51 -44.34
C ILE G 141 23.34 55.06 -43.28
N ARG G 142 22.32 55.79 -43.68
CA ARG G 142 21.46 56.36 -42.67
C ARG G 142 20.64 55.24 -41.91
N ALA G 143 20.37 54.13 -42.59
CA ALA G 143 19.67 53.03 -41.96
C ALA G 143 20.48 52.44 -40.82
N ALA G 144 21.80 52.25 -41.00
CA ALA G 144 22.68 51.71 -39.96
C ALA G 144 22.74 52.66 -38.79
N VAL G 145 22.90 53.94 -39.09
CA VAL G 145 23.02 54.95 -38.11
C VAL G 145 21.76 54.95 -37.27
N GLN G 146 20.62 55.10 -37.90
CA GLN G 146 19.42 55.16 -37.12
C GLN G 146 19.18 53.87 -36.33
N ALA G 147 19.35 52.72 -36.98
CA ALA G 147 19.16 51.48 -36.31
C ALA G 147 20.03 51.28 -35.08
N ARG G 148 21.27 51.76 -35.10
CA ARG G 148 22.23 51.63 -33.97
C ARG G 148 21.73 52.43 -32.77
N GLN G 149 21.30 53.65 -33.08
CA GLN G 149 20.89 54.57 -32.07
C GLN G 149 19.56 54.15 -31.56
N ARG G 150 18.68 53.62 -32.41
CA ARG G 150 17.41 53.04 -31.86
C ARG G 150 17.58 51.99 -30.76
N ILE G 151 18.68 51.23 -30.78
CA ILE G 151 18.92 50.16 -29.77
C ILE G 151 19.95 50.51 -28.70
N GLY G 152 20.41 51.75 -28.73
CA GLY G 152 21.44 52.22 -27.84
C GLY G 152 22.85 51.70 -28.07
N SER G 153 23.11 51.19 -29.26
CA SER G 153 24.37 50.54 -29.57
C SER G 153 25.53 51.45 -29.94
N ASP G 154 26.69 51.13 -29.35
CA ASP G 154 27.89 51.90 -29.66
C ASP G 154 28.63 51.44 -30.89
N ILE G 155 28.02 50.51 -31.62
CA ILE G 155 28.72 49.95 -32.73
C ILE G 155 29.23 51.09 -33.58
N VAL G 156 30.37 50.85 -34.19
CA VAL G 156 31.01 51.78 -35.05
C VAL G 156 30.66 51.54 -36.54
N VAL G 157 30.13 52.56 -37.19
CA VAL G 157 29.62 52.42 -38.56
C VAL G 157 30.73 52.91 -39.54
N ILE G 158 31.30 52.00 -40.35
CA ILE G 158 32.34 52.42 -41.31
C ILE G 158 31.82 52.62 -42.74
N ALA G 159 31.80 53.85 -43.23
CA ALA G 159 31.27 54.14 -44.60
C ALA G 159 32.26 53.78 -45.73
N ARG G 160 31.99 52.71 -46.49
CA ARG G 160 32.86 52.37 -47.64
C ARG G 160 32.32 52.85 -48.99
N THR G 161 33.22 53.35 -49.84
CA THR G 161 32.88 53.52 -51.28
C THR G 161 33.74 52.69 -52.20
N ASP G 162 33.10 52.15 -53.23
CA ASP G 162 33.81 51.35 -54.18
C ASP G 162 33.97 52.10 -55.54
N SER G 163 33.69 53.38 -55.51
CA SER G 163 33.45 54.13 -56.71
C SER G 163 34.66 54.81 -57.29
N LEU G 164 35.82 54.67 -56.66
CA LEU G 164 37.00 55.22 -57.32
C LEU G 164 37.15 54.65 -58.69
N GLN G 165 37.17 53.32 -58.86
CA GLN G 165 37.63 52.76 -60.20
C GLN G 165 36.71 53.16 -61.31
N THR G 166 35.46 53.40 -60.95
CA THR G 166 34.35 53.66 -61.87
C THR G 166 34.11 55.14 -62.11
N HIS G 167 34.13 55.97 -61.06
CA HIS G 167 33.73 57.37 -61.22
C HIS G 167 34.85 58.35 -60.85
N GLY G 168 36.02 57.86 -60.45
CA GLY G 168 37.13 58.74 -60.12
C GLY G 168 37.04 59.43 -58.78
N TYR G 169 38.12 60.10 -58.43
CA TYR G 169 38.34 60.51 -57.07
C TYR G 169 37.26 61.45 -56.58
N GLU G 170 36.92 62.47 -57.38
CA GLU G 170 35.89 63.43 -57.01
C GLU G 170 34.60 62.76 -56.53
N GLU G 171 34.02 61.87 -57.34
CA GLU G 171 32.78 61.22 -56.91
C GLU G 171 33.01 60.45 -55.61
N SER G 172 34.21 59.94 -55.47
CA SER G 172 34.51 59.06 -54.37
C SER G 172 34.45 59.82 -53.11
N VAL G 173 35.04 61.02 -53.16
CA VAL G 173 35.15 61.90 -51.98
C VAL G 173 33.75 62.41 -51.65
N ALA G 174 33.04 62.80 -52.70
CA ALA G 174 31.69 63.31 -52.52
C ALA G 174 30.77 62.27 -51.79
N ARG G 175 30.78 61.03 -52.24
CA ARG G 175 30.00 60.00 -51.55
C ARG G 175 30.50 59.84 -50.12
N LEU G 176 31.81 59.91 -49.96
CA LEU G 176 32.32 59.85 -48.63
C LEU G 176 31.81 61.04 -47.78
N ARG G 177 31.95 62.27 -48.32
CA ARG G 177 31.35 63.46 -47.69
C ARG G 177 29.87 63.24 -47.33
N ALA G 178 29.09 62.63 -48.23
CA ALA G 178 27.68 62.46 -47.99
C ALA G 178 27.45 61.53 -46.80
N ALA G 179 28.20 60.43 -46.74
CA ALA G 179 28.15 59.51 -45.59
C ALA G 179 28.46 60.15 -44.23
N ARG G 180 29.60 60.84 -44.12
CA ARG G 180 30.05 61.50 -42.88
C ARG G 180 28.95 62.41 -42.37
N ASP G 181 28.35 63.15 -43.31
CA ASP G 181 27.15 63.92 -43.12
C ASP G 181 25.97 63.16 -42.62
N ALA G 182 25.88 61.89 -42.97
CA ALA G 182 24.71 61.13 -42.62
C ALA G 182 24.97 60.38 -41.28
N GLY G 183 26.16 60.56 -40.70
CA GLY G 183 26.45 60.08 -39.35
C GLY G 183 27.49 58.97 -39.25
N ALA G 184 28.11 58.61 -40.37
CA ALA G 184 29.06 57.54 -40.26
C ALA G 184 30.23 58.02 -39.40
N ASP G 185 30.87 57.04 -38.78
CA ASP G 185 31.95 57.28 -37.85
C ASP G 185 33.30 57.28 -38.51
N VAL G 186 33.44 56.57 -39.62
CA VAL G 186 34.73 56.33 -40.26
C VAL G 186 34.53 56.22 -41.79
N GLY G 187 35.39 56.85 -42.57
CA GLY G 187 35.32 56.70 -44.04
C GLY G 187 36.33 55.69 -44.54
N PHE G 188 35.90 54.91 -45.52
CA PHE G 188 36.66 53.78 -46.13
C PHE G 188 36.66 53.92 -47.66
N LEU G 189 37.73 54.50 -48.20
CA LEU G 189 37.91 54.62 -49.65
C LEU G 189 38.68 53.39 -50.14
N GLU G 190 37.93 52.48 -50.74
CA GLU G 190 38.45 51.20 -51.20
C GLU G 190 39.46 51.34 -52.31
N GLY G 191 40.62 50.72 -52.16
CA GLY G 191 41.49 50.62 -53.29
C GLY G 191 42.00 51.96 -53.75
N ILE G 192 42.56 52.71 -52.79
CA ILE G 192 43.29 53.94 -53.05
C ILE G 192 44.42 53.51 -53.99
N THR G 193 44.70 54.33 -55.00
CA THR G 193 45.54 53.88 -56.11
C THR G 193 46.95 54.27 -55.88
N SER G 194 47.23 55.14 -54.89
CA SER G 194 48.59 55.80 -54.72
C SER G 194 48.87 56.43 -53.37
N ARG G 195 50.16 56.58 -53.07
CA ARG G 195 50.61 57.30 -51.88
C ARG G 195 50.07 58.72 -51.82
N GLU G 196 50.13 59.42 -52.92
CA GLU G 196 49.54 60.75 -52.98
C GLU G 196 48.03 60.86 -52.71
N MET G 197 47.28 59.84 -53.17
CA MET G 197 45.84 59.83 -53.03
C MET G 197 45.53 59.51 -51.59
N ALA G 198 46.37 58.68 -51.01
CA ALA G 198 46.14 58.26 -49.62
C ALA G 198 46.18 59.50 -48.76
N ARG G 199 47.21 60.32 -48.97
CA ARG G 199 47.34 61.49 -48.13
C ARG G 199 46.48 62.68 -48.58
N GLN G 200 45.96 62.62 -49.81
CA GLN G 200 44.92 63.53 -50.28
C GLN G 200 43.57 63.38 -49.59
N VAL G 201 42.95 62.19 -49.61
CA VAL G 201 41.72 61.94 -48.79
C VAL G 201 41.83 62.44 -47.35
N ILE G 202 42.92 62.05 -46.69
CA ILE G 202 43.15 62.41 -45.31
C ILE G 202 42.89 63.89 -45.17
N GLN G 203 43.40 64.67 -46.12
CA GLN G 203 43.18 66.14 -46.12
C GLN G 203 41.76 66.59 -46.49
N ASP G 204 41.24 66.07 -47.58
CA ASP G 204 39.91 66.37 -47.98
C ASP G 204 38.88 65.94 -46.98
N LEU G 205 39.16 64.95 -46.15
CA LEU G 205 38.23 64.71 -45.09
C LEU G 205 38.84 64.89 -43.69
N ALA G 206 39.83 65.78 -43.58
CA ALA G 206 40.34 66.16 -42.26
C ALA G 206 39.24 66.24 -41.21
N GLY G 207 39.49 65.59 -40.07
CA GLY G 207 38.54 65.65 -38.97
C GLY G 207 37.88 64.32 -38.78
N TRP G 208 37.78 63.56 -39.85
CA TRP G 208 37.08 62.27 -39.88
C TRP G 208 38.17 61.15 -39.91
N PRO G 209 38.01 60.08 -39.09
CA PRO G 209 38.94 58.94 -39.14
C PRO G 209 38.80 58.13 -40.43
N LEU G 210 39.89 57.84 -41.12
CA LEU G 210 39.73 57.00 -42.30
C LEU G 210 40.42 55.68 -42.18
N LEU G 211 39.89 54.71 -42.89
CA LEU G 211 40.43 53.36 -42.80
C LEU G 211 41.22 53.07 -44.06
N LEU G 212 42.34 52.39 -43.94
CA LEU G 212 43.03 51.98 -45.15
C LEU G 212 43.00 50.46 -45.30
N ASN G 213 42.35 49.99 -46.37
CA ASN G 213 42.33 48.56 -46.69
C ASN G 213 43.66 48.18 -47.32
N MET G 214 44.48 47.36 -46.65
CA MET G 214 45.80 47.14 -47.18
C MET G 214 45.92 45.74 -47.71
N VAL G 215 45.23 45.52 -48.80
CA VAL G 215 45.25 44.31 -49.55
C VAL G 215 46.38 44.50 -50.54
N GLU G 216 47.36 43.56 -50.48
CA GLU G 216 48.55 43.55 -51.35
C GLU G 216 48.28 43.10 -52.80
N HIS G 217 48.96 43.74 -53.75
CA HIS G 217 49.01 43.32 -55.17
C HIS G 217 47.61 43.37 -55.71
N GLY G 218 46.91 44.44 -55.39
CA GLY G 218 45.54 44.69 -55.86
C GLY G 218 45.69 46.11 -56.38
N ALA G 219 44.79 47.04 -56.04
CA ALA G 219 44.97 48.37 -56.68
C ALA G 219 45.89 49.35 -55.89
N THR G 220 46.33 48.92 -54.70
CA THR G 220 47.00 49.75 -53.69
C THR G 220 48.46 49.37 -53.50
N PRO G 221 49.37 50.37 -53.62
CA PRO G 221 50.80 50.22 -53.33
C PRO G 221 50.98 49.82 -51.88
N SER G 222 52.00 49.01 -51.60
CA SER G 222 52.32 48.53 -50.26
C SER G 222 52.74 49.68 -49.35
N ILE G 223 51.88 50.02 -48.38
CA ILE G 223 52.06 51.02 -47.31
C ILE G 223 51.94 50.29 -45.96
N SER G 224 52.91 50.49 -45.06
CA SER G 224 52.98 49.78 -43.78
C SER G 224 52.01 50.35 -42.75
N ALA G 225 51.78 49.66 -41.61
CA ALA G 225 51.04 50.29 -40.52
C ALA G 225 51.70 51.62 -40.11
N ALA G 226 52.98 51.58 -39.75
CA ALA G 226 53.66 52.79 -39.29
C ALA G 226 53.47 53.93 -40.29
N GLU G 227 53.60 53.62 -41.60
CA GLU G 227 53.53 54.67 -42.63
C GLU G 227 52.11 55.26 -42.70
N ALA G 228 51.12 54.38 -42.56
CA ALA G 228 49.73 54.81 -42.59
C ALA G 228 49.38 55.75 -41.43
N LYS G 229 49.94 55.45 -40.25
CA LYS G 229 49.76 56.23 -39.03
C LYS G 229 50.29 57.64 -39.26
N GLU G 230 51.60 57.72 -39.56
CA GLU G 230 52.21 58.94 -40.10
C GLU G 230 51.30 59.78 -41.03
N MET G 231 50.65 59.16 -42.03
CA MET G 231 49.75 59.96 -42.91
C MET G 231 48.47 60.48 -42.27
N GLY G 232 48.11 59.90 -41.13
CA GLY G 232 46.89 60.31 -40.44
C GLY G 232 45.69 59.37 -40.65
N PHE G 233 45.93 58.16 -41.16
CA PHE G 233 44.90 57.12 -41.17
C PHE G 233 44.58 56.67 -39.77
N ARG G 234 43.37 56.16 -39.51
CA ARG G 234 43.05 55.78 -38.11
C ARG G 234 42.90 54.29 -37.84
N ILE G 235 42.64 53.56 -38.91
CA ILE G 235 42.62 52.13 -38.86
C ILE G 235 43.33 51.60 -40.13
N ILE G 236 43.98 50.45 -39.98
CA ILE G 236 44.48 49.69 -41.14
C ILE G 236 44.00 48.25 -40.99
N ILE G 237 43.44 47.69 -42.03
CA ILE G 237 43.10 46.31 -41.97
C ILE G 237 43.91 45.61 -43.07
N PHE G 238 44.06 44.27 -42.89
CA PHE G 238 44.78 43.40 -43.82
C PHE G 238 44.02 42.07 -44.10
N PRO G 239 42.99 42.17 -44.95
CA PRO G 239 41.99 41.12 -45.22
C PRO G 239 42.58 39.72 -45.41
N PHE G 240 43.71 39.69 -46.14
CA PHE G 240 44.36 38.41 -46.47
C PHE G 240 45.50 37.95 -45.60
N ALA G 241 45.79 38.64 -44.50
CA ALA G 241 46.87 38.26 -43.60
C ALA G 241 46.86 36.81 -43.09
N ALA G 242 45.72 36.18 -42.95
CA ALA G 242 45.67 34.76 -42.55
C ALA G 242 45.42 33.84 -43.76
N LEU G 243 44.47 34.23 -44.58
CA LEU G 243 44.07 33.45 -45.74
C LEU G 243 45.24 33.26 -46.71
N GLY G 244 45.91 34.36 -47.06
CA GLY G 244 47.11 34.28 -47.91
C GLY G 244 47.99 33.10 -47.55
N PRO G 245 48.66 33.17 -46.38
CA PRO G 245 49.51 32.14 -45.88
C PRO G 245 48.89 30.81 -45.73
N ALA G 246 47.66 30.72 -45.23
CA ALA G 246 47.02 29.44 -44.94
C ALA G 246 46.91 28.65 -46.24
N VAL G 247 46.66 29.36 -47.32
CA VAL G 247 46.53 28.74 -48.58
C VAL G 247 47.87 28.12 -49.00
N ALA G 248 48.95 28.93 -48.95
CA ALA G 248 50.25 28.48 -49.44
C ALA G 248 50.62 27.20 -48.75
N ALA G 249 50.49 27.25 -47.42
CA ALA G 249 50.90 26.16 -46.54
C ALA G 249 50.16 24.85 -46.82
N MET G 250 48.85 25.01 -46.99
CA MET G 250 47.93 23.90 -47.26
C MET G 250 48.19 23.30 -48.60
N ARG G 251 48.44 24.16 -49.58
CA ARG G 251 48.84 23.74 -50.90
C ARG G 251 50.09 22.88 -50.81
N GLU G 252 51.16 23.37 -50.12
CA GLU G 252 52.42 22.57 -50.04
C GLU G 252 52.16 21.23 -49.41
N ALA G 253 51.58 21.27 -48.21
CA ALA G 253 51.32 20.10 -47.40
C ALA G 253 50.44 19.03 -48.10
N MET G 254 49.33 19.44 -48.75
CA MET G 254 48.54 18.51 -49.58
C MET G 254 49.34 17.87 -50.71
N GLU G 255 50.18 18.67 -51.38
CA GLU G 255 51.07 18.09 -52.38
C GLU G 255 52.12 17.10 -51.79
N LYS G 256 52.74 17.47 -50.66
CA LYS G 256 53.61 16.55 -49.95
C LYS G 256 52.86 15.27 -49.56
N LEU G 257 51.61 15.42 -49.12
CA LEU G 257 50.77 14.26 -48.77
C LEU G 257 50.54 13.37 -49.97
N LYS G 258 50.20 13.98 -51.11
CA LYS G 258 50.04 13.21 -52.36
C LYS G 258 51.30 12.42 -52.72
N ARG G 259 52.47 12.98 -52.45
CA ARG G 259 53.74 12.29 -52.74
C ARG G 259 54.04 11.20 -51.77
N ASP G 260 53.73 11.41 -50.49
CA ASP G 260 54.34 10.57 -49.43
C ASP G 260 53.40 9.64 -48.65
N GLY G 261 52.08 9.81 -48.76
CA GLY G 261 51.12 9.02 -47.99
C GLY G 261 51.22 9.20 -46.49
N ILE G 262 51.93 10.22 -46.09
CA ILE G 262 51.96 10.61 -44.68
C ILE G 262 52.25 12.12 -44.61
N PRO G 263 51.48 12.85 -43.80
CA PRO G 263 51.66 14.33 -43.69
C PRO G 263 53.05 14.82 -43.28
N GLY G 264 53.68 14.09 -42.35
CA GLY G 264 54.91 14.57 -41.72
C GLY G 264 54.74 15.88 -40.96
N LEU G 265 53.64 16.02 -40.22
CA LEU G 265 53.44 17.17 -39.34
C LEU G 265 54.54 17.26 -38.33
N ASP G 266 54.97 18.46 -38.04
CA ASP G 266 55.99 18.66 -37.05
C ASP G 266 55.53 17.99 -35.77
N LYS G 267 56.48 17.38 -35.05
CA LYS G 267 56.24 16.62 -33.82
C LYS G 267 55.38 17.39 -32.79
N GLU G 268 55.44 18.71 -32.83
CA GLU G 268 54.90 19.57 -31.78
C GLU G 268 53.38 19.67 -31.90
N MET G 269 52.86 19.33 -33.07
CA MET G 269 51.41 19.44 -33.41
C MET G 269 50.74 18.15 -33.18
N THR G 270 50.68 17.79 -31.89
CA THR G 270 49.78 16.78 -31.36
C THR G 270 48.38 17.36 -31.44
N PRO G 271 47.34 16.49 -31.24
CA PRO G 271 45.96 16.97 -31.12
C PRO G 271 45.76 18.04 -29.99
N GLN G 272 46.21 17.70 -28.77
CA GLN G 272 46.26 18.64 -27.64
C GLN G 272 46.84 19.99 -28.00
N MET G 273 47.93 19.99 -28.78
CA MET G 273 48.56 21.22 -29.11
C MET G 273 47.56 22.05 -29.88
N LEU G 274 47.04 21.45 -30.94
CA LEU G 274 46.08 22.07 -31.81
C LEU G 274 44.87 22.51 -30.99
N PHE G 275 44.35 21.64 -30.14
CA PHE G 275 43.19 22.03 -29.32
C PHE G 275 43.47 23.14 -28.30
N ARG G 276 44.68 23.16 -27.78
CA ARG G 276 45.07 24.21 -26.86
C ARG G 276 45.10 25.61 -27.49
N VAL G 277 45.49 25.71 -28.77
CA VAL G 277 45.29 26.91 -29.57
C VAL G 277 43.80 27.30 -29.63
N CYS G 278 42.92 26.33 -29.43
CA CYS G 278 41.51 26.61 -29.49
C CYS G 278 40.82 26.61 -28.14
N GLY G 279 41.44 27.16 -27.11
CA GLY G 279 40.81 27.33 -25.80
C GLY G 279 40.54 26.08 -25.00
N LEU G 280 41.22 24.96 -25.27
CA LEU G 280 40.91 23.68 -24.58
C LEU G 280 41.09 23.75 -23.04
N ASP G 281 42.20 24.35 -22.60
CA ASP G 281 42.47 24.55 -21.20
C ASP G 281 41.31 25.35 -20.61
N GLU G 282 40.97 26.48 -21.24
CA GLU G 282 39.84 27.29 -20.78
C GLU G 282 38.50 26.49 -20.77
N SER G 283 38.23 25.68 -21.82
CA SER G 283 37.00 24.92 -21.82
C SER G 283 37.01 23.94 -20.68
N MET G 284 38.13 23.26 -20.49
CA MET G 284 38.24 22.29 -19.40
C MET G 284 38.02 22.99 -18.07
N LYS G 285 38.40 24.25 -17.96
CA LYS G 285 38.22 24.97 -16.72
C LYS G 285 36.71 25.19 -16.43
N VAL G 286 35.93 25.39 -17.48
CA VAL G 286 34.48 25.65 -17.36
C VAL G 286 33.77 24.43 -16.69
N ASP G 287 34.19 23.21 -17.09
CA ASP G 287 33.69 21.93 -16.54
C ASP G 287 33.97 21.79 -15.03
N ALA G 288 35.25 21.53 -14.70
CA ALA G 288 35.78 21.62 -13.33
C ALA G 288 35.07 22.64 -12.42
N GLN G 289 34.81 23.84 -12.94
CA GLN G 289 34.28 24.92 -12.12
C GLN G 289 32.82 24.66 -11.79
N ALA G 290 32.03 24.23 -12.76
CA ALA G 290 30.61 23.95 -12.53
C ALA G 290 30.38 22.68 -11.74
N GLY G 291 31.44 21.91 -11.52
CA GLY G 291 31.37 20.67 -10.74
C GLY G 291 31.59 19.47 -11.63
N GLY G 292 32.04 19.73 -12.86
CA GLY G 292 32.30 18.69 -13.85
C GLY G 292 33.34 17.66 -13.47
N ALA G 293 33.13 16.39 -13.88
CA ALA G 293 34.14 15.35 -13.74
C ALA G 293 34.80 14.99 -15.06
N ALA G 294 34.25 15.46 -16.18
CA ALA G 294 34.66 14.95 -17.49
C ALA G 294 36.12 15.17 -17.81
N PHE G 295 36.81 16.00 -17.05
CA PHE G 295 38.21 16.22 -17.40
C PHE G 295 39.17 15.91 -16.26
N ASP G 296 38.72 15.09 -15.32
CA ASP G 296 39.55 14.63 -14.22
C ASP G 296 40.97 14.28 -14.68
N GLY G 297 41.98 14.95 -14.14
CA GLY G 297 43.36 14.51 -14.29
C GLY G 297 43.75 14.33 -15.75
N GLY G 298 43.51 15.37 -16.55
CA GLY G 298 44.28 15.59 -17.76
C GLY G 298 43.63 15.00 -18.98
N VAL G 299 44.10 15.40 -20.16
CA VAL G 299 43.74 14.72 -21.40
C VAL G 299 44.98 14.34 -22.21
N ASP G 300 46.11 14.22 -21.53
CA ASP G 300 47.33 13.78 -22.15
C ASP G 300 47.53 12.29 -21.96
N LEU G 301 48.36 11.67 -22.78
CA LEU G 301 48.38 10.24 -22.84
C LEU G 301 49.55 9.60 -22.12
N PRO H 1 17.88 12.34 -63.03
CA PRO H 1 18.36 11.61 -61.87
C PRO H 1 19.60 12.22 -61.12
N MET H 2 19.37 12.71 -59.87
CA MET H 2 20.44 13.34 -59.10
C MET H 2 21.41 12.29 -58.59
N VAL H 3 22.73 12.52 -58.72
CA VAL H 3 23.71 11.43 -58.52
C VAL H 3 24.37 11.67 -57.20
N THR H 4 24.98 10.65 -56.61
CA THR H 4 25.66 10.94 -55.32
C THR H 4 26.90 10.06 -55.15
N ALA H 5 28.03 10.66 -54.80
CA ALA H 5 29.28 9.91 -54.61
C ALA H 5 29.15 8.66 -53.68
N ALA H 6 28.13 8.62 -52.80
CA ALA H 6 27.87 7.43 -51.97
C ALA H 6 27.84 6.14 -52.77
N THR H 7 27.20 6.19 -53.93
CA THR H 7 26.98 5.05 -54.79
C THR H 7 28.36 4.62 -55.25
N SER H 8 29.13 5.53 -55.83
CA SER H 8 30.46 5.19 -56.48
C SER H 8 31.52 4.73 -55.48
N LEU H 9 31.48 5.32 -54.29
CA LEU H 9 32.26 4.79 -53.17
C LEU H 9 31.72 3.44 -52.64
N ARG H 10 30.39 3.29 -52.53
CA ARG H 10 29.85 1.98 -52.19
C ARG H 10 30.36 0.90 -53.18
N ARG H 11 30.20 1.14 -54.48
CA ARG H 11 30.83 0.26 -55.48
C ARG H 11 32.40 -0.05 -55.30
N ALA H 12 33.17 0.91 -54.78
CA ALA H 12 34.59 0.74 -54.61
C ALA H 12 34.85 -0.06 -53.37
N LEU H 13 34.12 0.23 -52.29
CA LEU H 13 34.37 -0.52 -51.03
C LEU H 13 33.81 -1.95 -51.16
N GLU H 14 33.10 -2.19 -52.26
CA GLU H 14 32.74 -3.56 -52.58
C GLU H 14 33.91 -4.32 -53.25
N ASN H 15 34.65 -3.67 -54.14
CA ASN H 15 35.87 -4.21 -54.75
C ASN H 15 37.06 -4.30 -53.78
N PRO H 16 37.47 -5.50 -53.43
CA PRO H 16 38.67 -5.83 -52.64
C PRO H 16 39.97 -5.03 -52.90
N ASP H 17 40.27 -4.62 -54.14
CA ASP H 17 41.47 -3.83 -54.40
C ASP H 17 41.31 -2.35 -54.12
N SER H 18 40.20 -1.70 -54.54
CA SER H 18 40.07 -0.24 -54.38
C SER H 18 40.50 0.11 -52.99
N PHE H 19 41.37 1.12 -52.86
CA PHE H 19 41.83 1.63 -51.55
C PHE H 19 41.64 3.14 -51.37
N ILE H 20 41.00 3.58 -50.30
CA ILE H 20 40.61 4.96 -50.26
C ILE H 20 41.49 5.90 -49.40
N VAL H 21 42.06 6.91 -50.07
CA VAL H 21 42.90 7.93 -49.49
C VAL H 21 42.18 9.31 -49.40
N ALA H 22 41.93 9.76 -48.17
CA ALA H 22 41.04 10.89 -47.91
C ALA H 22 41.65 11.82 -46.85
N PRO H 23 42.24 12.96 -47.29
CA PRO H 23 42.97 13.87 -46.39
C PRO H 23 41.98 14.68 -45.61
N GLY H 24 42.40 15.28 -44.49
CA GLY H 24 41.45 15.94 -43.59
C GLY H 24 41.31 17.44 -43.83
N VAL H 25 40.12 17.78 -44.34
CA VAL H 25 39.71 19.19 -44.59
C VAL H 25 38.59 19.60 -43.60
N TYR H 26 38.47 20.90 -43.38
CA TYR H 26 37.64 21.42 -42.32
C TYR H 26 36.90 22.65 -42.71
N ASP H 27 36.90 22.99 -43.99
CA ASP H 27 36.22 24.22 -44.43
C ASP H 27 36.24 24.37 -45.97
N GLY H 28 35.94 25.52 -46.56
CA GLY H 28 35.89 25.57 -48.03
C GLY H 28 37.27 25.60 -48.63
N LEU H 29 38.17 26.37 -48.02
CA LEU H 29 39.50 26.53 -48.59
C LEU H 29 40.24 25.21 -48.59
N SER H 30 40.41 24.65 -47.37
CA SER H 30 41.12 23.40 -47.14
C SER H 30 40.59 22.36 -48.11
N ALA H 31 39.29 22.30 -48.30
CA ALA H 31 38.76 21.40 -49.29
C ALA H 31 39.17 21.71 -50.77
N ARG H 32 39.12 22.97 -51.19
CA ARG H 32 39.53 23.35 -52.55
C ARG H 32 40.99 23.04 -52.81
N VAL H 33 41.80 23.07 -51.78
CA VAL H 33 43.20 22.88 -52.06
C VAL H 33 43.47 21.39 -52.25
N ALA H 34 42.87 20.60 -51.34
CA ALA H 34 42.98 19.18 -51.34
C ALA H 34 42.45 18.70 -52.68
N LEU H 35 41.45 19.36 -53.26
CA LEU H 35 40.90 19.00 -54.59
C LEU H 35 41.85 19.35 -55.74
N SER H 36 42.35 20.59 -55.75
CA SER H 36 43.43 20.92 -56.69
C SER H 36 44.68 20.06 -56.56
N ALA H 37 44.90 19.50 -55.37
CA ALA H 37 46.05 18.65 -55.19
C ALA H 37 45.83 17.17 -55.68
N GLY H 38 44.66 16.87 -56.23
CA GLY H 38 44.44 15.64 -56.98
C GLY H 38 43.93 14.46 -56.16
N PHE H 39 43.65 14.68 -54.88
CA PHE H 39 42.96 13.64 -54.11
C PHE H 39 41.61 13.22 -54.66
N ASP H 40 41.32 11.92 -54.56
CA ASP H 40 40.06 11.32 -55.08
C ASP H 40 39.02 11.05 -53.98
N ALA H 41 39.28 11.52 -52.75
CA ALA H 41 38.27 11.50 -51.69
C ALA H 41 38.64 12.48 -50.60
N LEU H 42 37.69 12.93 -49.79
CA LEU H 42 38.01 13.83 -48.71
C LEU H 42 37.46 13.44 -47.35
N TYR H 43 38.14 13.84 -46.31
CA TYR H 43 37.58 13.60 -45.06
C TYR H 43 37.41 14.96 -44.38
N MET H 44 36.14 15.20 -44.02
CA MET H 44 35.71 16.31 -43.19
C MET H 44 35.93 15.94 -41.76
N THR H 45 36.92 16.53 -41.12
CA THR H 45 37.12 16.27 -39.74
C THR H 45 36.05 16.95 -38.84
N GLY H 46 35.62 16.23 -37.81
CA GLY H 46 34.85 16.82 -36.73
C GLY H 46 35.70 17.79 -35.95
N ALA H 47 36.90 17.40 -35.56
CA ALA H 47 37.75 18.30 -34.77
C ALA H 47 38.03 19.56 -35.60
N GLY H 48 38.36 19.39 -36.86
CA GLY H 48 38.66 20.51 -37.70
C GLY H 48 37.46 21.39 -37.75
N THR H 49 36.28 20.78 -37.88
CA THR H 49 35.10 21.57 -38.08
C THR H 49 34.96 22.50 -36.89
N ALA H 50 35.18 21.96 -35.69
CA ALA H 50 35.02 22.74 -34.47
C ALA H 50 35.99 23.88 -34.39
N ALA H 51 37.18 23.69 -34.96
CA ALA H 51 38.24 24.71 -34.79
C ALA H 51 37.91 25.89 -35.68
N SER H 52 37.46 25.59 -36.88
CA SER H 52 37.14 26.57 -37.87
C SER H 52 35.80 27.22 -37.60
N VAL H 53 34.75 26.40 -37.33
CA VAL H 53 33.42 26.94 -37.30
C VAL H 53 33.21 27.72 -36.04
N HIS H 54 33.65 27.11 -34.92
CA HIS H 54 33.56 27.80 -33.66
C HIS H 54 34.91 28.28 -33.10
N GLY H 55 36.03 27.79 -33.58
CA GLY H 55 37.31 28.23 -33.01
C GLY H 55 37.47 27.59 -31.66
N GLN H 56 36.98 26.36 -31.58
CA GLN H 56 36.80 25.72 -30.28
C GLN H 56 37.41 24.34 -30.42
N ALA H 57 37.75 23.64 -29.34
CA ALA H 57 38.40 22.27 -29.40
C ALA H 57 37.36 21.16 -29.50
N ASP H 58 37.82 19.98 -29.87
CA ASP H 58 36.98 18.83 -30.27
C ASP H 58 36.34 18.26 -29.00
N LEU H 59 35.28 18.90 -28.57
CA LEU H 59 34.66 18.52 -27.34
C LEU H 59 33.14 18.34 -27.47
N GLY H 60 32.65 18.02 -28.70
CA GLY H 60 31.21 17.83 -28.95
C GLY H 60 30.36 19.09 -28.83
N ILE H 61 31.01 20.24 -29.08
CA ILE H 61 30.41 21.56 -29.23
C ILE H 61 29.71 21.66 -30.60
N CYS H 62 30.12 20.85 -31.56
CA CYS H 62 29.51 20.93 -32.87
C CYS H 62 28.15 20.32 -32.86
N THR H 63 27.19 21.04 -33.41
CA THR H 63 25.81 20.66 -33.42
C THR H 63 25.44 19.87 -34.68
N LEU H 64 24.33 19.15 -34.71
CA LEU H 64 23.93 18.47 -35.97
C LEU H 64 23.94 19.48 -37.15
N ASN H 65 23.35 20.65 -36.91
CA ASN H 65 23.25 21.69 -37.90
C ASN H 65 24.60 22.13 -38.32
N ASP H 66 25.53 22.23 -37.37
CA ASP H 66 26.84 22.69 -37.72
C ASP H 66 27.54 21.71 -38.69
N MET H 67 27.61 20.43 -38.29
CA MET H 67 28.33 19.46 -39.06
C MET H 67 27.56 19.21 -40.36
N ARG H 68 26.23 19.03 -40.31
CA ARG H 68 25.48 18.86 -41.58
C ARG H 68 25.75 19.96 -42.63
N ALA H 69 25.74 21.23 -42.22
CA ALA H 69 26.03 22.32 -43.14
C ALA H 69 27.42 22.20 -43.74
N ASN H 70 28.36 22.00 -42.87
CA ASN H 70 29.72 21.97 -43.30
C ASN H 70 30.01 20.80 -44.19
N ALA H 71 29.63 19.62 -43.74
CA ALA H 71 29.70 18.46 -44.59
C ALA H 71 29.04 18.70 -45.92
N GLU H 72 27.91 19.39 -45.93
CA GLU H 72 27.16 19.51 -47.20
C GLU H 72 27.92 20.25 -48.28
N MET H 73 28.52 21.34 -47.87
CA MET H 73 29.03 22.31 -48.78
C MET H 73 30.31 21.74 -49.30
N ILE H 74 30.97 21.02 -48.41
CA ILE H 74 32.22 20.37 -48.79
C ILE H 74 31.98 19.23 -49.74
N SER H 75 30.79 18.62 -49.68
CA SER H 75 30.47 17.57 -50.59
C SER H 75 30.23 18.09 -52.00
N ASN H 76 29.66 19.28 -52.15
CA ASN H 76 29.30 19.77 -53.49
C ASN H 76 30.30 20.72 -54.15
N ILE H 77 31.36 21.00 -53.42
CA ILE H 77 32.48 21.64 -54.04
C ILE H 77 32.85 20.81 -55.29
N SER H 78 33.13 19.51 -55.13
CA SER H 78 33.16 18.60 -56.24
C SER H 78 32.21 17.44 -56.02
N PRO H 79 31.01 17.46 -56.68
CA PRO H 79 29.99 16.41 -56.42
C PRO H 79 30.45 14.93 -56.59
N SER H 80 31.42 14.70 -57.46
CA SER H 80 31.84 13.31 -57.76
C SER H 80 33.06 12.80 -56.93
N THR H 81 33.69 13.68 -56.17
CA THR H 81 34.67 13.21 -55.22
C THR H 81 33.84 12.80 -54.01
N PRO H 82 33.96 11.53 -53.63
CA PRO H 82 33.33 11.03 -52.42
C PRO H 82 33.88 11.75 -51.22
N VAL H 83 32.97 12.20 -50.35
CA VAL H 83 33.33 12.82 -49.06
C VAL H 83 33.00 11.91 -47.87
N ILE H 84 33.97 11.63 -47.00
CA ILE H 84 33.68 10.90 -45.78
C ILE H 84 33.55 11.95 -44.68
N ALA H 85 32.51 11.88 -43.85
CA ALA H 85 32.23 12.94 -42.92
C ALA H 85 32.01 12.46 -41.52
N ASP H 86 32.74 13.05 -40.59
CA ASP H 86 32.62 12.79 -39.16
C ASP H 86 31.21 13.15 -38.73
N ALA H 87 30.63 12.29 -37.92
CA ALA H 87 29.29 12.50 -37.35
C ALA H 87 29.21 12.17 -35.88
N ASP H 88 30.38 12.04 -35.23
CA ASP H 88 30.39 12.13 -33.84
C ASP H 88 29.56 10.95 -33.25
N THR H 89 28.58 11.17 -32.38
CA THR H 89 27.85 10.03 -31.80
C THR H 89 26.39 10.00 -32.30
N GLY H 90 26.09 10.81 -33.32
CA GLY H 90 24.76 10.83 -33.89
C GLY H 90 23.81 11.92 -33.43
N TYR H 91 24.32 12.86 -32.67
CA TYR H 91 23.51 13.99 -32.19
C TYR H 91 22.28 13.60 -31.39
N GLY H 92 22.24 12.36 -30.89
CA GLY H 92 21.17 11.92 -29.94
C GLY H 92 20.96 10.41 -29.83
N GLY H 93 19.70 10.00 -29.80
CA GLY H 93 19.39 8.59 -29.97
C GLY H 93 18.95 8.32 -31.39
N PRO H 94 18.31 7.16 -31.61
CA PRO H 94 17.87 6.68 -32.90
C PRO H 94 17.13 7.77 -33.64
N ILE H 95 16.16 8.41 -33.02
CA ILE H 95 15.38 9.49 -33.67
C ILE H 95 16.30 10.49 -34.33
N MET H 96 17.35 10.86 -33.60
CA MET H 96 18.37 11.81 -34.08
C MET H 96 19.40 11.23 -35.04
N VAL H 97 19.87 10.02 -34.79
CA VAL H 97 20.79 9.42 -35.76
C VAL H 97 20.20 9.39 -37.19
N ALA H 98 18.92 8.99 -37.24
CA ALA H 98 18.09 8.95 -38.44
C ALA H 98 18.04 10.27 -39.21
N ARG H 99 17.72 11.33 -38.47
CA ARG H 99 17.68 12.63 -39.05
C ARG H 99 19.02 12.91 -39.64
N THR H 100 20.10 12.51 -38.97
CA THR H 100 21.44 12.85 -39.45
C THR H 100 21.76 12.11 -40.73
N THR H 101 21.51 10.80 -40.69
CA THR H 101 21.64 9.91 -41.86
C THR H 101 20.79 10.59 -42.96
N GLU H 102 19.52 10.83 -42.71
CA GLU H 102 18.72 11.45 -43.77
C GLU H 102 19.44 12.69 -44.35
N GLN H 103 19.94 13.55 -43.47
CA GLN H 103 20.47 14.82 -43.93
C GLN H 103 21.82 14.69 -44.63
N TYR H 104 22.73 13.94 -44.06
CA TYR H 104 23.97 13.75 -44.77
C TYR H 104 23.61 13.16 -46.18
N SER H 105 22.62 12.29 -46.25
CA SER H 105 22.28 11.69 -47.53
C SER H 105 21.79 12.69 -48.56
N ARG H 106 20.81 13.50 -48.21
CA ARG H 106 20.29 14.51 -49.08
C ARG H 106 21.42 15.47 -49.43
N SER H 107 22.41 15.59 -48.56
CA SER H 107 23.54 16.58 -48.74
C SER H 107 24.58 16.24 -49.81
N GLY H 108 24.58 14.99 -50.26
CA GLY H 108 25.67 14.42 -51.05
C GLY H 108 26.79 13.72 -50.27
N VAL H 109 26.64 13.57 -48.96
CA VAL H 109 27.75 13.03 -48.16
C VAL H 109 27.97 11.59 -48.55
N ALA H 110 29.20 11.23 -48.86
CA ALA H 110 29.37 9.91 -49.47
C ALA H 110 29.40 8.83 -48.38
N ALA H 111 29.74 9.25 -47.16
CA ALA H 111 30.05 8.31 -46.08
C ALA H 111 30.13 9.00 -44.74
N PHE H 112 29.75 8.32 -43.67
CA PHE H 112 29.84 8.88 -42.33
C PHE H 112 30.16 7.92 -41.20
N HIS H 113 30.49 8.49 -40.04
CA HIS H 113 30.93 7.67 -38.95
C HIS H 113 30.44 7.95 -37.55
N ILE H 114 29.85 6.92 -36.92
CA ILE H 114 29.23 7.08 -35.60
C ILE H 114 30.03 6.32 -34.59
N GLU H 115 30.40 7.00 -33.49
CA GLU H 115 31.26 6.40 -32.44
C GLU H 115 30.42 6.01 -31.19
N ASP H 116 31.10 5.53 -30.15
CA ASP H 116 30.39 4.90 -29.02
C ASP H 116 30.55 5.72 -27.73
N GLN H 117 30.86 6.98 -27.90
CA GLN H 117 31.03 7.82 -26.78
C GLN H 117 29.70 8.38 -26.29
N VAL H 118 29.68 8.95 -25.09
CA VAL H 118 28.52 9.70 -24.68
C VAL H 118 28.41 10.92 -25.62
N GLN H 119 27.23 11.42 -25.87
CA GLN H 119 27.10 12.49 -26.80
C GLN H 119 28.08 13.68 -26.64
N THR H 120 28.31 14.15 -25.42
CA THR H 120 29.34 15.22 -25.26
C THR H 120 30.75 14.58 -25.38
N LYS H 121 31.12 14.23 -26.63
CA LYS H 121 32.27 13.39 -26.93
C LYS H 121 33.57 14.18 -26.96
N ARG H 122 34.72 13.53 -27.05
CA ARG H 122 36.00 14.21 -27.21
C ARG H 122 36.83 13.60 -28.27
N CYS H 123 37.82 14.30 -28.82
CA CYS H 123 38.83 13.68 -29.69
C CYS H 123 39.28 12.32 -29.23
N GLY H 124 39.37 11.37 -30.17
CA GLY H 124 39.70 9.99 -29.84
C GLY H 124 41.09 9.78 -29.21
N HIS H 125 41.98 10.74 -29.48
CA HIS H 125 43.37 10.76 -29.00
C HIS H 125 43.53 11.60 -27.69
N LEU H 126 42.43 11.95 -27.07
CA LEU H 126 42.49 12.44 -25.73
C LEU H 126 42.22 11.39 -24.72
N ALA H 127 42.84 11.57 -23.57
CA ALA H 127 42.55 10.80 -22.40
C ALA H 127 41.19 11.11 -21.81
N GLY H 128 40.61 10.16 -21.13
CA GLY H 128 39.50 10.44 -20.25
C GLY H 128 38.15 10.10 -20.79
N LYS H 129 38.17 9.55 -21.97
CA LYS H 129 36.99 9.24 -22.75
C LYS H 129 35.96 8.43 -21.96
N ILE H 130 34.71 8.88 -22.06
CA ILE H 130 33.54 8.20 -21.48
C ILE H 130 32.70 7.62 -22.62
N LEU H 131 32.10 6.45 -22.38
CA LEU H 131 31.42 5.72 -23.48
C LEU H 131 30.04 5.29 -23.07
N VAL H 132 29.28 4.90 -24.07
CA VAL H 132 27.98 4.35 -23.83
C VAL H 132 28.16 2.80 -23.88
N ASP H 133 27.24 2.03 -23.29
CA ASP H 133 27.33 0.55 -23.29
C ASP H 133 27.19 -0.02 -24.71
N THR H 134 27.55 -1.28 -24.91
CA THR H 134 27.46 -1.88 -26.25
C THR H 134 26.07 -1.66 -26.83
N ASP H 135 25.10 -2.05 -26.03
CA ASP H 135 23.73 -2.02 -26.47
C ASP H 135 23.20 -0.71 -27.05
N THR H 136 23.37 0.39 -26.33
CA THR H 136 22.99 1.69 -26.85
C THR H 136 23.71 2.04 -28.14
N TYR H 137 24.96 1.57 -28.25
CA TYR H 137 25.84 1.90 -29.37
C TYR H 137 25.34 1.23 -30.63
N VAL H 138 25.14 -0.07 -30.50
CA VAL H 138 24.47 -0.88 -31.50
C VAL H 138 23.24 -0.28 -32.07
N THR H 139 22.36 0.14 -31.17
CA THR H 139 21.14 0.88 -31.53
C THR H 139 21.44 2.10 -32.37
N ARG H 140 22.60 2.75 -32.19
CA ARG H 140 22.90 3.91 -33.01
C ARG H 140 23.08 3.47 -34.48
N ILE H 141 23.74 2.34 -34.70
CA ILE H 141 24.17 1.92 -36.01
C ILE H 141 22.92 1.38 -36.71
N ARG H 142 22.13 0.62 -35.94
CA ARG H 142 21.01 -0.11 -36.54
C ARG H 142 20.10 0.99 -37.07
N ALA H 143 19.93 2.02 -36.23
CA ALA H 143 19.27 3.26 -36.63
C ALA H 143 19.75 3.83 -37.96
N ALA H 144 21.06 3.94 -38.14
CA ALA H 144 21.62 4.60 -39.30
C ALA H 144 21.39 3.72 -40.55
N VAL H 145 21.70 2.43 -40.39
CA VAL H 145 21.41 1.48 -41.42
C VAL H 145 19.92 1.55 -41.82
N GLN H 146 19.02 1.43 -40.85
CA GLN H 146 17.57 1.44 -41.18
C GLN H 146 17.08 2.78 -41.76
N ALA H 147 17.60 3.89 -41.25
CA ALA H 147 17.29 5.19 -41.85
C ALA H 147 17.73 5.25 -43.34
N ARG H 148 18.87 4.66 -43.65
CA ARG H 148 19.41 4.65 -45.01
C ARG H 148 18.39 3.94 -45.94
N GLN H 149 18.02 2.70 -45.54
CA GLN H 149 17.32 1.75 -46.38
C GLN H 149 15.95 2.33 -46.71
N ARG H 150 15.33 2.89 -45.69
CA ARG H 150 14.06 3.55 -45.80
C ARG H 150 14.07 4.57 -46.93
N ILE H 151 15.06 5.45 -46.97
CA ILE H 151 15.23 6.44 -48.05
C ILE H 151 15.96 5.98 -49.35
N GLY H 152 16.42 4.74 -49.38
CA GLY H 152 17.11 4.24 -50.55
C GLY H 152 18.46 4.90 -50.63
N SER H 153 19.00 5.36 -49.54
CA SER H 153 20.29 5.97 -49.68
C SER H 153 21.43 4.95 -49.68
N ASP H 154 22.35 5.09 -50.61
CA ASP H 154 23.62 4.35 -50.54
C ASP H 154 24.69 4.88 -49.58
N ILE H 155 24.37 5.81 -48.69
CA ILE H 155 25.43 6.40 -47.86
C ILE H 155 26.07 5.28 -47.03
N VAL H 156 27.38 5.37 -46.83
CA VAL H 156 28.21 4.33 -46.19
C VAL H 156 28.32 4.50 -44.66
N VAL H 157 28.04 3.42 -43.90
CA VAL H 157 27.93 3.56 -42.46
C VAL H 157 29.20 2.95 -41.90
N ILE H 158 30.10 3.85 -41.51
CA ILE H 158 31.35 3.53 -40.83
C ILE H 158 31.18 3.54 -39.29
N ALA H 159 31.38 2.41 -38.60
CA ALA H 159 31.22 2.30 -37.13
C ALA H 159 32.58 2.39 -36.42
N ARG H 160 32.78 3.41 -35.59
CA ARG H 160 34.04 3.70 -34.90
C ARG H 160 33.89 3.14 -33.50
N THR H 161 34.97 2.71 -32.90
CA THR H 161 34.85 2.49 -31.48
C THR H 161 35.98 3.23 -30.78
N ASP H 162 35.64 3.90 -29.69
CA ASP H 162 36.59 4.69 -28.92
C ASP H 162 37.05 3.87 -27.70
N SER H 163 36.77 2.56 -27.74
CA SER H 163 36.81 1.80 -26.48
C SER H 163 38.13 1.13 -26.13
N LEU H 164 38.99 0.93 -27.13
CA LEU H 164 40.31 0.41 -26.85
C LEU H 164 40.86 1.09 -25.61
N GLN H 165 40.79 2.42 -25.56
CA GLN H 165 41.48 3.18 -24.54
C GLN H 165 41.02 2.88 -23.15
N THR H 166 39.70 2.72 -22.96
CA THR H 166 39.13 2.43 -21.63
C THR H 166 38.91 0.96 -21.38
N HIS H 167 38.37 0.24 -22.37
CA HIS H 167 38.11 -1.21 -22.20
C HIS H 167 39.12 -2.26 -22.71
N GLY H 168 40.23 -1.82 -23.31
CA GLY H 168 41.19 -2.76 -23.88
C GLY H 168 40.70 -3.30 -25.22
N TYR H 169 41.60 -3.98 -25.92
CA TYR H 169 41.40 -4.42 -27.31
C TYR H 169 40.21 -5.33 -27.44
N GLU H 170 40.16 -6.29 -26.53
CA GLU H 170 39.15 -7.31 -26.56
C GLU H 170 37.75 -6.75 -26.73
N GLU H 171 37.39 -5.76 -25.90
CA GLU H 171 36.07 -5.14 -25.92
C GLU H 171 35.79 -4.30 -27.19
N SER H 172 36.82 -3.68 -27.75
CA SER H 172 36.60 -2.81 -28.90
C SER H 172 36.24 -3.63 -30.12
N VAL H 173 36.96 -4.72 -30.31
CA VAL H 173 36.66 -5.77 -31.32
C VAL H 173 35.27 -6.39 -31.16
N ALA H 174 34.87 -6.77 -29.93
CA ALA H 174 33.49 -7.19 -29.67
C ALA H 174 32.49 -6.10 -30.17
N ARG H 175 32.75 -4.84 -29.82
CA ARG H 175 31.89 -3.77 -30.27
C ARG H 175 31.81 -3.60 -31.82
N LEU H 176 32.94 -3.74 -32.50
CA LEU H 176 33.01 -3.65 -33.95
C LEU H 176 32.30 -4.79 -34.64
N ARG H 177 32.49 -6.01 -34.10
CA ARG H 177 31.68 -7.22 -34.42
C ARG H 177 30.16 -6.92 -34.34
N ALA H 178 29.74 -6.35 -33.21
CA ALA H 178 28.32 -6.08 -32.97
C ALA H 178 27.87 -5.04 -33.95
N ALA H 179 28.68 -4.00 -34.13
CA ALA H 179 28.44 -3.07 -35.28
C ALA H 179 28.25 -3.78 -36.64
N ARG H 180 29.24 -4.60 -37.06
CA ARG H 180 29.11 -5.28 -38.34
C ARG H 180 27.74 -5.96 -38.44
N ASP H 181 27.37 -6.71 -37.36
CA ASP H 181 26.15 -7.53 -37.28
C ASP H 181 24.95 -6.69 -37.53
N ALA H 182 24.89 -5.51 -36.89
CA ALA H 182 23.82 -4.52 -37.08
C ALA H 182 23.76 -3.84 -38.42
N GLY H 183 24.63 -4.18 -39.38
CA GLY H 183 24.55 -3.54 -40.67
C GLY H 183 25.68 -2.62 -41.12
N ALA H 184 26.60 -2.21 -40.22
CA ALA H 184 27.61 -1.18 -40.63
C ALA H 184 28.50 -1.68 -41.77
N ASP H 185 28.98 -0.77 -42.60
CA ASP H 185 29.73 -1.16 -43.78
C ASP H 185 31.21 -1.26 -43.59
N VAL H 186 31.76 -0.46 -42.68
CA VAL H 186 33.19 -0.30 -42.51
C VAL H 186 33.47 -0.27 -41.00
N GLY H 187 34.61 -0.80 -40.57
CA GLY H 187 34.96 -0.82 -39.16
C GLY H 187 36.03 0.20 -38.89
N PHE H 188 36.01 0.83 -37.69
CA PHE H 188 36.83 1.99 -37.37
C PHE H 188 37.20 1.92 -35.92
N LEU H 189 38.34 1.29 -35.63
CA LEU H 189 38.94 1.30 -34.32
C LEU H 189 39.76 2.54 -34.22
N GLU H 190 39.32 3.48 -33.41
CA GLU H 190 40.10 4.69 -33.25
C GLU H 190 41.29 4.44 -32.29
N GLY H 191 42.41 5.15 -32.56
CA GLY H 191 43.53 5.20 -31.67
C GLY H 191 44.25 3.89 -31.70
N ILE H 192 44.43 3.29 -32.88
CA ILE H 192 45.24 2.06 -32.93
C ILE H 192 46.64 2.32 -32.42
N THR H 193 47.08 1.38 -31.62
CA THR H 193 48.16 1.58 -30.69
C THR H 193 49.51 1.04 -31.08
N SER H 194 49.53 0.12 -32.03
CA SER H 194 50.70 -0.62 -32.44
C SER H 194 50.46 -1.20 -33.83
N ARG H 195 51.53 -1.39 -34.60
CA ARG H 195 51.45 -2.10 -35.86
C ARG H 195 50.98 -3.53 -35.69
N GLU H 196 51.27 -4.20 -34.56
CA GLU H 196 50.74 -5.57 -34.24
C GLU H 196 49.21 -5.56 -34.20
N MET H 197 48.67 -4.62 -33.43
CA MET H 197 47.23 -4.40 -33.29
C MET H 197 46.61 -4.00 -34.61
N ALA H 198 47.31 -3.23 -35.43
CA ALA H 198 46.72 -2.92 -36.70
C ALA H 198 46.54 -4.19 -37.56
N ARG H 199 47.53 -5.06 -37.53
CA ARG H 199 47.44 -6.26 -38.30
C ARG H 199 46.39 -7.20 -37.70
N GLN H 200 46.28 -7.13 -36.38
CA GLN H 200 45.54 -8.07 -35.59
C GLN H 200 44.06 -7.73 -35.53
N VAL H 201 43.69 -6.49 -35.82
CA VAL H 201 42.24 -6.24 -36.01
C VAL H 201 41.88 -6.60 -37.42
N ILE H 202 42.83 -6.41 -38.33
CA ILE H 202 42.52 -6.61 -39.72
C ILE H 202 42.16 -8.09 -39.90
N GLN H 203 42.91 -8.97 -39.20
CA GLN H 203 42.71 -10.42 -39.27
C GLN H 203 41.46 -10.84 -38.51
N ASP H 204 41.20 -10.14 -37.39
CA ASP H 204 40.02 -10.36 -36.57
C ASP H 204 38.71 -9.97 -37.28
N LEU H 205 38.76 -9.04 -38.19
CA LEU H 205 37.54 -8.67 -38.83
C LEU H 205 37.69 -8.99 -40.27
N ALA H 206 38.54 -9.96 -40.58
CA ALA H 206 38.86 -10.27 -41.98
C ALA H 206 37.69 -10.27 -42.91
N GLY H 207 37.95 -9.64 -44.05
CA GLY H 207 36.98 -9.50 -45.08
C GLY H 207 36.02 -8.35 -44.84
N TRP H 208 36.04 -7.75 -43.66
CA TRP H 208 35.24 -6.54 -43.46
C TRP H 208 36.14 -5.31 -43.60
N PRO H 209 35.78 -4.38 -44.54
CA PRO H 209 36.67 -3.22 -44.79
C PRO H 209 36.92 -2.42 -43.51
N LEU H 210 38.10 -1.88 -43.34
CA LEU H 210 38.44 -1.15 -42.13
C LEU H 210 39.03 0.21 -42.45
N LEU H 211 39.09 1.09 -41.47
CA LEU H 211 39.59 2.41 -41.71
C LEU H 211 40.61 2.68 -40.63
N LEU H 212 41.80 3.10 -41.05
CA LEU H 212 42.78 3.59 -40.12
C LEU H 212 42.73 5.09 -40.02
N ASN H 213 42.92 5.62 -38.83
CA ASN H 213 42.82 7.08 -38.63
C ASN H 213 44.24 7.58 -38.39
N MET H 214 44.88 8.16 -39.38
CA MET H 214 46.25 8.48 -39.20
C MET H 214 46.37 9.84 -38.65
N VAL H 215 46.07 9.99 -37.34
CA VAL H 215 46.39 11.21 -36.56
C VAL H 215 47.81 11.00 -36.02
N GLU H 216 48.72 11.96 -36.29
CA GLU H 216 50.13 11.89 -35.93
C GLU H 216 50.29 12.38 -34.51
N HIS H 217 51.32 11.89 -33.86
CA HIS H 217 51.67 12.29 -32.52
C HIS H 217 50.56 12.13 -31.47
N GLY H 218 49.70 11.16 -31.68
CA GLY H 218 48.74 10.80 -30.65
C GLY H 218 49.10 9.39 -30.21
N ALA H 219 48.16 8.45 -30.37
CA ALA H 219 48.26 7.12 -29.82
C ALA H 219 48.75 6.09 -30.82
N THR H 220 48.74 6.50 -32.08
CA THR H 220 48.82 5.61 -33.22
C THR H 220 50.13 5.92 -33.90
N PRO H 221 50.88 4.87 -34.24
CA PRO H 221 52.22 5.08 -34.78
C PRO H 221 52.09 5.42 -36.25
N SER H 222 53.04 6.16 -36.82
CA SER H 222 53.00 6.51 -38.25
C SER H 222 52.91 5.42 -39.27
N ILE H 223 51.76 5.31 -39.93
CA ILE H 223 51.58 4.34 -41.02
C ILE H 223 51.20 5.10 -42.27
N SER H 224 52.08 5.04 -43.27
CA SER H 224 51.89 5.69 -44.55
C SER H 224 50.83 4.95 -45.40
N ALA H 225 50.19 5.70 -46.31
CA ALA H 225 49.11 5.18 -47.16
C ALA H 225 49.45 3.85 -47.81
N ALA H 226 50.72 3.69 -48.20
CA ALA H 226 51.11 2.50 -48.91
C ALA H 226 51.15 1.32 -47.93
N GLU H 227 51.77 1.51 -46.78
CA GLU H 227 51.85 0.45 -45.80
C GLU H 227 50.49 -0.04 -45.35
N ALA H 228 49.59 0.91 -45.21
CA ALA H 228 48.22 0.68 -44.78
C ALA H 228 47.46 -0.17 -45.83
N LYS H 229 47.67 0.15 -47.12
CA LYS H 229 47.01 -0.56 -48.21
C LYS H 229 47.44 -1.97 -48.05
N GLU H 230 48.75 -2.18 -47.94
CA GLU H 230 49.31 -3.51 -47.98
C GLU H 230 49.11 -4.31 -46.70
N MET H 231 48.87 -3.62 -45.60
CA MET H 231 48.41 -4.30 -44.40
C MET H 231 46.99 -4.75 -44.53
N GLY H 232 46.23 -4.14 -45.43
CA GLY H 232 44.83 -4.54 -45.58
C GLY H 232 43.73 -3.54 -45.31
N PHE H 233 44.01 -2.46 -44.61
CA PHE H 233 43.03 -1.42 -44.46
C PHE H 233 42.57 -0.98 -45.82
N ARG H 234 41.33 -0.47 -45.89
CA ARG H 234 40.67 -0.11 -47.15
C ARG H 234 40.49 1.39 -47.30
N ILE H 235 40.67 2.11 -46.18
CA ILE H 235 40.59 3.54 -46.11
C ILE H 235 41.56 4.09 -45.04
N ILE H 236 42.40 5.02 -45.46
CA ILE H 236 43.19 5.84 -44.55
C ILE H 236 42.71 7.35 -44.55
N ILE H 237 42.67 7.97 -43.37
CA ILE H 237 42.31 9.38 -43.24
C ILE H 237 43.36 10.23 -42.48
N PHE H 238 43.42 11.53 -42.79
CA PHE H 238 44.41 12.42 -42.21
C PHE H 238 43.74 13.67 -41.57
N PRO H 239 43.04 13.45 -40.43
CA PRO H 239 42.22 14.54 -39.94
C PRO H 239 42.87 15.96 -39.96
N PHE H 240 44.20 16.05 -39.77
CA PHE H 240 44.87 17.35 -39.63
C PHE H 240 45.78 17.64 -40.79
N ALA H 241 45.45 17.08 -41.94
CA ALA H 241 46.34 17.14 -43.09
C ALA H 241 46.46 18.57 -43.50
N ALA H 242 45.38 19.32 -43.28
CA ALA H 242 45.36 20.74 -43.63
C ALA H 242 45.36 21.68 -42.43
N LEU H 243 44.64 21.32 -41.41
CA LEU H 243 44.56 22.15 -40.25
C LEU H 243 45.96 22.33 -39.57
N GLY H 244 46.82 21.33 -39.69
CA GLY H 244 48.12 21.38 -39.06
C GLY H 244 48.94 22.47 -39.69
N PRO H 245 49.21 22.31 -40.99
CA PRO H 245 49.97 23.23 -41.80
C PRO H 245 49.39 24.63 -41.79
N ALA H 246 48.05 24.73 -41.70
CA ALA H 246 47.39 26.03 -41.67
C ALA H 246 47.69 26.78 -40.38
N VAL H 247 47.78 26.07 -39.25
CA VAL H 247 48.11 26.73 -37.99
C VAL H 247 49.58 27.25 -37.88
N ALA H 248 50.53 26.39 -38.24
CA ALA H 248 51.94 26.81 -38.27
C ALA H 248 52.06 28.02 -39.18
N ALA H 249 51.59 27.93 -40.41
CA ALA H 249 51.75 29.06 -41.31
C ALA H 249 51.07 30.38 -40.78
N MET H 250 49.82 30.29 -40.34
CA MET H 250 49.13 31.51 -39.90
C MET H 250 49.80 32.15 -38.68
N ARG H 251 50.32 31.28 -37.82
CA ARG H 251 51.01 31.69 -36.58
C ARG H 251 52.22 32.49 -36.94
N GLU H 252 52.99 31.95 -37.86
CA GLU H 252 54.18 32.61 -38.27
C GLU H 252 53.88 33.89 -38.97
N ALA H 253 52.85 33.87 -39.78
CA ALA H 253 52.55 34.96 -40.66
C ALA H 253 51.99 36.12 -39.84
N MET H 254 51.25 35.77 -38.75
CA MET H 254 50.79 36.78 -37.78
C MET H 254 51.91 37.37 -36.95
N GLU H 255 52.96 36.58 -36.64
CA GLU H 255 54.12 37.14 -35.93
C GLU H 255 54.94 38.04 -36.84
N LYS H 256 54.93 37.70 -38.13
CA LYS H 256 55.62 38.46 -39.13
C LYS H 256 54.96 39.82 -39.27
N LEU H 257 53.63 39.84 -39.38
CA LEU H 257 52.87 41.07 -39.49
C LEU H 257 53.06 41.92 -38.27
N LYS H 258 53.11 41.28 -37.11
CA LYS H 258 53.35 41.97 -35.83
C LYS H 258 54.69 42.77 -35.80
N ARG H 259 55.83 42.12 -36.04
CA ARG H 259 57.10 42.81 -36.04
C ARG H 259 57.12 43.75 -37.22
N ASP H 260 56.59 43.32 -38.35
CA ASP H 260 56.84 44.04 -39.60
C ASP H 260 55.94 45.25 -39.77
N GLY H 261 54.63 45.06 -39.86
CA GLY H 261 53.70 46.17 -40.14
C GLY H 261 52.91 46.04 -41.42
N ILE H 262 53.19 44.95 -42.11
CA ILE H 262 52.62 44.62 -43.43
C ILE H 262 52.86 43.15 -43.59
N PRO H 263 51.88 42.47 -44.19
CA PRO H 263 51.93 41.05 -44.41
C PRO H 263 53.09 40.58 -45.24
N GLY H 264 53.46 41.37 -46.26
CA GLY H 264 54.36 40.95 -47.32
C GLY H 264 54.11 39.57 -47.91
N LEU H 265 52.90 39.33 -48.39
CA LEU H 265 52.59 38.11 -49.14
C LEU H 265 53.25 38.10 -50.47
N ASP H 266 53.42 36.90 -51.02
CA ASP H 266 54.21 36.68 -52.23
C ASP H 266 53.55 37.37 -53.44
N LYS H 267 54.36 37.97 -54.33
CA LYS H 267 53.83 38.72 -55.54
C LYS H 267 52.76 37.89 -56.18
N GLU H 268 52.97 36.59 -56.15
CA GLU H 268 52.00 35.62 -56.63
C GLU H 268 50.56 35.76 -56.05
N MET H 269 50.43 36.15 -54.79
CA MET H 269 49.14 36.00 -54.14
C MET H 269 48.17 37.16 -54.26
N THR H 270 47.72 37.42 -55.48
CA THR H 270 46.75 38.45 -55.71
C THR H 270 45.36 37.97 -55.32
N PRO H 271 44.44 38.94 -55.11
CA PRO H 271 43.08 38.52 -54.73
C PRO H 271 42.45 37.53 -55.74
N GLN H 272 42.60 37.79 -57.04
CA GLN H 272 42.15 36.84 -58.07
C GLN H 272 42.76 35.48 -57.89
N MET H 273 44.08 35.40 -57.75
CA MET H 273 44.73 34.11 -57.61
C MET H 273 44.08 33.42 -56.42
N LEU H 274 43.97 34.14 -55.32
CA LEU H 274 43.29 33.58 -54.18
C LEU H 274 41.84 33.16 -54.54
N PHE H 275 41.04 34.03 -55.14
CA PHE H 275 39.67 33.65 -55.48
C PHE H 275 39.57 32.47 -56.41
N ARG H 276 40.54 32.42 -57.32
CA ARG H 276 40.67 31.37 -58.28
C ARG H 276 40.79 29.98 -57.65
N VAL H 277 41.60 29.81 -56.60
CA VAL H 277 41.52 28.58 -55.75
C VAL H 277 40.08 28.14 -55.33
N CYS H 278 39.16 29.11 -55.14
CA CYS H 278 37.75 28.88 -54.81
C CYS H 278 36.71 28.98 -55.96
N GLY H 279 37.15 28.67 -57.16
CA GLY H 279 36.26 28.53 -58.30
C GLY H 279 35.87 29.83 -58.91
N LEU H 280 36.69 30.87 -58.81
CA LEU H 280 36.29 32.11 -59.48
C LEU H 280 35.78 31.88 -60.93
N ASP H 281 36.54 31.13 -61.72
CA ASP H 281 36.27 30.99 -63.15
C ASP H 281 35.02 30.16 -63.42
N GLU H 282 34.77 29.18 -62.54
CA GLU H 282 33.54 28.42 -62.66
C GLU H 282 32.38 29.37 -62.40
N SER H 283 32.44 30.16 -61.33
CA SER H 283 31.39 31.13 -61.05
C SER H 283 31.15 32.13 -62.21
N MET H 284 32.20 32.82 -62.67
CA MET H 284 32.08 33.67 -63.87
C MET H 284 31.46 32.97 -65.10
N LYS H 285 31.66 31.66 -65.23
CA LYS H 285 31.10 30.93 -66.34
C LYS H 285 29.61 30.60 -66.16
N VAL H 286 29.20 30.23 -64.94
CA VAL H 286 27.78 30.08 -64.60
C VAL H 286 26.99 31.34 -65.01
N ASP H 287 27.59 32.52 -64.77
CA ASP H 287 26.95 33.82 -65.07
C ASP H 287 26.86 34.14 -66.55
N ALA H 288 27.97 33.95 -67.25
CA ALA H 288 28.01 34.21 -68.70
C ALA H 288 27.06 33.24 -69.46
N GLN H 289 26.92 32.04 -68.93
CA GLN H 289 26.12 30.96 -69.51
C GLN H 289 24.62 31.06 -69.36
N ALA H 290 24.12 31.70 -68.32
CA ALA H 290 22.68 32.02 -68.31
C ALA H 290 22.32 33.31 -69.12
N GLY H 291 23.31 34.03 -69.61
CA GLY H 291 23.07 35.25 -70.33
C GLY H 291 23.32 36.48 -69.53
N GLY H 292 23.95 36.31 -68.36
CA GLY H 292 24.38 37.41 -67.52
C GLY H 292 25.60 38.11 -68.09
N ALA H 293 26.07 39.14 -67.38
CA ALA H 293 27.14 40.01 -67.92
C ALA H 293 28.05 40.54 -66.82
N ALA H 294 27.74 40.27 -65.55
CA ALA H 294 28.50 40.88 -64.47
C ALA H 294 30.01 40.66 -64.56
N PHE H 295 30.45 39.73 -65.37
CA PHE H 295 31.86 39.49 -65.44
C PHE H 295 32.44 39.74 -66.82
N ASP H 296 31.60 40.23 -67.71
CA ASP H 296 32.00 41.01 -68.85
C ASP H 296 33.24 41.81 -68.73
N GLY H 297 34.28 41.33 -69.43
CA GLY H 297 35.47 42.11 -69.50
C GLY H 297 36.58 41.26 -68.96
N GLY H 298 36.19 40.34 -68.10
CA GLY H 298 37.02 39.85 -67.05
C GLY H 298 36.98 40.62 -65.76
N VAL H 299 38.02 40.40 -65.01
CA VAL H 299 38.04 40.72 -63.62
C VAL H 299 39.44 41.09 -63.21
N ASP H 300 40.29 41.45 -64.17
CA ASP H 300 41.73 41.82 -63.93
C ASP H 300 42.15 43.34 -64.03
N LEU H 301 43.45 43.66 -64.20
CA LEU H 301 44.03 45.05 -64.10
C LEU H 301 43.77 45.75 -62.74
N PRO I 1 -6.88 -5.26 18.76
CA PRO I 1 -5.82 -5.25 19.83
C PRO I 1 -5.14 -3.85 19.86
N MET I 2 -4.64 -3.49 21.04
CA MET I 2 -4.06 -2.18 21.29
C MET I 2 -2.63 -2.27 20.82
N VAL I 3 -2.15 -1.26 20.10
CA VAL I 3 -0.74 -1.26 19.77
C VAL I 3 0.09 -0.36 20.73
N THR I 4 1.38 -0.63 20.84
CA THR I 4 2.19 0.35 21.53
C THR I 4 3.39 0.78 20.65
N ALA I 5 3.79 2.01 20.89
CA ALA I 5 4.96 2.54 20.23
C ALA I 5 6.22 1.75 20.59
N ALA I 6 6.24 1.11 21.77
CA ALA I 6 7.36 0.31 22.23
C ALA I 6 7.63 -0.79 21.22
N THR I 7 6.57 -1.33 20.63
CA THR I 7 6.81 -2.33 19.60
C THR I 7 7.46 -1.68 18.33
N SER I 8 6.94 -0.54 17.90
CA SER I 8 7.48 0.13 16.71
C SER I 8 8.98 0.62 16.85
N LEU I 9 9.30 1.10 18.04
CA LEU I 9 10.66 1.51 18.42
C LEU I 9 11.57 0.31 18.58
N ARG I 10 11.01 -0.78 19.08
CA ARG I 10 11.75 -2.02 19.14
C ARG I 10 12.26 -2.28 17.75
N ARG I 11 11.36 -2.25 16.76
CA ARG I 11 11.74 -2.64 15.39
C ARG I 11 12.80 -1.77 14.79
N ALA I 12 12.66 -0.46 15.03
CA ALA I 12 13.59 0.57 14.52
C ALA I 12 14.97 0.29 15.07
N LEU I 13 15.00 -0.02 16.36
CA LEU I 13 16.24 -0.35 17.01
C LEU I 13 16.87 -1.71 16.62
N GLU I 14 16.21 -2.48 15.76
CA GLU I 14 16.82 -3.73 15.25
C GLU I 14 17.51 -3.43 13.93
N ASN I 15 17.18 -2.24 13.44
CA ASN I 15 17.73 -1.74 12.22
C ASN I 15 18.76 -0.62 12.44
N PRO I 16 20.05 -0.97 12.19
CA PRO I 16 21.25 -0.12 12.37
C PRO I 16 21.11 1.32 11.88
N ASP I 17 20.86 1.56 10.60
CA ASP I 17 20.72 2.95 10.10
C ASP I 17 19.42 3.73 10.43
N SER I 18 18.79 3.41 11.57
CA SER I 18 17.64 4.15 12.14
C SER I 18 18.09 5.10 13.26
N PHE I 19 17.67 6.36 13.23
CA PHE I 19 18.19 7.29 14.21
C PHE I 19 17.06 7.99 14.88
N ILE I 20 16.90 7.74 16.18
CA ILE I 20 15.83 8.35 16.94
C ILE I 20 16.25 9.70 17.52
N VAL I 21 15.59 10.78 17.07
CA VAL I 21 15.85 12.13 17.55
C VAL I 21 14.78 12.46 18.56
N ALA I 22 15.15 12.80 19.78
CA ALA I 22 14.10 12.91 20.78
C ALA I 22 14.17 14.18 21.65
N PRO I 23 13.54 15.28 21.22
CA PRO I 23 13.58 16.50 22.03
C PRO I 23 12.92 16.32 23.38
N GLY I 24 13.40 17.02 24.39
CA GLY I 24 12.82 16.92 25.73
C GLY I 24 11.52 17.68 25.91
N VAL I 25 10.57 17.03 26.61
CA VAL I 25 9.24 17.62 26.90
C VAL I 25 8.87 17.30 28.34
N TYR I 26 7.96 18.10 28.94
CA TYR I 26 7.66 17.94 30.34
C TYR I 26 6.22 18.21 30.72
N ASP I 27 5.39 18.74 29.82
CA ASP I 27 3.96 18.81 30.10
C ASP I 27 3.14 18.73 28.85
N GLY I 28 1.91 19.22 28.93
CA GLY I 28 0.94 19.03 27.86
C GLY I 28 1.29 19.90 26.68
N LEU I 29 1.53 21.19 26.96
CA LEU I 29 2.02 22.14 25.94
C LEU I 29 3.31 21.75 25.25
N SER I 30 4.38 21.58 26.03
CA SER I 30 5.66 21.16 25.44
C SER I 30 5.48 19.96 24.50
N ALA I 31 4.62 19.03 24.89
CA ALA I 31 4.53 17.83 24.08
C ALA I 31 3.87 18.13 22.75
N ARG I 32 2.73 18.82 22.80
CA ARG I 32 2.04 19.30 21.58
C ARG I 32 2.90 20.11 20.60
N VAL I 33 3.75 20.97 21.18
CA VAL I 33 4.56 21.89 20.41
C VAL I 33 5.64 21.08 19.68
N ALA I 34 6.31 20.19 20.38
CA ALA I 34 7.31 19.30 19.80
C ALA I 34 6.75 18.38 18.71
N LEU I 35 5.50 17.97 18.85
CA LEU I 35 4.79 17.25 17.79
C LEU I 35 4.35 18.15 16.61
N SER I 36 3.99 19.42 16.83
CA SER I 36 3.72 20.26 15.65
C SER I 36 5.02 20.48 14.90
N ALA I 37 6.10 20.45 15.66
CA ALA I 37 7.38 20.70 15.14
C ALA I 37 7.75 19.66 14.09
N GLY I 38 7.20 18.44 14.17
CA GLY I 38 7.46 17.41 13.15
C GLY I 38 8.44 16.32 13.56
N PHE I 39 8.68 16.23 14.87
CA PHE I 39 9.55 15.20 15.46
C PHE I 39 8.83 13.87 15.49
N ASP I 40 9.59 12.77 15.58
CA ASP I 40 9.09 11.39 15.37
C ASP I 40 9.32 10.53 16.60
N ALA I 41 9.62 11.22 17.71
CA ALA I 41 10.05 10.59 18.96
C ALA I 41 10.03 11.68 20.04
N LEU I 42 9.50 11.43 21.24
CA LEU I 42 9.65 12.41 22.27
C LEU I 42 10.38 11.88 23.51
N TYR I 43 10.93 12.78 24.33
CA TYR I 43 11.62 12.40 25.56
C TYR I 43 10.98 13.12 26.72
N MET I 44 10.33 12.36 27.60
CA MET I 44 9.92 12.90 28.88
C MET I 44 11.13 13.07 29.82
N THR I 45 11.51 14.32 30.07
CA THR I 45 12.54 14.66 31.05
C THR I 45 11.96 14.64 32.49
N GLY I 46 12.54 13.81 33.34
CA GLY I 46 12.14 13.83 34.74
C GLY I 46 12.49 15.12 35.44
N ALA I 47 13.68 15.63 35.17
CA ALA I 47 14.08 16.92 35.66
C ALA I 47 13.01 17.97 35.28
N GLY I 48 12.71 18.00 33.99
CA GLY I 48 11.59 18.79 33.45
C GLY I 48 10.28 18.54 34.16
N THR I 49 9.82 17.29 34.16
CA THR I 49 8.69 16.88 34.99
C THR I 49 8.74 17.48 36.44
N ALA I 50 9.85 17.28 37.17
CA ALA I 50 9.96 17.82 38.55
C ALA I 50 9.65 19.31 38.58
N ALA I 51 10.23 20.00 37.59
CA ALA I 51 10.06 21.41 37.36
C ALA I 51 8.59 21.84 37.15
N SER I 52 7.90 21.16 36.23
CA SER I 52 6.58 21.60 35.88
C SER I 52 5.55 21.19 36.90
N VAL I 53 5.69 19.98 37.45
CA VAL I 53 4.67 19.38 38.27
C VAL I 53 4.64 19.97 39.69
N HIS I 54 5.79 20.02 40.37
CA HIS I 54 5.87 20.56 41.74
C HIS I 54 6.59 21.87 41.70
N GLY I 55 7.42 22.05 40.67
CA GLY I 55 8.15 23.33 40.51
C GLY I 55 9.30 23.36 41.48
N GLN I 56 10.18 22.37 41.29
CA GLN I 56 11.17 21.90 42.23
C GLN I 56 12.37 21.45 41.42
N ALA I 57 13.57 21.58 41.95
CA ALA I 57 14.77 21.06 41.25
C ALA I 57 14.73 19.53 41.07
N ASP I 58 15.69 19.00 40.29
CA ASP I 58 15.71 17.58 39.97
C ASP I 58 16.46 16.79 41.05
N LEU I 59 15.80 16.53 42.19
CA LEU I 59 16.47 15.98 43.34
C LEU I 59 15.67 14.81 43.87
N GLY I 60 15.34 13.91 42.96
CA GLY I 60 14.65 12.69 43.34
C GLY I 60 13.25 12.94 43.88
N ILE I 61 12.74 14.17 43.80
CA ILE I 61 11.46 14.51 44.43
C ILE I 61 10.28 13.83 43.79
N CYS I 62 10.42 13.51 42.51
CA CYS I 62 9.34 12.93 41.72
C CYS I 62 9.11 11.49 42.15
N THR I 63 7.84 11.17 42.25
CA THR I 63 7.46 9.86 42.65
C THR I 63 6.84 9.09 41.47
N LEU I 64 6.77 7.76 41.59
CA LEU I 64 6.25 6.94 40.50
C LEU I 64 4.87 7.46 40.01
N ASN I 65 3.97 7.75 40.95
CA ASN I 65 2.67 8.36 40.68
C ASN I 65 2.76 9.59 39.80
N ASP I 66 3.80 10.39 40.05
CA ASP I 66 4.02 11.64 39.41
C ASP I 66 4.63 11.44 38.06
N MET I 67 5.72 10.69 38.02
CA MET I 67 6.39 10.37 36.78
C MET I 67 5.47 9.63 35.83
N ARG I 68 4.60 8.75 36.39
CA ARG I 68 3.77 7.87 35.54
C ARG I 68 2.58 8.63 34.93
N ALA I 69 1.83 9.38 35.73
CA ALA I 69 0.79 10.27 35.19
C ALA I 69 1.29 11.16 34.04
N ASN I 70 2.48 11.74 34.19
CA ASN I 70 3.07 12.56 33.13
C ASN I 70 3.43 11.73 31.93
N ALA I 71 4.10 10.61 32.14
CA ALA I 71 4.45 9.73 31.01
C ALA I 71 3.21 9.30 30.18
N GLU I 72 2.12 8.95 30.85
CA GLU I 72 1.00 8.40 30.14
C GLU I 72 0.29 9.48 29.37
N MET I 73 0.18 10.66 29.95
CA MET I 73 -0.48 11.68 29.23
C MET I 73 0.36 12.08 28.01
N ILE I 74 1.68 12.18 28.17
CA ILE I 74 2.53 12.52 27.03
C ILE I 74 2.45 11.39 25.97
N SER I 75 2.61 10.11 26.37
CA SER I 75 2.56 9.01 25.42
C SER I 75 1.30 8.88 24.52
N ASN I 76 0.19 9.54 24.92
CA ASN I 76 -1.13 9.38 24.33
C ASN I 76 -1.74 10.63 23.62
N ILE I 77 -1.01 11.72 23.63
CA ILE I 77 -1.30 12.83 22.73
C ILE I 77 -1.04 12.32 21.31
N SER I 78 0.05 11.61 21.08
CA SER I 78 0.19 10.92 19.82
C SER I 78 0.51 9.43 19.98
N PRO I 79 -0.50 8.57 20.26
CA PRO I 79 -0.23 7.14 20.53
C PRO I 79 0.91 6.45 19.72
N SER I 80 1.04 6.82 18.44
CA SER I 80 2.01 6.17 17.53
C SER I 80 3.43 6.78 17.42
N THR I 81 3.72 7.88 18.13
CA THR I 81 5.08 8.42 18.32
C THR I 81 5.69 7.81 19.56
N PRO I 82 6.84 7.13 19.43
CA PRO I 82 7.48 6.59 20.61
C PRO I 82 7.79 7.68 21.61
N VAL I 83 7.69 7.37 22.90
CA VAL I 83 8.03 8.33 23.94
C VAL I 83 9.02 7.63 24.84
N ILE I 84 10.15 8.30 25.12
CA ILE I 84 11.23 7.78 25.93
C ILE I 84 11.14 8.51 27.25
N ALA I 85 10.64 7.84 28.27
CA ALA I 85 10.35 8.52 29.51
C ALA I 85 11.37 8.18 30.59
N ASP I 86 11.79 9.19 31.32
CA ASP I 86 12.66 9.00 32.47
C ASP I 86 11.95 8.10 33.53
N ALA I 87 12.70 7.22 34.17
CA ALA I 87 12.22 6.45 35.30
C ALA I 87 13.26 6.50 36.45
N ASP I 88 14.18 7.47 36.39
CA ASP I 88 15.02 7.81 37.53
C ASP I 88 15.67 6.53 37.98
N THR I 89 15.38 6.04 39.19
CA THR I 89 16.05 4.84 39.68
C THR I 89 15.16 3.58 39.86
N GLY I 90 13.90 3.61 39.41
CA GLY I 90 12.94 2.49 39.61
C GLY I 90 11.99 2.70 40.81
N TYR I 91 12.26 3.73 41.61
CA TYR I 91 11.34 4.17 42.67
C TYR I 91 11.27 3.15 43.83
N GLY I 92 12.25 2.24 43.84
CA GLY I 92 12.47 1.34 44.96
C GLY I 92 13.31 0.14 44.61
N GLY I 93 13.10 -0.94 45.34
CA GLY I 93 13.78 -2.18 44.99
C GLY I 93 13.15 -2.86 43.79
N PRO I 94 13.58 -4.09 43.48
CA PRO I 94 13.03 -4.88 42.39
C PRO I 94 11.50 -4.94 42.32
N ILE I 95 10.78 -5.06 43.45
CA ILE I 95 9.28 -5.09 43.45
C ILE I 95 8.72 -3.81 42.87
N MET I 96 9.51 -2.74 43.01
CA MET I 96 9.19 -1.40 42.54
C MET I 96 9.63 -1.21 41.10
N VAL I 97 10.88 -1.52 40.81
CA VAL I 97 11.27 -1.55 39.42
C VAL I 97 10.19 -2.31 38.57
N ALA I 98 9.61 -3.38 39.13
CA ALA I 98 8.46 -4.13 38.56
C ALA I 98 7.25 -3.27 38.23
N ARG I 99 6.64 -2.65 39.25
CA ARG I 99 5.39 -1.93 39.07
C ARG I 99 5.62 -0.80 38.14
N THR I 100 6.85 -0.27 38.11
CA THR I 100 7.19 0.89 37.29
C THR I 100 7.14 0.48 35.86
N THR I 101 7.75 -0.65 35.58
CA THR I 101 7.74 -1.19 34.27
C THR I 101 6.37 -1.60 33.82
N GLU I 102 5.59 -2.17 34.72
CA GLU I 102 4.29 -2.70 34.34
C GLU I 102 3.49 -1.50 33.90
N GLN I 103 3.37 -0.58 34.83
CA GLN I 103 2.74 0.71 34.58
C GLN I 103 3.14 1.41 33.28
N TYR I 104 4.42 1.51 33.01
CA TYR I 104 4.83 2.43 31.99
C TYR I 104 4.39 1.79 30.71
N SER I 105 4.49 0.45 30.66
CA SER I 105 3.91 -0.41 29.60
C SER I 105 2.44 -0.10 29.39
N ARG I 106 1.62 -0.34 30.40
CA ARG I 106 0.17 -0.17 30.30
C ARG I 106 -0.12 1.23 29.81
N SER I 107 0.85 2.10 30.05
CA SER I 107 0.64 3.51 29.80
C SER I 107 0.94 3.90 28.37
N GLY I 108 1.55 2.96 27.64
CA GLY I 108 1.88 3.13 26.24
C GLY I 108 3.24 3.78 26.06
N VAL I 109 4.06 3.82 27.11
CA VAL I 109 5.42 4.33 26.98
C VAL I 109 6.22 3.43 26.03
N ALA I 110 7.05 4.01 25.17
CA ALA I 110 7.94 3.17 24.28
C ALA I 110 9.21 2.68 24.95
N ALA I 111 9.84 3.55 25.70
CA ALA I 111 11.11 3.20 26.34
C ALA I 111 11.23 3.98 27.63
N PHE I 112 11.99 3.46 28.57
CA PHE I 112 12.33 4.28 29.75
C PHE I 112 13.78 4.07 30.17
N HIS I 113 14.33 4.89 31.06
CA HIS I 113 15.69 4.65 31.45
C HIS I 113 15.82 4.55 32.95
N ILE I 114 16.79 3.75 33.42
CA ILE I 114 17.03 3.45 34.85
C ILE I 114 18.48 3.56 35.12
N GLU I 115 18.79 4.32 36.16
CA GLU I 115 20.16 4.75 36.51
C GLU I 115 20.71 3.97 37.67
N ASP I 116 21.83 4.43 38.19
CA ASP I 116 22.44 3.74 39.31
C ASP I 116 22.68 4.64 40.51
N GLN I 117 21.96 5.75 40.60
CA GLN I 117 21.99 6.60 41.82
C GLN I 117 21.32 5.92 43.00
N VAL I 118 21.38 6.58 44.15
CA VAL I 118 20.56 6.14 45.25
C VAL I 118 19.19 6.60 44.83
N GLN I 119 18.19 6.14 45.55
CA GLN I 119 16.82 6.39 45.14
C GLN I 119 16.52 7.87 45.11
N THR I 120 17.22 8.58 46.00
CA THR I 120 17.21 10.05 46.04
C THR I 120 18.22 10.63 45.05
N LYS I 121 18.07 10.23 43.79
CA LYS I 121 18.80 10.74 42.65
C LYS I 121 18.85 12.29 42.58
N ARG I 122 19.88 12.82 41.91
CA ARG I 122 19.95 14.24 41.52
C ARG I 122 20.13 14.23 40.00
N CYS I 123 19.87 15.37 39.34
CA CYS I 123 20.18 15.49 37.91
C CYS I 123 21.65 15.17 37.70
N GLY I 124 21.89 14.24 36.77
CA GLY I 124 23.19 13.70 36.45
C GLY I 124 24.24 14.72 36.01
N HIS I 125 23.86 15.93 35.60
CA HIS I 125 24.89 16.98 35.38
C HIS I 125 25.32 17.77 36.63
N LEU I 126 24.76 17.46 37.78
CA LEU I 126 25.34 17.94 38.99
C LEU I 126 26.50 17.13 39.51
N ALA I 127 27.30 17.78 40.34
CA ALA I 127 28.20 17.09 41.22
C ALA I 127 27.56 16.67 42.52
N GLY I 128 28.19 15.75 43.18
CA GLY I 128 27.65 15.23 44.41
C GLY I 128 27.03 13.86 44.24
N LYS I 129 27.00 13.35 42.99
CA LYS I 129 26.26 12.11 42.67
C LYS I 129 26.77 10.99 43.54
N ILE I 130 25.82 10.35 44.24
CA ILE I 130 26.04 9.25 45.22
C ILE I 130 25.41 7.99 44.65
N LEU I 131 26.18 6.91 44.56
CA LEU I 131 25.76 5.79 43.75
C LEU I 131 25.32 4.57 44.56
N VAL I 132 25.33 3.42 43.90
CA VAL I 132 24.81 2.16 44.42
C VAL I 132 25.73 1.09 43.83
N ASP I 133 25.96 -0.03 44.52
CA ASP I 133 26.91 -1.07 43.98
C ASP I 133 26.51 -1.68 42.59
N THR I 134 27.47 -2.32 41.90
CA THR I 134 27.14 -2.98 40.63
C THR I 134 25.96 -3.91 40.89
N ASP I 135 26.08 -4.77 41.89
CA ASP I 135 25.03 -5.75 42.15
C ASP I 135 23.60 -5.10 42.30
N THR I 136 23.41 -4.14 43.22
CA THR I 136 22.07 -3.49 43.44
C THR I 136 21.45 -2.85 42.20
N TYR I 137 22.29 -2.41 41.28
CA TYR I 137 21.78 -1.83 40.03
C TYR I 137 21.40 -2.94 39.02
N VAL I 138 22.32 -3.86 38.82
CA VAL I 138 22.07 -4.98 37.94
C VAL I 138 20.81 -5.70 38.37
N THR I 139 20.53 -5.65 39.68
CA THR I 139 19.29 -6.18 40.23
C THR I 139 18.10 -5.44 39.60
N ARG I 140 18.27 -4.14 39.32
CA ARG I 140 17.17 -3.35 38.83
C ARG I 140 16.97 -3.68 37.38
N ILE I 141 18.06 -3.74 36.63
CA ILE I 141 17.93 -4.08 35.22
C ILE I 141 17.33 -5.48 35.07
N ARG I 142 17.87 -6.46 35.79
CA ARG I 142 17.28 -7.78 35.74
C ARG I 142 15.75 -7.74 36.10
N ALA I 143 15.36 -6.92 37.09
CA ALA I 143 13.93 -6.72 37.41
C ALA I 143 13.04 -6.18 36.26
N ALA I 144 13.53 -5.15 35.54
CA ALA I 144 12.78 -4.47 34.44
C ALA I 144 12.57 -5.41 33.25
N VAL I 145 13.64 -6.07 32.85
CA VAL I 145 13.56 -7.09 31.79
C VAL I 145 12.61 -8.23 32.17
N GLN I 146 12.56 -8.57 33.45
CA GLN I 146 11.62 -9.62 33.89
C GLN I 146 10.16 -9.17 33.92
N ALA I 147 9.89 -8.01 34.50
CA ALA I 147 8.55 -7.42 34.49
C ALA I 147 8.01 -7.20 33.04
N ARG I 148 8.89 -6.86 32.09
CA ARG I 148 8.51 -6.72 30.67
C ARG I 148 7.91 -7.98 30.16
N GLN I 149 8.66 -9.02 30.33
CA GLN I 149 8.31 -10.18 29.61
C GLN I 149 7.38 -11.06 30.43
N ARG I 150 7.33 -10.87 31.77
CA ARG I 150 6.23 -11.49 32.54
C ARG I 150 4.90 -11.11 31.86
N ILE I 151 4.84 -9.90 31.28
CA ILE I 151 3.61 -9.31 30.78
C ILE I 151 3.51 -9.16 29.25
N GLY I 152 4.51 -9.66 28.52
CA GLY I 152 4.53 -9.63 27.04
C GLY I 152 4.81 -8.25 26.44
N SER I 153 5.09 -7.26 27.30
CA SER I 153 5.39 -5.93 26.82
C SER I 153 6.70 -5.85 26.00
N ASP I 154 6.62 -5.17 24.85
CA ASP I 154 7.80 -4.94 24.02
C ASP I 154 8.53 -3.67 24.46
N ILE I 155 8.20 -3.12 25.64
CA ILE I 155 8.83 -1.85 26.07
C ILE I 155 10.36 -1.92 26.08
N VAL I 156 10.98 -0.81 25.72
CA VAL I 156 12.44 -0.73 25.56
C VAL I 156 13.12 -0.27 26.85
N VAL I 157 14.14 -1.06 27.24
CA VAL I 157 14.84 -0.83 28.51
C VAL I 157 16.21 -0.22 28.27
N ILE I 158 16.41 0.95 28.86
CA ILE I 158 17.66 1.69 28.73
C ILE I 158 18.41 1.69 30.07
N ALA I 159 19.58 1.09 30.08
CA ALA I 159 20.36 1.10 31.28
C ALA I 159 21.26 2.37 31.30
N ARG I 160 20.86 3.37 32.08
CA ARG I 160 21.70 4.51 32.37
C ARG I 160 22.86 4.15 33.37
N THR I 161 23.89 4.99 33.41
CA THR I 161 24.98 4.90 34.42
C THR I 161 25.54 6.32 34.73
N ASP I 162 25.64 6.69 36.02
CA ASP I 162 26.00 8.08 36.44
C ASP I 162 27.39 8.07 37.09
N SER I 163 28.12 6.99 36.85
CA SER I 163 29.36 6.69 37.59
C SER I 163 30.56 7.46 37.07
N LEU I 164 30.44 8.00 35.86
CA LEU I 164 31.58 8.61 35.19
C LEU I 164 32.30 9.64 36.05
N GLN I 165 31.54 10.45 36.81
CA GLN I 165 32.19 11.55 37.52
C GLN I 165 32.90 11.05 38.73
N THR I 166 32.29 10.08 39.40
CA THR I 166 32.85 9.55 40.67
C THR I 166 33.31 8.11 40.61
N HIS I 167 33.41 7.51 39.40
CA HIS I 167 34.16 6.24 39.22
C HIS I 167 35.01 6.20 37.93
N GLY I 168 34.74 7.10 36.98
CA GLY I 168 35.49 7.17 35.70
C GLY I 168 35.16 6.15 34.63
N TYR I 169 35.68 6.37 33.43
CA TYR I 169 35.31 5.57 32.25
C TYR I 169 35.27 4.03 32.44
N GLU I 170 36.37 3.45 32.93
CA GLU I 170 36.53 1.98 33.06
C GLU I 170 35.38 1.34 33.80
N GLU I 171 34.91 1.96 34.87
CA GLU I 171 33.75 1.42 35.60
C GLU I 171 32.48 1.62 34.82
N SER I 172 32.18 2.89 34.58
CA SER I 172 31.08 3.27 33.73
C SER I 172 30.80 2.11 32.77
N VAL I 173 31.85 1.72 32.03
CA VAL I 173 31.77 0.73 30.93
C VAL I 173 31.40 -0.62 31.53
N ALA I 174 32.14 -1.01 32.57
CA ALA I 174 31.89 -2.23 33.35
C ALA I 174 30.42 -2.39 33.76
N ARG I 175 29.81 -1.30 34.22
CA ARG I 175 28.38 -1.31 34.57
C ARG I 175 27.52 -1.56 33.36
N LEU I 176 27.81 -0.89 32.26
CA LEU I 176 27.02 -1.06 31.07
C LEU I 176 27.09 -2.46 30.51
N ARG I 177 28.30 -3.01 30.41
CA ARG I 177 28.50 -4.35 29.86
C ARG I 177 27.65 -5.33 30.64
N ALA I 178 27.55 -5.06 31.96
CA ALA I 178 26.86 -5.97 32.89
C ALA I 178 25.35 -5.81 32.82
N ALA I 179 24.91 -4.55 32.97
CA ALA I 179 23.55 -4.14 32.63
C ALA I 179 23.02 -4.75 31.32
N ARG I 180 23.78 -4.64 30.23
CA ARG I 180 23.43 -5.28 28.95
C ARG I 180 23.30 -6.81 29.03
N ASP I 181 24.25 -7.44 29.73
CA ASP I 181 24.22 -8.88 30.01
C ASP I 181 23.05 -9.27 30.87
N ALA I 182 22.57 -8.36 31.71
CA ALA I 182 21.38 -8.63 32.52
C ALA I 182 20.15 -8.53 31.65
N GLY I 183 20.27 -7.81 30.52
CA GLY I 183 19.21 -7.72 29.56
C GLY I 183 18.78 -6.34 29.10
N ALA I 184 19.52 -5.29 29.42
CA ALA I 184 19.10 -3.99 28.89
C ALA I 184 19.19 -3.97 27.35
N ASP I 185 18.37 -3.13 26.70
CA ASP I 185 18.32 -3.14 25.24
C ASP I 185 19.13 -1.96 24.72
N VAL I 186 19.43 -1.01 25.62
CA VAL I 186 20.08 0.27 25.26
C VAL I 186 21.01 0.85 26.37
N GLY I 187 22.25 1.13 26.02
CA GLY I 187 23.16 1.69 26.99
C GLY I 187 23.18 3.20 27.00
N PHE I 188 23.37 3.78 28.18
CA PHE I 188 23.23 5.22 28.37
C PHE I 188 24.31 5.79 29.33
N LEU I 189 25.41 6.32 28.77
CA LEU I 189 26.46 6.92 29.60
C LEU I 189 26.20 8.38 29.93
N GLU I 190 25.71 8.66 31.13
CA GLU I 190 25.41 10.03 31.52
C GLU I 190 26.68 10.91 31.63
N GLY I 191 26.61 12.14 31.09
CA GLY I 191 27.66 13.12 31.29
C GLY I 191 28.98 12.80 30.59
N ILE I 192 28.86 12.42 29.30
CA ILE I 192 30.04 12.05 28.49
C ILE I 192 30.89 13.29 28.31
N THR I 193 32.17 13.20 28.61
CA THR I 193 32.96 14.39 28.95
C THR I 193 33.82 14.93 27.80
N SER I 194 34.05 14.10 26.81
CA SER I 194 34.82 14.50 25.70
C SER I 194 34.23 13.81 24.51
N ARG I 195 34.43 14.32 23.32
CA ARG I 195 33.97 13.63 22.14
C ARG I 195 34.92 12.53 21.74
N GLU I 196 36.08 12.49 22.35
CA GLU I 196 36.92 11.34 22.29
C GLU I 196 36.15 10.22 22.91
N MET I 197 35.63 10.50 24.09
CA MET I 197 34.99 9.50 24.94
C MET I 197 33.69 8.98 24.35
N ALA I 198 32.98 9.77 23.54
CA ALA I 198 31.81 9.25 22.87
C ALA I 198 32.27 8.26 21.78
N ARG I 199 33.18 8.68 20.91
CA ARG I 199 33.71 7.76 19.93
C ARG I 199 34.18 6.44 20.58
N GLN I 200 34.76 6.49 21.78
CA GLN I 200 35.26 5.28 22.44
C GLN I 200 34.19 4.25 22.87
N VAL I 201 33.09 4.72 23.47
CA VAL I 201 32.08 3.85 24.05
C VAL I 201 31.23 3.24 22.96
N ILE I 202 31.04 3.99 21.88
CA ILE I 202 30.39 3.48 20.73
C ILE I 202 31.18 2.24 20.34
N GLN I 203 32.50 2.36 20.13
CA GLN I 203 33.30 1.20 19.69
C GLN I 203 33.35 0.10 20.72
N ASP I 204 33.48 0.48 22.00
CA ASP I 204 33.51 -0.45 23.14
C ASP I 204 32.19 -1.21 23.25
N LEU I 205 31.04 -0.52 23.31
CA LEU I 205 29.76 -1.19 23.40
C LEU I 205 29.15 -1.38 22.04
N ALA I 206 30.02 -1.59 21.07
CA ALA I 206 29.56 -1.91 19.75
C ALA I 206 29.06 -3.34 19.79
N GLY I 207 28.00 -3.66 19.07
CA GLY I 207 26.97 -2.72 18.68
C GLY I 207 25.84 -3.08 19.66
N TRP I 208 25.38 -2.08 20.38
CA TRP I 208 24.32 -2.28 21.34
C TRP I 208 23.85 -0.87 21.43
N PRO I 209 22.65 -0.57 20.88
CA PRO I 209 22.28 0.84 20.63
C PRO I 209 22.73 1.73 21.77
N LEU I 210 23.36 2.86 21.53
CA LEU I 210 23.64 3.73 22.65
C LEU I 210 22.93 5.05 22.61
N LEU I 211 22.80 5.69 23.75
CA LEU I 211 22.16 6.97 23.78
C LEU I 211 23.10 8.06 24.25
N LEU I 212 22.95 9.19 23.60
CA LEU I 212 23.63 10.42 23.94
C LEU I 212 22.69 11.46 24.62
N ASN I 213 22.93 11.79 25.90
CA ASN I 213 22.13 12.81 26.55
C ASN I 213 22.74 14.15 26.23
N MET I 214 22.17 14.89 25.27
CA MET I 214 22.74 16.23 24.92
C MET I 214 22.15 17.43 25.67
N VAL I 215 22.30 17.41 27.00
CA VAL I 215 22.09 18.60 27.90
C VAL I 215 23.28 19.61 27.77
N GLU I 216 22.98 20.83 27.36
CA GLU I 216 24.02 21.75 26.91
C GLU I 216 24.70 22.44 28.10
N HIS I 217 25.95 22.93 27.93
CA HIS I 217 26.72 23.58 28.98
C HIS I 217 26.69 22.91 30.32
N GLY I 218 26.73 21.57 30.33
CA GLY I 218 26.98 20.85 31.59
C GLY I 218 28.35 20.23 31.42
N ALA I 219 28.38 18.91 31.57
CA ALA I 219 29.59 18.09 31.52
C ALA I 219 29.98 17.65 30.09
N THR I 220 29.02 17.75 29.18
CA THR I 220 29.11 17.20 27.83
C THR I 220 29.21 18.31 26.79
N PRO I 221 30.17 18.22 25.87
CA PRO I 221 30.35 19.22 24.81
C PRO I 221 29.22 19.09 23.79
N SER I 222 29.15 20.06 22.86
CA SER I 222 28.02 20.16 21.95
C SER I 222 28.10 19.22 20.75
N ILE I 223 27.19 18.26 20.70
CA ILE I 223 27.22 17.33 19.61
C ILE I 223 25.87 17.29 18.98
N SER I 224 25.79 17.63 17.69
CA SER I 224 24.48 17.68 17.04
C SER I 224 24.03 16.31 16.66
N ALA I 225 22.72 16.21 16.49
CA ALA I 225 22.07 14.99 16.09
C ALA I 225 22.80 14.35 14.92
N ALA I 226 23.12 15.15 13.89
CA ALA I 226 23.69 14.63 12.62
C ALA I 226 25.03 13.97 12.90
N GLU I 227 25.80 14.67 13.71
CA GLU I 227 27.14 14.26 14.11
C GLU I 227 27.10 13.01 15.01
N ALA I 228 26.08 12.88 15.85
CA ALA I 228 26.01 11.72 16.75
C ALA I 228 25.61 10.45 16.00
N LYS I 229 24.72 10.63 15.03
CA LYS I 229 24.29 9.54 14.20
C LYS I 229 25.54 9.06 13.53
N GLU I 230 26.42 10.00 13.17
CA GLU I 230 27.66 9.70 12.46
C GLU I 230 28.70 9.01 13.38
N MET I 231 28.72 9.42 14.64
CA MET I 231 29.58 8.81 15.61
C MET I 231 29.22 7.39 15.85
N GLY I 232 28.07 6.99 15.37
CA GLY I 232 27.60 5.65 15.61
C GLY I 232 26.49 5.61 16.63
N PHE I 233 26.10 6.75 17.22
CA PHE I 233 25.07 6.70 18.23
C PHE I 233 23.75 6.28 17.66
N ARG I 234 22.80 5.98 18.55
CA ARG I 234 21.46 5.46 18.13
C ARG I 234 20.27 6.31 18.58
N ILE I 235 20.37 6.91 19.76
CA ILE I 235 19.35 7.82 20.23
C ILE I 235 20.01 9.14 20.61
N ILE I 236 19.41 10.28 20.31
CA ILE I 236 19.82 11.55 20.93
C ILE I 236 18.62 12.17 21.67
N ILE I 237 18.87 12.76 22.85
CA ILE I 237 17.82 13.44 23.63
C ILE I 237 18.21 14.87 24.03
N PHE I 238 17.21 15.72 24.22
CA PHE I 238 17.44 17.13 24.59
C PHE I 238 16.53 17.58 25.77
N PRO I 239 16.90 17.19 26.99
CA PRO I 239 16.02 17.42 28.13
C PRO I 239 15.39 18.83 28.32
N PHE I 240 16.05 19.90 27.89
CA PHE I 240 15.51 21.24 28.13
C PHE I 240 15.30 21.96 26.81
N ALA I 241 14.95 21.20 25.76
CA ALA I 241 14.70 21.77 24.45
C ALA I 241 13.55 22.75 24.60
N ALA I 242 12.57 22.37 25.42
CA ALA I 242 11.38 23.14 25.67
C ALA I 242 11.57 23.99 26.92
N LEU I 243 12.16 23.38 27.93
CA LEU I 243 12.16 23.97 29.24
C LEU I 243 12.98 25.30 29.32
N GLY I 244 14.21 25.27 28.83
CA GLY I 244 15.03 26.47 28.62
C GLY I 244 14.30 27.68 28.10
N PRO I 245 13.84 27.65 26.86
CA PRO I 245 13.06 28.75 26.30
C PRO I 245 11.78 29.10 27.11
N ALA I 246 11.07 28.11 27.62
CA ALA I 246 9.88 28.43 28.32
C ALA I 246 10.25 29.49 29.33
N VAL I 247 11.35 29.22 30.04
CA VAL I 247 11.81 30.00 31.16
C VAL I 247 12.23 31.42 30.75
N ALA I 248 13.03 31.56 29.69
CA ALA I 248 13.54 32.86 29.23
C ALA I 248 12.37 33.73 28.87
N ALA I 249 11.54 33.19 27.99
CA ALA I 249 10.33 33.84 27.49
C ALA I 249 9.43 34.31 28.61
N MET I 250 9.13 33.41 29.54
CA MET I 250 8.25 33.73 30.66
C MET I 250 8.91 34.71 31.62
N ARG I 251 10.23 34.62 31.80
CA ARG I 251 10.97 35.55 32.64
C ARG I 251 10.85 36.95 32.03
N GLU I 252 11.30 37.06 30.77
CA GLU I 252 11.22 38.27 29.96
C GLU I 252 9.84 38.92 29.96
N ALA I 253 8.80 38.08 29.82
CA ALA I 253 7.42 38.48 29.63
C ALA I 253 6.91 38.98 30.94
N MET I 254 7.18 38.17 31.96
CA MET I 254 6.77 38.46 33.29
C MET I 254 7.25 39.81 33.79
N GLU I 255 8.55 40.12 33.64
CA GLU I 255 9.03 41.38 34.23
C GLU I 255 8.63 42.58 33.41
N LYS I 256 8.28 42.32 32.15
CA LYS I 256 7.66 43.35 31.32
C LYS I 256 6.27 43.66 31.85
N LEU I 257 5.52 42.63 32.18
CA LEU I 257 4.15 42.81 32.72
C LEU I 257 4.22 43.71 33.93
N LYS I 258 5.09 43.31 34.85
CA LYS I 258 5.52 44.16 35.95
C LYS I 258 5.63 45.66 35.54
N ARG I 259 6.67 46.04 34.79
CA ARG I 259 6.82 47.45 34.49
C ARG I 259 5.61 48.07 33.79
N ASP I 260 4.88 47.30 32.97
CA ASP I 260 3.84 47.92 32.13
C ASP I 260 2.39 47.91 32.68
N GLY I 261 2.04 47.00 33.58
CA GLY I 261 0.65 46.97 34.11
C GLY I 261 -0.36 46.26 33.20
N ILE I 262 0.13 45.82 32.04
CA ILE I 262 -0.58 45.06 31.01
C ILE I 262 0.50 44.24 30.33
N PRO I 263 0.22 42.97 29.99
CA PRO I 263 1.27 42.08 29.43
C PRO I 263 1.77 42.36 28.00
N GLY I 264 1.02 43.15 27.23
CA GLY I 264 1.32 43.41 25.83
C GLY I 264 1.82 42.16 25.13
N LEU I 265 0.95 41.17 24.95
CA LEU I 265 1.33 40.01 24.14
C LEU I 265 0.94 40.20 22.71
N ASP I 266 1.72 39.56 21.86
CA ASP I 266 1.61 39.70 20.44
C ASP I 266 0.17 39.25 20.05
N LYS I 267 -0.44 39.87 19.05
CA LYS I 267 -1.80 39.49 18.62
C LYS I 267 -2.01 37.97 18.44
N GLU I 268 -1.00 37.24 17.96
CA GLU I 268 -1.16 35.79 17.73
C GLU I 268 -1.34 34.97 19.01
N MET I 269 -0.93 35.56 20.15
CA MET I 269 -1.01 34.95 21.48
C MET I 269 -2.41 35.11 22.06
N THR I 270 -3.32 34.23 21.66
CA THR I 270 -4.59 34.08 22.38
C THR I 270 -4.91 32.62 22.64
N PRO I 271 -5.89 32.37 23.54
CA PRO I 271 -6.45 31.08 23.97
C PRO I 271 -6.95 30.16 22.85
N GLN I 272 -7.54 30.71 21.79
CA GLN I 272 -7.83 29.85 20.67
C GLN I 272 -6.52 29.44 20.07
N MET I 273 -5.46 30.26 20.17
CA MET I 273 -4.16 29.73 19.67
C MET I 273 -3.78 28.62 20.61
N LEU I 274 -4.12 28.74 21.88
CA LEU I 274 -3.75 27.69 22.82
C LEU I 274 -4.48 26.39 22.47
N PHE I 275 -5.78 26.57 22.28
CA PHE I 275 -6.69 25.49 22.16
C PHE I 275 -6.30 24.67 20.94
N ARG I 276 -6.04 25.39 19.84
CA ARG I 276 -5.59 24.72 18.63
C ARG I 276 -4.19 24.09 18.78
N VAL I 277 -3.22 24.73 19.45
CA VAL I 277 -2.02 23.95 19.78
C VAL I 277 -2.31 22.56 20.48
N CYS I 278 -3.38 22.47 21.30
CA CYS I 278 -3.77 21.22 22.04
C CYS I 278 -4.88 20.34 21.44
N GLY I 279 -5.07 20.41 20.14
CA GLY I 279 -6.04 19.52 19.51
C GLY I 279 -7.48 19.86 19.82
N LEU I 280 -7.80 21.15 19.89
CA LEU I 280 -9.18 21.61 19.78
C LEU I 280 -9.90 20.94 18.57
N ASP I 281 -9.39 21.07 17.35
CA ASP I 281 -10.17 20.59 16.20
C ASP I 281 -10.33 19.06 16.05
N GLU I 282 -9.41 18.32 16.67
CA GLU I 282 -9.43 16.85 16.60
C GLU I 282 -10.38 16.37 17.61
N SER I 283 -10.33 16.98 18.82
CA SER I 283 -11.26 16.64 19.93
C SER I 283 -12.73 17.08 19.69
N MET I 284 -12.94 18.20 18.96
CA MET I 284 -14.29 18.53 18.44
C MET I 284 -14.78 17.48 17.41
N LYS I 285 -13.83 16.84 16.71
CA LYS I 285 -14.19 15.83 15.70
C LYS I 285 -14.72 14.52 16.37
N VAL I 286 -14.16 14.22 17.57
CA VAL I 286 -14.63 13.15 18.48
C VAL I 286 -16.06 13.43 19.04
N ASP I 287 -16.20 14.66 19.55
CA ASP I 287 -17.45 15.16 20.11
C ASP I 287 -18.65 15.15 19.13
N ALA I 288 -18.42 15.67 17.92
CA ALA I 288 -19.40 15.65 16.85
C ALA I 288 -19.75 14.21 16.38
N GLN I 289 -18.74 13.33 16.33
CA GLN I 289 -18.87 11.91 16.00
C GLN I 289 -19.77 11.15 16.98
N ALA I 290 -19.55 11.32 18.28
CA ALA I 290 -20.44 10.68 19.28
C ALA I 290 -21.86 11.24 19.15
N GLY I 291 -21.88 12.46 18.62
CA GLY I 291 -23.02 13.36 18.48
C GLY I 291 -24.41 12.91 18.07
N GLY I 292 -24.58 12.07 17.03
CA GLY I 292 -23.58 11.85 15.98
C GLY I 292 -23.84 12.80 14.82
N ALA I 293 -23.14 13.91 14.80
CA ALA I 293 -23.17 14.82 13.69
C ALA I 293 -21.98 14.69 12.81
N ALA I 294 -21.68 13.47 12.45
CA ALA I 294 -20.64 13.13 11.50
C ALA I 294 -20.59 13.79 10.13
N PHE I 295 -20.83 12.99 9.11
CA PHE I 295 -21.09 13.47 7.77
C PHE I 295 -19.88 13.80 6.90
N ASP I 296 -18.68 13.81 7.45
CA ASP I 296 -17.46 14.00 6.70
C ASP I 296 -17.11 12.74 5.95
N GLY I 297 -17.75 11.66 6.30
CA GLY I 297 -17.39 10.32 5.78
C GLY I 297 -15.95 9.84 5.82
N GLY I 298 -15.15 10.39 6.71
CA GLY I 298 -13.75 10.04 6.72
C GLY I 298 -12.95 10.72 5.60
N VAL I 299 -13.48 11.79 5.01
CA VAL I 299 -12.83 12.41 3.85
C VAL I 299 -11.94 13.58 4.30
N ASP I 300 -11.08 14.03 3.36
CA ASP I 300 -10.13 15.15 3.46
C ASP I 300 -8.73 14.70 3.09
N MET J 2 -0.27 27.64 62.12
CA MET J 2 -0.72 27.62 60.67
C MET J 2 -1.66 28.80 60.33
N VAL J 3 -1.52 29.32 59.10
CA VAL J 3 -2.28 30.49 58.61
C VAL J 3 -2.27 30.31 57.09
N THR J 4 -3.32 30.72 56.40
CA THR J 4 -3.34 30.66 54.93
C THR J 4 -3.09 32.05 54.35
N ALA J 5 -2.85 32.14 53.05
CA ALA J 5 -2.71 33.47 52.47
C ALA J 5 -4.11 34.08 52.29
N ALA J 6 -5.11 33.24 52.50
CA ALA J 6 -6.47 33.66 52.33
C ALA J 6 -6.86 34.62 53.44
N THR J 7 -6.16 34.50 54.56
CA THR J 7 -6.23 35.48 55.65
C THR J 7 -5.71 36.81 55.11
N SER J 8 -4.39 36.89 54.84
CA SER J 8 -3.73 38.01 54.10
C SER J 8 -4.70 38.69 53.13
N LEU J 9 -5.24 37.91 52.18
CA LEU J 9 -6.13 38.40 51.15
C LEU J 9 -7.46 39.01 51.64
N ARG J 10 -8.09 38.34 52.61
CA ARG J 10 -9.37 38.76 53.17
C ARG J 10 -9.29 40.14 53.82
N ARG J 11 -8.26 40.37 54.64
CA ARG J 11 -8.23 41.63 55.36
C ARG J 11 -7.98 42.74 54.39
N ALA J 12 -7.27 42.38 53.32
CA ALA J 12 -6.73 43.36 52.42
C ALA J 12 -7.83 43.81 51.49
N LEU J 13 -8.55 42.83 50.92
CA LEU J 13 -9.86 43.06 50.29
C LEU J 13 -10.81 43.90 51.15
N GLU J 14 -10.78 43.68 52.49
CA GLU J 14 -11.54 44.45 53.49
C GLU J 14 -11.21 45.97 53.51
N ASN J 15 -10.15 46.40 52.78
CA ASN J 15 -9.65 47.77 52.85
C ASN J 15 -9.67 48.50 51.50
N PRO J 16 -10.50 49.55 51.38
CA PRO J 16 -10.74 50.20 50.07
C PRO J 16 -9.52 50.61 49.23
N ASP J 17 -8.37 50.90 49.86
CA ASP J 17 -7.09 51.28 49.18
C ASP J 17 -6.44 50.12 48.43
N SER J 18 -6.51 48.92 49.02
CA SER J 18 -5.86 47.71 48.42
C SER J 18 -6.37 47.37 47.01
N PHE J 19 -5.47 46.83 46.17
CA PHE J 19 -5.80 46.48 44.79
C PHE J 19 -4.92 45.33 44.37
N ILE J 20 -5.51 44.21 43.99
CA ILE J 20 -4.75 42.99 43.75
C ILE J 20 -4.30 42.74 42.25
N VAL J 21 -2.99 42.69 42.07
CA VAL J 21 -2.42 42.34 40.78
C VAL J 21 -1.93 40.87 40.73
N ALA J 22 -2.51 40.07 39.84
CA ALA J 22 -2.17 38.62 39.76
C ALA J 22 -1.94 38.05 38.36
N PRO J 23 -0.69 37.89 37.93
CA PRO J 23 -0.39 37.29 36.64
C PRO J 23 -0.87 35.85 36.54
N GLY J 24 -1.27 35.46 35.35
CA GLY J 24 -1.85 34.16 35.11
C GLY J 24 -0.79 33.13 34.91
N VAL J 25 -0.93 32.06 35.68
CA VAL J 25 0.12 31.09 35.97
C VAL J 25 -0.51 29.69 35.98
N TYR J 26 0.28 28.65 35.67
CA TYR J 26 -0.29 27.34 35.33
C TYR J 26 0.51 26.08 35.68
N ASP J 27 1.73 26.24 36.20
CA ASP J 27 2.51 25.06 36.54
C ASP J 27 3.63 25.43 37.50
N GLY J 28 4.63 24.55 37.63
CA GLY J 28 5.70 24.75 38.60
C GLY J 28 6.64 25.84 38.16
N LEU J 29 6.69 26.01 36.84
CA LEU J 29 7.63 26.92 36.23
C LEU J 29 7.11 28.33 36.11
N SER J 30 5.88 28.42 35.62
CA SER J 30 5.27 29.67 35.35
C SER J 30 5.13 30.42 36.68
N ALA J 31 4.94 29.64 37.74
CA ALA J 31 4.77 30.22 39.06
C ALA J 31 6.08 30.61 39.73
N ARG J 32 7.14 29.83 39.55
CA ARG J 32 8.43 30.24 40.06
C ARG J 32 8.92 31.51 39.34
N VAL J 33 8.69 31.60 38.02
CA VAL J 33 9.19 32.75 37.30
C VAL J 33 8.50 34.04 37.72
N ALA J 34 7.17 34.04 37.73
CA ALA J 34 6.35 35.17 38.19
C ALA J 34 6.69 35.68 39.59
N LEU J 35 7.08 34.73 40.46
CA LEU J 35 7.53 34.99 41.79
C LEU J 35 8.89 35.73 41.78
N SER J 36 9.87 35.25 41.01
CA SER J 36 11.15 35.98 40.97
C SER J 36 10.94 37.32 40.37
N ALA J 37 9.83 37.52 39.67
CA ALA J 37 9.57 38.78 38.98
C ALA J 37 8.87 39.82 39.85
N GLY J 38 8.70 39.50 41.14
CA GLY J 38 8.31 40.47 42.18
C GLY J 38 6.81 40.59 42.48
N PHE J 39 6.05 39.68 41.90
CA PHE J 39 4.61 39.71 42.02
C PHE J 39 4.13 39.32 43.40
N ASP J 40 2.93 39.79 43.74
CA ASP J 40 2.39 39.68 45.10
C ASP J 40 1.06 38.92 45.14
N ALA J 41 0.51 38.53 43.98
CA ALA J 41 -0.57 37.52 43.86
C ALA J 41 -0.42 36.72 42.55
N LEU J 42 -1.06 35.55 42.48
CA LEU J 42 -0.96 34.73 41.30
C LEU J 42 -2.35 34.22 40.81
N TYR J 43 -2.55 34.04 39.51
CA TYR J 43 -3.81 33.50 39.13
C TYR J 43 -3.55 32.11 38.59
N MET J 44 -4.34 31.11 39.04
CA MET J 44 -4.20 29.80 38.44
C MET J 44 -5.24 29.61 37.35
N THR J 45 -4.77 29.64 36.10
CA THR J 45 -5.70 29.51 34.94
C THR J 45 -6.20 28.09 34.78
N GLY J 46 -7.52 27.97 34.62
CA GLY J 46 -8.16 26.65 34.35
C GLY J 46 -7.83 26.13 32.97
N ALA J 47 -7.79 27.02 32.00
CA ALA J 47 -7.47 26.64 30.64
C ALA J 47 -6.04 26.17 30.60
N GLY J 48 -5.17 26.87 31.30
CA GLY J 48 -3.75 26.53 31.34
C GLY J 48 -3.47 25.24 32.07
N THR J 49 -4.23 24.96 33.12
CA THR J 49 -4.04 23.73 33.85
C THR J 49 -4.37 22.56 32.97
N ALA J 50 -5.40 22.75 32.14
CA ALA J 50 -5.79 21.77 31.18
C ALA J 50 -4.64 21.51 30.19
N ALA J 51 -3.99 22.58 29.70
CA ALA J 51 -3.00 22.36 28.62
C ALA J 51 -1.73 21.76 29.19
N SER J 52 -1.33 22.23 30.37
CA SER J 52 -0.13 21.70 30.96
C SER J 52 -0.35 20.25 31.37
N VAL J 53 -1.35 20.01 32.23
CA VAL J 53 -1.59 18.68 32.79
C VAL J 53 -2.07 17.67 31.77
N HIS J 54 -2.99 18.07 30.89
CA HIS J 54 -3.54 17.08 29.90
C HIS J 54 -3.16 17.19 28.42
N GLY J 55 -2.60 18.32 28.04
CA GLY J 55 -2.35 18.57 26.62
C GLY J 55 -3.66 18.91 25.91
N GLN J 56 -4.59 19.51 26.65
CA GLN J 56 -5.90 19.68 26.12
C GLN J 56 -6.37 21.08 26.07
N ALA J 57 -7.28 21.27 25.12
CA ALA J 57 -8.00 22.52 24.99
C ALA J 57 -8.83 22.67 26.29
N ASP J 58 -9.30 23.87 26.63
CA ASP J 58 -10.11 24.10 27.88
C ASP J 58 -11.52 23.53 27.78
N LEU J 59 -11.71 22.24 27.97
CA LEU J 59 -13.01 21.67 27.73
C LEU J 59 -13.62 20.91 28.93
N GLY J 60 -13.37 21.34 30.17
CA GLY J 60 -13.88 20.60 31.36
C GLY J 60 -13.35 19.15 31.41
N ILE J 61 -12.09 19.01 31.02
CA ILE J 61 -11.31 17.78 31.03
C ILE J 61 -10.69 17.61 32.42
N CYS J 62 -10.62 18.70 33.18
CA CYS J 62 -9.95 18.68 34.48
C CYS J 62 -10.99 18.49 35.54
N THR J 63 -10.74 17.45 36.37
CA THR J 63 -11.54 17.00 37.52
C THR J 63 -11.09 17.76 38.77
N LEU J 64 -11.83 17.64 39.87
CA LEU J 64 -11.34 18.22 41.11
C LEU J 64 -9.91 17.84 41.53
N ASN J 65 -9.58 16.55 41.46
CA ASN J 65 -8.23 16.08 41.72
C ASN J 65 -7.14 16.81 40.96
N ASP J 66 -7.36 17.06 39.64
CA ASP J 66 -6.37 17.79 38.84
C ASP J 66 -6.24 19.19 39.39
N MET J 67 -7.36 19.89 39.52
CA MET J 67 -7.24 21.29 39.85
C MET J 67 -6.62 21.43 41.22
N ARG J 68 -7.28 20.86 42.21
CA ARG J 68 -6.80 20.90 43.58
C ARG J 68 -5.30 20.73 43.67
N ALA J 69 -4.78 19.61 43.19
CA ALA J 69 -3.33 19.39 43.12
C ALA J 69 -2.58 20.58 42.58
N ASN J 70 -2.92 21.04 41.38
CA ASN J 70 -2.21 22.20 40.79
C ASN J 70 -2.31 23.45 41.67
N ALA J 71 -3.52 23.75 42.12
CA ALA J 71 -3.76 24.77 43.08
C ALA J 71 -2.88 24.63 44.32
N GLU J 72 -2.85 23.47 44.96
CA GLU J 72 -2.03 23.31 46.16
C GLU J 72 -0.57 23.65 45.95
N MET J 73 0.00 23.11 44.89
CA MET J 73 1.42 23.07 44.77
C MET J 73 1.83 24.47 44.50
N ILE J 74 1.00 25.18 43.75
CA ILE J 74 1.27 26.57 43.36
C ILE J 74 1.20 27.41 44.59
N SER J 75 0.12 27.26 45.37
CA SER J 75 0.00 28.03 46.62
C SER J 75 1.19 27.87 47.59
N ASN J 76 1.91 26.75 47.48
CA ASN J 76 2.89 26.36 48.48
C ASN J 76 4.32 26.63 48.09
N ILE J 77 4.45 27.26 46.94
CA ILE J 77 5.76 27.68 46.57
C ILE J 77 6.12 28.88 47.43
N SER J 78 5.17 29.79 47.61
CA SER J 78 5.38 30.94 48.46
C SER J 78 4.09 31.15 49.26
N PRO J 79 4.00 30.49 50.45
CA PRO J 79 2.76 30.34 51.17
C PRO J 79 2.20 31.65 51.70
N SER J 80 2.99 32.72 51.63
CA SER J 80 2.46 34.03 52.00
C SER J 80 1.90 34.78 50.79
N THR J 81 2.17 34.29 49.57
CA THR J 81 1.62 34.99 48.40
C THR J 81 0.22 34.49 48.13
N PRO J 82 -0.78 35.39 48.21
CA PRO J 82 -2.15 34.99 47.94
C PRO J 82 -2.23 34.47 46.49
N VAL J 83 -2.97 33.39 46.29
CA VAL J 83 -3.04 32.73 45.01
C VAL J 83 -4.51 32.47 44.73
N ILE J 84 -4.96 32.85 43.55
CA ILE J 84 -6.37 32.83 43.22
C ILE J 84 -6.62 31.78 42.20
N ALA J 85 -7.49 30.85 42.49
CA ALA J 85 -7.52 29.68 41.65
C ALA J 85 -8.83 29.47 40.85
N ASP J 86 -8.71 28.92 39.64
CA ASP J 86 -9.91 28.55 38.91
C ASP J 86 -10.54 27.32 39.59
N ALA J 87 -11.86 27.38 39.84
CA ALA J 87 -12.67 26.26 40.37
C ALA J 87 -13.84 25.90 39.45
N ASP J 88 -13.86 26.45 38.23
CA ASP J 88 -14.82 26.04 37.25
C ASP J 88 -16.19 26.16 37.89
N THR J 89 -16.92 25.07 38.02
CA THR J 89 -18.30 25.14 38.47
C THR J 89 -18.53 24.42 39.78
N GLY J 90 -17.49 23.81 40.35
CA GLY J 90 -17.59 23.20 41.66
C GLY J 90 -17.53 21.70 41.48
N TYR J 91 -17.34 21.30 40.24
CA TYR J 91 -17.04 19.91 39.95
C TYR J 91 -18.12 18.93 40.35
N GLY J 92 -19.31 19.46 40.64
CA GLY J 92 -20.49 18.64 40.93
C GLY J 92 -21.53 19.59 41.47
N GLY J 93 -22.49 19.10 42.27
CA GLY J 93 -23.48 19.94 42.95
C GLY J 93 -22.97 20.42 44.30
N PRO J 94 -23.88 20.79 45.25
CA PRO J 94 -23.48 21.30 46.60
C PRO J 94 -22.48 20.42 47.42
N ILE J 95 -22.76 19.14 47.55
CA ILE J 95 -21.82 18.22 48.16
C ILE J 95 -20.40 18.56 47.69
N MET J 96 -20.24 18.75 46.37
CA MET J 96 -18.94 18.78 45.69
C MET J 96 -18.26 20.15 45.65
N VAL J 97 -19.08 21.20 45.70
CA VAL J 97 -18.61 22.55 45.92
C VAL J 97 -17.93 22.56 47.28
N ALA J 98 -18.61 21.99 48.26
CA ALA J 98 -18.10 22.00 49.62
C ALA J 98 -16.74 21.26 49.65
N ARG J 99 -16.74 20.01 49.20
CA ARG J 99 -15.53 19.25 49.01
C ARG J 99 -14.45 20.11 48.32
N THR J 100 -14.84 20.97 47.38
CA THR J 100 -13.87 21.81 46.65
C THR J 100 -13.46 23.00 47.50
N THR J 101 -14.45 23.59 48.19
CA THR J 101 -14.14 24.67 49.11
C THR J 101 -13.06 24.13 50.09
N GLU J 102 -13.45 23.10 50.86
CA GLU J 102 -12.60 22.41 51.84
C GLU J 102 -11.19 22.12 51.33
N GLN J 103 -11.08 21.42 50.22
CA GLN J 103 -9.79 20.99 49.71
C GLN J 103 -8.87 22.12 49.32
N TYR J 104 -9.36 23.00 48.46
CA TYR J 104 -8.67 24.26 48.21
C TYR J 104 -8.21 24.91 49.53
N SER J 105 -9.11 25.00 50.52
CA SER J 105 -8.72 25.57 51.82
C SER J 105 -7.51 24.90 52.46
N ARG J 106 -7.61 23.60 52.70
CA ARG J 106 -6.50 22.94 53.35
C ARG J 106 -5.25 23.04 52.47
N SER J 107 -5.44 23.21 51.15
CA SER J 107 -4.30 23.38 50.23
C SER J 107 -3.55 24.71 50.41
N GLY J 108 -4.25 25.73 50.93
CA GLY J 108 -3.67 27.04 51.24
C GLY J 108 -4.14 28.07 50.24
N VAL J 109 -4.99 27.65 49.28
CA VAL J 109 -5.57 28.55 48.25
C VAL J 109 -6.22 29.79 48.84
N ALA J 110 -5.84 30.95 48.32
CA ALA J 110 -6.32 32.21 48.88
C ALA J 110 -7.74 32.59 48.39
N ALA J 111 -8.04 32.21 47.17
CA ALA J 111 -9.33 32.53 46.54
C ALA J 111 -9.63 31.60 45.38
N PHE J 112 -10.92 31.51 45.03
CA PHE J 112 -11.35 30.82 43.78
C PHE J 112 -12.60 31.38 43.11
N HIS J 113 -12.88 30.93 41.89
CA HIS J 113 -14.06 31.45 41.22
C HIS J 113 -15.05 30.36 40.83
N ILE J 114 -16.33 30.67 40.92
CA ILE J 114 -17.35 29.68 40.56
C ILE J 114 -18.32 30.26 39.58
N GLU J 115 -18.45 29.60 38.43
CA GLU J 115 -19.29 30.11 37.37
C GLU J 115 -20.71 29.50 37.31
N ASP J 116 -21.51 29.98 36.36
CA ASP J 116 -22.87 29.51 36.16
C ASP J 116 -23.02 28.79 34.82
N GLN J 117 -21.95 28.17 34.35
CA GLN J 117 -22.10 27.26 33.24
C GLN J 117 -22.63 25.90 33.74
N VAL J 118 -23.23 25.15 32.82
CA VAL J 118 -23.43 23.71 33.02
C VAL J 118 -22.08 22.96 33.12
N GLN J 119 -22.15 21.70 33.55
CA GLN J 119 -21.01 20.81 33.48
C GLN J 119 -21.07 19.88 32.19
N THR J 120 -21.95 20.11 31.21
CA THR J 120 -22.08 19.14 30.10
C THR J 120 -22.86 19.64 28.86
N LYS J 129 -21.55 28.22 25.03
CA LYS J 129 -22.14 28.42 26.38
C LYS J 129 -23.66 28.11 26.58
N ILE J 130 -23.93 27.00 27.28
CA ILE J 130 -25.18 26.84 28.03
C ILE J 130 -24.91 27.24 29.52
N LEU J 131 -25.89 27.90 30.13
CA LEU J 131 -25.75 28.31 31.50
C LEU J 131 -26.69 27.54 32.38
N VAL J 132 -26.61 27.82 33.66
CA VAL J 132 -27.51 27.24 34.64
C VAL J 132 -28.52 28.32 35.06
N ASP J 133 -29.64 27.96 35.69
CA ASP J 133 -30.54 29.01 36.09
C ASP J 133 -30.05 29.67 37.39
N THR J 134 -30.51 30.88 37.71
CA THR J 134 -30.05 31.58 38.91
C THR J 134 -30.20 30.76 40.19
N ASP J 135 -31.40 30.21 40.44
CA ASP J 135 -31.58 29.36 41.61
C ASP J 135 -30.44 28.38 41.80
N THR J 136 -30.20 27.54 40.79
CA THR J 136 -29.13 26.55 40.86
C THR J 136 -27.81 27.24 41.16
N TYR J 137 -27.49 28.31 40.42
CA TYR J 137 -26.29 29.10 40.63
C TYR J 137 -26.14 29.68 42.03
N VAL J 138 -27.13 30.43 42.49
CA VAL J 138 -27.01 30.92 43.86
C VAL J 138 -26.70 29.70 44.75
N THR J 139 -27.24 28.52 44.38
CA THR J 139 -27.07 27.28 45.18
C THR J 139 -25.61 26.95 45.31
N ARG J 140 -24.94 26.91 44.16
CA ARG J 140 -23.47 26.73 44.08
C ARG J 140 -22.67 27.68 44.96
N ILE J 141 -23.07 28.95 44.97
CA ILE J 141 -22.27 29.93 45.64
C ILE J 141 -22.49 29.73 47.12
N ARG J 142 -23.75 29.72 47.53
CA ARG J 142 -23.98 29.68 48.94
C ARG J 142 -23.68 28.34 49.57
N ALA J 143 -23.40 27.36 48.73
CA ALA J 143 -22.82 26.14 49.19
C ALA J 143 -21.38 26.35 49.58
N ALA J 144 -20.70 27.27 48.93
CA ALA J 144 -19.26 27.45 49.16
C ALA J 144 -19.00 28.31 50.41
N VAL J 145 -19.80 29.35 50.56
CA VAL J 145 -19.71 30.11 51.76
C VAL J 145 -20.05 29.16 52.95
N GLN J 146 -21.12 28.38 52.84
CA GLN J 146 -21.53 27.59 54.00
C GLN J 146 -20.42 26.62 54.39
N ALA J 147 -19.78 26.02 53.38
CA ALA J 147 -18.73 25.03 53.59
C ALA J 147 -17.49 25.64 54.23
N ARG J 148 -17.25 26.90 53.90
CA ARG J 148 -16.11 27.60 54.45
C ARG J 148 -16.36 27.99 55.92
N GLN J 149 -17.50 28.64 56.18
CA GLN J 149 -17.87 29.08 57.50
C GLN J 149 -17.75 27.87 58.38
N ARG J 150 -18.52 26.83 58.03
CA ARG J 150 -18.42 25.48 58.66
C ARG J 150 -16.99 24.97 59.02
N ILE J 151 -15.96 25.17 58.19
CA ILE J 151 -14.60 24.79 58.61
C ILE J 151 -13.68 25.93 59.15
N GLY J 152 -14.24 27.13 59.19
CA GLY J 152 -13.55 28.26 59.79
C GLY J 152 -12.49 28.79 58.85
N SER J 153 -12.62 28.44 57.57
CA SER J 153 -11.65 28.90 56.62
C SER J 153 -11.91 30.32 56.15
N ASP J 154 -10.86 31.12 56.04
CA ASP J 154 -10.94 32.45 55.38
C ASP J 154 -10.87 32.47 53.84
N ILE J 155 -11.32 31.43 53.15
CA ILE J 155 -11.16 31.43 51.69
C ILE J 155 -12.01 32.51 50.97
N VAL J 156 -11.46 33.10 49.92
CA VAL J 156 -12.13 34.19 49.18
C VAL J 156 -13.04 33.68 48.09
N VAL J 157 -14.35 33.86 48.28
CA VAL J 157 -15.32 33.43 47.26
C VAL J 157 -15.65 34.49 46.18
N ILE J 158 -15.23 34.18 44.95
CA ILE J 158 -15.48 35.02 43.77
C ILE J 158 -16.63 34.50 42.88
N ALA J 159 -17.68 35.28 42.64
CA ALA J 159 -18.76 34.80 41.82
C ALA J 159 -18.62 35.32 40.41
N ARG J 160 -18.39 34.39 39.46
CA ARG J 160 -18.31 34.68 38.03
C ARG J 160 -19.69 34.43 37.38
N THR J 161 -20.14 35.37 36.55
CA THR J 161 -21.12 34.97 35.54
C THR J 161 -20.53 34.96 34.10
N ASP J 162 -21.05 34.09 33.24
CA ASP J 162 -20.62 34.04 31.86
C ASP J 162 -21.79 34.36 31.02
N SER J 163 -22.80 34.93 31.67
CA SER J 163 -24.07 35.13 31.06
C SER J 163 -24.09 36.34 30.13
N LEU J 164 -22.98 37.08 30.05
CA LEU J 164 -22.97 38.32 29.29
C LEU J 164 -23.49 38.32 27.83
N GLN J 165 -22.82 37.64 26.90
CA GLN J 165 -23.30 37.72 25.48
C GLN J 165 -24.62 36.96 25.24
N THR J 166 -24.61 35.68 25.66
CA THR J 166 -25.76 34.74 25.78
C THR J 166 -26.98 35.41 26.32
N HIS J 167 -26.83 36.15 27.42
CA HIS J 167 -28.00 36.72 28.10
C HIS J 167 -28.08 38.25 28.35
N GLY J 168 -27.02 39.01 28.17
CA GLY J 168 -27.17 40.48 28.17
C GLY J 168 -27.06 41.18 29.51
N TYR J 169 -26.62 42.43 29.49
CA TYR J 169 -26.05 43.06 30.69
C TYR J 169 -26.85 43.09 32.02
N GLU J 170 -28.15 43.43 31.98
CA GLU J 170 -29.00 43.44 33.20
C GLU J 170 -29.05 42.06 33.89
N GLU J 171 -29.30 41.03 33.10
CA GLU J 171 -29.26 39.67 33.63
C GLU J 171 -27.95 39.30 34.39
N SER J 172 -26.78 39.65 33.83
CA SER J 172 -25.46 39.28 34.39
C SER J 172 -25.32 39.86 35.78
N VAL J 173 -25.89 41.06 35.92
CA VAL J 173 -25.85 41.78 37.15
C VAL J 173 -26.67 41.00 38.17
N ALA J 174 -27.97 40.75 37.85
CA ALA J 174 -28.90 40.00 38.72
C ALA J 174 -28.09 38.89 39.29
N ARG J 175 -27.55 38.08 38.39
CA ARG J 175 -26.75 36.93 38.76
C ARG J 175 -25.62 37.34 39.67
N LEU J 176 -25.05 38.50 39.41
CA LEU J 176 -24.05 38.97 40.29
C LEU J 176 -24.70 39.38 41.64
N ARG J 177 -25.90 39.97 41.61
CA ARG J 177 -26.49 40.51 42.86
C ARG J 177 -27.07 39.42 43.73
N ALA J 178 -27.53 38.36 43.07
CA ALA J 178 -27.97 37.17 43.75
C ALA J 178 -26.76 36.61 44.48
N ALA J 179 -25.65 36.61 43.75
CA ALA J 179 -24.40 36.08 44.26
C ALA J 179 -23.90 36.80 45.51
N ARG J 180 -23.94 38.14 45.46
CA ARG J 180 -23.61 38.97 46.60
C ARG J 180 -24.45 38.51 47.76
N ASP J 181 -25.71 38.18 47.45
CA ASP J 181 -26.73 37.79 48.46
C ASP J 181 -26.49 36.44 49.08
N ALA J 182 -25.97 35.51 48.33
CA ALA J 182 -25.53 34.28 48.96
C ALA J 182 -24.30 34.57 49.83
N GLY J 183 -23.94 35.85 49.91
CA GLY J 183 -22.71 36.26 50.58
C GLY J 183 -21.46 35.73 49.90
N ALA J 184 -21.27 36.08 48.62
CA ALA J 184 -19.96 35.94 48.01
C ALA J 184 -19.21 37.25 48.19
N ASP J 185 -17.90 37.17 47.96
CA ASP J 185 -16.96 38.22 48.38
C ASP J 185 -16.59 39.18 47.27
N VAL J 186 -16.28 38.61 46.10
CA VAL J 186 -15.81 39.35 44.95
C VAL J 186 -16.79 39.09 43.85
N GLY J 187 -17.07 40.09 43.01
CA GLY J 187 -17.88 39.93 41.78
C GLY J 187 -16.98 39.64 40.60
N PHE J 188 -17.48 38.92 39.58
CA PHE J 188 -16.70 38.59 38.38
C PHE J 188 -17.65 38.53 37.15
N LEU J 189 -17.73 39.66 36.43
CA LEU J 189 -18.53 39.73 35.21
C LEU J 189 -17.65 39.31 34.05
N GLU J 190 -17.82 38.11 33.53
CA GLU J 190 -16.87 37.61 32.48
C GLU J 190 -17.15 38.07 31.06
N GLY J 191 -16.13 38.68 30.46
CA GLY J 191 -16.15 39.03 29.09
C GLY J 191 -16.70 40.40 28.87
N ILE J 192 -16.48 41.28 29.86
CA ILE J 192 -16.77 42.73 29.78
C ILE J 192 -16.48 43.29 28.37
N THR J 193 -17.46 43.98 27.80
CA THR J 193 -17.35 44.37 26.42
C THR J 193 -16.77 45.75 26.24
N SER J 194 -16.71 46.58 27.28
CA SER J 194 -16.31 47.98 27.06
C SER J 194 -16.13 48.84 28.30
N ARG J 195 -15.16 49.76 28.20
CA ARG J 195 -14.94 50.79 29.18
C ARG J 195 -16.23 51.35 29.73
N GLU J 196 -17.25 51.51 28.90
CA GLU J 196 -18.52 52.01 29.42
C GLU J 196 -19.27 51.04 30.36
N MET J 197 -19.34 49.79 29.95
CA MET J 197 -19.85 48.72 30.82
C MET J 197 -18.93 48.49 32.07
N ALA J 198 -17.62 48.62 31.92
CA ALA J 198 -16.71 48.54 33.05
C ALA J 198 -17.07 49.54 34.16
N ARG J 199 -17.46 50.76 33.76
CA ARG J 199 -17.82 51.80 34.72
C ARG J 199 -19.14 51.47 35.42
N GLN J 200 -20.13 51.08 34.61
CA GLN J 200 -21.51 50.81 35.06
C GLN J 200 -21.62 49.66 36.01
N VAL J 201 -20.79 48.64 35.78
CA VAL J 201 -20.77 47.47 36.63
C VAL J 201 -20.22 47.84 38.00
N ILE J 202 -19.03 48.43 38.04
CA ILE J 202 -18.46 48.82 39.30
C ILE J 202 -19.47 49.66 40.07
N GLN J 203 -20.07 50.62 39.38
CA GLN J 203 -21.08 51.45 40.01
C GLN J 203 -22.30 50.66 40.46
N ASP J 204 -22.78 49.73 39.65
CA ASP J 204 -24.00 49.02 39.97
C ASP J 204 -23.81 48.00 41.08
N LEU J 205 -22.55 47.75 41.41
CA LEU J 205 -22.21 47.01 42.61
C LEU J 205 -21.17 47.73 43.49
N ALA J 206 -21.30 49.04 43.68
CA ALA J 206 -20.36 49.78 44.54
C ALA J 206 -20.08 49.13 45.91
N GLY J 207 -18.91 49.41 46.47
CA GLY J 207 -18.53 48.88 47.78
C GLY J 207 -18.15 47.41 47.64
N TRP J 208 -18.96 46.67 46.89
CA TRP J 208 -18.66 45.28 46.57
C TRP J 208 -17.51 45.15 45.57
N PRO J 209 -16.41 44.49 45.98
CA PRO J 209 -15.23 44.27 45.14
C PRO J 209 -15.46 43.42 43.85
N LEU J 210 -14.91 43.87 42.73
CA LEU J 210 -14.99 43.16 41.47
C LEU J 210 -13.64 43.00 40.88
N LEU J 211 -13.55 42.12 39.89
CA LEU J 211 -12.31 41.52 39.43
C LEU J 211 -12.38 41.48 37.93
N LEU J 212 -11.51 42.19 37.25
CA LEU J 212 -11.52 42.18 35.81
C LEU J 212 -10.59 41.15 35.23
N ASN J 213 -11.10 40.40 34.28
CA ASN J 213 -10.28 39.36 33.65
C ASN J 213 -9.71 39.95 32.37
N MET J 214 -8.38 40.04 32.28
CA MET J 214 -7.69 40.62 31.10
C MET J 214 -7.03 39.60 30.19
N VAL J 215 -7.74 39.20 29.15
CA VAL J 215 -7.09 38.42 28.15
C VAL J 215 -6.99 39.30 26.92
N GLU J 216 -5.78 39.62 26.52
CA GLU J 216 -5.70 40.64 25.51
C GLU J 216 -6.28 40.04 24.26
N HIS J 217 -6.61 40.91 23.33
CA HIS J 217 -7.17 40.60 22.00
C HIS J 217 -8.52 39.83 22.02
N GLY J 218 -9.39 40.17 22.97
CA GLY J 218 -10.72 39.57 23.01
C GLY J 218 -11.82 40.61 23.26
N ALA J 219 -12.99 40.11 23.69
CA ALA J 219 -14.18 40.91 24.03
C ALA J 219 -13.86 42.18 24.81
N THR J 220 -12.93 42.05 25.76
CA THR J 220 -12.61 43.08 26.74
C THR J 220 -11.54 43.90 26.09
N PRO J 221 -11.78 45.22 25.99
CA PRO J 221 -10.77 46.13 25.40
C PRO J 221 -9.62 46.16 26.40
N SER J 222 -8.41 46.54 25.99
CA SER J 222 -7.28 46.36 26.94
C SER J 222 -7.07 47.44 27.95
N ILE J 223 -7.38 47.06 29.19
CA ILE J 223 -7.24 47.94 30.36
C ILE J 223 -6.06 47.54 31.26
N SER J 224 -5.21 48.51 31.60
CA SER J 224 -4.04 48.24 32.44
C SER J 224 -4.35 48.30 33.93
N ALA J 225 -3.46 47.70 34.71
CA ALA J 225 -3.59 47.66 36.14
C ALA J 225 -3.91 49.08 36.63
N ALA J 226 -2.91 49.96 36.57
CA ALA J 226 -3.05 51.35 37.01
C ALA J 226 -4.44 51.90 36.69
N GLU J 227 -4.89 51.69 35.44
CA GLU J 227 -6.17 52.21 34.95
C GLU J 227 -7.33 51.57 35.69
N ALA J 228 -7.25 50.26 35.82
CA ALA J 228 -8.34 49.52 36.43
C ALA J 228 -8.52 49.95 37.88
N LYS J 229 -7.41 50.19 38.58
CA LYS J 229 -7.46 50.68 39.95
C LYS J 229 -8.26 52.00 39.95
N GLU J 230 -7.90 52.96 39.09
CA GLU J 230 -8.52 54.31 39.05
C GLU J 230 -10.00 54.22 38.73
N MET J 231 -10.42 53.08 38.18
CA MET J 231 -11.80 52.91 37.78
C MET J 231 -12.69 52.51 38.93
N GLY J 232 -12.24 51.53 39.69
CA GLY J 232 -13.04 50.99 40.80
C GLY J 232 -12.88 49.50 41.04
N PHE J 233 -12.02 48.85 40.25
CA PHE J 233 -11.77 47.45 40.48
C PHE J 233 -10.86 47.23 41.65
N ARG J 234 -11.03 46.05 42.21
CA ARG J 234 -10.25 45.52 43.35
C ARG J 234 -9.19 44.43 42.95
N ILE J 235 -9.49 43.56 41.98
CA ILE J 235 -8.45 42.66 41.50
C ILE J 235 -8.46 42.74 39.99
N ILE J 236 -7.30 42.47 39.39
CA ILE J 236 -7.13 42.29 37.94
C ILE J 236 -6.32 40.98 37.64
N ILE J 237 -6.79 40.13 36.72
CA ILE J 237 -6.02 38.95 36.35
C ILE J 237 -5.50 38.98 34.90
N PHE J 238 -4.39 38.30 34.67
CA PHE J 238 -3.76 38.24 33.36
C PHE J 238 -3.60 36.78 32.94
N PRO J 239 -4.72 36.08 32.74
CA PRO J 239 -4.54 34.66 32.77
C PRO J 239 -3.43 34.17 31.84
N PHE J 240 -3.12 34.97 30.81
CA PHE J 240 -2.36 34.49 29.64
C PHE J 240 -0.88 34.91 29.80
N ALA J 241 -0.65 35.84 30.71
CA ALA J 241 0.72 36.18 31.19
C ALA J 241 1.86 35.23 30.80
N ALA J 242 1.72 33.94 31.10
CA ALA J 242 2.83 33.01 30.99
C ALA J 242 2.73 32.02 29.79
N LEU J 243 1.50 31.63 29.44
CA LEU J 243 1.20 30.69 28.36
C LEU J 243 1.55 31.21 26.98
N GLY J 244 1.20 32.48 26.71
CA GLY J 244 1.49 33.11 25.42
C GLY J 244 2.96 32.98 25.08
N PRO J 245 3.83 33.61 25.89
CA PRO J 245 5.27 33.45 25.77
C PRO J 245 5.79 32.00 25.70
N ALA J 246 5.43 31.17 26.67
CA ALA J 246 5.79 29.77 26.65
C ALA J 246 5.49 29.16 25.31
N VAL J 247 4.32 29.45 24.76
CA VAL J 247 3.99 28.78 23.51
C VAL J 247 4.84 29.25 22.30
N ALA J 248 4.93 30.56 22.08
CA ALA J 248 5.76 31.10 21.00
C ALA J 248 7.18 30.65 21.14
N ALA J 249 7.68 30.64 22.36
CA ALA J 249 9.09 30.33 22.56
C ALA J 249 9.39 28.86 22.28
N MET J 250 8.54 27.97 22.77
CA MET J 250 8.74 26.56 22.50
C MET J 250 8.53 26.28 21.01
N ARG J 251 7.63 27.05 20.39
CA ARG J 251 7.30 26.89 19.00
C ARG J 251 8.58 27.12 18.27
N GLU J 252 9.26 28.21 18.62
CA GLU J 252 10.45 28.59 17.90
C GLU J 252 11.62 27.75 18.25
N ALA J 253 11.77 27.51 19.53
CA ALA J 253 12.84 26.68 19.99
C ALA J 253 12.80 25.35 19.22
N MET J 254 11.60 24.79 19.02
CA MET J 254 11.43 23.48 18.40
C MET J 254 11.62 23.39 16.89
N GLU J 255 11.22 24.42 16.13
CA GLU J 255 11.62 24.51 14.73
C GLU J 255 13.15 24.54 14.63
N LYS J 256 13.78 25.46 15.37
CA LYS J 256 15.23 25.56 15.46
C LYS J 256 15.90 24.22 15.65
N LEU J 257 15.48 23.49 16.67
CA LEU J 257 16.04 22.17 16.93
C LEU J 257 15.90 21.23 15.71
N LYS J 258 14.66 21.01 15.23
CA LYS J 258 14.40 20.27 13.96
C LYS J 258 15.33 20.74 12.87
N ARG J 259 15.49 22.06 12.78
CA ARG J 259 16.26 22.65 11.71
C ARG J 259 17.74 22.45 11.97
N ASP J 260 18.16 22.58 13.25
CA ASP J 260 19.58 22.56 13.65
C ASP J 260 20.21 21.24 14.20
N GLY J 261 19.43 20.39 14.85
CA GLY J 261 20.02 19.19 15.39
C GLY J 261 20.70 19.47 16.71
N ILE J 262 20.48 20.65 17.28
CA ILE J 262 21.01 20.98 18.60
C ILE J 262 20.30 22.24 19.04
N PRO J 263 19.86 22.31 20.32
CA PRO J 263 18.94 23.35 20.71
C PRO J 263 19.53 24.76 20.75
N GLY J 264 20.84 24.88 20.97
CA GLY J 264 21.49 26.21 20.97
C GLY J 264 20.93 27.11 22.07
N LEU J 265 20.52 26.48 23.16
CA LEU J 265 20.29 27.12 24.44
C LEU J 265 21.47 28.08 24.73
N ASP J 266 21.23 29.24 25.34
CA ASP J 266 22.43 30.00 25.63
C ASP J 266 22.95 29.64 27.01
N LYS J 267 24.21 29.97 27.23
CA LYS J 267 24.85 29.38 28.37
C LYS J 267 24.66 30.10 29.69
N GLU J 268 23.72 31.03 29.76
CA GLU J 268 23.22 31.43 31.06
C GLU J 268 22.43 30.22 31.63
N MET J 269 21.59 29.63 30.78
CA MET J 269 20.82 28.42 31.16
C MET J 269 21.57 27.10 31.30
N THR J 270 22.39 27.10 32.31
CA THR J 270 23.02 25.94 32.77
C THR J 270 21.97 25.11 33.58
N PRO J 271 22.09 23.75 33.59
CA PRO J 271 21.21 22.87 34.39
C PRO J 271 21.08 23.32 35.85
N GLN J 272 22.18 23.79 36.44
CA GLN J 272 22.19 24.42 37.75
C GLN J 272 21.29 25.66 37.77
N MET J 273 21.53 26.56 36.84
CA MET J 273 20.76 27.77 36.79
C MET J 273 19.29 27.43 36.68
N LEU J 274 18.93 26.45 35.87
CA LEU J 274 17.50 26.20 35.67
C LEU J 274 16.87 25.65 36.92
N PHE J 275 17.55 24.69 37.55
CA PHE J 275 17.13 24.19 38.86
C PHE J 275 17.03 25.32 39.92
N ARG J 276 17.99 26.26 39.93
CA ARG J 276 17.93 27.39 40.87
C ARG J 276 16.63 28.19 40.82
N VAL J 277 16.11 28.43 39.62
CA VAL J 277 14.81 29.08 39.49
C VAL J 277 13.78 28.29 40.28
N CYS J 278 13.99 27.00 40.33
CA CYS J 278 13.05 26.10 40.94
C CYS J 278 13.50 25.64 42.28
N GLY J 279 14.36 26.46 42.89
CA GLY J 279 14.53 26.40 44.34
C GLY J 279 15.61 25.44 44.73
N LEU J 280 16.49 25.13 43.78
CA LEU J 280 17.63 24.29 44.09
C LEU J 280 18.28 24.69 45.43
N ASP J 281 18.45 25.99 45.71
CA ASP J 281 19.13 26.37 46.95
C ASP J 281 18.29 26.16 48.25
N GLU J 282 17.02 26.59 48.29
CA GLU J 282 16.16 26.39 49.50
C GLU J 282 15.98 24.93 49.77
N SER J 283 16.04 24.14 48.70
CA SER J 283 16.02 22.71 48.82
C SER J 283 17.31 22.27 49.49
N MET J 284 18.44 22.62 48.86
CA MET J 284 19.75 22.16 49.30
C MET J 284 20.07 22.59 50.71
N LYS J 285 19.40 23.67 51.19
CA LYS J 285 19.68 24.15 52.55
C LYS J 285 18.84 23.53 53.64
N VAL J 286 17.58 23.24 53.32
CA VAL J 286 16.77 22.22 54.04
C VAL J 286 17.55 20.92 54.43
N ASP J 287 18.32 20.38 53.48
CA ASP J 287 19.11 19.14 53.71
C ASP J 287 20.41 19.26 54.54
N ALA J 288 21.22 20.29 54.29
CA ALA J 288 22.35 20.62 55.14
C ALA J 288 21.95 21.04 56.57
N GLN J 289 20.79 21.67 56.70
CA GLN J 289 20.24 22.12 57.98
C GLN J 289 19.66 21.03 58.84
N ALA J 290 19.13 19.95 58.27
CA ALA J 290 18.72 18.80 59.10
C ALA J 290 19.91 17.84 59.42
N GLY J 291 21.11 18.24 58.99
CA GLY J 291 22.33 17.46 59.18
C GLY J 291 22.66 16.51 58.04
N GLY J 292 22.34 16.89 56.80
CA GLY J 292 22.56 16.01 55.65
C GLY J 292 23.91 16.20 55.00
N ALA J 293 24.36 15.20 54.27
CA ALA J 293 25.64 15.21 53.57
C ALA J 293 25.45 15.11 52.05
N ALA J 294 24.22 15.33 51.58
CA ALA J 294 23.89 15.13 50.17
C ALA J 294 24.43 16.22 49.21
N PHE J 295 24.69 17.44 49.71
CA PHE J 295 25.16 18.53 48.84
C PHE J 295 26.47 19.18 49.28
N ASP J 296 27.36 18.35 49.83
CA ASP J 296 28.63 18.85 50.32
C ASP J 296 29.51 19.46 49.26
N GLY J 297 29.96 20.70 49.55
CA GLY J 297 30.56 21.63 48.57
C GLY J 297 29.77 21.77 47.26
N GLY J 298 28.44 21.84 47.34
CA GLY J 298 27.62 22.25 46.19
C GLY J 298 27.42 21.30 45.01
N VAL J 299 26.90 21.81 43.91
CA VAL J 299 26.52 20.86 42.88
C VAL J 299 26.99 21.29 41.51
N ASP J 300 28.24 21.68 41.38
CA ASP J 300 28.61 22.62 40.37
C ASP J 300 29.90 22.15 39.82
N LEU J 301 30.07 22.23 38.53
CA LEU J 301 31.00 21.34 37.90
C LEU J 301 32.40 21.90 37.90
N PRO K 1 3.18 -7.93 21.84
CA PRO K 1 2.16 -8.79 22.49
C PRO K 1 1.91 -8.50 24.01
N MET K 2 0.99 -7.60 24.38
CA MET K 2 0.51 -7.48 25.81
C MET K 2 -0.97 -7.93 25.94
N VAL K 3 -1.22 -9.20 26.21
CA VAL K 3 -2.62 -9.73 26.37
C VAL K 3 -3.60 -8.97 27.38
N THR K 4 -4.85 -8.72 26.98
CA THR K 4 -5.88 -8.21 27.95
C THR K 4 -6.99 -9.22 28.27
N ALA K 5 -7.62 -9.06 29.44
CA ALA K 5 -8.73 -9.92 29.86
C ALA K 5 -10.04 -9.53 29.14
N ALA K 6 -10.11 -8.32 28.62
CA ALA K 6 -11.21 -7.88 27.78
C ALA K 6 -11.31 -8.69 26.49
N THR K 7 -10.21 -9.27 26.05
CA THR K 7 -10.33 -10.02 24.81
C THR K 7 -10.94 -11.45 25.12
N SER K 8 -10.92 -11.81 26.39
CA SER K 8 -11.43 -13.11 26.76
C SER K 8 -12.91 -13.03 27.04
N LEU K 9 -13.27 -12.02 27.81
CA LEU K 9 -14.65 -11.65 28.03
C LEU K 9 -15.41 -11.56 26.69
N ARG K 10 -14.72 -11.00 25.72
CA ARG K 10 -15.31 -10.77 24.43
C ARG K 10 -15.56 -12.08 23.69
N ARG K 11 -14.58 -12.98 23.60
CA ARG K 11 -14.78 -14.36 23.06
C ARG K 11 -15.80 -15.18 23.85
N ALA K 12 -15.89 -14.90 25.14
CA ALA K 12 -16.83 -15.60 26.01
C ALA K 12 -18.29 -15.19 25.71
N LEU K 13 -18.56 -13.89 25.76
CA LEU K 13 -19.91 -13.37 25.58
C LEU K 13 -20.50 -13.75 24.25
N GLU K 14 -19.68 -14.30 23.36
CA GLU K 14 -20.17 -14.74 22.05
C GLU K 14 -20.51 -16.21 22.03
N ASN K 15 -19.98 -16.99 22.98
CA ASN K 15 -20.52 -18.36 23.25
C ASN K 15 -21.74 -18.15 24.17
N PRO K 16 -22.98 -18.31 23.61
CA PRO K 16 -24.21 -17.88 24.33
C PRO K 16 -24.44 -18.67 25.61
N ASP K 17 -23.65 -19.75 25.77
CA ASP K 17 -23.54 -20.59 26.96
C ASP K 17 -22.74 -20.08 28.14
N SER K 18 -21.67 -19.31 27.94
CA SER K 18 -20.86 -18.86 29.09
C SER K 18 -21.76 -18.04 29.99
N PHE K 19 -21.56 -18.11 31.29
CA PHE K 19 -22.35 -17.27 32.15
C PHE K 19 -21.43 -16.61 33.15
N ILE K 20 -21.42 -15.28 33.18
CA ILE K 20 -20.42 -14.57 34.00
C ILE K 20 -20.95 -14.24 35.41
N VAL K 21 -20.31 -14.79 36.44
CA VAL K 21 -20.65 -14.47 37.83
C VAL K 21 -19.52 -13.61 38.45
N ALA K 22 -19.89 -12.39 38.89
CA ALA K 22 -18.99 -11.32 39.36
C ALA K 22 -19.33 -10.74 40.75
N PRO K 23 -18.45 -10.98 41.78
CA PRO K 23 -18.65 -10.35 43.10
C PRO K 23 -18.14 -8.90 43.25
N GLY K 24 -18.92 -8.08 43.94
CA GLY K 24 -18.56 -6.70 44.25
C GLY K 24 -17.39 -6.54 45.20
N VAL K 25 -16.32 -6.06 44.59
CA VAL K 25 -15.04 -5.90 45.19
C VAL K 25 -14.88 -4.37 45.17
N TYR K 26 -14.18 -3.79 46.16
CA TYR K 26 -14.01 -2.33 46.21
C TYR K 26 -12.65 -1.80 46.54
N ASP K 27 -11.64 -2.67 46.62
CA ASP K 27 -10.33 -2.29 47.11
C ASP K 27 -9.44 -3.50 46.99
N GLY K 28 -8.19 -3.41 47.41
CA GLY K 28 -7.26 -4.47 47.02
C GLY K 28 -7.54 -5.71 47.81
N LEU K 29 -7.83 -5.51 49.09
CA LEU K 29 -8.27 -6.57 49.95
C LEU K 29 -9.41 -7.39 49.35
N SER K 30 -10.55 -6.75 49.01
CA SER K 30 -11.73 -7.53 48.67
C SER K 30 -11.47 -8.29 47.40
N ALA K 31 -10.51 -7.79 46.59
CA ALA K 31 -10.11 -8.51 45.37
C ALA K 31 -9.38 -9.85 45.68
N ARG K 32 -8.34 -9.76 46.52
CA ARG K 32 -7.50 -10.92 46.85
C ARG K 32 -8.30 -12.09 47.41
N VAL K 33 -9.15 -11.76 48.40
CA VAL K 33 -10.12 -12.69 48.99
C VAL K 33 -10.99 -13.26 47.85
N ALA K 34 -11.76 -12.42 47.16
CA ALA K 34 -12.57 -12.93 46.04
C ALA K 34 -11.75 -13.88 45.17
N LEU K 35 -10.70 -13.38 44.52
CA LEU K 35 -9.72 -14.27 43.85
C LEU K 35 -9.29 -15.60 44.57
N SER K 36 -8.98 -15.61 45.87
CA SER K 36 -8.74 -16.89 46.58
C SER K 36 -9.95 -17.75 46.67
N ALA K 37 -11.12 -17.15 47.00
CA ALA K 37 -12.37 -17.95 47.02
C ALA K 37 -12.58 -18.74 45.72
N GLY K 38 -11.78 -18.41 44.70
CA GLY K 38 -11.78 -19.11 43.41
C GLY K 38 -12.63 -18.54 42.24
N PHE K 39 -13.04 -17.27 42.33
CA PHE K 39 -13.95 -16.67 41.34
C PHE K 39 -13.30 -16.36 40.02
N ASP K 40 -14.09 -16.47 38.96
CA ASP K 40 -13.54 -16.23 37.60
C ASP K 40 -13.68 -14.84 37.02
N ALA K 41 -14.32 -13.96 37.77
CA ALA K 41 -14.66 -12.60 37.35
C ALA K 41 -14.88 -11.74 38.61
N LEU K 42 -14.43 -10.49 38.52
CA LEU K 42 -14.62 -9.54 39.59
C LEU K 42 -15.44 -8.38 39.01
N TYR K 43 -16.30 -7.80 39.80
CA TYR K 43 -16.95 -6.57 39.42
C TYR K 43 -16.40 -5.52 40.36
N MET K 44 -16.02 -4.35 39.85
CA MET K 44 -15.68 -3.25 40.78
C MET K 44 -16.88 -2.37 41.03
N THR K 45 -17.40 -2.39 42.25
CA THR K 45 -18.54 -1.56 42.63
C THR K 45 -18.17 -0.09 42.73
N GLY K 46 -18.89 0.75 42.01
CA GLY K 46 -18.76 2.18 42.14
C GLY K 46 -19.12 2.62 43.54
N ALA K 47 -20.20 2.06 44.08
CA ALA K 47 -20.67 2.43 45.40
C ALA K 47 -19.59 2.16 46.45
N GLY K 48 -19.05 0.94 46.38
CA GLY K 48 -17.98 0.45 47.29
C GLY K 48 -16.70 1.28 47.23
N THR K 49 -16.37 1.74 46.01
CA THR K 49 -15.26 2.67 45.79
C THR K 49 -15.48 4.03 46.51
N ALA K 50 -16.64 4.65 46.35
CA ALA K 50 -16.96 5.87 47.08
C ALA K 50 -16.68 5.67 48.59
N ALA K 51 -16.95 4.46 49.07
CA ALA K 51 -16.89 4.17 50.51
C ALA K 51 -15.48 3.94 51.04
N SER K 52 -14.67 3.23 50.28
CA SER K 52 -13.35 2.84 50.75
C SER K 52 -12.30 3.92 50.50
N VAL K 53 -12.28 4.41 49.25
CA VAL K 53 -11.44 5.52 48.84
C VAL K 53 -11.81 6.81 49.56
N HIS K 54 -13.10 7.08 49.73
CA HIS K 54 -13.50 8.38 50.27
C HIS K 54 -14.15 8.56 51.66
N GLY K 55 -14.67 7.48 52.26
CA GLY K 55 -15.50 7.62 53.45
C GLY K 55 -16.90 8.22 53.26
N GLN K 56 -17.44 8.12 52.04
CA GLN K 56 -18.80 8.59 51.75
C GLN K 56 -19.64 7.70 50.83
N ALA K 57 -20.86 8.19 50.64
CA ALA K 57 -21.99 7.54 49.97
C ALA K 57 -21.83 7.49 48.48
N ASP K 58 -22.64 6.67 47.84
CA ASP K 58 -22.59 6.58 46.39
C ASP K 58 -23.40 7.71 45.69
N LEU K 59 -22.73 8.86 45.56
CA LEU K 59 -23.36 10.09 45.11
C LEU K 59 -22.66 10.90 44.02
N GLY K 60 -21.81 10.25 43.22
CA GLY K 60 -21.11 10.97 42.15
C GLY K 60 -19.87 11.63 42.67
N ILE K 61 -19.63 11.57 43.98
CA ILE K 61 -18.43 12.06 44.67
C ILE K 61 -17.10 11.65 44.02
N CYS K 62 -17.03 10.50 43.36
CA CYS K 62 -15.77 10.04 42.81
C CYS K 62 -15.46 10.63 41.46
N THR K 63 -14.20 10.92 41.19
CA THR K 63 -13.85 11.32 39.84
C THR K 63 -13.22 10.18 39.05
N LEU K 64 -13.13 10.42 37.73
CA LEU K 64 -12.43 9.54 36.82
C LEU K 64 -11.14 9.06 37.43
N ASN K 65 -10.34 9.99 38.00
CA ASN K 65 -8.99 9.65 38.52
C ASN K 65 -9.13 8.56 39.57
N ASP K 66 -10.06 8.80 40.51
CA ASP K 66 -10.38 7.87 41.60
C ASP K 66 -10.75 6.51 41.08
N MET K 67 -11.73 6.48 40.18
CA MET K 67 -12.33 5.22 39.75
C MET K 67 -11.38 4.44 38.88
N ARG K 68 -10.61 5.16 38.07
CA ARG K 68 -9.68 4.50 37.14
C ARG K 68 -8.52 3.92 37.96
N ALA K 69 -7.88 4.73 38.79
CA ALA K 69 -6.76 4.14 39.50
C ALA K 69 -7.24 2.89 40.21
N ASN K 70 -8.42 3.02 40.81
CA ASN K 70 -8.98 1.90 41.57
C ASN K 70 -9.08 0.62 40.68
N ALA K 71 -9.76 0.77 39.53
CA ALA K 71 -9.97 -0.30 38.56
C ALA K 71 -8.73 -0.90 38.01
N GLU K 72 -7.71 -0.07 37.87
CA GLU K 72 -6.45 -0.50 37.28
C GLU K 72 -5.69 -1.43 38.23
N MET K 73 -5.74 -1.13 39.53
CA MET K 73 -5.08 -2.02 40.47
C MET K 73 -5.92 -3.27 40.70
N ILE K 74 -7.25 -3.10 40.73
CA ILE K 74 -8.07 -4.30 40.79
C ILE K 74 -7.78 -5.16 39.58
N SER K 75 -7.68 -4.58 38.37
CA SER K 75 -7.57 -5.45 37.17
C SER K 75 -6.24 -6.12 37.13
N ASN K 76 -5.29 -5.56 37.84
CA ASN K 76 -3.96 -6.04 37.73
C ASN K 76 -3.47 -7.00 38.82
N ILE K 77 -4.33 -7.33 39.77
CA ILE K 77 -4.03 -8.43 40.71
C ILE K 77 -4.06 -9.79 40.00
N SER K 78 -5.11 -10.09 39.25
CA SER K 78 -5.00 -11.25 38.39
C SER K 78 -5.29 -10.86 36.93
N PRO K 79 -4.24 -10.47 36.19
CA PRO K 79 -4.47 -9.88 34.86
C PRO K 79 -5.35 -10.73 33.95
N SER K 80 -5.32 -12.06 34.11
CA SER K 80 -6.10 -12.94 33.20
C SER K 80 -7.55 -13.14 33.64
N THR K 81 -7.91 -12.57 34.81
CA THR K 81 -9.28 -12.53 35.41
C THR K 81 -10.06 -11.29 35.01
N PRO K 82 -11.11 -11.44 34.22
CA PRO K 82 -11.88 -10.27 33.88
C PRO K 82 -12.39 -9.47 35.08
N VAL K 83 -12.07 -8.17 35.06
CA VAL K 83 -12.77 -7.11 35.81
C VAL K 83 -13.77 -6.27 34.97
N ILE K 84 -15.01 -6.19 35.47
CA ILE K 84 -16.03 -5.25 35.04
C ILE K 84 -16.02 -4.07 36.00
N ALA K 85 -15.59 -2.90 35.59
CA ALA K 85 -15.62 -1.74 36.50
C ALA K 85 -16.84 -0.83 36.22
N ASP K 86 -17.40 -0.21 37.28
CA ASP K 86 -18.46 0.82 37.20
C ASP K 86 -17.73 1.99 36.53
N ALA K 87 -18.44 2.82 35.81
CA ALA K 87 -17.76 3.95 35.21
C ALA K 87 -18.74 5.10 35.18
N ASP K 88 -19.72 4.99 36.07
CA ASP K 88 -20.79 5.97 36.32
C ASP K 88 -21.47 6.44 35.05
N THR K 89 -21.27 7.70 34.72
CA THR K 89 -21.81 8.35 33.53
C THR K 89 -20.67 8.73 32.61
N GLY K 90 -19.45 8.36 32.98
CA GLY K 90 -18.27 8.60 32.17
C GLY K 90 -17.53 9.90 32.42
N TYR K 91 -18.09 10.74 33.31
CA TYR K 91 -17.36 11.83 33.96
C TYR K 91 -17.24 13.08 33.15
N GLY K 92 -18.23 13.30 32.30
CA GLY K 92 -18.37 14.52 31.52
C GLY K 92 -19.02 14.25 30.20
N GLY K 93 -18.81 15.13 29.23
CA GLY K 93 -19.24 14.88 27.87
C GLY K 93 -18.49 13.80 27.10
N PRO K 94 -18.72 13.80 25.81
CA PRO K 94 -18.29 12.68 25.03
C PRO K 94 -16.74 12.55 25.05
N ILE K 95 -16.06 13.64 25.37
CA ILE K 95 -14.61 13.69 25.29
C ILE K 95 -14.06 12.99 26.48
N MET K 96 -14.57 13.36 27.67
CA MET K 96 -14.37 12.62 28.94
C MET K 96 -14.83 11.17 28.85
N VAL K 97 -16.04 10.94 28.33
CA VAL K 97 -16.51 9.58 28.29
C VAL K 97 -15.43 8.84 27.54
N ALA K 98 -14.97 9.49 26.49
CA ALA K 98 -14.08 8.81 25.58
C ALA K 98 -12.79 8.61 26.26
N ARG K 99 -12.52 9.47 27.21
CA ARG K 99 -11.26 9.55 27.85
C ARG K 99 -11.21 8.51 29.02
N THR K 100 -12.31 8.32 29.75
CA THR K 100 -12.52 7.13 30.61
C THR K 100 -12.25 5.82 29.83
N THR K 101 -12.70 5.78 28.58
CA THR K 101 -12.66 4.54 27.81
C THR K 101 -11.22 4.12 27.54
N GLU K 102 -10.40 5.08 27.16
CA GLU K 102 -9.02 4.81 26.88
C GLU K 102 -8.30 4.43 28.16
N GLN K 103 -8.63 5.16 29.23
CA GLN K 103 -7.93 4.89 30.49
C GLN K 103 -8.17 3.44 30.98
N TYR K 104 -9.44 3.08 31.19
CA TYR K 104 -9.82 1.74 31.60
C TYR K 104 -9.15 0.70 30.70
N SER K 105 -9.00 1.00 29.41
CA SER K 105 -8.37 0.09 28.47
C SER K 105 -6.88 -0.11 28.77
N ARG K 106 -6.07 0.94 28.63
CA ARG K 106 -4.68 0.81 28.91
C ARG K 106 -4.52 0.18 30.29
N SER K 107 -5.43 0.51 31.20
CA SER K 107 -5.45 -0.02 32.56
C SER K 107 -5.68 -1.53 32.65
N GLY K 108 -6.46 -2.07 31.73
CA GLY K 108 -6.62 -3.50 31.61
C GLY K 108 -7.96 -3.99 32.13
N VAL K 109 -8.79 -3.03 32.53
CA VAL K 109 -10.17 -3.34 32.80
C VAL K 109 -10.77 -4.17 31.63
N ALA K 110 -11.57 -5.19 31.92
CA ALA K 110 -12.18 -5.96 30.81
C ALA K 110 -13.44 -5.34 30.25
N ALA K 111 -14.16 -4.56 31.07
CA ALA K 111 -15.51 -4.08 30.77
C ALA K 111 -15.97 -2.98 31.76
N PHE K 112 -16.77 -2.03 31.28
CA PHE K 112 -17.35 -1.03 32.20
C PHE K 112 -18.76 -0.66 31.78
N HIS K 113 -19.61 -0.27 32.74
CA HIS K 113 -20.97 0.20 32.46
C HIS K 113 -21.07 1.70 32.48
N ILE K 114 -22.05 2.24 31.77
CA ILE K 114 -22.29 3.69 31.69
C ILE K 114 -23.77 3.95 31.74
N GLU K 115 -24.21 4.98 32.44
CA GLU K 115 -25.63 5.09 32.74
C GLU K 115 -26.17 6.41 32.22
N ASP K 116 -27.48 6.63 32.38
CA ASP K 116 -28.15 7.83 31.87
C ASP K 116 -28.56 8.78 33.02
N GLN K 117 -27.76 8.83 34.06
CA GLN K 117 -28.09 9.76 35.13
C GLN K 117 -27.42 11.10 34.87
N VAL K 118 -27.85 12.16 35.54
CA VAL K 118 -27.03 13.38 35.57
C VAL K 118 -25.68 13.03 36.19
N GLN K 119 -24.63 13.72 35.76
CA GLN K 119 -23.31 13.44 36.27
C GLN K 119 -23.25 13.37 37.82
N THR K 120 -24.12 14.09 38.50
CA THR K 120 -24.19 14.00 39.96
C THR K 120 -25.09 12.80 40.34
N LYS K 121 -24.58 11.62 40.09
CA LYS K 121 -25.52 10.51 40.07
C LYS K 121 -25.71 9.90 41.46
N ARG K 122 -26.51 8.85 41.55
CA ARG K 122 -26.67 8.19 42.85
C ARG K 122 -26.84 6.75 42.60
N CYS K 123 -26.56 5.98 43.63
CA CYS K 123 -26.84 4.56 43.58
C CYS K 123 -28.23 4.28 43.02
N GLY K 124 -28.30 3.35 42.06
CA GLY K 124 -29.59 2.97 41.43
C GLY K 124 -30.77 2.62 42.33
N HIS K 125 -30.53 2.18 43.58
CA HIS K 125 -31.61 1.82 44.55
C HIS K 125 -32.02 2.99 45.50
N LEU K 126 -31.95 4.22 45.04
CA LEU K 126 -32.45 5.32 45.81
C LEU K 126 -33.58 5.98 45.13
N ALA K 127 -34.40 6.67 45.90
CA ALA K 127 -35.35 7.63 45.40
C ALA K 127 -34.82 8.89 44.78
N GLY K 128 -35.45 9.28 43.69
CA GLY K 128 -35.46 10.66 43.14
C GLY K 128 -34.27 10.93 42.26
N LYS K 129 -33.83 9.89 41.52
CA LYS K 129 -32.72 9.95 40.57
C LYS K 129 -33.13 10.93 39.48
N ILE K 130 -32.17 11.77 39.08
CA ILE K 130 -32.41 12.72 38.02
C ILE K 130 -31.69 12.15 36.79
N LEU K 131 -32.39 12.19 35.66
CA LEU K 131 -31.90 11.55 34.42
C LEU K 131 -31.50 12.53 33.38
N VAL K 132 -30.62 12.07 32.52
CA VAL K 132 -30.28 12.77 31.31
C VAL K 132 -31.34 12.34 30.25
N ASP K 133 -31.50 13.10 29.18
CA ASP K 133 -32.36 12.67 28.04
C ASP K 133 -31.74 11.59 27.18
N THR K 134 -32.56 10.94 26.36
CA THR K 134 -32.08 9.84 25.55
C THR K 134 -30.85 10.18 24.64
N ASP K 135 -30.88 11.31 23.94
CA ASP K 135 -29.79 11.69 23.00
C ASP K 135 -28.50 11.72 23.72
N THR K 136 -28.48 12.56 24.75
CA THR K 136 -27.28 12.73 25.52
C THR K 136 -26.81 11.36 25.94
N TYR K 137 -27.75 10.45 26.17
CA TYR K 137 -27.35 9.20 26.75
C TYR K 137 -26.70 8.34 25.69
N VAL K 138 -27.24 8.37 24.49
CA VAL K 138 -26.71 7.53 23.40
C VAL K 138 -25.38 8.07 22.89
N THR K 139 -25.24 9.38 22.94
CA THR K 139 -23.98 10.01 22.72
C THR K 139 -23.02 9.39 23.71
N ARG K 140 -23.41 9.25 24.97
CA ARG K 140 -22.40 8.71 25.88
C ARG K 140 -22.01 7.31 25.36
N ILE K 141 -23.02 6.51 24.97
CA ILE K 141 -22.74 5.16 24.50
C ILE K 141 -21.79 5.15 23.30
N ARG K 142 -21.95 6.14 22.42
CA ARG K 142 -21.29 6.11 21.12
C ARG K 142 -19.86 6.59 21.25
N ALA K 143 -19.65 7.67 22.00
CA ALA K 143 -18.30 8.05 22.37
C ALA K 143 -17.46 6.85 22.79
N ALA K 144 -17.99 5.97 23.63
CA ALA K 144 -17.18 4.87 24.18
C ALA K 144 -16.89 3.80 23.13
N VAL K 145 -17.92 3.40 22.41
CA VAL K 145 -17.71 2.44 21.36
C VAL K 145 -16.66 3.02 20.40
N GLN K 146 -16.90 4.23 19.91
CA GLN K 146 -16.03 4.91 18.91
C GLN K 146 -14.62 5.06 19.44
N ALA K 147 -14.48 5.34 20.73
CA ALA K 147 -13.16 5.46 21.33
C ALA K 147 -12.43 4.12 21.45
N ARG K 148 -13.13 3.11 21.91
CA ARG K 148 -12.56 1.79 21.97
C ARG K 148 -12.06 1.32 20.60
N GLN K 149 -12.88 1.39 19.57
CA GLN K 149 -12.43 0.90 18.25
C GLN K 149 -11.36 1.79 17.60
N ARG K 150 -11.31 3.07 17.96
CA ARG K 150 -10.21 3.95 17.54
C ARG K 150 -8.89 3.51 18.12
N ILE K 151 -8.88 2.77 19.22
CA ILE K 151 -7.58 2.41 19.79
C ILE K 151 -7.39 0.90 19.75
N GLY K 152 -8.38 0.23 19.16
CA GLY K 152 -8.27 -1.18 18.91
C GLY K 152 -8.56 -2.00 20.13
N SER K 153 -9.28 -1.44 21.09
CA SER K 153 -9.59 -2.16 22.31
C SER K 153 -10.82 -3.08 22.19
N ASP K 154 -10.68 -4.26 22.78
CA ASP K 154 -11.83 -5.14 22.99
C ASP K 154 -12.68 -4.80 24.20
N ILE K 155 -12.28 -3.82 25.00
CA ILE K 155 -13.03 -3.48 26.23
C ILE K 155 -14.55 -3.55 26.00
N VAL K 156 -15.22 -4.32 26.85
CA VAL K 156 -16.64 -4.59 26.70
C VAL K 156 -17.43 -3.42 27.28
N VAL K 157 -18.30 -2.82 26.48
CA VAL K 157 -18.97 -1.57 26.82
C VAL K 157 -20.35 -1.95 27.21
N ILE K 158 -20.73 -1.67 28.44
CA ILE K 158 -22.06 -2.08 28.99
C ILE K 158 -22.98 -0.86 29.18
N ALA K 159 -24.21 -0.95 28.75
CA ALA K 159 -25.05 0.22 28.85
C ALA K 159 -26.10 -0.05 29.90
N ARG K 160 -26.31 0.95 30.76
CA ARG K 160 -27.21 0.84 31.93
C ARG K 160 -28.27 1.96 31.90
N THR K 161 -29.48 1.72 32.37
CA THR K 161 -30.39 2.84 32.49
C THR K 161 -31.18 2.87 33.78
N ASP K 162 -31.12 4.02 34.43
CA ASP K 162 -31.65 4.12 35.77
C ASP K 162 -33.06 4.60 35.64
N SER K 163 -33.49 4.85 34.39
CA SER K 163 -34.79 5.48 34.14
C SER K 163 -36.03 4.60 34.50
N LEU K 164 -35.75 3.37 34.97
CA LEU K 164 -36.84 2.44 35.23
C LEU K 164 -37.69 3.05 36.35
N GLN K 165 -37.03 3.45 37.44
CA GLN K 165 -37.81 4.09 38.48
C GLN K 165 -38.55 5.35 37.98
N THR K 166 -38.25 5.89 36.81
CA THR K 166 -38.74 7.24 36.54
C THR K 166 -39.60 7.44 35.30
N HIS K 167 -39.29 6.80 34.18
CA HIS K 167 -40.22 6.86 33.08
C HIS K 167 -41.01 5.55 32.94
N GLY K 168 -40.36 4.42 33.21
CA GLY K 168 -41.07 3.15 33.37
C GLY K 168 -40.53 2.09 32.44
N TYR K 169 -41.09 0.88 32.54
CA TYR K 169 -40.54 -0.26 31.83
C TYR K 169 -40.20 0.01 30.35
N GLU K 170 -41.15 0.50 29.55
CA GLU K 170 -40.91 0.51 28.10
C GLU K 170 -39.91 1.58 27.70
N GLU K 171 -40.09 2.77 28.27
CA GLU K 171 -39.17 3.86 28.05
C GLU K 171 -37.73 3.40 28.41
N SER K 172 -37.54 2.77 29.59
CA SER K 172 -36.28 2.04 29.93
C SER K 172 -35.73 1.22 28.79
N VAL K 173 -36.59 0.40 28.20
CA VAL K 173 -36.12 -0.50 27.15
C VAL K 173 -35.73 0.24 25.81
N ALA K 174 -36.58 1.20 25.39
CA ALA K 174 -36.24 2.04 24.23
C ALA K 174 -34.83 2.72 24.33
N ARG K 175 -34.52 3.27 25.52
CA ARG K 175 -33.21 3.76 25.87
C ARG K 175 -32.13 2.67 25.73
N LEU K 176 -32.35 1.49 26.32
CA LEU K 176 -31.44 0.34 26.09
C LEU K 176 -31.25 -0.09 24.61
N ARG K 177 -32.32 -0.09 23.80
CA ARG K 177 -32.17 -0.45 22.36
C ARG K 177 -31.44 0.62 21.59
N ALA K 178 -31.69 1.85 22.02
CA ALA K 178 -31.05 3.03 21.51
C ALA K 178 -29.55 2.78 21.58
N ALA K 179 -29.18 2.03 22.62
CA ALA K 179 -27.79 1.87 22.99
C ALA K 179 -27.15 0.65 22.35
N ARG K 180 -27.90 -0.43 22.31
CA ARG K 180 -27.46 -1.53 21.51
C ARG K 180 -27.09 -0.98 20.10
N ASP K 181 -27.91 -0.08 19.58
CA ASP K 181 -27.72 0.44 18.22
C ASP K 181 -26.45 1.20 18.04
N ALA K 182 -26.20 2.06 19.04
CA ALA K 182 -24.99 2.82 19.14
C ALA K 182 -23.79 1.89 19.32
N GLY K 183 -24.03 0.60 19.53
CA GLY K 183 -22.97 -0.38 19.44
C GLY K 183 -22.57 -1.03 20.74
N ALA K 184 -23.31 -0.71 21.82
CA ALA K 184 -23.02 -1.29 23.16
C ALA K 184 -23.00 -2.79 23.02
N ASP K 185 -22.34 -3.46 23.97
CA ASP K 185 -22.11 -4.92 23.91
C ASP K 185 -23.00 -5.78 24.79
N VAL K 186 -23.37 -5.21 25.95
CA VAL K 186 -24.12 -5.85 27.04
C VAL K 186 -25.18 -4.90 27.53
N GLY K 187 -26.30 -5.43 27.99
CA GLY K 187 -27.40 -4.58 28.41
C GLY K 187 -27.64 -4.67 29.91
N PHE K 188 -27.96 -3.52 30.54
CA PHE K 188 -28.04 -3.36 32.02
C PHE K 188 -29.24 -2.50 32.42
N LEU K 189 -30.38 -3.15 32.65
CA LEU K 189 -31.57 -2.43 33.14
C LEU K 189 -31.41 -2.26 34.63
N GLU K 190 -31.14 -1.05 35.12
CA GLU K 190 -30.97 -0.86 36.57
C GLU K 190 -32.31 -0.92 37.30
N GLY K 191 -32.33 -1.77 38.33
CA GLY K 191 -33.38 -1.81 39.33
C GLY K 191 -34.58 -2.66 39.03
N ILE K 192 -34.38 -3.80 38.38
CA ILE K 192 -35.48 -4.73 38.01
C ILE K 192 -36.33 -4.95 39.27
N THR K 193 -37.66 -4.76 39.14
CA THR K 193 -38.56 -4.82 40.32
C THR K 193 -39.39 -6.11 40.47
N SER K 194 -39.62 -6.80 39.35
CA SER K 194 -40.31 -8.10 39.29
C SER K 194 -39.40 -9.20 38.74
N ARG K 195 -39.62 -10.42 39.22
CA ARG K 195 -39.02 -11.55 38.54
C ARG K 195 -39.67 -11.77 37.19
N GLU K 196 -40.86 -11.24 36.96
CA GLU K 196 -41.46 -11.28 35.62
C GLU K 196 -40.85 -10.23 34.63
N MET K 197 -40.39 -9.09 35.15
CA MET K 197 -39.66 -8.12 34.36
C MET K 197 -38.26 -8.65 33.99
N ALA K 198 -37.71 -9.55 34.80
CA ALA K 198 -36.36 -10.08 34.55
C ALA K 198 -36.49 -10.85 33.26
N ARG K 199 -37.51 -11.71 33.25
CA ARG K 199 -37.88 -12.59 32.18
C ARG K 199 -38.24 -11.78 30.94
N GLN K 200 -38.89 -10.64 31.14
CA GLN K 200 -39.32 -9.84 30.01
C GLN K 200 -38.27 -9.01 29.28
N VAL K 201 -37.21 -8.50 29.95
CA VAL K 201 -36.20 -7.77 29.18
C VAL K 201 -35.37 -8.67 28.32
N ILE K 202 -35.14 -9.89 28.80
CA ILE K 202 -34.43 -10.86 28.00
C ILE K 202 -35.14 -11.09 26.61
N GLN K 203 -36.44 -11.36 26.62
CA GLN K 203 -37.16 -11.57 25.37
C GLN K 203 -37.31 -10.28 24.53
N ASP K 204 -37.31 -9.13 25.21
CA ASP K 204 -37.44 -7.84 24.57
C ASP K 204 -36.16 -7.42 23.90
N LEU K 205 -35.02 -7.77 24.51
CA LEU K 205 -33.71 -7.48 23.91
C LEU K 205 -33.04 -8.81 23.55
N ALA K 206 -33.76 -9.63 22.79
CA ALA K 206 -33.27 -10.94 22.43
C ALA K 206 -32.05 -10.82 21.57
N GLY K 207 -31.05 -11.65 21.89
CA GLY K 207 -29.83 -11.72 21.13
C GLY K 207 -28.74 -10.96 21.81
N TRP K 208 -29.13 -9.93 22.57
CA TRP K 208 -28.22 -9.03 23.28
C TRP K 208 -27.89 -9.44 24.70
N PRO K 209 -26.61 -9.80 24.97
CA PRO K 209 -26.27 -10.27 26.33
C PRO K 209 -26.74 -9.29 27.41
N LEU K 210 -27.46 -9.82 28.39
CA LEU K 210 -27.95 -8.97 29.49
C LEU K 210 -27.32 -9.22 30.85
N LEU K 211 -27.34 -8.18 31.67
CA LEU K 211 -26.72 -8.17 33.00
C LEU K 211 -27.77 -7.97 34.09
N LEU K 212 -27.67 -8.71 35.20
CA LEU K 212 -28.53 -8.49 36.39
C LEU K 212 -27.69 -8.05 37.59
N ASN K 213 -27.92 -6.82 38.03
CA ASN K 213 -27.23 -6.27 39.21
C ASN K 213 -27.97 -6.78 40.41
N MET K 214 -27.49 -7.86 41.00
CA MET K 214 -28.15 -8.44 42.17
C MET K 214 -27.68 -7.78 43.46
N VAL K 215 -28.19 -6.57 43.69
CA VAL K 215 -28.12 -5.89 44.98
C VAL K 215 -29.31 -6.38 45.73
N GLU K 216 -29.06 -6.83 46.95
CA GLU K 216 -30.09 -7.33 47.83
C GLU K 216 -30.86 -6.17 48.48
N HIS K 217 -32.14 -6.41 48.78
CA HIS K 217 -32.86 -5.49 49.66
C HIS K 217 -33.00 -4.13 48.98
N GLY K 218 -32.92 -4.20 47.65
CA GLY K 218 -33.12 -3.03 46.80
C GLY K 218 -34.50 -3.16 46.19
N ALA K 219 -34.60 -2.76 44.94
CA ALA K 219 -35.88 -2.84 44.24
C ALA K 219 -36.06 -4.24 43.62
N THR K 220 -34.98 -5.01 43.71
CA THR K 220 -34.83 -6.21 42.91
C THR K 220 -35.07 -7.43 43.75
N PRO K 221 -35.98 -8.29 43.33
CA PRO K 221 -36.19 -9.42 44.21
C PRO K 221 -34.97 -10.30 44.25
N SER K 222 -34.83 -11.08 45.32
CA SER K 222 -33.64 -11.90 45.43
C SER K 222 -33.54 -12.94 44.32
N ILE K 223 -32.56 -12.78 43.42
CA ILE K 223 -32.31 -13.83 42.43
C ILE K 223 -30.91 -14.50 42.45
N SER K 224 -30.93 -15.81 42.75
CA SER K 224 -29.79 -16.76 42.68
C SER K 224 -29.06 -16.69 41.34
N ALA K 225 -27.80 -17.12 41.33
CA ALA K 225 -26.99 -17.08 40.09
C ALA K 225 -27.41 -18.21 39.14
N ALA K 226 -27.53 -19.44 39.67
CA ALA K 226 -28.05 -20.57 38.91
C ALA K 226 -29.39 -20.20 38.26
N GLU K 227 -30.13 -19.30 38.91
CA GLU K 227 -31.39 -18.82 38.37
C GLU K 227 -31.23 -17.72 37.36
N ALA K 228 -30.39 -16.74 37.63
CA ALA K 228 -30.22 -15.71 36.61
C ALA K 228 -29.78 -16.31 35.29
N LYS K 229 -28.90 -17.30 35.35
CA LYS K 229 -28.46 -18.00 34.16
C LYS K 229 -29.61 -18.67 33.43
N GLU K 230 -30.17 -19.71 34.04
CA GLU K 230 -31.42 -20.26 33.59
C GLU K 230 -32.37 -19.22 32.98
N MET K 231 -32.63 -18.10 33.66
CA MET K 231 -33.55 -17.09 33.13
C MET K 231 -33.16 -16.55 31.72
N GLY K 232 -31.89 -16.77 31.38
CA GLY K 232 -31.32 -16.22 30.16
C GLY K 232 -30.42 -15.01 30.33
N PHE K 233 -30.03 -14.65 31.54
CA PHE K 233 -29.05 -13.56 31.67
C PHE K 233 -27.64 -14.08 31.34
N ARG K 234 -26.76 -13.16 30.94
CA ARG K 234 -25.36 -13.48 30.65
C ARG K 234 -24.37 -13.03 31.73
N ILE K 235 -24.69 -11.96 32.47
CA ILE K 235 -23.87 -11.55 33.62
C ILE K 235 -24.72 -11.30 34.89
N ILE K 236 -24.17 -11.64 36.06
CA ILE K 236 -24.74 -11.27 37.36
C ILE K 236 -23.69 -10.59 38.23
N ILE K 237 -24.07 -9.49 38.87
CA ILE K 237 -23.17 -8.82 39.77
C ILE K 237 -23.74 -8.64 41.18
N PHE K 238 -22.85 -8.59 42.18
CA PHE K 238 -23.26 -8.36 43.57
C PHE K 238 -22.41 -7.27 44.20
N PRO K 239 -22.71 -6.01 43.94
CA PRO K 239 -21.92 -4.92 44.54
C PRO K 239 -21.43 -5.11 46.01
N PHE K 240 -22.28 -5.57 46.92
CA PHE K 240 -21.97 -5.61 48.37
C PHE K 240 -21.60 -6.98 48.93
N ALA K 241 -21.08 -7.82 48.06
CA ALA K 241 -20.69 -9.18 48.37
C ALA K 241 -19.67 -9.13 49.49
N ALA K 242 -18.82 -8.09 49.45
CA ALA K 242 -17.71 -7.88 50.41
C ALA K 242 -17.93 -6.66 51.31
N LEU K 243 -18.64 -5.66 50.83
CA LEU K 243 -18.78 -4.45 51.59
C LEU K 243 -19.64 -4.79 52.75
N GLY K 244 -20.79 -5.38 52.43
CA GLY K 244 -21.79 -5.77 53.41
C GLY K 244 -21.17 -6.42 54.62
N PRO K 245 -20.66 -7.63 54.48
CA PRO K 245 -19.95 -8.37 55.52
C PRO K 245 -18.81 -7.57 56.22
N ALA K 246 -17.90 -7.01 55.44
CA ALA K 246 -16.83 -6.15 55.96
C ALA K 246 -17.35 -5.08 56.93
N VAL K 247 -18.40 -4.37 56.54
CA VAL K 247 -19.10 -3.44 57.42
C VAL K 247 -19.57 -4.13 58.70
N ALA K 248 -20.27 -5.27 58.60
CA ALA K 248 -20.78 -5.95 59.82
C ALA K 248 -19.73 -6.41 60.80
N ALA K 249 -18.72 -7.15 60.32
CA ALA K 249 -17.65 -7.66 61.21
C ALA K 249 -16.75 -6.55 61.84
N MET K 250 -16.40 -5.54 61.05
CA MET K 250 -15.68 -4.40 61.61
C MET K 250 -16.49 -3.64 62.67
N ARG K 251 -17.78 -3.41 62.39
CA ARG K 251 -18.67 -2.74 63.35
C ARG K 251 -18.66 -3.42 64.71
N GLU K 252 -18.67 -4.75 64.71
CA GLU K 252 -18.74 -5.53 65.93
C GLU K 252 -17.38 -5.85 66.55
N ALA K 253 -16.29 -5.84 65.76
CA ALA K 253 -14.95 -6.03 66.34
C ALA K 253 -14.52 -4.80 67.10
N MET K 254 -14.95 -3.65 66.57
CA MET K 254 -14.78 -2.35 67.24
C MET K 254 -15.65 -2.18 68.46
N GLU K 255 -16.79 -2.88 68.52
CA GLU K 255 -17.70 -2.82 69.71
C GLU K 255 -17.07 -3.56 70.89
N LYS K 256 -16.51 -4.71 70.50
CA LYS K 256 -15.64 -5.61 71.26
C LYS K 256 -14.35 -4.91 71.71
N LEU K 257 -13.78 -4.10 70.82
CA LEU K 257 -12.60 -3.31 71.15
C LEU K 257 -12.94 -2.19 72.12
N LYS K 258 -14.16 -1.65 72.01
CA LYS K 258 -14.62 -0.62 72.95
C LYS K 258 -14.56 -1.17 74.33
N ARG K 259 -15.12 -2.35 74.56
CA ARG K 259 -15.15 -2.95 75.89
C ARG K 259 -13.82 -3.65 76.27
N ASP K 260 -13.35 -4.59 75.45
CA ASP K 260 -12.21 -5.44 75.85
C ASP K 260 -10.80 -4.81 75.84
N GLY K 261 -10.67 -3.58 75.34
CA GLY K 261 -9.40 -2.83 75.35
C GLY K 261 -8.32 -3.55 74.59
N ILE K 262 -8.75 -4.51 73.78
CA ILE K 262 -7.89 -5.36 72.99
C ILE K 262 -8.75 -6.07 71.91
N PRO K 263 -8.29 -6.08 70.64
CA PRO K 263 -9.14 -6.67 69.61
C PRO K 263 -9.29 -8.15 69.89
N GLY K 264 -8.17 -8.87 69.79
CA GLY K 264 -8.15 -10.26 70.16
C GLY K 264 -8.50 -11.09 68.96
N LEU K 265 -7.88 -10.76 67.83
CA LEU K 265 -8.11 -11.49 66.58
C LEU K 265 -7.59 -12.90 66.75
N ASP K 266 -8.27 -13.83 66.09
CA ASP K 266 -7.85 -15.21 66.04
C ASP K 266 -6.31 -15.40 65.71
N LYS K 267 -5.59 -16.13 66.58
CA LYS K 267 -4.18 -16.56 66.36
C LYS K 267 -3.69 -16.88 64.90
N GLU K 268 -4.57 -17.39 64.04
CA GLU K 268 -4.21 -17.81 62.67
C GLU K 268 -3.85 -16.60 61.80
N MET K 269 -4.16 -15.40 62.34
CA MET K 269 -3.89 -14.10 61.71
C MET K 269 -2.59 -13.40 62.16
N THR K 270 -1.47 -14.08 61.86
CA THR K 270 -0.12 -13.49 61.88
C THR K 270 -0.10 -12.50 60.75
N PRO K 271 0.70 -11.44 60.87
CA PRO K 271 0.80 -10.45 59.79
C PRO K 271 1.17 -11.19 58.52
N GLN K 272 2.14 -12.09 58.69
CA GLN K 272 2.53 -13.11 57.67
C GLN K 272 1.35 -13.72 56.92
N MET K 273 0.32 -14.15 57.65
CA MET K 273 -0.94 -14.60 57.05
C MET K 273 -1.63 -13.43 56.30
N LEU K 274 -1.81 -12.28 56.98
CA LEU K 274 -2.45 -11.13 56.34
C LEU K 274 -1.72 -10.68 55.04
N PHE K 275 -0.39 -10.68 55.07
CA PHE K 275 0.40 -10.23 53.91
C PHE K 275 0.38 -11.23 52.76
N ARG K 276 0.57 -12.52 53.06
CA ARG K 276 0.36 -13.57 52.06
C ARG K 276 -1.03 -13.46 51.46
N VAL K 277 -2.02 -13.02 52.25
CA VAL K 277 -3.32 -12.75 51.63
C VAL K 277 -3.11 -11.77 50.45
N CYS K 278 -2.20 -10.79 50.63
CA CYS K 278 -1.84 -9.81 49.57
C CYS K 278 -0.54 -10.09 48.81
N GLY K 279 -0.29 -11.35 48.51
CA GLY K 279 0.71 -11.74 47.51
C GLY K 279 2.11 -11.46 47.95
N LEU K 280 2.33 -11.52 49.26
CA LEU K 280 3.66 -11.51 49.84
C LEU K 280 4.62 -12.50 49.11
N ASP K 281 4.20 -13.76 48.97
CA ASP K 281 5.09 -14.83 48.49
C ASP K 281 5.58 -14.48 47.14
N GLU K 282 4.64 -13.94 46.39
CA GLU K 282 4.81 -13.58 45.02
C GLU K 282 5.71 -12.33 44.93
N SER K 283 5.46 -11.35 45.81
CA SER K 283 6.26 -10.13 45.85
C SER K 283 7.76 -10.43 46.02
N MET K 284 8.04 -11.41 46.88
CA MET K 284 9.40 -11.76 47.27
C MET K 284 10.19 -12.51 46.19
N LYS K 285 9.50 -13.30 45.39
CA LYS K 285 10.14 -13.98 44.26
C LYS K 285 10.61 -13.01 43.17
N VAL K 286 9.74 -12.06 42.81
CA VAL K 286 10.10 -10.91 41.96
C VAL K 286 11.47 -10.32 42.38
N ASP K 287 11.62 -10.04 43.67
CA ASP K 287 12.84 -9.48 44.16
C ASP K 287 13.94 -10.49 44.11
N ALA K 288 13.57 -11.74 44.40
CA ALA K 288 14.50 -12.86 44.47
C ALA K 288 14.93 -13.35 43.10
N GLN K 289 14.01 -13.41 42.13
CA GLN K 289 14.40 -13.73 40.76
C GLN K 289 15.29 -12.66 40.14
N ALA K 290 15.04 -11.38 40.47
CA ALA K 290 15.90 -10.29 39.98
C ALA K 290 17.36 -10.53 40.39
N GLY K 291 17.56 -11.11 41.56
CA GLY K 291 18.89 -11.34 42.08
C GLY K 291 18.96 -10.66 43.42
N GLY K 292 17.94 -9.86 43.71
CA GLY K 292 17.73 -9.23 45.02
C GLY K 292 17.89 -10.23 46.15
N ALA K 293 18.54 -9.77 47.22
CA ALA K 293 18.81 -10.60 48.38
C ALA K 293 18.04 -10.13 49.63
N ALA K 294 17.19 -9.11 49.41
CA ALA K 294 16.45 -8.42 50.46
C ALA K 294 15.51 -9.31 51.30
N PHE K 295 15.13 -10.47 50.77
CA PHE K 295 14.41 -11.47 51.56
C PHE K 295 15.14 -12.79 51.49
N ASP K 296 15.97 -13.05 52.46
CA ASP K 296 16.93 -14.12 52.37
C ASP K 296 16.81 -15.00 53.57
N GLY K 297 15.69 -14.88 54.25
CA GLY K 297 15.51 -15.50 55.55
C GLY K 297 14.05 -15.61 55.76
N GLY K 298 13.30 -15.10 54.78
CA GLY K 298 11.85 -15.05 54.83
C GLY K 298 11.40 -13.82 55.57
N VAL K 299 10.35 -13.95 56.34
CA VAL K 299 9.72 -12.79 56.92
C VAL K 299 9.15 -13.25 58.24
N ASP K 300 9.85 -14.18 58.85
CA ASP K 300 9.50 -14.66 60.20
C ASP K 300 10.62 -14.37 61.19
N MET L 2 -9.15 28.87 61.42
CA MET L 2 -9.28 27.49 60.79
C MET L 2 -8.57 26.42 61.62
N VAL L 3 -9.34 25.66 62.40
CA VAL L 3 -8.72 24.85 63.47
C VAL L 3 -8.15 23.51 62.93
N THR L 4 -7.28 22.84 63.72
CA THR L 4 -6.66 21.53 63.31
C THR L 4 -6.52 20.62 64.53
N ALA L 5 -6.63 19.31 64.29
CA ALA L 5 -6.59 18.35 65.38
C ALA L 5 -5.20 17.96 65.93
N ALA L 6 -4.10 18.41 65.30
CA ALA L 6 -2.78 18.35 65.97
C ALA L 6 -2.68 19.18 67.30
N THR L 7 -3.68 20.04 67.49
CA THR L 7 -3.69 21.05 68.53
C THR L 7 -4.25 20.42 69.81
N SER L 8 -5.48 19.93 69.67
CA SER L 8 -6.20 19.29 70.76
C SER L 8 -5.33 18.15 71.28
N LEU L 9 -4.70 17.48 70.32
CA LEU L 9 -3.91 16.32 70.61
C LEU L 9 -2.64 16.71 71.29
N ARG L 10 -2.23 17.96 71.13
CA ARG L 10 -0.88 18.38 71.51
C ARG L 10 -0.86 18.95 72.92
N ARG L 11 -2.01 19.43 73.39
CA ARG L 11 -2.29 19.49 74.83
C ARG L 11 -2.30 18.12 75.52
N ALA L 12 -3.00 17.17 74.91
CA ALA L 12 -3.45 15.93 75.55
C ALA L 12 -2.25 15.04 75.86
N LEU L 13 -1.21 15.23 75.09
CA LEU L 13 0.03 14.57 75.38
C LEU L 13 0.86 15.20 76.49
N GLU L 14 0.58 16.46 76.80
CA GLU L 14 1.51 17.14 77.66
C GLU L 14 0.92 17.04 79.01
N ASN L 15 -0.38 17.21 79.07
CA ASN L 15 -1.09 16.66 80.17
C ASN L 15 -0.72 15.24 80.40
N PRO L 16 -0.22 14.97 81.59
CA PRO L 16 0.32 13.65 82.04
C PRO L 16 -0.69 12.50 82.30
N ASP L 17 -1.95 12.81 82.65
CA ASP L 17 -3.00 11.77 82.79
C ASP L 17 -3.63 11.31 81.49
N SER L 18 -3.47 12.07 80.38
CA SER L 18 -4.19 11.78 79.11
C SER L 18 -3.70 10.52 78.41
N PHE L 19 -4.59 9.61 78.06
CA PHE L 19 -4.21 8.35 77.45
C PHE L 19 -4.93 8.17 76.13
N ILE L 20 -4.14 8.01 75.08
CA ILE L 20 -4.71 7.95 73.77
C ILE L 20 -4.94 6.54 73.30
N VAL L 21 -6.21 6.25 73.00
CA VAL L 21 -6.62 4.97 72.49
C VAL L 21 -7.02 5.13 71.03
N ALA L 22 -6.31 4.43 70.12
CA ALA L 22 -6.48 4.59 68.66
C ALA L 22 -6.59 3.29 67.78
N PRO L 23 -7.80 2.90 67.38
CA PRO L 23 -7.91 1.68 66.56
C PRO L 23 -7.39 1.89 65.15
N GLY L 24 -6.70 0.88 64.61
CA GLY L 24 -6.14 0.96 63.24
C GLY L 24 -7.18 0.83 62.15
N VAL L 25 -7.21 1.85 61.29
CA VAL L 25 -8.07 1.88 60.13
C VAL L 25 -7.20 2.07 58.91
N TYR L 26 -7.76 1.83 57.74
CA TYR L 26 -6.99 1.82 56.50
C TYR L 26 -7.80 2.33 55.33
N ASP L 27 -9.08 2.66 55.53
CA ASP L 27 -9.92 3.28 54.48
C ASP L 27 -11.09 4.08 55.01
N GLY L 28 -11.92 4.60 54.13
CA GLY L 28 -13.09 5.41 54.53
C GLY L 28 -14.15 4.63 55.30
N LEU L 29 -14.34 3.37 54.94
CA LEU L 29 -15.21 2.46 55.66
C LEU L 29 -14.74 2.19 57.08
N SER L 30 -13.59 1.55 57.20
CA SER L 30 -13.01 1.22 58.48
C SER L 30 -12.97 2.47 59.37
N ALA L 31 -12.64 3.62 58.78
CA ALA L 31 -12.67 4.91 59.50
C ALA L 31 -14.05 5.22 60.09
N ARG L 32 -15.10 5.10 59.28
CA ARG L 32 -16.46 5.50 59.66
C ARG L 32 -17.03 4.66 60.84
N VAL L 33 -16.73 3.34 60.80
CA VAL L 33 -17.19 2.32 61.75
C VAL L 33 -16.44 2.49 63.10
N ALA L 34 -15.10 2.62 63.02
CA ALA L 34 -14.31 3.04 64.17
C ALA L 34 -14.91 4.28 64.82
N LEU L 35 -15.20 5.30 64.01
CA LEU L 35 -15.76 6.56 64.46
C LEU L 35 -17.06 6.34 65.17
N SER L 36 -17.92 5.56 64.55
CA SER L 36 -19.19 5.10 65.14
C SER L 36 -19.01 4.31 66.41
N ALA L 37 -18.02 3.43 66.44
CA ALA L 37 -17.85 2.63 67.64
C ALA L 37 -17.43 3.51 68.82
N GLY L 38 -17.27 4.82 68.56
CA GLY L 38 -17.20 5.83 69.64
C GLY L 38 -15.81 6.35 69.98
N PHE L 39 -14.75 5.72 69.46
CA PHE L 39 -13.36 6.15 69.69
C PHE L 39 -13.06 7.67 69.58
N ASP L 40 -12.03 8.12 70.29
CA ASP L 40 -11.73 9.53 70.33
C ASP L 40 -10.51 9.80 69.49
N ALA L 41 -9.93 8.73 68.95
CA ALA L 41 -8.72 8.83 68.10
C ALA L 41 -8.61 7.73 67.02
N LEU L 42 -8.04 8.00 65.84
CA LEU L 42 -7.85 6.91 64.86
C LEU L 42 -6.39 6.70 64.46
N TYR L 43 -5.94 5.47 64.25
CA TYR L 43 -4.62 5.26 63.64
C TYR L 43 -4.83 4.94 62.19
N MET L 44 -3.95 5.38 61.29
CA MET L 44 -3.99 4.88 59.93
C MET L 44 -2.80 3.96 59.68
N THR L 45 -3.07 2.68 59.45
CA THR L 45 -2.03 1.68 59.18
C THR L 45 -1.41 1.83 57.79
N GLY L 46 -0.10 1.64 57.69
CA GLY L 46 0.64 1.66 56.43
C GLY L 46 0.47 0.29 55.79
N ALA L 47 0.82 -0.75 56.53
CA ALA L 47 0.53 -2.09 56.04
C ALA L 47 -0.86 -2.13 55.44
N GLY L 48 -1.83 -1.59 56.17
CA GLY L 48 -3.23 -1.62 55.77
C GLY L 48 -3.43 -0.78 54.54
N THR L 49 -2.88 0.42 54.53
CA THR L 49 -2.99 1.27 53.35
C THR L 49 -2.42 0.56 52.10
N ALA L 50 -1.35 -0.23 52.28
CA ALA L 50 -0.80 -1.09 51.22
C ALA L 50 -1.82 -2.14 50.71
N ALA L 51 -2.57 -2.69 51.64
CA ALA L 51 -3.57 -3.67 51.31
C ALA L 51 -4.78 -3.05 50.58
N SER L 52 -5.37 -1.98 51.11
CA SER L 52 -6.60 -1.51 50.51
C SER L 52 -6.46 -0.49 49.40
N VAL L 53 -5.21 -0.18 49.07
CA VAL L 53 -4.94 0.73 47.97
C VAL L 53 -4.29 -0.02 46.82
N HIS L 54 -3.27 -0.80 47.15
CA HIS L 54 -2.47 -1.48 46.16
C HIS L 54 -2.71 -2.95 46.13
N GLY L 55 -3.54 -3.46 47.02
CA GLY L 55 -3.78 -4.89 47.09
C GLY L 55 -2.53 -5.70 47.35
N GLN L 56 -1.61 -5.13 48.11
CA GLN L 56 -0.25 -5.61 48.02
C GLN L 56 0.41 -5.67 49.39
N ALA L 57 1.38 -6.60 49.58
CA ALA L 57 2.01 -6.77 50.94
C ALA L 57 2.80 -5.55 51.43
N ASP L 58 2.89 -5.36 52.73
CA ASP L 58 3.53 -4.16 53.30
C ASP L 58 5.05 -4.18 53.11
N LEU L 59 5.53 -3.60 52.02
CA LEU L 59 6.94 -3.74 51.69
C LEU L 59 7.53 -2.44 51.17
N GLY L 60 6.99 -1.33 51.66
CA GLY L 60 7.39 -0.02 51.21
C GLY L 60 6.69 0.31 49.94
N ILE L 61 5.87 -0.60 49.42
CA ILE L 61 5.19 -0.45 48.13
C ILE L 61 4.48 0.89 48.02
N CYS L 62 3.93 1.36 49.12
CA CYS L 62 3.20 2.63 49.07
C CYS L 62 4.07 3.80 48.69
N THR L 63 3.53 4.67 47.86
CA THR L 63 4.24 5.87 47.59
C THR L 63 3.73 6.93 48.51
N LEU L 64 4.52 7.99 48.65
CA LEU L 64 4.11 9.15 49.43
C LEU L 64 2.74 9.73 49.01
N ASN L 65 2.52 9.88 47.71
CA ASN L 65 1.28 10.40 47.18
C ASN L 65 0.09 9.61 47.70
N ASP L 66 0.22 8.28 47.75
CA ASP L 66 -0.88 7.42 48.14
C ASP L 66 -1.19 7.64 49.61
N MET L 67 -0.16 7.57 50.45
CA MET L 67 -0.33 7.67 51.88
C MET L 67 -0.95 9.01 52.28
N ARG L 68 -0.47 10.10 51.71
CA ARG L 68 -0.96 11.40 52.14
C ARG L 68 -2.42 11.56 51.81
N ALA L 69 -2.88 10.94 50.72
CA ALA L 69 -4.24 11.20 50.26
C ALA L 69 -5.19 10.39 51.08
N ASN L 70 -4.77 9.17 51.42
CA ASN L 70 -5.47 8.33 52.35
C ASN L 70 -5.68 9.09 53.72
N ALA L 71 -4.60 9.20 54.51
CA ALA L 71 -4.49 10.20 55.58
C ALA L 71 -5.42 11.44 55.49
N GLU L 72 -5.48 12.07 54.32
CA GLU L 72 -6.23 13.28 54.31
C GLU L 72 -7.70 13.06 54.34
N MET L 73 -8.21 12.10 53.58
CA MET L 73 -9.64 11.84 53.67
C MET L 73 -9.95 11.32 55.06
N ILE L 74 -9.12 10.38 55.54
CA ILE L 74 -9.32 9.83 56.88
C ILE L 74 -9.46 10.91 57.97
N SER L 75 -8.55 11.89 57.99
CA SER L 75 -8.57 12.87 59.07
C SER L 75 -9.75 13.81 58.94
N ASN L 76 -10.35 13.84 57.75
CA ASN L 76 -11.49 14.70 57.51
C ASN L 76 -12.88 14.02 57.47
N ILE L 77 -12.96 12.74 57.78
CA ILE L 77 -14.29 12.23 58.13
C ILE L 77 -14.74 12.92 59.40
N SER L 78 -13.88 12.90 60.42
CA SER L 78 -14.18 13.63 61.62
C SER L 78 -13.02 14.55 61.99
N PRO L 79 -13.15 15.86 61.64
CA PRO L 79 -12.00 16.79 61.67
C PRO L 79 -11.51 17.07 63.11
N SER L 80 -12.44 17.21 64.06
CA SER L 80 -12.09 17.27 65.47
C SER L 80 -11.69 15.93 66.10
N THR L 81 -11.76 14.81 65.37
CA THR L 81 -11.04 13.61 65.86
C THR L 81 -9.63 13.50 65.28
N PRO L 82 -8.65 13.44 66.17
CA PRO L 82 -7.24 13.37 65.78
C PRO L 82 -6.86 12.01 65.20
N VAL L 83 -6.18 12.08 64.06
CA VAL L 83 -5.77 10.90 63.32
C VAL L 83 -4.25 10.88 63.42
N ILE L 84 -3.73 9.74 63.90
CA ILE L 84 -2.29 9.42 63.92
C ILE L 84 -2.05 8.59 62.72
N ALA L 85 -1.03 8.92 61.94
CA ALA L 85 -0.95 8.41 60.60
C ALA L 85 0.46 7.98 60.24
N ASP L 86 0.63 6.67 60.05
CA ASP L 86 1.84 6.08 59.49
C ASP L 86 2.52 6.97 58.46
N ALA L 87 3.85 6.95 58.45
CA ALA L 87 4.61 7.72 57.49
C ALA L 87 5.95 7.07 57.11
N ASP L 88 6.01 5.75 57.15
CA ASP L 88 7.21 4.99 56.83
C ASP L 88 8.50 5.78 57.15
N THR L 89 9.34 6.01 56.13
CA THR L 89 10.72 6.56 56.34
C THR L 89 10.90 7.99 55.80
N GLY L 90 9.84 8.79 55.85
CA GLY L 90 9.78 10.11 55.22
C GLY L 90 9.86 10.10 53.69
N TYR L 91 9.87 8.89 53.09
CA TYR L 91 9.95 8.73 51.63
C TYR L 91 11.11 9.53 51.03
N GLY L 92 12.32 9.22 51.50
CA GLY L 92 13.59 9.81 51.03
C GLY L 92 14.22 10.65 52.13
N GLY L 93 15.26 11.43 51.78
CA GLY L 93 15.91 12.36 52.74
C GLY L 93 15.14 13.61 53.11
N PRO L 94 15.74 14.50 53.92
CA PRO L 94 15.16 15.71 54.55
C PRO L 94 14.15 16.49 53.70
N ILE L 95 14.48 16.65 52.43
CA ILE L 95 13.61 17.28 51.47
C ILE L 95 12.22 16.60 51.40
N MET L 96 12.21 15.29 51.19
CA MET L 96 10.98 14.55 51.08
C MET L 96 10.30 14.45 52.43
N VAL L 97 11.10 14.23 53.44
CA VAL L 97 10.69 14.34 54.82
C VAL L 97 9.96 15.59 55.23
N ALA L 98 10.27 16.72 54.64
CA ALA L 98 9.60 17.94 54.96
C ALA L 98 8.33 18.16 54.22
N ARG L 99 8.26 17.69 52.99
CA ARG L 99 6.99 17.73 52.31
C ARG L 99 6.01 16.79 52.94
N THR L 100 6.42 15.55 53.13
CA THR L 100 5.58 14.65 53.89
C THR L 100 4.95 15.41 55.00
N THR L 101 5.76 16.19 55.67
CA THR L 101 5.41 16.77 56.94
C THR L 101 4.53 17.97 56.76
N GLU L 102 4.72 18.70 55.68
CA GLU L 102 3.84 19.85 55.48
C GLU L 102 2.51 19.38 54.91
N GLN L 103 2.56 18.41 53.99
CA GLN L 103 1.32 17.92 53.39
C GLN L 103 0.46 17.26 54.42
N TYR L 104 1.06 16.40 55.23
CA TYR L 104 0.31 15.80 56.29
C TYR L 104 -0.35 16.91 57.10
N SER L 105 0.46 17.91 57.45
CA SER L 105 0.01 19.07 58.22
C SER L 105 -1.18 19.72 57.59
N ARG L 106 -0.99 20.19 56.35
CA ARG L 106 -2.05 20.82 55.55
C ARG L 106 -3.29 19.94 55.52
N SER L 107 -3.07 18.64 55.42
CA SER L 107 -4.13 17.66 55.33
C SER L 107 -4.98 17.56 56.62
N GLY L 108 -4.39 17.86 57.78
CA GLY L 108 -5.16 17.80 59.02
C GLY L 108 -4.84 16.59 59.89
N VAL L 109 -3.77 15.89 59.50
CA VAL L 109 -3.22 14.83 60.31
C VAL L 109 -2.74 15.38 61.68
N ALA L 110 -3.13 14.69 62.75
CA ALA L 110 -2.70 15.08 64.11
C ALA L 110 -1.23 14.73 64.39
N ALA L 111 -0.82 13.51 64.03
CA ALA L 111 0.55 13.04 64.31
C ALA L 111 0.97 12.01 63.28
N PHE L 112 2.26 11.77 63.16
CA PHE L 112 2.76 10.77 62.23
C PHE L 112 4.07 10.15 62.75
N HIS L 113 4.48 9.02 62.17
CA HIS L 113 5.68 8.30 62.63
C HIS L 113 6.76 7.89 61.60
N ILE L 114 7.97 8.40 61.78
CA ILE L 114 9.10 8.11 60.90
C ILE L 114 9.96 7.03 61.54
N GLU L 115 10.56 6.15 60.75
CA GLU L 115 11.29 5.01 61.34
C GLU L 115 12.72 4.95 60.87
N ASP L 116 13.51 4.04 61.44
CA ASP L 116 14.90 3.94 61.05
C ASP L 116 15.27 2.93 59.92
N GLN L 117 14.30 2.55 59.08
CA GLN L 117 14.60 1.61 57.98
C GLN L 117 15.01 2.27 56.67
N VAL L 118 15.51 1.47 55.73
CA VAL L 118 15.71 1.91 54.36
C VAL L 118 14.33 2.17 53.69
N GLN L 119 14.30 3.00 52.62
CA GLN L 119 13.03 3.41 51.94
C GLN L 119 12.16 2.20 51.55
N THR L 120 12.88 1.15 51.12
CA THR L 120 12.34 -0.18 50.79
C THR L 120 12.17 -0.97 52.09
N LYS L 121 11.34 -0.42 52.96
CA LYS L 121 11.13 -0.95 54.25
C LYS L 121 10.27 -2.19 54.14
N ARG L 122 10.29 -3.02 55.18
CA ARG L 122 9.24 -4.06 55.40
C ARG L 122 8.41 -3.75 56.66
N CYS L 123 7.44 -4.63 56.91
CA CYS L 123 6.66 -4.52 58.13
C CYS L 123 7.45 -4.71 59.44
N GLY L 124 7.08 -3.95 60.47
CA GLY L 124 7.74 -4.06 61.77
C GLY L 124 7.95 -5.47 62.31
N HIS L 125 6.92 -6.31 62.18
CA HIS L 125 6.89 -7.63 62.81
C HIS L 125 7.30 -8.72 61.84
N LEU L 126 8.38 -8.46 61.13
CA LEU L 126 8.84 -9.29 60.02
C LEU L 126 10.35 -9.24 59.92
N ALA L 127 10.98 -10.42 59.58
CA ALA L 127 12.37 -10.70 59.81
C ALA L 127 13.23 -10.18 58.67
N GLY L 128 14.53 -10.03 58.83
CA GLY L 128 15.36 -9.71 57.70
C GLY L 128 15.43 -8.24 57.46
N LYS L 129 14.90 -7.45 58.38
CA LYS L 129 14.88 -6.01 58.26
C LYS L 129 16.25 -5.37 58.10
N ILE L 130 16.22 -4.25 57.38
CA ILE L 130 17.39 -3.50 56.88
C ILE L 130 17.27 -2.06 57.42
N LEU L 131 18.18 -1.67 58.32
CA LEU L 131 18.13 -0.34 58.92
C LEU L 131 18.98 0.66 58.12
N VAL L 132 18.91 1.94 58.47
CA VAL L 132 19.98 2.88 58.09
C VAL L 132 20.57 3.37 59.42
N ASP L 133 21.80 3.89 59.39
CA ASP L 133 22.50 4.22 60.65
C ASP L 133 21.87 5.39 61.39
N THR L 134 22.26 5.58 62.65
CA THR L 134 21.61 6.56 63.51
C THR L 134 21.55 7.96 62.90
N ASP L 135 22.61 8.37 62.21
CA ASP L 135 22.72 9.73 61.66
C ASP L 135 21.59 10.08 60.68
N THR L 136 21.40 9.19 59.70
CA THR L 136 20.40 9.43 58.70
C THR L 136 19.09 9.46 59.43
N TYR L 137 18.84 8.46 60.27
CA TYR L 137 17.62 8.50 61.08
C TYR L 137 17.42 9.85 61.87
N VAL L 138 18.47 10.36 62.49
CA VAL L 138 18.30 11.59 63.26
C VAL L 138 18.01 12.74 62.30
N THR L 139 18.67 12.70 61.14
CA THR L 139 18.39 13.61 60.05
C THR L 139 16.88 13.68 59.68
N ARG L 140 16.28 12.54 59.40
CA ARG L 140 14.82 12.45 59.23
C ARG L 140 14.02 13.13 60.32
N ILE L 141 14.41 12.90 61.58
CA ILE L 141 13.64 13.43 62.68
C ILE L 141 13.75 14.93 62.68
N ARG L 142 14.98 15.41 62.52
CA ARG L 142 15.29 16.84 62.59
C ARG L 142 14.52 17.57 61.50
N ALA L 143 14.50 17.00 60.30
CA ALA L 143 13.77 17.57 59.16
C ALA L 143 12.27 17.80 59.39
N ALA L 144 11.60 16.87 60.06
CA ALA L 144 10.17 17.02 60.31
C ALA L 144 9.91 18.15 61.28
N VAL L 145 10.89 18.38 62.15
CA VAL L 145 10.70 19.22 63.31
C VAL L 145 10.91 20.68 62.93
N GLN L 146 11.91 20.90 62.08
CA GLN L 146 12.17 22.20 61.49
C GLN L 146 11.03 22.58 60.54
N ALA L 147 10.74 21.67 59.61
CA ALA L 147 9.63 21.86 58.69
C ALA L 147 8.29 22.10 59.40
N ARG L 148 8.05 21.37 60.48
CA ARG L 148 6.85 21.56 61.27
C ARG L 148 6.73 23.00 61.76
N GLN L 149 7.81 23.51 62.35
CA GLN L 149 7.75 24.83 62.97
C GLN L 149 7.68 25.93 61.95
N ARG L 150 8.61 25.91 60.99
CA ARG L 150 8.59 26.81 59.82
C ARG L 150 7.17 27.15 59.28
N ILE L 151 6.18 26.31 59.61
CA ILE L 151 4.82 26.52 59.09
C ILE L 151 3.69 26.77 60.13
N GLY L 152 4.01 26.76 61.43
CA GLY L 152 3.00 26.98 62.51
C GLY L 152 2.20 25.72 62.88
N SER L 153 2.73 24.57 62.52
CA SER L 153 2.03 23.32 62.53
C SER L 153 2.23 22.58 63.83
N ASP L 154 1.14 22.11 64.43
CA ASP L 154 1.21 21.42 65.72
C ASP L 154 1.49 19.89 65.68
N ILE L 155 1.48 19.33 64.48
CA ILE L 155 1.66 17.90 64.17
C ILE L 155 2.62 17.17 65.11
N VAL L 156 2.13 16.11 65.72
CA VAL L 156 2.92 15.44 66.72
C VAL L 156 3.87 14.56 65.96
N VAL L 157 5.16 14.79 66.18
CA VAL L 157 6.19 13.96 65.56
C VAL L 157 6.39 12.80 66.48
N ILE L 158 6.30 11.58 65.92
CA ILE L 158 6.47 10.28 66.64
C ILE L 158 7.68 9.54 66.07
N ALA L 159 8.65 9.25 66.90
CA ALA L 159 9.88 8.66 66.37
C ALA L 159 9.87 7.16 66.59
N ARG L 160 10.06 6.37 65.52
CA ARG L 160 10.04 4.91 65.65
C ARG L 160 11.38 4.23 65.31
N THR L 161 11.72 3.20 66.07
CA THR L 161 12.90 2.46 65.78
C THR L 161 12.63 0.99 65.64
N ASP L 162 13.25 0.44 64.62
CA ASP L 162 13.06 -0.93 64.24
C ASP L 162 14.39 -1.63 64.50
N SER L 163 15.21 -1.00 65.34
CA SER L 163 16.60 -1.39 65.46
C SER L 163 16.73 -2.61 66.34
N LEU L 164 15.75 -2.76 67.23
CA LEU L 164 15.71 -3.84 68.21
C LEU L 164 15.94 -5.24 67.64
N GLN L 165 15.20 -5.61 66.60
CA GLN L 165 15.28 -7.01 66.14
C GLN L 165 16.67 -7.29 65.55
N THR L 166 17.24 -6.25 64.97
CA THR L 166 18.53 -6.28 64.30
C THR L 166 19.72 -6.01 65.24
N HIS L 167 19.80 -4.79 65.77
CA HIS L 167 21.03 -4.30 66.41
C HIS L 167 21.18 -4.67 67.91
N GLY L 168 20.04 -4.88 68.59
CA GLY L 168 20.01 -5.16 70.04
C GLY L 168 19.24 -4.10 70.84
N TYR L 169 18.81 -4.46 72.05
CA TYR L 169 17.95 -3.56 72.80
C TYR L 169 18.65 -2.24 73.14
N GLU L 170 19.94 -2.33 73.50
CA GLU L 170 20.78 -1.15 73.78
C GLU L 170 20.69 -0.11 72.68
N GLU L 171 20.82 -0.58 71.44
CA GLU L 171 20.80 0.33 70.28
C GLU L 171 19.44 1.00 70.14
N SER L 172 18.37 0.24 70.37
CA SER L 172 17.04 0.83 70.24
C SER L 172 16.84 2.02 71.16
N VAL L 173 17.29 1.92 72.39
CA VAL L 173 17.10 3.01 73.34
C VAL L 173 17.89 4.25 72.91
N ALA L 174 19.17 4.07 72.61
CA ALA L 174 20.03 5.18 72.21
C ALA L 174 19.28 5.98 71.14
N ARG L 175 18.85 5.25 70.10
CA ARG L 175 18.15 5.86 68.97
C ARG L 175 17.01 6.74 69.48
N LEU L 176 16.19 6.22 70.41
CA LEU L 176 15.01 6.96 70.84
C LEU L 176 15.40 8.22 71.56
N ARG L 177 16.50 8.14 72.34
CA ARG L 177 17.13 9.31 72.97
C ARG L 177 17.55 10.29 71.86
N ALA L 178 18.33 9.78 70.92
CA ALA L 178 18.70 10.57 69.73
C ALA L 178 17.53 11.38 69.15
N ALA L 179 16.38 10.72 68.97
CA ALA L 179 15.19 11.40 68.49
C ALA L 179 14.51 12.32 69.52
N ARG L 180 14.54 11.92 70.80
CA ARG L 180 13.97 12.78 71.84
C ARG L 180 14.73 14.10 71.75
N ASP L 181 16.08 13.96 71.81
CA ASP L 181 17.10 15.03 71.69
C ASP L 181 17.13 15.62 70.32
N ALA L 182 16.16 15.28 69.48
CA ALA L 182 16.02 15.88 68.16
C ALA L 182 14.72 16.66 68.11
N GLY L 183 13.79 16.32 69.00
CA GLY L 183 12.55 17.08 69.17
C GLY L 183 11.31 16.29 68.84
N ALA L 184 11.43 15.00 68.63
CA ALA L 184 10.22 14.23 68.38
C ALA L 184 9.36 14.18 69.63
N ASP L 185 8.06 14.36 69.45
CA ASP L 185 7.15 14.60 70.56
C ASP L 185 6.72 13.35 71.39
N VAL L 186 6.92 12.15 70.81
CA VAL L 186 6.40 10.91 71.34
C VAL L 186 7.38 9.84 70.85
N GLY L 187 7.58 8.78 71.64
CA GLY L 187 8.53 7.71 71.27
C GLY L 187 7.85 6.35 71.01
N PHE L 188 8.41 5.57 70.06
CA PHE L 188 7.82 4.33 69.47
C PHE L 188 8.86 3.21 69.28
N LEU L 189 8.91 2.24 70.21
CA LEU L 189 9.88 1.15 70.07
C LEU L 189 9.19 -0.04 69.49
N GLU L 190 9.34 -0.20 68.18
CA GLU L 190 8.73 -1.27 67.43
C GLU L 190 9.26 -2.62 67.87
N GLY L 191 8.37 -3.58 67.96
CA GLY L 191 8.76 -4.97 68.23
C GLY L 191 9.12 -5.26 69.68
N ILE L 192 8.41 -4.64 70.65
CA ILE L 192 8.68 -4.88 72.06
C ILE L 192 8.46 -6.37 72.33
N THR L 193 9.51 -7.04 72.82
CA THR L 193 9.50 -8.51 72.98
C THR L 193 8.94 -9.01 74.35
N SER L 194 8.85 -8.14 75.37
CA SER L 194 8.19 -8.56 76.62
C SER L 194 7.43 -7.47 77.40
N ARG L 195 6.63 -7.88 78.39
CA ARG L 195 6.10 -6.98 79.42
C ARG L 195 7.29 -6.40 80.19
N GLU L 196 8.29 -7.24 80.44
CA GLU L 196 9.50 -6.80 81.15
C GLU L 196 10.32 -5.75 80.32
N MET L 197 10.29 -5.88 78.99
CA MET L 197 10.90 -4.83 78.19
C MET L 197 10.08 -3.54 78.19
N ALA L 198 8.78 -3.62 78.49
CA ALA L 198 7.87 -2.44 78.47
C ALA L 198 7.93 -1.48 79.70
N ARG L 199 7.79 -2.02 80.91
CA ARG L 199 8.09 -1.25 82.14
C ARG L 199 9.48 -0.64 81.99
N GLN L 200 10.40 -1.46 81.47
CA GLN L 200 11.78 -1.06 81.15
C GLN L 200 11.85 0.23 80.27
N VAL L 201 11.16 0.27 79.12
CA VAL L 201 11.27 1.48 78.27
C VAL L 201 10.70 2.74 78.95
N ILE L 202 9.56 2.61 79.64
CA ILE L 202 8.92 3.81 80.20
C ILE L 202 9.69 4.38 81.36
N GLN L 203 10.50 3.50 81.98
CA GLN L 203 11.52 4.01 82.86
C GLN L 203 12.58 4.76 82.01
N ASP L 204 13.45 4.02 81.30
CA ASP L 204 14.58 4.62 80.54
C ASP L 204 14.29 5.87 79.70
N LEU L 205 13.02 6.15 79.42
CA LEU L 205 12.68 7.39 78.73
C LEU L 205 11.52 8.10 79.40
N ALA L 206 11.62 8.24 80.73
CA ALA L 206 10.52 8.81 81.52
C ALA L 206 10.24 10.29 81.16
N GLY L 207 8.99 10.73 81.35
CA GLY L 207 8.58 12.10 81.02
C GLY L 207 8.42 12.41 79.54
N TRP L 208 8.99 11.55 78.68
CA TRP L 208 8.79 11.66 77.23
C TRP L 208 7.72 10.65 76.77
N PRO L 209 6.48 11.12 76.52
CA PRO L 209 5.35 10.23 76.22
C PRO L 209 5.72 9.08 75.28
N LEU L 210 5.23 7.89 75.61
CA LEU L 210 5.53 6.68 74.83
C LEU L 210 4.30 5.97 74.22
N LEU L 211 4.57 5.17 73.18
CA LEU L 211 3.51 4.55 72.35
C LEU L 211 3.86 3.10 72.14
N LEU L 212 2.84 2.28 72.18
CA LEU L 212 3.01 0.85 72.11
C LEU L 212 2.21 0.31 70.97
N ASN L 213 2.86 -0.55 70.17
CA ASN L 213 2.21 -1.12 68.97
C ASN L 213 1.66 -2.50 69.20
N MET L 214 0.40 -2.52 69.60
CA MET L 214 -0.27 -3.77 69.88
C MET L 214 -0.80 -4.40 68.59
N VAL L 215 0.05 -5.27 68.03
CA VAL L 215 -0.21 -6.06 66.82
C VAL L 215 -0.01 -7.48 67.30
N GLU L 216 -1.09 -8.26 67.27
CA GLU L 216 -1.12 -9.53 68.02
C GLU L 216 -0.39 -10.68 67.25
N HIS L 217 -0.04 -11.78 67.94
CA HIS L 217 0.56 -12.97 67.28
C HIS L 217 1.74 -12.60 66.36
N GLY L 218 2.39 -11.51 66.74
CA GLY L 218 3.56 -11.05 66.06
C GLY L 218 4.69 -11.23 67.01
N ALA L 219 5.39 -10.14 67.31
CA ALA L 219 6.46 -10.16 68.29
C ALA L 219 6.05 -9.66 69.70
N THR L 220 4.94 -8.90 69.78
CA THR L 220 4.57 -8.21 71.03
C THR L 220 3.40 -8.85 71.77
N PRO L 221 3.65 -9.39 72.98
CA PRO L 221 2.56 -10.06 73.70
C PRO L 221 1.44 -9.11 74.17
N SER L 222 0.24 -9.66 74.28
CA SER L 222 -1.00 -8.94 74.61
C SER L 222 -0.90 -7.90 75.66
N ILE L 223 -1.52 -6.73 75.43
CA ILE L 223 -1.70 -5.73 76.51
C ILE L 223 -3.01 -4.90 76.39
N SER L 224 -3.82 -4.78 77.46
CA SER L 224 -5.07 -4.00 77.40
C SER L 224 -4.80 -2.53 77.15
N ALA L 225 -5.82 -1.79 76.73
CA ALA L 225 -5.76 -0.34 76.80
C ALA L 225 -5.51 0.05 78.26
N ALA L 226 -6.44 -0.28 79.16
CA ALA L 226 -6.23 0.01 80.59
C ALA L 226 -4.85 -0.47 81.07
N GLU L 227 -4.43 -1.66 80.62
CA GLU L 227 -3.16 -2.24 81.11
C GLU L 227 -1.93 -1.41 80.75
N ALA L 228 -1.91 -0.92 79.52
CA ALA L 228 -0.85 0.01 79.10
C ALA L 228 -0.97 1.30 79.91
N LYS L 229 -2.20 1.79 80.03
CA LYS L 229 -2.41 3.02 80.77
C LYS L 229 -1.88 2.99 82.22
N GLU L 230 -1.71 1.82 82.87
CA GLU L 230 -0.89 1.87 84.11
C GLU L 230 0.57 1.67 83.79
N MET L 231 0.87 0.83 82.80
CA MET L 231 2.25 0.63 82.40
C MET L 231 2.98 1.99 82.26
N GLY L 232 2.20 3.03 81.95
CA GLY L 232 2.71 4.39 81.90
C GLY L 232 2.77 4.89 80.48
N PHE L 233 2.30 4.04 79.55
CA PHE L 233 2.27 4.37 78.11
C PHE L 233 1.29 5.50 77.90
N ARG L 234 1.52 6.27 76.84
CA ARG L 234 0.73 7.46 76.61
C ARG L 234 -0.16 7.28 75.40
N ILE L 235 0.30 6.48 74.44
CA ILE L 235 -0.59 6.10 73.35
C ILE L 235 -0.56 4.61 73.07
N ILE L 236 -1.72 4.02 72.84
CA ILE L 236 -1.76 2.70 72.26
C ILE L 236 -2.55 2.66 70.97
N ILE L 237 -1.98 1.95 69.99
CA ILE L 237 -2.61 1.64 68.73
C ILE L 237 -2.65 0.15 68.43
N PHE L 238 -3.51 -0.21 67.45
CA PHE L 238 -3.75 -1.56 66.89
C PHE L 238 -4.03 -1.52 65.36
N PRO L 239 -2.95 -1.65 64.58
CA PRO L 239 -3.00 -1.70 63.14
C PRO L 239 -4.21 -2.47 62.58
N PHE L 240 -4.36 -3.76 62.92
CA PHE L 240 -5.37 -4.62 62.30
C PHE L 240 -6.60 -4.81 63.14
N ALA L 241 -7.02 -3.76 63.82
CA ALA L 241 -8.29 -3.81 64.49
C ALA L 241 -9.44 -3.94 63.49
N ALA L 242 -9.27 -3.36 62.30
CA ALA L 242 -10.34 -3.43 61.30
C ALA L 242 -9.97 -4.39 60.16
N LEU L 243 -8.75 -4.20 59.66
CA LEU L 243 -8.23 -5.02 58.59
C LEU L 243 -8.47 -6.47 58.96
N GLY L 244 -7.98 -6.86 60.14
CA GLY L 244 -7.95 -8.27 60.51
C GLY L 244 -9.30 -8.95 60.40
N PRO L 245 -10.30 -8.44 61.14
CA PRO L 245 -11.60 -9.05 61.09
C PRO L 245 -12.44 -8.70 59.86
N ALA L 246 -11.96 -7.85 58.96
CA ALA L 246 -12.68 -7.65 57.69
C ALA L 246 -12.28 -8.71 56.70
N VAL L 247 -11.03 -9.14 56.81
CA VAL L 247 -10.54 -10.20 55.94
C VAL L 247 -11.26 -11.48 56.32
N ALA L 248 -11.38 -11.77 57.60
CA ALA L 248 -12.07 -13.02 57.92
C ALA L 248 -13.54 -12.97 57.52
N ALA L 249 -14.17 -11.82 57.70
CA ALA L 249 -15.55 -11.65 57.31
C ALA L 249 -15.73 -11.82 55.82
N MET L 250 -14.81 -11.24 55.04
CA MET L 250 -14.96 -11.24 53.57
C MET L 250 -14.67 -12.59 52.97
N ARG L 251 -13.78 -13.35 53.61
CA ARG L 251 -13.42 -14.70 53.17
C ARG L 251 -14.58 -15.69 53.41
N GLU L 252 -15.23 -15.55 54.57
CA GLU L 252 -16.36 -16.37 54.94
C GLU L 252 -17.43 -16.10 53.91
N ALA L 253 -17.77 -14.82 53.78
CA ALA L 253 -18.72 -14.33 52.80
C ALA L 253 -18.44 -14.76 51.34
N MET L 254 -17.19 -14.85 50.93
CA MET L 254 -16.94 -15.22 49.55
C MET L 254 -17.19 -16.66 49.33
N GLU L 255 -16.62 -17.53 50.16
CA GLU L 255 -16.99 -18.93 50.08
C GLU L 255 -18.48 -19.19 50.23
N LYS L 256 -19.19 -18.37 50.99
CA LYS L 256 -20.66 -18.53 51.16
C LYS L 256 -21.36 -18.27 49.86
N LEU L 257 -20.92 -17.20 49.17
CA LEU L 257 -21.52 -16.82 47.90
C LEU L 257 -21.19 -17.87 46.89
N LYS L 258 -19.94 -18.33 46.93
CA LYS L 258 -19.42 -19.34 46.01
C LYS L 258 -20.28 -20.59 46.09
N ARG L 259 -20.92 -20.81 47.25
CA ARG L 259 -21.86 -21.93 47.47
C ARG L 259 -23.34 -21.59 47.16
N ASP L 260 -23.92 -20.68 47.93
CA ASP L 260 -25.35 -20.40 47.82
C ASP L 260 -25.77 -19.65 46.55
N GLY L 261 -24.80 -19.27 45.72
CA GLY L 261 -25.05 -18.51 44.50
C GLY L 261 -25.72 -17.18 44.74
N ILE L 262 -25.60 -16.65 45.95
CA ILE L 262 -26.17 -15.35 46.37
C ILE L 262 -25.59 -14.98 47.74
N PRO L 263 -25.33 -13.66 48.00
CA PRO L 263 -24.58 -13.22 49.16
C PRO L 263 -25.36 -13.41 50.45
N GLY L 264 -26.67 -13.17 50.42
CA GLY L 264 -27.53 -13.52 51.55
C GLY L 264 -27.24 -12.67 52.79
N LEU L 265 -27.18 -11.36 52.60
CA LEU L 265 -26.96 -10.43 53.68
C LEU L 265 -28.22 -10.20 54.47
N ASP L 266 -28.07 -9.92 55.77
CA ASP L 266 -29.19 -9.50 56.62
C ASP L 266 -30.09 -8.44 55.97
N LYS L 267 -31.39 -8.69 56.09
CA LYS L 267 -32.49 -7.74 55.80
C LYS L 267 -32.27 -6.26 56.23
N GLU L 268 -31.46 -6.04 57.29
CA GLU L 268 -31.18 -4.73 57.85
C GLU L 268 -30.17 -3.94 56.97
N MET L 269 -29.33 -4.66 56.23
CA MET L 269 -28.30 -4.06 55.36
C MET L 269 -28.82 -3.64 53.99
N THR L 270 -29.79 -2.73 53.98
CA THR L 270 -30.28 -2.12 52.76
C THR L 270 -29.23 -1.09 52.25
N PRO L 271 -29.18 -0.85 50.92
CA PRO L 271 -28.17 0.10 50.41
C PRO L 271 -28.05 1.35 51.28
N GLN L 272 -29.19 1.85 51.76
CA GLN L 272 -29.25 3.08 52.56
C GLN L 272 -28.49 2.96 53.88
N MET L 273 -28.70 1.87 54.62
CA MET L 273 -27.99 1.57 55.85
C MET L 273 -26.50 1.72 55.57
N LEU L 274 -26.10 1.22 54.40
CA LEU L 274 -24.70 1.37 54.06
C LEU L 274 -24.29 2.85 53.90
N PHE L 275 -25.02 3.61 53.08
CA PHE L 275 -24.65 5.02 52.83
C PHE L 275 -24.84 5.88 54.06
N ARG L 276 -25.90 5.57 54.78
CA ARG L 276 -26.12 6.11 56.08
C ARG L 276 -24.78 6.05 56.86
N VAL L 277 -24.17 4.84 56.88
CA VAL L 277 -22.88 4.56 57.58
C VAL L 277 -21.72 5.46 57.16
N CYS L 278 -21.65 5.80 55.87
CA CYS L 278 -20.68 6.81 55.38
C CYS L 278 -21.37 8.17 55.15
N GLY L 279 -22.05 8.61 56.21
CA GLY L 279 -22.70 9.91 56.28
C GLY L 279 -23.55 10.39 55.13
N LEU L 280 -24.39 9.51 54.56
CA LEU L 280 -25.36 9.96 53.53
C LEU L 280 -26.24 11.08 54.08
N ASP L 281 -26.49 11.04 55.38
CA ASP L 281 -27.31 12.05 56.02
C ASP L 281 -26.67 13.39 56.00
N GLU L 282 -25.36 13.42 56.24
CA GLU L 282 -24.64 14.70 56.30
C GLU L 282 -24.44 15.20 54.89
N SER L 283 -24.08 14.30 53.99
CA SER L 283 -23.92 14.68 52.60
C SER L 283 -25.22 15.35 52.16
N MET L 284 -26.34 14.65 52.40
CA MET L 284 -27.71 15.04 52.00
C MET L 284 -28.18 16.34 52.66
N LYS L 285 -27.79 16.56 53.92
CA LYS L 285 -28.10 17.80 54.62
C LYS L 285 -27.43 19.02 54.01
N VAL L 286 -26.20 18.84 53.53
CA VAL L 286 -25.52 19.95 52.87
C VAL L 286 -26.13 20.47 51.57
N ASP L 287 -26.53 19.58 50.66
CA ASP L 287 -27.34 20.00 49.48
C ASP L 287 -28.60 20.76 49.94
N ALA L 288 -29.18 20.29 51.03
CA ALA L 288 -30.33 20.95 51.67
C ALA L 288 -30.08 22.37 52.21
N GLN L 289 -29.05 22.54 53.03
CA GLN L 289 -28.65 23.87 53.51
C GLN L 289 -28.46 24.81 52.32
N ALA L 290 -27.73 24.36 51.30
CA ALA L 290 -27.43 25.18 50.14
C ALA L 290 -28.67 25.72 49.38
N GLY L 291 -29.84 25.11 49.61
CA GLY L 291 -31.09 25.58 49.01
C GLY L 291 -31.38 24.78 47.77
N GLY L 292 -30.78 23.60 47.69
CA GLY L 292 -30.97 22.68 46.59
C GLY L 292 -32.02 21.61 46.85
N ALA L 293 -32.60 21.08 45.78
CA ALA L 293 -33.72 20.16 45.89
C ALA L 293 -33.30 18.72 45.67
N ALA L 294 -32.04 18.48 45.36
CA ALA L 294 -31.69 17.17 44.82
C ALA L 294 -32.08 15.97 45.68
N PHE L 295 -32.33 16.23 46.96
CA PHE L 295 -32.71 15.15 47.88
C PHE L 295 -34.07 15.33 48.48
N ASP L 296 -34.73 16.41 48.06
CA ASP L 296 -36.14 16.58 48.29
C ASP L 296 -36.82 15.21 48.18
N GLY L 297 -37.29 14.71 49.33
CA GLY L 297 -38.11 13.51 49.35
C GLY L 297 -37.32 12.29 49.79
N GLY L 298 -36.43 12.47 50.74
CA GLY L 298 -35.35 11.53 50.98
C GLY L 298 -35.16 10.57 49.83
N VAL L 299 -34.82 9.34 50.14
CA VAL L 299 -34.05 8.52 49.26
C VAL L 299 -34.56 7.11 49.43
N ASP L 300 -35.74 6.93 50.01
CA ASP L 300 -36.13 5.59 50.36
C ASP L 300 -37.18 5.02 49.45
N LEU L 301 -37.56 3.75 49.68
CA LEU L 301 -38.33 2.91 48.73
C LEU L 301 -37.58 2.72 47.38
N PRO M 1 23.47 -53.08 -16.81
CA PRO M 1 23.75 -53.84 -15.56
C PRO M 1 25.07 -53.33 -14.90
N MET M 2 24.93 -52.73 -13.71
CA MET M 2 26.04 -52.02 -13.11
C MET M 2 26.95 -53.10 -12.59
N VAL M 3 28.24 -53.01 -12.87
CA VAL M 3 29.15 -54.10 -12.47
C VAL M 3 29.76 -53.81 -11.10
N THR M 4 30.35 -54.82 -10.47
CA THR M 4 31.05 -54.60 -9.17
C THR M 4 32.34 -55.43 -9.12
N ALA M 5 33.37 -54.81 -8.57
CA ALA M 5 34.63 -55.49 -8.39
C ALA M 5 34.46 -56.65 -7.44
N ALA M 6 33.41 -56.62 -6.63
CA ALA M 6 33.15 -57.74 -5.72
C ALA M 6 33.02 -59.02 -6.51
N THR M 7 32.36 -58.97 -7.69
CA THR M 7 32.17 -60.18 -8.52
C THR M 7 33.54 -60.62 -9.06
N SER M 8 34.28 -59.65 -9.55
CA SER M 8 35.63 -59.83 -10.13
C SER M 8 36.66 -60.46 -9.13
N LEU M 9 36.52 -60.07 -7.86
CA LEU M 9 37.42 -60.54 -6.77
C LEU M 9 36.97 -61.90 -6.31
N ARG M 10 35.66 -62.05 -6.27
CA ARG M 10 35.05 -63.32 -6.03
C ARG M 10 35.62 -64.28 -7.04
N ARG M 11 35.86 -63.82 -8.27
CA ARG M 11 36.49 -64.66 -9.34
C ARG M 11 37.93 -65.07 -9.01
N ALA M 12 38.76 -64.08 -8.68
CA ALA M 12 40.19 -64.30 -8.41
C ALA M 12 40.37 -65.32 -7.30
N LEU M 13 39.66 -65.07 -6.19
CA LEU M 13 39.69 -65.90 -5.00
C LEU M 13 39.27 -67.35 -5.18
N GLU M 14 38.53 -67.67 -6.25
CA GLU M 14 38.18 -69.07 -6.57
C GLU M 14 39.36 -69.81 -7.20
N ASN M 15 40.29 -69.00 -7.77
CA ASN M 15 41.51 -69.45 -8.38
C ASN M 15 42.70 -69.30 -7.45
N PRO M 16 43.21 -70.45 -6.98
CA PRO M 16 44.36 -70.64 -6.10
C PRO M 16 45.65 -69.93 -6.49
N ASP M 17 45.89 -69.55 -7.73
CA ASP M 17 47.10 -68.75 -7.94
C ASP M 17 46.93 -67.26 -8.17
N SER M 18 45.86 -66.68 -7.60
CA SER M 18 45.62 -65.24 -7.65
C SER M 18 46.01 -64.59 -6.34
N PHE M 19 46.80 -63.54 -6.39
CA PHE M 19 47.32 -62.92 -5.18
C PHE M 19 47.03 -61.45 -5.13
N ILE M 20 46.22 -61.05 -4.14
CA ILE M 20 45.73 -59.68 -4.03
C ILE M 20 46.60 -58.84 -3.14
N VAL M 21 47.19 -57.81 -3.72
CA VAL M 21 48.13 -56.93 -3.01
C VAL M 21 47.46 -55.57 -2.88
N ALA M 22 47.10 -55.25 -1.65
CA ALA M 22 46.34 -54.06 -1.37
C ALA M 22 47.05 -53.11 -0.41
N PRO M 23 47.52 -51.94 -0.92
CA PRO M 23 48.02 -50.92 0.03
C PRO M 23 46.85 -50.31 0.77
N GLY M 24 47.12 -49.73 1.92
CA GLY M 24 46.08 -49.08 2.69
C GLY M 24 45.99 -47.62 2.29
N VAL M 25 44.77 -47.14 2.14
CA VAL M 25 44.52 -45.74 1.81
C VAL M 25 43.39 -45.34 2.74
N TYR M 26 43.16 -44.04 2.86
CA TYR M 26 42.33 -43.55 3.95
C TYR M 26 41.60 -42.30 3.59
N ASP M 27 41.91 -41.73 2.42
CA ASP M 27 41.19 -40.58 1.88
C ASP M 27 41.37 -40.48 0.35
N GLY M 28 41.02 -39.34 -0.23
CA GLY M 28 40.92 -39.22 -1.71
C GLY M 28 42.26 -39.15 -2.40
N LEU M 29 43.09 -38.24 -1.93
CA LEU M 29 44.53 -38.23 -2.25
C LEU M 29 45.25 -39.60 -2.25
N SER M 30 45.32 -40.26 -1.09
CA SER M 30 45.99 -41.56 -0.93
C SER M 30 45.53 -42.59 -1.92
N ALA M 31 44.22 -42.62 -2.15
CA ALA M 31 43.66 -43.61 -3.05
C ALA M 31 44.07 -43.31 -4.47
N ARG M 32 44.02 -42.04 -4.88
CA ARG M 32 44.51 -41.71 -6.24
C ARG M 32 46.01 -42.06 -6.35
N VAL M 33 46.80 -41.74 -5.34
CA VAL M 33 48.23 -41.95 -5.51
C VAL M 33 48.50 -43.45 -5.64
N ALA M 34 47.90 -44.24 -4.75
CA ALA M 34 48.02 -45.67 -4.77
C ALA M 34 47.76 -46.22 -6.14
N LEU M 35 46.71 -45.71 -6.81
CA LEU M 35 46.31 -46.19 -8.14
C LEU M 35 47.20 -45.70 -9.29
N SER M 36 47.82 -44.52 -9.18
CA SER M 36 48.65 -44.07 -10.26
C SER M 36 49.97 -44.81 -10.14
N ALA M 37 50.16 -45.48 -9.00
CA ALA M 37 51.29 -46.42 -8.85
C ALA M 37 51.02 -47.84 -9.39
N GLY M 38 49.82 -48.12 -9.90
CA GLY M 38 49.58 -49.41 -10.56
C GLY M 38 49.22 -50.55 -9.63
N PHE M 39 48.67 -50.25 -8.47
CA PHE M 39 48.12 -51.33 -7.67
C PHE M 39 46.81 -51.87 -8.25
N ASP M 40 46.53 -53.16 -8.01
CA ASP M 40 45.43 -53.89 -8.62
C ASP M 40 44.30 -54.10 -7.63
N ALA M 41 44.41 -53.42 -6.49
CA ALA M 41 43.48 -53.58 -5.35
C ALA M 41 43.78 -52.52 -4.34
N LEU M 42 42.80 -52.00 -3.62
CA LEU M 42 43.11 -51.06 -2.60
C LEU M 42 42.49 -51.49 -1.29
N TYR M 43 43.10 -51.09 -0.17
CA TYR M 43 42.58 -51.37 1.17
C TYR M 43 42.19 -50.06 1.84
N MET M 44 40.94 -49.99 2.30
CA MET M 44 40.44 -48.88 3.15
C MET M 44 40.74 -49.13 4.66
N THR M 45 41.79 -48.49 5.17
CA THR M 45 42.08 -48.62 6.59
C THR M 45 41.10 -47.83 7.48
N GLY M 46 40.57 -48.51 8.50
CA GLY M 46 39.64 -47.92 9.42
C GLY M 46 40.38 -47.01 10.33
N ALA M 47 41.44 -47.55 10.94
CA ALA M 47 42.45 -46.75 11.60
C ALA M 47 42.69 -45.39 10.91
N GLY M 48 43.07 -45.46 9.61
CA GLY M 48 43.42 -44.31 8.79
C GLY M 48 42.20 -43.46 8.49
N THR M 49 41.07 -44.07 8.17
CA THR M 49 39.84 -43.29 8.07
C THR M 49 39.60 -42.32 9.26
N ALA M 50 39.62 -42.89 10.47
CA ALA M 50 39.54 -42.11 11.72
C ALA M 50 40.50 -40.93 11.77
N ALA M 51 41.74 -41.20 11.38
CA ALA M 51 42.76 -40.21 11.43
C ALA M 51 42.37 -39.01 10.57
N SER M 52 41.96 -39.36 9.34
CA SER M 52 41.72 -38.40 8.28
C SER M 52 40.39 -37.72 8.44
N VAL M 53 39.33 -38.51 8.62
CA VAL M 53 37.99 -37.97 8.76
C VAL M 53 37.83 -37.16 10.07
N HIS M 54 38.32 -37.71 11.18
CA HIS M 54 38.06 -37.10 12.50
C HIS M 54 39.21 -36.47 13.14
N GLY M 55 40.41 -36.92 12.80
CA GLY M 55 41.63 -36.38 13.40
C GLY M 55 41.91 -37.14 14.66
N GLN M 56 41.63 -38.44 14.64
CA GLN M 56 41.42 -39.18 15.88
C GLN M 56 42.05 -40.55 15.82
N ALA M 57 42.36 -41.08 17.00
CA ALA M 57 42.91 -42.42 17.08
C ALA M 57 41.94 -43.54 16.69
N ASP M 58 42.47 -44.75 16.58
CA ASP M 58 41.69 -45.86 16.09
C ASP M 58 41.13 -46.70 17.21
N LEU M 59 40.03 -46.18 17.77
CA LEU M 59 39.38 -46.61 18.99
C LEU M 59 37.88 -46.48 18.78
N GLY M 60 37.32 -47.30 17.90
CA GLY M 60 35.88 -47.31 17.64
C GLY M 60 35.14 -45.98 17.48
N ILE M 61 35.70 -44.97 16.85
CA ILE M 61 34.99 -43.68 16.79
C ILE M 61 34.26 -43.57 15.47
N CYS M 62 34.60 -44.45 14.54
CA CYS M 62 34.01 -44.28 13.24
C CYS M 62 32.66 -44.95 13.23
N THR M 63 31.64 -44.16 12.90
CA THR M 63 30.31 -44.70 12.64
C THR M 63 30.18 -45.20 11.25
N LEU M 64 29.33 -46.21 11.14
CA LEU M 64 28.84 -46.70 9.83
C LEU M 64 28.79 -45.62 8.72
N ASN M 65 28.14 -44.50 9.01
CA ASN M 65 28.08 -43.39 8.06
C ASN M 65 29.45 -42.92 7.60
N ASP M 66 30.30 -42.59 8.59
CA ASP M 66 31.65 -42.14 8.37
C ASP M 66 32.40 -43.14 7.53
N MET M 67 32.31 -44.41 7.93
CA MET M 67 33.01 -45.48 7.23
C MET M 67 32.46 -45.71 5.82
N ARG M 68 31.16 -45.49 5.63
CA ARG M 68 30.57 -45.74 4.32
C ARG M 68 30.85 -44.62 3.32
N ALA M 69 30.67 -43.37 3.73
CA ALA M 69 31.02 -42.23 2.88
C ALA M 69 32.43 -42.42 2.22
N ASN M 70 33.48 -42.61 3.04
CA ASN M 70 34.81 -42.99 2.58
C ASN M 70 34.83 -44.20 1.67
N ALA M 71 34.20 -45.28 2.12
CA ALA M 71 34.31 -46.53 1.38
C ALA M 71 33.73 -46.43 0.01
N GLU M 72 32.60 -45.76 -0.14
CA GLU M 72 32.04 -45.56 -1.46
C GLU M 72 32.96 -44.67 -2.31
N MET M 73 33.57 -43.67 -1.69
CA MET M 73 34.24 -42.69 -2.53
C MET M 73 35.50 -43.33 -3.07
N ILE M 74 36.18 -44.05 -2.20
CA ILE M 74 37.39 -44.73 -2.57
C ILE M 74 37.04 -45.84 -3.56
N SER M 75 35.85 -46.46 -3.42
CA SER M 75 35.50 -47.59 -4.29
C SER M 75 35.17 -47.20 -5.72
N ASN M 76 34.96 -45.90 -5.93
CA ASN M 76 34.40 -45.45 -7.21
C ASN M 76 35.36 -44.56 -7.99
N ILE M 77 36.36 -44.02 -7.32
CA ILE M 77 37.55 -43.50 -8.02
C ILE M 77 37.98 -44.42 -9.18
N SER M 78 38.24 -45.69 -8.90
CA SER M 78 38.50 -46.72 -9.93
C SER M 78 37.50 -47.90 -9.87
N PRO M 79 36.32 -47.75 -10.53
CA PRO M 79 35.28 -48.71 -10.25
C PRO M 79 35.67 -50.15 -10.46
N SER M 80 36.70 -50.37 -11.30
CA SER M 80 37.17 -51.72 -11.71
C SER M 80 38.26 -52.35 -10.82
N THR M 81 38.88 -51.53 -9.96
CA THR M 81 39.80 -52.06 -8.93
C THR M 81 39.08 -52.46 -7.67
N PRO M 82 39.23 -53.73 -7.27
CA PRO M 82 38.61 -54.20 -6.01
C PRO M 82 39.01 -53.36 -4.79
N VAL M 83 38.08 -53.05 -3.91
CA VAL M 83 38.39 -52.28 -2.71
C VAL M 83 38.03 -53.06 -1.46
N ILE M 84 39.01 -53.34 -0.61
CA ILE M 84 38.77 -54.11 0.61
C ILE M 84 38.67 -53.14 1.75
N ALA M 85 37.46 -53.00 2.28
CA ALA M 85 37.16 -51.90 3.15
C ALA M 85 36.87 -52.38 4.55
N ASP M 86 37.53 -51.74 5.52
CA ASP M 86 37.41 -52.14 6.90
C ASP M 86 36.00 -51.83 7.43
N ALA M 87 35.41 -52.78 8.16
CA ALA M 87 34.07 -52.59 8.68
C ALA M 87 34.05 -52.72 10.22
N ASP M 88 35.22 -52.93 10.84
CA ASP M 88 35.33 -53.04 12.31
C ASP M 88 34.50 -54.23 12.77
N THR M 89 33.59 -54.01 13.74
CA THR M 89 32.71 -55.06 14.24
C THR M 89 31.31 -55.10 13.63
N GLY M 90 31.00 -54.30 12.61
CA GLY M 90 29.63 -54.27 12.05
C GLY M 90 28.69 -53.19 12.60
N TYR M 91 29.15 -52.36 13.51
CA TYR M 91 28.41 -51.17 13.92
C TYR M 91 27.10 -51.47 14.65
N GLY M 92 26.89 -52.75 14.97
CA GLY M 92 25.86 -53.14 15.96
C GLY M 92 25.60 -54.64 16.14
N GLY M 93 24.33 -55.01 16.21
CA GLY M 93 24.00 -56.41 16.20
C GLY M 93 23.68 -56.77 14.77
N PRO M 94 23.12 -57.98 14.57
CA PRO M 94 22.96 -58.51 13.24
C PRO M 94 22.16 -57.56 12.37
N ILE M 95 21.22 -56.82 12.94
CA ILE M 95 20.47 -55.83 12.18
C ILE M 95 21.39 -54.77 11.55
N MET M 96 22.51 -54.52 12.21
CA MET M 96 23.40 -53.50 11.77
C MET M 96 24.43 -54.10 10.85
N VAL M 97 24.85 -55.29 11.17
CA VAL M 97 25.78 -55.93 10.29
C VAL M 97 25.19 -56.00 8.83
N ALA M 98 23.86 -56.21 8.76
CA ALA M 98 23.09 -56.20 7.53
C ALA M 98 23.06 -54.81 6.88
N ARG M 99 22.62 -53.79 7.62
CA ARG M 99 22.61 -52.44 7.07
C ARG M 99 23.96 -52.21 6.45
N THR M 100 25.02 -52.51 7.21
CA THR M 100 26.39 -52.33 6.75
C THR M 100 26.62 -53.08 5.49
N THR M 101 26.28 -54.36 5.51
CA THR M 101 26.55 -55.19 4.36
C THR M 101 25.79 -54.72 3.12
N GLU M 102 24.57 -54.23 3.32
CA GLU M 102 23.75 -53.82 2.20
C GLU M 102 24.42 -52.58 1.63
N GLN M 103 24.86 -51.69 2.50
CA GLN M 103 25.29 -50.38 1.99
C GLN M 103 26.59 -50.48 1.23
N TYR M 104 27.50 -51.21 1.84
CA TYR M 104 28.80 -51.36 1.35
C TYR M 104 28.74 -52.03 0.01
N SER M 105 27.77 -52.94 -0.13
CA SER M 105 27.45 -53.55 -1.44
C SER M 105 27.00 -52.50 -2.44
N ARG M 106 26.02 -51.70 -2.06
CA ARG M 106 25.45 -50.70 -2.96
C ARG M 106 26.55 -49.75 -3.38
N SER M 107 27.41 -49.47 -2.41
CA SER M 107 28.55 -48.56 -2.55
C SER M 107 29.62 -49.09 -3.50
N GLY M 108 29.62 -50.42 -3.62
CA GLY M 108 30.36 -51.09 -4.66
C GLY M 108 31.70 -51.43 -4.09
N VAL M 109 31.77 -51.55 -2.78
CA VAL M 109 32.95 -52.06 -2.11
C VAL M 109 33.13 -53.50 -2.52
N ALA M 110 34.36 -53.90 -2.73
CA ALA M 110 34.57 -55.29 -3.12
C ALA M 110 34.54 -56.33 -1.99
N ALA M 111 35.12 -56.00 -0.86
CA ALA M 111 35.23 -56.95 0.24
C ALA M 111 35.28 -56.17 1.53
N PHE M 112 34.90 -56.76 2.65
CA PHE M 112 35.06 -56.09 3.97
C PHE M 112 35.42 -57.07 5.09
N HIS M 113 36.01 -56.59 6.17
CA HIS M 113 36.25 -57.46 7.28
C HIS M 113 35.47 -57.08 8.55
N ILE M 114 34.98 -58.09 9.24
CA ILE M 114 34.28 -57.97 10.53
C ILE M 114 35.05 -58.75 11.57
N GLU M 115 35.37 -58.09 12.69
CA GLU M 115 36.19 -58.65 13.78
C GLU M 115 35.30 -59.02 14.94
N ASP M 116 35.90 -59.49 16.04
CA ASP M 116 35.16 -60.02 17.19
C ASP M 116 35.39 -59.21 18.47
N GLN M 117 35.91 -58.00 18.32
CA GLN M 117 35.93 -57.03 19.43
C GLN M 117 34.54 -56.59 19.96
N VAL M 118 34.51 -55.94 21.13
CA VAL M 118 33.31 -55.26 21.55
C VAL M 118 33.13 -54.23 20.44
N GLN M 119 31.95 -53.64 20.34
CA GLN M 119 31.72 -52.65 19.30
C GLN M 119 32.71 -51.47 19.41
N THR M 120 33.11 -51.14 20.65
CA THR M 120 34.17 -50.11 20.88
C THR M 120 35.56 -50.66 20.73
N LYS M 121 35.84 -51.05 19.49
CA LYS M 121 37.06 -51.68 19.14
C LYS M 121 38.24 -50.71 19.21
N ARG M 122 39.45 -51.29 19.21
CA ARG M 122 40.72 -50.61 19.09
C ARG M 122 41.52 -51.27 17.96
N CYS M 123 42.44 -50.51 17.37
CA CYS M 123 43.45 -51.08 16.50
C CYS M 123 44.00 -52.35 17.11
N GLY M 124 44.00 -53.46 16.37
CA GLY M 124 44.36 -54.78 16.88
C GLY M 124 45.83 -54.88 17.23
N HIS M 125 46.63 -53.93 16.76
CA HIS M 125 48.03 -53.88 17.19
C HIS M 125 48.28 -53.22 18.56
N LEU M 126 47.20 -52.84 19.24
CA LEU M 126 47.25 -52.33 20.59
C LEU M 126 46.89 -53.30 21.66
N ALA M 127 46.88 -52.82 22.87
CA ALA M 127 46.86 -53.70 24.00
C ALA M 127 45.55 -53.55 24.71
N GLY M 128 45.04 -54.63 25.27
CA GLY M 128 43.88 -54.51 26.09
C GLY M 128 42.71 -54.55 25.16
N LYS M 129 42.82 -55.47 24.21
CA LYS M 129 41.69 -55.83 23.32
C LYS M 129 40.66 -56.59 24.18
N ILE M 130 39.36 -56.25 23.98
CA ILE M 130 38.24 -56.89 24.70
C ILE M 130 37.29 -57.47 23.69
N LEU M 131 36.91 -58.71 23.90
CA LEU M 131 36.30 -59.49 22.84
C LEU M 131 34.85 -59.81 23.15
N VAL M 132 34.25 -60.58 22.25
CA VAL M 132 32.86 -60.97 22.37
C VAL M 132 32.85 -62.49 22.25
N ASP M 133 31.86 -63.17 22.81
CA ASP M 133 31.81 -64.64 22.78
C ASP M 133 31.93 -65.23 21.35
N THR M 134 32.28 -66.51 21.22
CA THR M 134 32.28 -67.12 19.90
C THR M 134 30.89 -66.82 19.31
N ASP M 135 29.83 -67.18 20.02
CA ASP M 135 28.47 -67.16 19.42
C ASP M 135 28.00 -65.78 18.92
N THR M 136 28.29 -64.70 19.67
CA THR M 136 27.89 -63.32 19.30
C THR M 136 28.61 -62.82 18.05
N TYR M 137 29.84 -63.28 17.86
CA TYR M 137 30.58 -62.96 16.66
C TYR M 137 30.07 -63.78 15.48
N VAL M 138 29.80 -65.06 15.72
CA VAL M 138 29.38 -65.97 14.63
C VAL M 138 28.08 -65.46 14.07
N THR M 139 27.25 -65.02 15.01
CA THR M 139 26.00 -64.31 14.67
C THR M 139 26.29 -63.34 13.53
N ARG M 140 27.29 -62.50 13.75
CA ARG M 140 27.63 -61.38 12.90
C ARG M 140 28.08 -61.80 11.49
N ILE M 141 28.96 -62.79 11.40
CA ILE M 141 29.42 -63.31 10.13
C ILE M 141 28.21 -63.95 9.46
N ARG M 142 27.40 -64.64 10.25
CA ARG M 142 26.16 -65.18 9.72
C ARG M 142 25.31 -64.04 9.13
N ALA M 143 25.06 -63.01 9.92
CA ALA M 143 24.33 -61.84 9.45
C ALA M 143 24.81 -61.40 8.05
N ALA M 144 26.09 -61.00 7.97
CA ALA M 144 26.75 -60.54 6.76
C ALA M 144 26.45 -61.45 5.60
N VAL M 145 26.81 -62.72 5.72
CA VAL M 145 26.60 -63.68 4.60
C VAL M 145 25.12 -63.79 4.20
N GLN M 146 24.19 -63.74 5.16
CA GLN M 146 22.75 -63.74 4.84
C GLN M 146 22.30 -62.47 4.13
N ALA M 147 22.58 -61.33 4.75
CA ALA M 147 22.31 -60.01 4.17
C ALA M 147 22.85 -59.91 2.72
N ARG M 148 24.08 -60.34 2.53
CA ARG M 148 24.70 -60.46 1.20
C ARG M 148 23.84 -61.34 0.20
N GLN M 149 23.40 -62.49 0.69
CA GLN M 149 22.67 -63.43 -0.14
C GLN M 149 21.24 -62.97 -0.47
N ARG M 150 20.53 -62.41 0.51
CA ARG M 150 19.18 -61.85 0.31
C ARG M 150 19.15 -60.85 -0.83
N ILE M 151 20.27 -60.13 -1.01
CA ILE M 151 20.32 -59.09 -2.02
C ILE M 151 21.10 -59.40 -3.31
N GLY M 152 21.47 -60.66 -3.54
CA GLY M 152 22.22 -61.03 -4.74
C GLY M 152 23.63 -60.44 -4.76
N SER M 153 24.00 -59.69 -3.71
CA SER M 153 25.31 -59.04 -3.68
C SER M 153 26.47 -60.00 -3.54
N ASP M 154 27.52 -59.75 -4.32
CA ASP M 154 28.60 -60.74 -4.47
C ASP M 154 29.73 -60.39 -3.54
N ILE M 155 29.55 -59.37 -2.72
CA ILE M 155 30.65 -58.87 -1.86
C ILE M 155 31.38 -60.00 -1.06
N VAL M 156 32.63 -59.73 -0.67
CA VAL M 156 33.49 -60.78 -0.13
C VAL M 156 33.52 -60.62 1.38
N VAL M 157 33.15 -61.69 2.10
CA VAL M 157 33.02 -61.62 3.58
C VAL M 157 34.24 -62.19 4.27
N ILE M 158 35.01 -61.30 4.90
CA ILE M 158 36.26 -61.62 5.64
C ILE M 158 36.07 -61.65 7.19
N ALA M 159 36.32 -62.82 7.75
CA ALA M 159 36.17 -63.03 9.16
C ALA M 159 37.51 -62.77 9.90
N ARG M 160 37.56 -61.65 10.61
CA ARG M 160 38.75 -61.35 11.38
C ARG M 160 38.64 -61.92 12.83
N THR M 161 39.78 -62.15 13.48
CA THR M 161 39.78 -62.46 14.89
C THR M 161 40.91 -61.76 15.69
N ASP M 162 40.50 -60.91 16.63
CA ASP M 162 41.43 -60.15 17.46
C ASP M 162 41.77 -60.92 18.72
N SER M 163 41.59 -62.24 18.63
CA SER M 163 41.53 -63.10 19.80
C SER M 163 42.93 -63.46 20.26
N LEU M 164 43.81 -63.63 19.27
CA LEU M 164 45.16 -64.12 19.53
C LEU M 164 45.74 -63.65 20.86
N GLN M 165 45.86 -62.33 21.06
CA GLN M 165 46.67 -61.86 22.21
C GLN M 165 46.00 -62.26 23.50
N THR M 166 44.67 -62.24 23.50
CA THR M 166 43.88 -62.45 24.72
C THR M 166 43.32 -63.85 24.93
N HIS M 167 43.48 -64.75 23.94
CA HIS M 167 43.06 -66.18 24.04
C HIS M 167 43.99 -67.24 23.40
N GLY M 168 45.00 -66.77 22.66
CA GLY M 168 46.08 -67.61 22.12
C GLY M 168 45.68 -68.31 20.85
N TYR M 169 46.63 -69.02 20.25
CA TYR M 169 46.44 -69.62 18.92
C TYR M 169 45.26 -70.60 18.76
N GLU M 170 45.11 -71.55 19.67
CA GLU M 170 44.08 -72.56 19.45
C GLU M 170 42.70 -71.95 19.41
N GLU M 171 42.43 -70.90 20.17
CA GLU M 171 41.11 -70.28 20.19
C GLU M 171 40.89 -69.40 18.96
N SER M 172 41.99 -68.79 18.54
CA SER M 172 42.02 -67.98 17.37
C SER M 172 41.52 -68.83 16.21
N VAL M 173 42.07 -70.04 16.10
CA VAL M 173 41.73 -70.96 15.00
C VAL M 173 40.24 -71.26 15.11
N ALA M 174 39.85 -71.59 16.35
CA ALA M 174 38.52 -72.03 16.72
C ALA M 174 37.48 -71.06 16.21
N ARG M 175 37.78 -69.77 16.32
CA ARG M 175 36.81 -68.75 15.95
C ARG M 175 36.65 -68.65 14.45
N LEU M 176 37.76 -68.86 13.74
CA LEU M 176 37.79 -68.85 12.29
C LEU M 176 37.18 -70.12 11.72
N ARG M 177 37.70 -71.28 12.13
CA ARG M 177 37.06 -72.56 11.80
C ARG M 177 35.54 -72.40 11.88
N ALA M 178 35.08 -71.74 12.96
CA ALA M 178 33.64 -71.41 13.17
C ALA M 178 33.06 -70.42 12.15
N ALA M 179 33.60 -69.21 12.14
CA ALA M 179 33.24 -68.16 11.14
C ALA M 179 33.17 -68.67 9.70
N ARG M 180 34.14 -69.50 9.32
CA ARG M 180 34.16 -70.19 8.03
C ARG M 180 32.92 -71.09 7.80
N ASP M 181 32.60 -71.92 8.80
CA ASP M 181 31.36 -72.73 8.86
C ASP M 181 30.13 -71.89 8.68
N ALA M 182 30.19 -70.65 9.20
CA ALA M 182 29.07 -69.77 9.11
C ALA M 182 29.08 -69.13 7.75
N GLY M 183 30.03 -69.52 6.89
CA GLY M 183 30.07 -69.10 5.48
C GLY M 183 30.87 -67.87 5.03
N ALA M 184 31.78 -67.36 5.86
CA ALA M 184 32.70 -66.31 5.41
C ALA M 184 33.56 -66.82 4.23
N ASP M 185 34.35 -65.95 3.60
CA ASP M 185 35.09 -66.39 2.42
C ASP M 185 36.60 -66.35 2.77
N VAL M 186 36.97 -65.33 3.52
CA VAL M 186 38.37 -65.10 3.82
C VAL M 186 38.66 -65.12 5.34
N GLY M 187 39.75 -65.77 5.72
CA GLY M 187 40.19 -65.84 7.11
C GLY M 187 41.19 -64.76 7.47
N PHE M 188 40.95 -64.09 8.59
CA PHE M 188 41.79 -62.96 9.01
C PHE M 188 42.31 -63.06 10.46
N LEU M 189 43.46 -63.68 10.67
CA LEU M 189 44.01 -63.74 12.03
C LEU M 189 44.87 -62.51 12.31
N GLU M 190 44.28 -61.49 12.94
CA GLU M 190 45.01 -60.25 13.28
C GLU M 190 46.23 -60.52 14.19
N GLY M 191 47.25 -59.67 14.06
CA GLY M 191 48.49 -59.70 14.87
C GLY M 191 49.14 -61.08 14.97
N ILE M 192 49.35 -61.74 13.82
CA ILE M 192 50.12 -62.99 13.75
C ILE M 192 51.52 -62.67 14.22
N THR M 193 52.15 -63.59 14.95
CA THR M 193 53.27 -63.20 15.79
C THR M 193 54.57 -63.79 15.33
N SER M 194 54.53 -64.64 14.32
CA SER M 194 55.68 -65.40 13.98
C SER M 194 55.51 -66.07 12.61
N ARG M 195 56.62 -66.38 11.96
CA ARG M 195 56.56 -67.08 10.69
C ARG M 195 56.03 -68.50 10.91
N GLU M 196 56.43 -69.10 12.04
CA GLU M 196 55.94 -70.41 12.47
C GLU M 196 54.41 -70.41 12.51
N MET M 197 53.86 -69.39 13.17
CA MET M 197 52.44 -69.21 13.38
C MET M 197 51.66 -69.05 12.09
N ALA M 198 52.25 -68.32 11.14
CA ALA M 198 51.70 -68.06 9.81
C ALA M 198 51.70 -69.29 8.94
N ARG M 199 52.82 -69.97 8.83
CA ARG M 199 52.83 -71.19 8.04
C ARG M 199 51.83 -72.16 8.61
N GLN M 200 51.71 -72.16 9.94
CA GLN M 200 50.73 -72.98 10.66
C GLN M 200 49.30 -72.77 10.17
N VAL M 201 48.81 -71.54 10.31
CA VAL M 201 47.41 -71.20 10.11
C VAL M 201 46.95 -71.41 8.69
N ILE M 202 47.83 -71.10 7.73
CA ILE M 202 47.61 -71.40 6.34
C ILE M 202 47.33 -72.91 6.15
N GLN M 203 48.24 -73.77 6.66
CA GLN M 203 47.99 -75.22 6.65
C GLN M 203 46.83 -75.65 7.57
N ASP M 204 46.65 -75.00 8.72
CA ASP M 204 45.55 -75.28 9.65
C ASP M 204 44.18 -74.97 9.07
N LEU M 205 44.07 -73.87 8.31
CA LEU M 205 42.84 -73.55 7.58
C LEU M 205 43.01 -73.87 6.12
N ALA M 206 43.85 -74.86 5.84
CA ALA M 206 44.12 -75.29 4.45
C ALA M 206 42.90 -75.30 3.49
N GLY M 207 43.01 -74.52 2.41
CA GLY M 207 41.94 -74.46 1.43
C GLY M 207 40.98 -73.28 1.57
N TRP M 208 41.11 -72.49 2.64
CA TRP M 208 40.26 -71.31 2.87
C TRP M 208 41.15 -70.10 2.66
N PRO M 209 40.91 -69.27 1.62
CA PRO M 209 41.80 -68.12 1.37
C PRO M 209 41.97 -67.36 2.67
N LEU M 210 43.10 -66.71 2.88
CA LEU M 210 43.48 -66.20 4.20
C LEU M 210 44.17 -64.88 4.03
N LEU M 211 44.07 -64.00 5.00
CA LEU M 211 44.61 -62.71 4.80
C LEU M 211 45.68 -62.41 5.83
N LEU M 212 46.67 -61.65 5.38
CA LEU M 212 47.81 -61.25 6.19
C LEU M 212 47.87 -59.74 6.36
N ASN M 213 47.63 -59.26 7.57
CA ASN M 213 47.62 -57.83 7.77
C ASN M 213 49.01 -57.34 8.11
N MET M 214 49.76 -56.93 7.11
CA MET M 214 51.15 -56.57 7.34
C MET M 214 51.31 -55.14 7.87
N VAL M 215 51.02 -54.96 9.16
CA VAL M 215 51.28 -53.68 9.86
C VAL M 215 52.65 -53.80 10.53
N GLU M 216 53.51 -52.81 10.29
CA GLU M 216 54.89 -52.96 10.68
C GLU M 216 55.04 -52.55 12.12
N HIS M 217 55.96 -53.19 12.83
CA HIS M 217 56.35 -52.74 14.18
C HIS M 217 55.23 -52.86 15.22
N GLY M 218 54.34 -53.86 15.06
CA GLY M 218 53.29 -54.20 16.05
C GLY M 218 53.62 -55.60 16.58
N ALA M 219 52.69 -56.55 16.42
CA ALA M 219 52.85 -57.95 16.85
C ALA M 219 53.44 -58.88 15.79
N THR M 220 53.53 -58.36 14.57
CA THR M 220 53.76 -59.12 13.36
C THR M 220 55.11 -58.75 12.75
N PRO M 221 55.95 -59.75 12.47
CA PRO M 221 57.27 -59.54 11.82
C PRO M 221 57.09 -59.17 10.35
N SER M 222 58.12 -58.59 9.75
CA SER M 222 57.99 -58.12 8.38
C SER M 222 57.98 -59.25 7.38
N ILE M 223 56.82 -59.44 6.75
CA ILE M 223 56.68 -60.39 5.63
C ILE M 223 56.26 -59.73 4.31
N SER M 224 57.18 -59.67 3.35
CA SER M 224 56.93 -59.04 2.08
C SER M 224 55.85 -59.77 1.26
N ALA M 225 55.23 -59.04 0.34
CA ALA M 225 54.25 -59.62 -0.55
C ALA M 225 54.63 -61.03 -0.99
N ALA M 226 55.91 -61.23 -1.31
CA ALA M 226 56.33 -62.45 -2.02
C ALA M 226 56.36 -63.63 -1.09
N GLU M 227 56.80 -63.46 0.16
CA GLU M 227 56.78 -64.62 1.08
C GLU M 227 55.38 -64.93 1.54
N ALA M 228 54.56 -63.89 1.69
CA ALA M 228 53.14 -64.05 2.00
C ALA M 228 52.46 -64.91 0.92
N LYS M 229 52.83 -64.67 -0.32
CA LYS M 229 52.25 -65.42 -1.42
C LYS M 229 52.76 -66.83 -1.40
N GLU M 230 53.97 -67.04 -0.91
CA GLU M 230 54.60 -68.36 -0.89
C GLU M 230 54.28 -69.24 0.31
N MET M 231 54.00 -68.61 1.44
CA MET M 231 53.52 -69.37 2.57
C MET M 231 52.13 -69.82 2.23
N GLY M 232 51.56 -69.17 1.24
CA GLY M 232 50.28 -69.58 0.79
C GLY M 232 49.13 -68.65 1.14
N PHE M 233 49.41 -67.45 1.67
CA PHE M 233 48.35 -66.48 1.88
C PHE M 233 47.76 -66.04 0.56
N ARG M 234 46.53 -65.51 0.61
CA ARG M 234 45.85 -65.03 -0.60
C ARG M 234 45.68 -63.51 -0.65
N ILE M 235 45.81 -62.82 0.48
CA ILE M 235 45.68 -61.37 0.47
C ILE M 235 46.69 -60.76 1.38
N ILE M 236 47.36 -59.71 0.95
CA ILE M 236 48.18 -59.00 1.91
C ILE M 236 47.82 -57.53 1.84
N ILE M 237 47.60 -56.93 3.02
CA ILE M 237 47.30 -55.50 3.18
C ILE M 237 48.33 -54.67 3.99
N PHE M 238 48.41 -53.37 3.74
CA PHE M 238 49.44 -52.50 4.34
C PHE M 238 48.76 -51.22 4.83
N PRO M 239 48.12 -51.31 6.01
CA PRO M 239 47.23 -50.20 6.40
C PRO M 239 47.86 -48.78 6.35
N PHE M 240 49.15 -48.68 6.67
CA PHE M 240 49.78 -47.38 6.84
C PHE M 240 50.67 -47.00 5.68
N ALA M 241 50.79 -47.91 4.70
CA ALA M 241 51.47 -47.69 3.42
C ALA M 241 51.55 -46.22 3.03
N ALA M 242 50.42 -45.52 3.17
CA ALA M 242 50.30 -44.08 2.85
C ALA M 242 50.33 -43.15 4.02
N LEU M 243 49.73 -43.55 5.10
CA LEU M 243 49.60 -42.61 6.16
C LEU M 243 50.89 -42.29 6.98
N GLY M 244 51.74 -43.28 7.26
CA GLY M 244 53.03 -43.06 7.91
C GLY M 244 53.87 -42.01 7.23
N PRO M 245 54.12 -42.18 5.91
CA PRO M 245 54.74 -41.22 5.03
C PRO M 245 54.00 -39.90 4.91
N ALA M 246 52.68 -39.87 5.06
CA ALA M 246 52.01 -38.63 4.90
C ALA M 246 52.46 -37.78 6.06
N VAL M 247 52.29 -38.39 7.23
CA VAL M 247 52.58 -37.81 8.51
C VAL M 247 54.02 -37.40 8.63
N ALA M 248 54.95 -38.28 8.25
CA ALA M 248 56.41 -38.01 8.44
C ALA M 248 56.74 -36.76 7.68
N ALA M 249 56.10 -36.67 6.51
CA ALA M 249 56.47 -35.67 5.52
C ALA M 249 55.84 -34.32 5.80
N MET M 250 54.58 -34.34 6.22
CA MET M 250 53.89 -33.14 6.62
C MET M 250 54.52 -32.59 7.91
N ARG M 251 54.90 -33.49 8.83
CA ARG M 251 55.56 -33.09 10.11
C ARG M 251 56.78 -32.21 9.86
N GLU M 252 57.70 -32.75 9.07
CA GLU M 252 58.92 -32.12 8.61
C GLU M 252 58.75 -30.79 7.87
N ALA M 253 57.80 -30.74 6.93
CA ALA M 253 57.53 -29.55 6.11
C ALA M 253 56.98 -28.45 6.97
N MET M 254 56.17 -28.83 7.96
CA MET M 254 55.67 -27.88 8.95
C MET M 254 56.72 -27.31 9.88
N GLU M 255 57.67 -28.12 10.38
CA GLU M 255 58.79 -27.50 11.15
C GLU M 255 59.36 -26.40 10.28
N LYS M 256 59.66 -26.78 9.03
CA LYS M 256 60.37 -25.93 8.10
C LYS M 256 59.61 -24.61 7.93
N LEU M 257 58.32 -24.70 7.59
CA LEU M 257 57.46 -23.52 7.48
C LEU M 257 57.59 -22.58 8.69
N LYS M 258 57.35 -23.13 9.87
CA LYS M 258 57.56 -22.42 11.10
C LYS M 258 58.90 -21.66 11.16
N ARG M 259 60.03 -22.37 11.06
CA ARG M 259 61.36 -21.75 11.07
C ARG M 259 61.65 -20.82 9.90
N ASP M 260 61.08 -21.04 8.71
CA ASP M 260 61.45 -20.16 7.58
C ASP M 260 60.43 -19.06 7.22
N GLY M 261 59.17 -19.21 7.60
CA GLY M 261 58.15 -18.20 7.27
C GLY M 261 57.54 -18.29 5.87
N ILE M 262 57.72 -19.47 5.22
CA ILE M 262 57.38 -19.77 3.82
C ILE M 262 57.71 -21.24 3.66
N PRO M 263 56.77 -22.05 3.13
CA PRO M 263 56.98 -23.51 3.08
C PRO M 263 58.21 -23.99 2.28
N GLY M 264 58.51 -23.28 1.18
CA GLY M 264 59.64 -23.61 0.32
C GLY M 264 59.53 -25.01 -0.26
N LEU M 265 58.39 -25.33 -0.88
CA LEU M 265 58.18 -26.60 -1.58
C LEU M 265 58.62 -26.45 -3.01
N ASP M 266 59.09 -27.52 -3.62
CA ASP M 266 59.78 -27.31 -4.87
C ASP M 266 58.79 -26.90 -5.98
N LYS M 267 59.35 -26.51 -7.12
CA LYS M 267 58.58 -26.01 -8.24
C LYS M 267 57.51 -27.02 -8.54
N GLU M 268 57.83 -28.30 -8.56
CA GLU M 268 56.89 -29.27 -9.09
C GLU M 268 55.71 -29.57 -8.13
N MET M 269 55.74 -29.01 -6.94
CA MET M 269 54.57 -29.12 -6.04
C MET M 269 53.56 -27.96 -6.18
N THR M 270 52.70 -28.04 -7.19
CA THR M 270 51.62 -27.06 -7.38
C THR M 270 50.21 -27.64 -7.29
N PRO M 271 49.18 -26.78 -7.34
CA PRO M 271 47.79 -27.22 -7.41
C PRO M 271 47.44 -27.82 -8.78
N GLN M 272 48.15 -27.36 -9.82
CA GLN M 272 48.21 -28.10 -11.06
C GLN M 272 48.50 -29.56 -10.74
N MET M 273 49.61 -29.80 -10.01
CA MET M 273 50.04 -31.16 -9.78
C MET M 273 48.98 -31.89 -8.96
N LEU M 274 48.22 -31.20 -8.12
CA LEU M 274 47.23 -31.88 -7.29
C LEU M 274 46.04 -32.33 -8.12
N PHE M 275 45.47 -31.34 -8.79
CA PHE M 275 44.37 -31.51 -9.67
C PHE M 275 44.54 -32.69 -10.61
N ARG M 276 45.70 -32.77 -11.32
CA ARG M 276 45.96 -33.96 -12.17
C ARG M 276 45.90 -35.27 -11.39
N VAL M 277 46.70 -35.41 -10.33
CA VAL M 277 46.55 -36.58 -9.43
C VAL M 277 45.06 -36.91 -9.10
N CYS M 278 44.14 -35.94 -9.14
CA CYS M 278 42.70 -36.21 -8.77
C CYS M 278 41.71 -36.25 -9.96
N GLY M 279 42.26 -36.61 -11.10
CA GLY M 279 41.47 -36.89 -12.25
C GLY M 279 40.99 -35.64 -12.91
N LEU M 280 41.75 -34.54 -12.78
CA LEU M 280 41.38 -33.33 -13.52
C LEU M 280 40.97 -33.64 -14.99
N ASP M 281 41.86 -34.28 -15.74
CA ASP M 281 41.61 -34.52 -17.18
C ASP M 281 40.52 -35.56 -17.54
N GLU M 282 40.24 -36.51 -16.62
CA GLU M 282 39.14 -37.50 -16.81
C GLU M 282 37.86 -36.77 -16.74
N SER M 283 37.73 -35.96 -15.68
CA SER M 283 36.47 -35.28 -15.33
C SER M 283 36.14 -34.13 -16.30
N MET M 284 37.18 -33.42 -16.74
CA MET M 284 36.97 -32.58 -17.94
C MET M 284 36.65 -33.28 -19.25
N LYS M 285 37.06 -34.54 -19.42
CA LYS M 285 36.51 -35.30 -20.57
C LYS M 285 34.95 -35.47 -20.46
N VAL M 286 34.50 -35.83 -19.24
CA VAL M 286 33.10 -35.93 -18.85
C VAL M 286 32.37 -34.63 -19.20
N ASP M 287 32.92 -33.54 -18.65
CA ASP M 287 32.45 -32.17 -18.89
C ASP M 287 32.29 -31.81 -20.39
N ALA M 288 33.40 -31.86 -21.14
CA ALA M 288 33.41 -31.50 -22.58
C ALA M 288 32.43 -32.36 -23.45
N GLN M 289 32.27 -33.64 -23.10
CA GLN M 289 31.33 -34.60 -23.69
C GLN M 289 29.93 -34.18 -23.37
N ALA M 290 29.64 -33.88 -22.11
CA ALA M 290 28.27 -33.48 -21.72
C ALA M 290 27.81 -32.27 -22.52
N GLY M 291 28.69 -31.30 -22.68
CA GLY M 291 28.39 -30.03 -23.33
C GLY M 291 28.19 -30.18 -24.82
N GLY M 292 28.62 -31.33 -25.35
CA GLY M 292 28.54 -31.64 -26.78
C GLY M 292 29.84 -31.30 -27.49
N ALA M 293 30.81 -30.84 -26.69
CA ALA M 293 32.07 -30.30 -27.18
C ALA M 293 33.20 -31.39 -27.27
N ALA M 294 32.76 -32.65 -27.52
CA ALA M 294 33.57 -33.90 -27.58
C ALA M 294 34.63 -34.01 -28.69
N PHE M 295 34.25 -34.55 -29.86
CA PHE M 295 35.06 -34.55 -31.10
C PHE M 295 36.30 -35.48 -31.23
N ASP M 296 36.71 -36.10 -30.11
CA ASP M 296 37.83 -37.03 -30.08
C ASP M 296 37.46 -38.42 -30.58
N GLY M 297 36.16 -38.73 -30.64
CA GLY M 297 35.60 -39.99 -31.20
C GLY M 297 35.78 -41.30 -30.45
N GLY M 298 36.31 -41.21 -29.24
CA GLY M 298 36.80 -42.37 -28.51
C GLY M 298 38.18 -42.86 -28.96
N VAL M 299 39.02 -42.02 -29.58
CA VAL M 299 40.31 -42.45 -30.15
C VAL M 299 41.51 -42.29 -29.21
N ASP M 300 42.70 -42.72 -29.68
CA ASP M 300 44.07 -42.52 -29.10
C ASP M 300 44.36 -43.13 -27.74
N MET N 2 29.63 -21.12 26.58
CA MET N 2 30.80 -21.48 25.71
C MET N 2 31.36 -20.28 24.92
N VAL N 3 32.53 -20.44 24.28
CA VAL N 3 33.23 -19.36 23.53
C VAL N 3 33.78 -19.92 22.22
N THR N 4 33.85 -19.09 21.19
CA THR N 4 34.42 -19.52 19.91
C THR N 4 35.77 -18.86 19.69
N ALA N 5 36.59 -19.45 18.85
CA ALA N 5 37.89 -18.84 18.58
C ALA N 5 37.64 -17.66 17.62
N ALA N 6 36.42 -17.61 17.12
CA ALA N 6 35.96 -16.43 16.42
C ALA N 6 36.24 -15.15 17.26
N THR N 7 35.87 -15.22 18.54
CA THR N 7 36.07 -14.12 19.48
C THR N 7 37.57 -13.80 19.56
N SER N 8 38.30 -14.66 20.27
CA SER N 8 39.75 -14.77 20.17
C SER N 8 40.33 -14.00 18.96
N LEU N 9 39.98 -14.43 17.76
CA LEU N 9 40.58 -13.91 16.54
C LEU N 9 40.07 -12.54 16.16
N ARG N 10 38.78 -12.36 16.40
CA ARG N 10 38.12 -11.11 16.13
C ARG N 10 38.79 -10.05 17.01
N ARG N 11 38.92 -10.33 18.30
CA ARG N 11 39.48 -9.29 19.15
C ARG N 11 40.92 -8.95 18.70
N ALA N 12 41.59 -9.95 18.10
CA ALA N 12 43.03 -9.82 17.80
C ALA N 12 43.28 -8.90 16.60
N LEU N 13 42.62 -9.22 15.48
CA LEU N 13 42.54 -8.36 14.28
C LEU N 13 42.38 -6.86 14.57
N GLU N 14 41.55 -6.52 15.55
CA GLU N 14 41.37 -5.11 15.93
C GLU N 14 42.64 -4.42 16.51
N ASN N 15 43.67 -5.21 16.84
CA ASN N 15 44.90 -4.62 17.32
C ASN N 15 45.89 -4.53 16.16
N PRO N 16 46.20 -3.29 15.70
CA PRO N 16 47.00 -3.09 14.49
C PRO N 16 48.30 -3.86 14.51
N ASP N 17 48.83 -4.07 15.72
CA ASP N 17 50.11 -4.74 15.95
C ASP N 17 50.10 -6.26 15.64
N SER N 18 48.97 -6.91 15.91
CA SER N 18 48.72 -8.36 15.59
C SER N 18 48.82 -8.73 14.10
N PHE N 19 49.08 -10.02 13.82
CA PHE N 19 49.33 -10.58 12.46
C PHE N 19 49.24 -12.09 12.49
N ILE N 20 48.49 -12.68 11.57
CA ILE N 20 48.04 -14.10 11.62
C ILE N 20 48.72 -15.05 10.58
N VAL N 21 49.47 -16.02 11.12
CA VAL N 21 50.08 -17.07 10.33
C VAL N 21 49.23 -18.33 10.32
N ALA N 22 48.79 -18.78 9.14
CA ALA N 22 47.86 -19.89 9.11
C ALA N 22 48.02 -20.91 7.99
N PRO N 23 48.82 -21.98 8.23
CA PRO N 23 49.16 -22.96 7.20
C PRO N 23 47.95 -23.65 6.63
N GLY N 24 47.95 -23.84 5.32
CA GLY N 24 46.92 -24.61 4.66
C GLY N 24 46.88 -26.06 5.12
N VAL N 25 45.66 -26.48 5.49
CA VAL N 25 45.36 -27.76 6.08
C VAL N 25 44.01 -28.28 5.55
N TYR N 26 43.71 -29.57 5.67
CA TYR N 26 42.76 -30.26 4.79
C TYR N 26 42.01 -31.52 5.24
N ASP N 27 42.31 -31.97 6.43
CA ASP N 27 41.87 -33.14 7.11
C ASP N 27 42.40 -33.18 8.50
N GLY N 28 42.12 -34.37 9.16
CA GLY N 28 42.36 -34.53 10.56
C GLY N 28 43.80 -34.51 10.93
N LEU N 29 44.52 -35.21 10.12
CA LEU N 29 45.98 -35.31 10.17
C LEU N 29 46.72 -34.08 9.77
N SER N 30 46.42 -33.55 8.61
CA SER N 30 47.07 -32.34 8.26
C SER N 30 46.79 -31.32 9.36
N ALA N 31 45.77 -31.52 10.18
CA ALA N 31 45.52 -30.58 11.30
C ALA N 31 46.27 -30.86 12.61
N ARG N 32 46.55 -32.13 12.89
CA ARG N 32 47.27 -32.50 14.13
C ARG N 32 48.78 -32.26 14.01
N VAL N 33 49.30 -32.61 12.84
CA VAL N 33 50.69 -32.39 12.49
C VAL N 33 51.05 -30.86 12.48
N ALA N 34 50.16 -30.00 11.99
CA ALA N 34 50.41 -28.55 12.04
C ALA N 34 50.18 -28.02 13.44
N LEU N 35 49.27 -28.67 14.16
CA LEU N 35 49.01 -28.30 15.56
C LEU N 35 50.20 -28.74 16.38
N SER N 36 50.76 -29.93 16.11
CA SER N 36 51.97 -30.40 16.80
C SER N 36 53.19 -29.62 16.50
N ALA N 37 53.06 -28.61 15.66
CA ALA N 37 54.22 -27.95 15.13
C ALA N 37 54.34 -26.51 15.55
N GLY N 38 53.56 -26.10 16.54
CA GLY N 38 53.62 -24.74 17.11
C GLY N 38 52.67 -23.67 16.56
N PHE N 39 51.84 -24.05 15.57
CA PHE N 39 51.10 -23.09 14.78
C PHE N 39 49.89 -22.47 15.48
N ASP N 40 49.66 -21.17 15.28
CA ASP N 40 48.62 -20.43 16.06
C ASP N 40 47.25 -20.28 15.39
N ALA N 41 47.22 -20.42 14.07
CA ALA N 41 46.05 -20.30 13.22
C ALA N 41 46.19 -21.39 12.16
N LEU N 42 45.04 -21.81 11.59
CA LEU N 42 45.00 -22.84 10.54
C LEU N 42 44.12 -22.41 9.37
N TYR N 43 44.41 -22.87 8.14
CA TYR N 43 43.59 -22.55 6.99
C TYR N 43 42.99 -23.83 6.50
N MET N 44 41.67 -23.85 6.30
CA MET N 44 41.05 -24.98 5.63
C MET N 44 40.91 -24.67 4.15
N THR N 45 41.60 -25.43 3.28
CA THR N 45 41.53 -25.21 1.78
C THR N 45 40.42 -26.00 1.12
N GLY N 46 39.69 -25.30 0.24
CA GLY N 46 38.60 -25.92 -0.54
C GLY N 46 39.21 -26.96 -1.45
N ALA N 47 40.35 -26.65 -2.04
CA ALA N 47 40.95 -27.63 -2.93
C ALA N 47 41.25 -28.93 -2.16
N GLY N 48 42.04 -28.78 -1.12
CA GLY N 48 42.45 -29.92 -0.33
C GLY N 48 41.26 -30.72 0.16
N THR N 49 40.21 -30.05 0.63
CA THR N 49 39.01 -30.76 1.11
C THR N 49 38.46 -31.61 -0.03
N ALA N 50 38.30 -30.96 -1.19
CA ALA N 50 37.84 -31.60 -2.41
C ALA N 50 38.71 -32.83 -2.72
N ALA N 51 40.03 -32.67 -2.69
CA ALA N 51 40.94 -33.81 -2.84
C ALA N 51 40.76 -34.92 -1.77
N SER N 52 40.86 -34.53 -0.50
CA SER N 52 40.90 -35.51 0.58
C SER N 52 39.62 -36.30 0.61
N VAL N 53 38.49 -35.58 0.72
CA VAL N 53 37.12 -36.17 0.79
C VAL N 53 36.68 -36.80 -0.53
N HIS N 54 36.90 -36.11 -1.64
CA HIS N 54 36.31 -36.67 -2.87
C HIS N 54 37.24 -37.44 -3.80
N GLY N 55 38.52 -37.07 -3.80
CA GLY N 55 39.45 -37.61 -4.76
C GLY N 55 39.36 -36.80 -6.06
N GLN N 56 38.84 -35.58 -5.91
CA GLN N 56 38.51 -34.81 -7.07
C GLN N 56 39.26 -33.50 -7.08
N ALA N 57 39.43 -32.94 -8.27
CA ALA N 57 40.12 -31.68 -8.40
C ALA N 57 39.16 -30.59 -7.88
N ASP N 58 39.62 -29.36 -7.74
CA ASP N 58 38.84 -28.26 -7.16
C ASP N 58 37.74 -27.71 -8.10
N LEU N 59 36.58 -28.35 -8.14
CA LEU N 59 35.62 -27.99 -9.18
C LEU N 59 34.17 -27.62 -8.75
N GLY N 60 33.91 -27.12 -7.52
CA GLY N 60 32.50 -26.96 -7.08
C GLY N 60 31.79 -28.32 -6.98
N ILE N 61 32.46 -29.22 -6.26
CA ILE N 61 32.07 -30.59 -6.06
C ILE N 61 31.84 -30.74 -4.55
N CYS N 62 32.12 -29.70 -3.76
CA CYS N 62 31.96 -29.84 -2.33
C CYS N 62 30.76 -29.08 -1.95
N THR N 63 29.86 -29.77 -1.27
CA THR N 63 28.59 -29.25 -0.90
C THR N 63 28.75 -28.50 0.43
N LEU N 64 27.72 -27.79 0.84
CA LEU N 64 27.80 -27.15 2.15
C LEU N 64 28.12 -28.21 3.20
N ASN N 65 27.36 -29.31 3.18
CA ASN N 65 27.53 -30.46 4.06
C ASN N 65 28.97 -30.95 4.27
N ASP N 66 29.72 -31.06 3.17
CA ASP N 66 31.10 -31.53 3.21
C ASP N 66 31.95 -30.49 3.85
N MET N 67 31.81 -29.28 3.33
CA MET N 67 32.70 -28.27 3.74
C MET N 67 32.52 -28.11 5.21
N ARG N 68 31.28 -27.88 5.64
CA ARG N 68 30.99 -27.60 7.05
C ARG N 68 31.46 -28.73 8.00
N ALA N 69 31.17 -29.97 7.67
CA ALA N 69 31.66 -31.09 8.43
C ALA N 69 33.17 -31.02 8.56
N ASN N 70 33.85 -30.74 7.46
CA ASN N 70 35.31 -30.69 7.49
C ASN N 70 35.77 -29.48 8.32
N ALA N 71 35.27 -28.28 8.03
CA ALA N 71 35.59 -27.14 8.87
C ALA N 71 35.38 -27.44 10.35
N GLU N 72 34.26 -28.04 10.72
CA GLU N 72 34.00 -28.28 12.16
C GLU N 72 35.03 -29.19 12.83
N MET N 73 35.34 -30.33 12.19
CA MET N 73 36.23 -31.23 12.84
C MET N 73 37.61 -30.58 12.95
N ILE N 74 37.93 -29.69 12.02
CA ILE N 74 39.21 -28.97 12.06
C ILE N 74 39.22 -27.92 13.20
N SER N 75 38.26 -27.00 13.23
CA SER N 75 38.14 -26.02 14.33
C SER N 75 38.16 -26.62 15.75
N ASN N 76 37.71 -27.87 15.89
CA ASN N 76 37.57 -28.47 17.22
C ASN N 76 38.65 -29.50 17.61
N ILE N 77 39.76 -29.53 16.90
CA ILE N 77 40.83 -30.36 17.37
C ILE N 77 41.50 -29.65 18.54
N SER N 78 41.54 -28.32 18.45
CA SER N 78 41.92 -27.49 19.57
C SER N 78 41.19 -26.16 19.38
N PRO N 79 40.10 -25.97 20.18
CA PRO N 79 39.03 -25.02 19.91
C PRO N 79 39.47 -23.60 20.18
N SER N 80 40.69 -23.47 20.70
CA SER N 80 41.29 -22.19 21.05
C SER N 80 42.02 -21.67 19.85
N THR N 81 42.52 -22.56 18.99
CA THR N 81 43.22 -22.14 17.77
C THR N 81 42.19 -21.64 16.77
N PRO N 82 42.31 -20.36 16.30
CA PRO N 82 41.38 -19.87 15.27
C PRO N 82 41.59 -20.65 14.00
N VAL N 83 40.50 -20.95 13.28
CA VAL N 83 40.59 -21.68 12.01
C VAL N 83 39.88 -20.97 10.87
N ILE N 84 40.62 -20.55 9.87
CA ILE N 84 40.03 -19.84 8.72
C ILE N 84 39.63 -20.78 7.58
N ALA N 85 38.35 -20.81 7.27
CA ALA N 85 37.82 -21.79 6.35
C ALA N 85 37.43 -21.20 5.00
N ASP N 86 37.61 -22.01 3.96
CA ASP N 86 37.19 -21.56 2.67
C ASP N 86 35.72 -21.91 2.60
N ALA N 87 34.87 -20.93 2.30
CA ALA N 87 33.47 -21.24 1.99
C ALA N 87 33.06 -20.97 0.52
N ASP N 88 34.01 -20.85 -0.43
CA ASP N 88 33.64 -20.75 -1.87
C ASP N 88 32.66 -19.61 -2.10
N THR N 89 31.55 -19.83 -2.80
CA THR N 89 30.64 -18.72 -3.15
C THR N 89 29.49 -18.55 -2.16
N GLY N 90 29.34 -19.49 -1.22
CA GLY N 90 28.31 -19.39 -0.23
C GLY N 90 27.34 -20.55 -0.36
N TYR N 91 27.24 -21.10 -1.55
CA TYR N 91 26.56 -22.38 -1.72
C TYR N 91 25.15 -22.22 -2.22
N GLY N 92 24.86 -20.98 -2.63
CA GLY N 92 23.51 -20.61 -3.13
C GLY N 92 23.52 -19.10 -3.00
N GLY N 93 22.38 -18.46 -3.22
CA GLY N 93 22.17 -17.04 -2.87
C GLY N 93 22.01 -16.81 -1.37
N PRO N 94 21.41 -15.67 -0.94
CA PRO N 94 21.46 -15.25 0.51
C PRO N 94 20.97 -16.27 1.55
N ILE N 95 19.80 -16.90 1.28
CA ILE N 95 19.22 -17.92 2.16
C ILE N 95 20.36 -18.85 2.55
N MET N 96 21.19 -19.15 1.55
CA MET N 96 22.17 -20.20 1.65
C MET N 96 23.50 -19.73 2.22
N VAL N 97 23.87 -18.48 1.95
CA VAL N 97 25.05 -17.87 2.56
C VAL N 97 24.88 -17.82 4.09
N ALA N 98 23.68 -17.42 4.52
CA ALA N 98 23.32 -17.41 5.92
C ALA N 98 23.35 -18.80 6.60
N ARG N 99 22.71 -19.85 6.03
CA ARG N 99 22.88 -21.15 6.67
C ARG N 99 24.37 -21.54 6.68
N THR N 100 25.12 -21.10 5.66
CA THR N 100 26.58 -21.27 5.69
C THR N 100 27.26 -20.48 6.85
N THR N 101 26.83 -19.22 7.04
CA THR N 101 27.31 -18.40 8.14
C THR N 101 26.92 -19.08 9.44
N GLU N 102 25.63 -19.36 9.60
CA GLU N 102 25.09 -19.97 10.82
C GLU N 102 25.86 -21.22 11.24
N GLN N 103 26.04 -22.16 10.31
CA GLN N 103 26.63 -23.50 10.55
C GLN N 103 28.13 -23.49 10.86
N TYR N 104 28.87 -22.75 10.04
CA TYR N 104 30.22 -22.43 10.35
C TYR N 104 30.31 -21.90 11.82
N SER N 105 29.53 -20.87 12.18
CA SER N 105 29.61 -20.37 13.54
C SER N 105 29.45 -21.47 14.56
N ARG N 106 28.28 -22.09 14.59
CA ARG N 106 27.99 -23.11 15.57
C ARG N 106 29.10 -24.16 15.65
N SER N 107 29.68 -24.51 14.48
CA SER N 107 30.80 -25.48 14.36
C SER N 107 32.07 -25.00 15.07
N GLY N 108 32.19 -23.67 15.16
CA GLY N 108 33.21 -22.97 15.94
C GLY N 108 34.26 -22.33 15.04
N VAL N 109 34.00 -22.31 13.74
CA VAL N 109 34.91 -21.75 12.71
C VAL N 109 35.15 -20.31 13.00
N ALA N 110 36.44 -19.94 12.93
CA ALA N 110 36.88 -18.66 13.42
C ALA N 110 36.72 -17.59 12.31
N ALA N 111 36.95 -18.00 11.06
CA ALA N 111 36.71 -17.14 9.87
C ALA N 111 36.41 -17.99 8.62
N PHE N 112 35.71 -17.41 7.64
CA PHE N 112 35.69 -17.98 6.28
C PHE N 112 35.75 -16.92 5.17
N HIS N 113 36.03 -17.32 3.93
CA HIS N 113 36.02 -16.37 2.83
C HIS N 113 35.00 -16.67 1.74
N ILE N 114 34.52 -15.60 1.12
CA ILE N 114 33.50 -15.71 0.09
C ILE N 114 33.93 -14.97 -1.17
N GLU N 115 33.67 -15.56 -2.34
CA GLU N 115 34.21 -15.02 -3.59
C GLU N 115 33.13 -14.51 -4.55
N ASP N 116 33.58 -14.01 -5.70
CA ASP N 116 32.65 -13.38 -6.67
C ASP N 116 32.47 -14.21 -7.91
N GLN N 117 32.85 -15.48 -7.79
CA GLN N 117 32.66 -16.41 -8.87
C GLN N 117 31.19 -16.78 -8.91
N VAL N 118 30.73 -17.13 -10.10
CA VAL N 118 29.52 -17.91 -10.22
C VAL N 118 29.72 -19.30 -9.55
N GLN N 119 28.62 -19.86 -9.08
CA GLN N 119 28.61 -21.22 -8.62
C GLN N 119 28.29 -22.11 -9.90
N THR N 120 29.36 -22.59 -10.50
CA THR N 120 29.30 -23.45 -11.67
C THR N 120 30.70 -23.93 -12.09
N LYS N 129 37.47 -18.29 -15.48
CA LYS N 129 36.63 -17.69 -14.43
C LYS N 129 35.54 -16.80 -15.03
N ILE N 130 34.28 -17.17 -14.80
CA ILE N 130 33.17 -16.24 -14.95
C ILE N 130 32.87 -15.77 -13.54
N LEU N 131 32.56 -14.49 -13.41
CA LEU N 131 32.26 -13.98 -12.11
C LEU N 131 30.81 -13.48 -12.08
N VAL N 132 30.33 -13.20 -10.88
CA VAL N 132 29.01 -12.63 -10.79
C VAL N 132 29.23 -11.10 -10.75
N ASP N 133 28.21 -10.29 -11.03
CA ASP N 133 28.41 -8.82 -11.02
C ASP N 133 28.54 -8.35 -9.59
N THR N 134 29.00 -7.10 -9.43
CA THR N 134 29.26 -6.51 -8.11
C THR N 134 28.06 -6.63 -7.19
N ASP N 135 26.92 -6.08 -7.62
CA ASP N 135 25.66 -6.17 -6.90
C ASP N 135 25.35 -7.49 -6.27
N THR N 136 25.40 -8.54 -7.08
CA THR N 136 25.19 -9.90 -6.61
C THR N 136 26.22 -10.25 -5.55
N TYR N 137 27.48 -9.87 -5.76
CA TYR N 137 28.54 -10.17 -4.82
C TYR N 137 28.36 -9.35 -3.52
N VAL N 138 28.21 -8.05 -3.63
CA VAL N 138 27.89 -7.27 -2.46
C VAL N 138 26.74 -7.96 -1.71
N THR N 139 25.92 -8.73 -2.42
CA THR N 139 24.71 -9.33 -1.82
C THR N 139 25.05 -10.53 -0.98
N ARG N 140 25.99 -11.33 -1.50
CA ARG N 140 26.59 -12.42 -0.74
C ARG N 140 27.24 -11.85 0.50
N ILE N 141 27.89 -10.70 0.38
CA ILE N 141 28.54 -10.18 1.57
C ILE N 141 27.54 -9.78 2.64
N ARG N 142 26.65 -8.85 2.28
CA ARG N 142 25.63 -8.38 3.20
C ARG N 142 24.87 -9.52 3.84
N ALA N 143 24.75 -10.65 3.14
CA ALA N 143 23.98 -11.75 3.68
C ALA N 143 24.68 -12.37 4.86
N ALA N 144 26.00 -12.50 4.77
CA ALA N 144 26.75 -13.22 5.77
C ALA N 144 26.93 -12.40 7.05
N VAL N 145 27.06 -11.09 6.91
CA VAL N 145 27.21 -10.24 8.08
C VAL N 145 25.86 -10.05 8.83
N GLN N 146 24.78 -9.85 8.07
CA GLN N 146 23.45 -9.90 8.66
C GLN N 146 23.17 -11.26 9.33
N ALA N 147 23.51 -12.37 8.67
CA ALA N 147 23.29 -13.71 9.21
C ALA N 147 24.05 -13.92 10.51
N ARG N 148 25.19 -13.26 10.60
CA ARG N 148 26.05 -13.30 11.75
C ARG N 148 25.41 -12.57 12.91
N GLN N 149 25.04 -11.31 12.68
CA GLN N 149 24.47 -10.50 13.71
C GLN N 149 23.18 -11.09 14.18
N ARG N 150 22.30 -11.48 13.27
CA ARG N 150 21.07 -12.18 13.69
C ARG N 150 21.28 -13.31 14.78
N ILE N 151 22.45 -13.94 14.81
CA ILE N 151 22.80 -14.84 15.94
C ILE N 151 23.95 -14.36 16.92
N GLY N 152 24.61 -13.27 16.58
CA GLY N 152 25.61 -12.70 17.48
C GLY N 152 26.83 -13.57 17.44
N SER N 153 27.14 -14.05 16.25
CA SER N 153 28.38 -14.74 16.08
C SER N 153 29.48 -13.74 15.82
N ASP N 154 30.65 -14.01 16.42
CA ASP N 154 31.88 -13.25 16.16
C ASP N 154 32.64 -13.63 14.90
N ILE N 155 32.15 -14.65 14.17
CA ILE N 155 32.78 -15.16 12.91
C ILE N 155 33.28 -14.02 12.01
N VAL N 156 34.52 -14.17 11.55
CA VAL N 156 35.21 -13.16 10.72
C VAL N 156 34.96 -13.38 9.21
N VAL N 157 34.41 -12.34 8.59
CA VAL N 157 33.93 -12.37 7.24
C VAL N 157 34.95 -11.72 6.31
N ILE N 158 35.63 -12.58 5.57
CA ILE N 158 36.68 -12.23 4.63
C ILE N 158 36.17 -12.09 3.18
N ALA N 159 35.94 -10.88 2.68
CA ALA N 159 35.47 -10.75 1.30
C ALA N 159 36.62 -10.94 0.29
N ARG N 160 36.54 -11.98 -0.57
CA ARG N 160 37.62 -12.33 -1.57
C ARG N 160 37.22 -12.05 -2.99
N THR N 161 38.01 -11.27 -3.73
CA THR N 161 37.75 -11.09 -5.19
C THR N 161 38.67 -11.90 -6.11
N ASP N 162 38.07 -12.44 -7.19
CA ASP N 162 38.82 -13.27 -8.08
C ASP N 162 39.00 -12.58 -9.38
N SER N 163 38.72 -11.29 -9.35
CA SER N 163 38.44 -10.54 -10.55
C SER N 163 39.66 -10.08 -11.31
N LEU N 164 40.82 -10.12 -10.67
CA LEU N 164 42.02 -9.49 -11.17
C LEU N 164 42.37 -9.76 -12.64
N GLN N 165 42.52 -11.01 -13.01
CA GLN N 165 43.16 -11.26 -14.30
C GLN N 165 42.24 -10.96 -15.48
N THR N 166 40.95 -11.12 -15.26
CA THR N 166 39.93 -11.02 -16.31
C THR N 166 39.05 -9.79 -16.09
N HIS N 167 39.47 -8.89 -15.20
CA HIS N 167 38.76 -7.62 -15.04
C HIS N 167 39.70 -6.48 -14.68
N GLY N 168 40.86 -6.77 -14.09
CA GLY N 168 41.90 -5.74 -13.94
C GLY N 168 41.97 -5.09 -12.57
N TYR N 169 43.17 -4.60 -12.21
CA TYR N 169 43.44 -4.06 -10.86
C TYR N 169 42.36 -3.12 -10.27
N GLU N 170 41.92 -2.12 -11.04
CA GLU N 170 41.00 -1.11 -10.53
C GLU N 170 39.63 -1.68 -10.21
N GLU N 171 39.19 -2.66 -10.98
CA GLU N 171 37.90 -3.30 -10.71
C GLU N 171 37.92 -4.07 -9.38
N SER N 172 38.98 -4.85 -9.21
CA SER N 172 39.16 -5.73 -8.06
C SER N 172 38.98 -4.89 -6.84
N VAL N 173 39.65 -3.75 -6.86
CA VAL N 173 39.66 -2.85 -5.74
C VAL N 173 38.23 -2.46 -5.39
N ALA N 174 37.51 -1.90 -6.36
CA ALA N 174 36.10 -1.48 -6.21
C ALA N 174 35.29 -2.59 -5.61
N ARG N 175 35.43 -3.77 -6.22
CA ARG N 175 34.75 -4.96 -5.75
C ARG N 175 35.08 -5.13 -4.30
N LEU N 176 36.34 -4.89 -3.97
CA LEU N 176 36.75 -4.94 -2.57
C LEU N 176 36.19 -3.77 -1.74
N ARG N 177 35.96 -2.61 -2.34
CA ARG N 177 35.39 -1.51 -1.56
C ARG N 177 33.93 -1.74 -1.28
N ALA N 178 33.23 -2.29 -2.28
CA ALA N 178 31.79 -2.60 -2.15
C ALA N 178 31.66 -3.56 -1.01
N ALA N 179 32.55 -4.54 -1.05
CA ALA N 179 32.66 -5.52 0.00
C ALA N 179 32.83 -4.80 1.33
N ARG N 180 33.90 -4.03 1.47
CA ARG N 180 34.22 -3.34 2.73
C ARG N 180 33.00 -2.57 3.22
N ASP N 181 32.36 -1.85 2.29
CA ASP N 181 31.23 -0.96 2.55
C ASP N 181 29.97 -1.76 2.86
N ALA N 182 30.04 -3.08 2.73
CA ALA N 182 28.93 -3.95 3.13
C ALA N 182 29.26 -4.65 4.43
N GLY N 183 30.24 -4.13 5.13
CA GLY N 183 30.62 -4.66 6.42
C GLY N 183 31.46 -5.94 6.41
N ALA N 184 32.39 -6.09 5.45
CA ALA N 184 33.33 -7.21 5.49
C ALA N 184 34.49 -6.84 6.37
N ASP N 185 34.95 -7.83 7.11
CA ASP N 185 36.03 -7.67 8.05
C ASP N 185 37.39 -7.57 7.41
N VAL N 186 37.67 -8.45 6.43
CA VAL N 186 39.01 -8.61 5.81
C VAL N 186 38.98 -8.58 4.30
N GLY N 187 39.98 -7.95 3.67
CA GLY N 187 40.04 -7.90 2.20
C GLY N 187 40.86 -9.06 1.66
N PHE N 188 40.52 -9.57 0.46
CA PHE N 188 41.29 -10.68 -0.13
C PHE N 188 41.34 -10.51 -1.67
N LEU N 189 42.49 -9.99 -2.15
CA LEU N 189 42.79 -9.88 -3.58
C LEU N 189 43.50 -11.15 -4.06
N GLU N 190 42.76 -12.06 -4.70
CA GLU N 190 43.32 -13.36 -5.10
C GLU N 190 44.26 -13.30 -6.30
N GLY N 191 45.45 -13.86 -6.11
CA GLY N 191 46.44 -13.95 -7.14
C GLY N 191 47.12 -12.65 -7.48
N ILE N 192 47.51 -11.88 -6.46
CA ILE N 192 48.32 -10.63 -6.61
C ILE N 192 49.53 -10.82 -7.57
N THR N 193 49.73 -9.91 -8.51
CA THR N 193 50.76 -10.14 -9.53
C THR N 193 52.15 -9.61 -9.21
N SER N 194 52.26 -8.66 -8.27
CA SER N 194 53.60 -8.17 -7.88
C SER N 194 53.67 -7.61 -6.47
N ARG N 195 54.91 -7.41 -6.02
CA ARG N 195 55.19 -6.68 -4.80
C ARG N 195 54.72 -5.26 -4.92
N GLU N 196 54.77 -4.71 -6.12
CA GLU N 196 54.19 -3.43 -6.37
C GLU N 196 52.66 -3.37 -6.11
N MET N 197 51.93 -4.29 -6.75
CA MET N 197 50.49 -4.40 -6.57
C MET N 197 50.14 -4.62 -5.09
N ALA N 198 50.88 -5.51 -4.42
CA ALA N 198 50.74 -5.77 -2.96
C ALA N 198 50.78 -4.49 -2.08
N ARG N 199 51.82 -3.68 -2.21
CA ARG N 199 51.87 -2.42 -1.45
C ARG N 199 50.72 -1.49 -1.91
N GLN N 200 50.36 -1.56 -3.21
CA GLN N 200 49.30 -0.69 -3.78
C GLN N 200 47.99 -1.00 -3.16
N VAL N 201 47.71 -2.29 -2.98
CA VAL N 201 46.42 -2.70 -2.49
C VAL N 201 46.23 -2.26 -1.04
N ILE N 202 47.24 -2.53 -0.23
CA ILE N 202 47.21 -2.21 1.19
C ILE N 202 46.97 -0.71 1.35
N GLN N 203 47.57 0.07 0.46
CA GLN N 203 47.53 1.55 0.48
C GLN N 203 46.22 2.12 -0.10
N ASP N 204 45.58 1.38 -0.98
CA ASP N 204 44.37 1.88 -1.58
C ASP N 204 43.23 1.43 -0.74
N LEU N 205 43.54 0.54 0.21
CA LEU N 205 42.56 -0.01 1.14
C LEU N 205 43.14 0.08 2.53
N ALA N 206 44.07 1.03 2.67
CA ALA N 206 44.74 1.28 3.94
C ALA N 206 43.72 1.37 5.05
N GLY N 207 44.07 0.77 6.19
CA GLY N 207 43.23 0.88 7.36
C GLY N 207 42.35 -0.33 7.53
N TRP N 208 41.98 -0.98 6.43
CA TRP N 208 41.22 -2.21 6.51
C TRP N 208 42.15 -3.45 6.43
N PRO N 209 42.05 -4.45 7.33
CA PRO N 209 42.95 -5.60 7.25
C PRO N 209 42.84 -6.44 5.95
N LEU N 210 43.96 -7.00 5.49
CA LEU N 210 43.99 -7.90 4.36
C LEU N 210 44.81 -9.12 4.55
N LEU N 211 44.67 -9.98 3.58
CA LEU N 211 44.99 -11.36 3.72
C LEU N 211 45.76 -11.69 2.49
N LEU N 212 46.92 -12.28 2.64
CA LEU N 212 47.65 -12.77 1.47
C LEU N 212 47.59 -14.30 1.31
N ASN N 213 47.11 -14.71 0.14
CA ASN N 213 47.20 -16.09 -0.26
C ASN N 213 48.59 -16.43 -0.85
N MET N 214 49.34 -17.27 -0.16
CA MET N 214 50.72 -17.61 -0.59
C MET N 214 50.85 -19.08 -1.01
N VAL N 215 50.38 -19.33 -2.23
CA VAL N 215 50.65 -20.56 -2.95
C VAL N 215 51.86 -20.31 -3.86
N GLU N 216 52.93 -21.08 -3.63
CA GLU N 216 54.18 -20.80 -4.30
C GLU N 216 53.99 -21.25 -5.74
N HIS N 217 54.74 -20.60 -6.65
CA HIS N 217 54.87 -20.96 -8.09
C HIS N 217 53.56 -20.74 -8.83
N GLY N 218 53.16 -19.48 -8.94
CA GLY N 218 51.95 -19.06 -9.66
C GLY N 218 52.05 -17.53 -9.78
N ALA N 219 50.92 -16.90 -10.14
CA ALA N 219 50.86 -15.44 -10.31
C ALA N 219 51.52 -14.66 -9.14
N THR N 220 51.69 -15.30 -7.98
CA THR N 220 52.18 -14.59 -6.81
C THR N 220 53.65 -14.91 -6.59
N PRO N 221 54.51 -13.86 -6.57
CA PRO N 221 55.92 -14.01 -6.25
C PRO N 221 56.00 -14.41 -4.79
N SER N 222 57.06 -15.10 -4.40
CA SER N 222 57.19 -15.71 -3.06
C SER N 222 57.41 -14.68 -1.93
N ILE N 223 56.37 -14.41 -1.15
CA ILE N 223 56.54 -13.52 -0.01
C ILE N 223 56.50 -14.29 1.32
N SER N 224 57.58 -14.11 2.11
CA SER N 224 57.75 -14.69 3.44
C SER N 224 56.74 -14.10 4.37
N ALA N 225 56.50 -14.75 5.50
CA ALA N 225 55.60 -14.20 6.52
C ALA N 225 56.05 -12.82 6.97
N ALA N 226 57.28 -12.75 7.49
CA ALA N 226 57.79 -11.52 8.10
C ALA N 226 57.75 -10.33 7.13
N GLU N 227 57.71 -10.64 5.85
CA GLU N 227 57.64 -9.57 4.87
C GLU N 227 56.23 -9.04 4.76
N ALA N 228 55.28 -9.95 4.78
CA ALA N 228 53.88 -9.56 4.64
C ALA N 228 53.48 -8.64 5.79
N LYS N 229 53.97 -8.99 6.99
CA LYS N 229 53.72 -8.24 8.25
C LYS N 229 54.02 -6.80 8.01
N GLU N 230 55.29 -6.49 7.69
CA GLU N 230 55.69 -5.07 7.64
C GLU N 230 55.27 -4.38 6.31
N MET N 231 54.88 -5.21 5.34
CA MET N 231 54.21 -4.66 4.20
C MET N 231 52.92 -3.95 4.66
N GLY N 232 52.15 -4.63 5.49
CA GLY N 232 50.88 -4.08 5.92
C GLY N 232 49.73 -5.06 5.82
N PHE N 233 49.99 -6.24 5.27
CA PHE N 233 49.02 -7.32 5.36
C PHE N 233 48.85 -7.71 6.82
N ARG N 234 47.77 -8.44 7.06
CA ARG N 234 47.31 -8.79 8.43
C ARG N 234 47.12 -10.30 8.64
N ILE N 235 46.87 -11.03 7.55
CA ILE N 235 46.97 -12.49 7.54
C ILE N 235 47.73 -13.00 6.31
N ILE N 236 48.45 -14.13 6.49
CA ILE N 236 49.04 -14.89 5.38
C ILE N 236 48.55 -16.34 5.40
N ILE N 237 48.15 -16.91 4.26
CA ILE N 237 47.84 -18.31 4.25
C ILE N 237 48.74 -19.13 3.33
N PHE N 238 48.98 -20.38 3.72
CA PHE N 238 49.79 -21.28 2.93
C PHE N 238 48.98 -22.49 2.44
N PRO N 239 47.93 -22.25 1.64
CA PRO N 239 46.96 -23.32 1.44
C PRO N 239 47.61 -24.70 1.18
N PHE N 240 48.78 -24.71 0.56
CA PHE N 240 49.32 -25.92 -0.01
C PHE N 240 50.39 -26.52 0.91
N ALA N 241 50.69 -25.79 1.98
CA ALA N 241 51.51 -26.26 3.11
C ALA N 241 51.64 -27.75 3.27
N ALA N 242 50.51 -28.45 3.25
CA ALA N 242 50.42 -29.81 3.69
C ALA N 242 50.26 -30.81 2.50
N LEU N 243 49.47 -30.44 1.49
CA LEU N 243 49.17 -31.35 0.33
C LEU N 243 50.42 -31.63 -0.51
N GLY N 244 51.17 -30.55 -0.71
CA GLY N 244 52.43 -30.58 -1.42
C GLY N 244 53.20 -31.79 -0.93
N PRO N 245 53.73 -31.70 0.30
CA PRO N 245 54.52 -32.80 0.84
C PRO N 245 53.75 -34.14 0.93
N ALA N 246 52.50 -34.13 1.39
CA ALA N 246 51.76 -35.35 1.57
C ALA N 246 51.68 -36.15 0.30
N VAL N 247 51.51 -35.48 -0.80
CA VAL N 247 51.36 -36.15 -2.05
C VAL N 247 52.73 -36.63 -2.55
N ALA N 248 53.77 -35.84 -2.35
CA ALA N 248 55.09 -36.22 -2.82
C ALA N 248 55.48 -37.47 -2.10
N ALA N 249 55.19 -37.50 -0.80
CA ALA N 249 55.69 -38.59 0.07
C ALA N 249 54.91 -39.86 -0.18
N MET N 250 53.61 -39.71 -0.41
CA MET N 250 52.76 -40.86 -0.73
C MET N 250 53.10 -41.38 -2.10
N ARG N 251 53.50 -40.47 -2.99
CA ARG N 251 53.90 -40.89 -4.31
C ARG N 251 55.10 -41.79 -4.23
N GLU N 252 56.23 -41.32 -3.65
CA GLU N 252 57.43 -42.16 -3.55
C GLU N 252 57.22 -43.39 -2.67
N ALA N 253 56.51 -43.19 -1.55
CA ALA N 253 56.16 -44.25 -0.63
C ALA N 253 55.52 -45.42 -1.34
N MET N 254 54.55 -45.12 -2.23
CA MET N 254 53.76 -46.14 -2.89
C MET N 254 54.47 -46.82 -4.05
N GLU N 255 55.36 -46.08 -4.73
CA GLU N 255 56.20 -46.63 -5.77
C GLU N 255 57.18 -47.60 -5.11
N LYS N 256 57.71 -47.16 -3.96
CA LYS N 256 58.58 -48.00 -3.16
C LYS N 256 57.88 -49.30 -2.85
N LEU N 257 56.63 -49.22 -2.37
CA LEU N 257 55.90 -50.42 -2.02
C LEU N 257 55.75 -51.35 -3.20
N LYS N 258 55.18 -50.85 -4.29
CA LYS N 258 55.08 -51.56 -5.58
C LYS N 258 56.38 -52.26 -5.92
N ARG N 259 57.49 -51.54 -5.80
CA ARG N 259 58.76 -52.14 -6.10
C ARG N 259 59.19 -53.17 -5.04
N ASP N 260 59.09 -52.79 -3.77
CA ASP N 260 59.70 -53.54 -2.66
C ASP N 260 58.82 -54.63 -2.08
N GLY N 261 57.52 -54.50 -2.21
CA GLY N 261 56.68 -55.59 -1.72
C GLY N 261 56.45 -55.51 -0.22
N ILE N 262 56.91 -54.42 0.40
CA ILE N 262 56.79 -54.15 1.85
C ILE N 262 57.12 -52.66 2.04
N PRO N 263 56.37 -51.98 2.89
CA PRO N 263 56.48 -50.53 2.90
C PRO N 263 57.83 -50.01 3.41
N GLY N 264 58.43 -50.70 4.36
CA GLY N 264 59.71 -50.27 4.95
C GLY N 264 59.54 -48.95 5.66
N LEU N 265 58.44 -48.87 6.41
CA LEU N 265 58.13 -47.75 7.25
C LEU N 265 59.19 -47.58 8.36
N ASP N 266 59.45 -46.31 8.68
CA ASP N 266 60.46 -45.98 9.65
C ASP N 266 60.08 -46.44 11.09
N LYS N 267 61.02 -47.06 11.79
CA LYS N 267 60.65 -47.83 13.02
C LYS N 267 59.99 -46.99 14.14
N GLU N 268 60.17 -45.68 14.08
CA GLU N 268 59.53 -44.77 15.02
C GLU N 268 57.98 -44.73 14.77
N MET N 269 57.56 -45.05 13.53
CA MET N 269 56.15 -45.08 13.00
C MET N 269 55.40 -46.37 13.35
N THR N 270 55.48 -46.69 14.62
CA THR N 270 54.68 -47.70 15.24
C THR N 270 53.22 -47.21 15.31
N PRO N 271 52.23 -48.15 15.23
CA PRO N 271 50.78 -47.78 15.33
C PRO N 271 50.48 -46.87 16.55
N GLN N 272 51.06 -47.23 17.70
CA GLN N 272 50.98 -46.43 18.92
C GLN N 272 51.43 -45.00 18.62
N MET N 273 52.61 -44.83 18.07
CA MET N 273 53.05 -43.52 17.69
C MET N 273 52.10 -42.74 16.74
N LEU N 274 51.61 -43.37 15.68
CA LEU N 274 50.70 -42.66 14.78
C LEU N 274 49.36 -42.26 15.42
N PHE N 275 48.82 -43.15 16.28
CA PHE N 275 47.59 -42.77 16.99
C PHE N 275 47.82 -41.63 17.98
N ARG N 276 49.05 -41.54 18.50
CA ARG N 276 49.39 -40.51 19.48
C ARG N 276 49.48 -39.11 18.89
N VAL N 277 49.75 -39.05 17.59
CA VAL N 277 49.74 -37.83 16.79
C VAL N 277 48.31 -37.36 16.74
N CYS N 278 47.44 -38.34 16.91
CA CYS N 278 46.04 -38.15 16.74
C CYS N 278 45.31 -38.26 18.07
N GLY N 279 45.99 -37.91 19.16
CA GLY N 279 45.35 -37.79 20.46
C GLY N 279 45.04 -39.08 21.20
N LEU N 280 45.62 -40.21 20.79
CA LEU N 280 45.50 -41.44 21.56
C LEU N 280 45.38 -41.14 23.05
N ASP N 281 46.38 -40.41 23.58
CA ASP N 281 46.52 -40.07 25.00
C ASP N 281 45.36 -39.24 25.59
N GLU N 282 45.09 -38.04 25.04
CA GLU N 282 43.95 -37.14 25.46
C GLU N 282 42.63 -37.85 25.44
N SER N 283 42.48 -38.77 24.49
CA SER N 283 41.33 -39.62 24.38
C SER N 283 41.32 -40.65 25.49
N MET N 284 42.46 -41.31 25.76
CA MET N 284 42.53 -42.34 26.83
C MET N 284 42.30 -41.79 28.23
N LYS N 285 42.55 -40.49 28.41
CA LYS N 285 42.40 -39.85 29.75
C LYS N 285 41.05 -39.20 29.83
N VAL N 286 40.29 -39.31 28.75
CA VAL N 286 38.84 -39.05 28.74
C VAL N 286 38.03 -40.24 29.27
N ASP N 287 38.45 -41.47 28.90
CA ASP N 287 37.87 -42.72 29.46
C ASP N 287 38.21 -42.96 30.96
N ALA N 288 39.50 -43.11 31.28
CA ALA N 288 39.92 -43.34 32.65
C ALA N 288 39.50 -42.22 33.59
N GLN N 289 39.27 -41.03 33.02
CA GLN N 289 38.82 -39.91 33.85
C GLN N 289 37.37 -39.92 34.15
N ALA N 290 36.58 -40.59 33.31
CA ALA N 290 35.15 -40.76 33.58
C ALA N 290 34.91 -42.03 34.44
N GLY N 291 36.01 -42.74 34.72
CA GLY N 291 35.99 -43.95 35.52
C GLY N 291 35.92 -45.18 34.64
N GLY N 292 36.49 -45.09 33.44
CA GLY N 292 36.53 -46.22 32.54
C GLY N 292 37.75 -47.06 32.83
N ALA N 293 37.65 -48.35 32.51
CA ALA N 293 38.77 -49.27 32.61
C ALA N 293 39.10 -49.92 31.25
N ALA N 294 39.06 -49.10 30.17
CA ALA N 294 39.14 -49.64 28.78
C ALA N 294 40.59 -49.81 28.39
N PHE N 295 41.41 -48.81 28.65
CA PHE N 295 42.86 -48.95 28.50
C PHE N 295 43.70 -48.96 29.75
N ASP N 296 43.46 -49.91 30.62
CA ASP N 296 44.15 -50.01 31.86
C ASP N 296 45.50 -50.67 31.59
N GLY N 297 46.57 -50.09 32.14
CA GLY N 297 47.95 -50.30 31.76
C GLY N 297 48.06 -50.29 30.26
N GLY N 298 47.56 -49.24 29.67
CA GLY N 298 48.08 -48.80 28.42
C GLY N 298 47.86 -49.85 27.40
N VAL N 299 48.21 -49.48 26.19
CA VAL N 299 47.76 -50.03 24.97
C VAL N 299 48.99 -50.55 24.34
N ASP N 300 50.09 -50.38 25.02
CA ASP N 300 51.39 -50.57 24.36
C ASP N 300 51.86 -52.00 24.32
N LEU N 301 52.11 -52.54 23.15
CA LEU N 301 51.95 -53.99 22.90
C LEU N 301 52.98 -54.86 23.59
N PRO O 1 24.63 -61.44 -8.43
CA PRO O 1 24.33 -60.15 -9.11
C PRO O 1 23.21 -59.32 -8.40
N MET O 2 23.45 -58.08 -7.98
CA MET O 2 22.38 -57.28 -7.33
C MET O 2 21.28 -56.81 -8.29
N VAL O 3 20.04 -56.63 -7.83
CA VAL O 3 18.93 -56.24 -8.75
C VAL O 3 18.33 -54.81 -8.50
N THR O 4 18.53 -53.87 -9.44
CA THR O 4 17.83 -52.56 -9.37
C THR O 4 16.33 -52.53 -9.82
N ALA O 5 15.50 -51.81 -9.05
CA ALA O 5 14.09 -51.56 -9.47
C ALA O 5 13.99 -50.73 -10.77
N ALA O 6 15.07 -50.02 -11.12
CA ALA O 6 15.24 -49.34 -12.40
C ALA O 6 15.22 -50.22 -13.65
N THR O 7 15.49 -51.51 -13.53
CA THR O 7 15.40 -52.27 -14.75
C THR O 7 13.90 -52.54 -15.06
N SER O 8 13.14 -52.88 -14.02
CA SER O 8 11.75 -53.23 -14.18
C SER O 8 10.93 -52.01 -14.64
N LEU O 9 11.35 -50.83 -14.22
CA LEU O 9 10.71 -49.60 -14.69
C LEU O 9 11.07 -49.26 -16.16
N ARG O 10 12.31 -49.54 -16.52
CA ARG O 10 12.76 -49.25 -17.84
C ARG O 10 11.94 -50.02 -18.85
N ARG O 11 11.80 -51.33 -18.61
CA ARG O 11 11.17 -52.25 -19.58
C ARG O 11 9.63 -52.09 -19.49
N ALA O 12 9.19 -51.58 -18.34
CA ALA O 12 7.80 -51.27 -18.13
C ALA O 12 7.37 -50.01 -18.95
N LEU O 13 8.24 -48.99 -18.98
CA LEU O 13 7.98 -47.75 -19.74
C LEU O 13 8.04 -48.02 -21.21
N GLU O 14 8.76 -49.09 -21.55
CA GLU O 14 8.84 -49.58 -22.93
C GLU O 14 7.57 -50.38 -23.37
N ASN O 15 6.62 -50.66 -22.46
CA ASN O 15 5.28 -51.20 -22.82
C ASN O 15 4.17 -50.12 -22.72
N PRO O 16 3.83 -49.44 -23.86
CA PRO O 16 2.76 -48.38 -23.98
C PRO O 16 1.46 -48.58 -23.20
N ASP O 17 1.09 -49.85 -22.90
CA ASP O 17 -0.05 -50.14 -22.00
C ASP O 17 0.18 -49.80 -20.54
N SER O 18 1.42 -49.95 -20.06
CA SER O 18 1.85 -49.58 -18.68
C SER O 18 1.52 -48.16 -18.31
N PHE O 19 1.26 -47.91 -17.02
CA PHE O 19 0.96 -46.56 -16.54
C PHE O 19 1.32 -46.47 -15.07
N ILE O 20 2.30 -45.60 -14.75
CA ILE O 20 2.87 -45.51 -13.41
C ILE O 20 2.17 -44.51 -12.43
N VAL O 21 1.55 -45.06 -11.38
CA VAL O 21 0.90 -44.30 -10.27
C VAL O 21 1.89 -44.12 -9.10
N ALA O 22 2.35 -42.88 -8.90
CA ALA O 22 3.42 -42.57 -7.92
C ALA O 22 3.08 -41.53 -6.85
N PRO O 23 2.71 -41.97 -5.62
CA PRO O 23 2.44 -41.07 -4.45
C PRO O 23 3.66 -40.33 -3.92
N GLY O 24 3.56 -39.01 -3.75
CA GLY O 24 4.63 -38.22 -3.12
C GLY O 24 4.93 -38.64 -1.68
N VAL O 25 6.08 -39.27 -1.51
CA VAL O 25 6.62 -39.64 -0.22
C VAL O 25 7.77 -38.67 0.19
N TYR O 26 8.12 -38.59 1.48
CA TYR O 26 9.14 -37.62 1.90
C TYR O 26 10.11 -38.01 3.01
N ASP O 27 9.94 -39.18 3.60
CA ASP O 27 10.82 -39.64 4.65
C ASP O 27 10.54 -41.10 4.93
N GLY O 28 11.03 -41.64 6.04
CA GLY O 28 10.73 -43.02 6.38
C GLY O 28 9.26 -43.42 6.41
N LEU O 29 8.52 -42.91 7.40
CA LEU O 29 7.09 -43.19 7.56
C LEU O 29 6.27 -43.06 6.28
N SER O 30 6.37 -41.90 5.63
CA SER O 30 5.53 -41.65 4.48
C SER O 30 5.68 -42.77 3.46
N ALA O 31 6.88 -43.34 3.30
CA ALA O 31 7.10 -44.55 2.47
C ALA O 31 6.44 -45.85 2.97
N ARG O 32 6.64 -46.16 4.26
CA ARG O 32 6.21 -47.43 4.87
C ARG O 32 4.69 -47.58 4.72
N VAL O 33 4.03 -46.45 5.01
CA VAL O 33 2.59 -46.22 4.81
C VAL O 33 2.22 -46.43 3.31
N ALA O 34 2.73 -45.57 2.43
CA ALA O 34 2.48 -45.65 1.00
C ALA O 34 2.47 -47.08 0.57
N LEU O 35 3.63 -47.75 0.76
CA LEU O 35 3.83 -49.18 0.50
C LEU O 35 2.75 -50.10 1.12
N SER O 36 2.61 -50.00 2.45
CA SER O 36 1.59 -50.74 3.13
C SER O 36 0.18 -50.49 2.58
N ALA O 37 -0.08 -49.32 1.98
CA ALA O 37 -1.38 -49.06 1.32
C ALA O 37 -1.56 -49.74 -0.04
N GLY O 38 -0.54 -50.47 -0.50
CA GLY O 38 -0.59 -51.25 -1.76
C GLY O 38 0.06 -50.70 -3.04
N PHE O 39 0.55 -49.45 -3.01
CA PHE O 39 1.14 -48.80 -4.19
C PHE O 39 2.38 -49.46 -4.82
N ASP O 40 2.41 -49.46 -6.14
CA ASP O 40 3.43 -50.17 -6.92
C ASP O 40 4.66 -49.36 -7.28
N ALA O 41 4.66 -48.07 -6.93
CA ALA O 41 5.69 -47.10 -7.28
C ALA O 41 5.69 -45.92 -6.31
N LEU O 42 6.86 -45.32 -6.02
CA LEU O 42 6.93 -44.15 -5.13
C LEU O 42 7.53 -42.94 -5.77
N TYR O 43 7.06 -41.74 -5.42
CA TYR O 43 7.75 -40.52 -5.84
C TYR O 43 8.42 -39.84 -4.66
N MET O 44 9.73 -39.62 -4.70
CA MET O 44 10.34 -38.76 -3.65
C MET O 44 10.35 -37.25 -4.01
N THR O 45 9.67 -36.44 -3.21
CA THR O 45 9.48 -35.03 -3.50
C THR O 45 10.62 -34.19 -2.95
N GLY O 46 11.27 -33.40 -3.80
CA GLY O 46 12.19 -32.38 -3.32
C GLY O 46 11.61 -31.39 -2.29
N ALA O 47 10.37 -30.96 -2.50
CA ALA O 47 9.71 -30.04 -1.60
C ALA O 47 9.45 -30.64 -0.23
N GLY O 48 9.06 -31.91 -0.22
CA GLY O 48 8.71 -32.58 1.04
C GLY O 48 9.96 -33.01 1.82
N THR O 49 11.07 -33.03 1.09
CA THR O 49 12.37 -33.33 1.65
C THR O 49 12.90 -32.04 2.28
N ALA O 50 12.71 -30.90 1.64
CA ALA O 50 13.11 -29.67 2.27
C ALA O 50 12.37 -29.69 3.62
N ALA O 51 11.07 -30.02 3.55
CA ALA O 51 10.22 -30.07 4.72
C ALA O 51 10.71 -30.97 5.86
N SER O 52 10.85 -32.27 5.64
CA SER O 52 11.22 -33.17 6.74
C SER O 52 12.66 -33.01 7.24
N VAL O 53 13.63 -33.11 6.34
CA VAL O 53 15.02 -33.00 6.74
C VAL O 53 15.40 -31.65 7.35
N HIS O 54 14.86 -30.56 6.76
CA HIS O 54 15.43 -29.25 7.03
C HIS O 54 14.43 -28.30 7.62
N GLY O 55 13.17 -28.69 7.76
CA GLY O 55 12.17 -27.74 8.28
C GLY O 55 12.11 -26.46 7.45
N GLN O 56 12.25 -26.60 6.14
CA GLN O 56 12.28 -25.46 5.30
C GLN O 56 11.49 -25.66 3.98
N ALA O 57 11.26 -24.53 3.30
CA ALA O 57 10.58 -24.44 2.00
C ALA O 57 11.39 -24.97 0.82
N ASP O 58 10.69 -25.41 -0.21
CA ASP O 58 11.31 -25.87 -1.44
C ASP O 58 11.94 -24.74 -2.31
N LEU O 59 13.13 -24.31 -1.90
CA LEU O 59 13.91 -23.26 -2.59
C LEU O 59 15.39 -23.62 -2.91
N GLY O 60 15.66 -24.91 -3.19
CA GLY O 60 17.04 -25.38 -3.43
C GLY O 60 17.98 -25.12 -2.27
N ILE O 61 17.60 -25.66 -1.11
CA ILE O 61 18.29 -25.53 0.18
C ILE O 61 18.89 -26.91 0.48
N CYS O 62 18.21 -27.96 0.02
CA CYS O 62 18.75 -29.33 0.02
C CYS O 62 19.89 -29.39 -0.92
N THR O 63 20.90 -30.19 -0.54
CA THR O 63 22.03 -30.48 -1.40
C THR O 63 21.97 -31.97 -1.76
N LEU O 64 22.69 -32.36 -2.82
CA LEU O 64 22.81 -33.75 -3.21
C LEU O 64 22.94 -34.71 -2.03
N ASN O 65 23.80 -34.43 -1.03
CA ASN O 65 24.02 -35.38 0.06
C ASN O 65 22.68 -35.64 0.69
N ASP O 66 21.88 -34.58 0.86
CA ASP O 66 20.54 -34.69 1.52
C ASP O 66 19.59 -35.52 0.73
N MET O 67 19.49 -35.17 -0.55
CA MET O 67 18.54 -35.76 -1.47
C MET O 67 18.89 -37.25 -1.70
N ARG O 68 20.18 -37.56 -1.76
CA ARG O 68 20.59 -38.92 -2.12
C ARG O 68 20.42 -39.79 -0.90
N ALA O 69 20.98 -39.37 0.22
CA ALA O 69 20.73 -40.12 1.45
C ALA O 69 19.24 -40.42 1.48
N ASN O 70 18.44 -39.36 1.43
CA ASN O 70 16.97 -39.47 1.53
C ASN O 70 16.39 -40.47 0.49
N ALA O 71 16.81 -40.33 -0.75
CA ALA O 71 16.48 -41.28 -1.84
C ALA O 71 16.86 -42.73 -1.60
N GLU O 72 18.07 -42.93 -1.15
CA GLU O 72 18.62 -44.23 -0.90
C GLU O 72 17.92 -45.00 0.20
N MET O 73 17.50 -44.33 1.25
CA MET O 73 16.73 -45.12 2.23
C MET O 73 15.29 -45.40 1.75
N ILE O 74 14.69 -44.47 1.00
CA ILE O 74 13.34 -44.73 0.44
C ILE O 74 13.38 -45.90 -0.54
N SER O 75 14.33 -45.92 -1.49
CA SER O 75 14.36 -46.98 -2.51
C SER O 75 14.63 -48.32 -1.91
N ASN O 76 15.02 -48.37 -0.64
CA ASN O 76 15.45 -49.63 -0.10
C ASN O 76 14.49 -50.32 0.89
N ILE O 77 13.60 -49.57 1.51
CA ILE O 77 12.44 -50.18 2.17
C ILE O 77 11.69 -51.18 1.27
N SER O 78 11.36 -50.84 0.03
CA SER O 78 10.97 -51.94 -0.86
C SER O 78 11.82 -51.94 -2.14
N PRO O 79 12.88 -52.76 -2.14
CA PRO O 79 13.84 -52.56 -3.21
C PRO O 79 13.29 -52.99 -4.56
N SER O 80 12.28 -53.85 -4.59
CA SER O 80 11.62 -54.13 -5.88
C SER O 80 10.51 -53.11 -6.27
N THR O 81 10.18 -52.16 -5.39
CA THR O 81 9.25 -51.05 -5.72
C THR O 81 10.01 -49.85 -6.34
N PRO O 82 9.78 -49.57 -7.64
CA PRO O 82 10.54 -48.50 -8.24
C PRO O 82 10.30 -47.24 -7.47
N VAL O 83 11.38 -46.48 -7.31
CA VAL O 83 11.32 -45.11 -6.86
C VAL O 83 11.81 -44.03 -7.87
N ILE O 84 10.99 -42.99 -8.04
CA ILE O 84 11.34 -41.80 -8.83
C ILE O 84 11.73 -40.67 -7.88
N ALA O 85 12.96 -40.19 -7.90
CA ALA O 85 13.32 -39.11 -6.98
C ALA O 85 13.61 -37.79 -7.71
N ASP O 86 13.21 -36.68 -7.08
CA ASP O 86 13.56 -35.33 -7.51
C ASP O 86 15.11 -35.18 -7.39
N ALA O 87 15.74 -34.60 -8.40
CA ALA O 87 17.15 -34.40 -8.37
C ALA O 87 17.42 -32.94 -8.70
N ASP O 88 16.40 -32.10 -8.51
CA ASP O 88 16.41 -30.65 -8.81
C ASP O 88 17.08 -30.31 -10.12
N THR O 89 18.18 -29.54 -10.08
CA THR O 89 18.92 -29.17 -11.28
C THR O 89 20.14 -30.08 -11.42
N GLY O 90 20.32 -31.02 -10.50
CA GLY O 90 21.51 -31.89 -10.45
C GLY O 90 22.71 -31.41 -9.61
N TYR O 91 22.49 -30.31 -8.86
CA TYR O 91 23.41 -29.86 -7.79
C TYR O 91 24.76 -29.36 -8.26
N GLY O 92 24.75 -28.77 -9.45
CA GLY O 92 25.94 -28.16 -10.07
C GLY O 92 26.07 -28.40 -11.56
N GLY O 93 27.27 -28.19 -12.09
CA GLY O 93 27.52 -28.42 -13.51
C GLY O 93 27.54 -29.91 -13.84
N PRO O 94 28.10 -30.28 -14.99
CA PRO O 94 27.93 -31.65 -15.39
C PRO O 94 28.69 -32.60 -14.48
N ILE O 95 29.90 -32.26 -14.05
CA ILE O 95 30.59 -33.18 -13.16
C ILE O 95 29.70 -33.52 -11.97
N MET O 96 29.04 -32.49 -11.44
CA MET O 96 28.01 -32.66 -10.35
C MET O 96 26.81 -33.51 -10.79
N VAL O 97 26.29 -33.25 -12.00
CA VAL O 97 25.05 -33.86 -12.42
C VAL O 97 25.31 -35.37 -12.53
N ALA O 98 26.58 -35.71 -12.78
CA ALA O 98 26.97 -37.09 -13.07
C ALA O 98 27.16 -37.77 -11.76
N ARG O 99 27.69 -37.09 -10.75
CA ARG O 99 27.75 -37.66 -9.39
C ARG O 99 26.37 -38.02 -8.87
N THR O 100 25.42 -37.10 -8.99
CA THR O 100 24.02 -37.38 -8.73
C THR O 100 23.55 -38.69 -9.38
N THR O 101 23.75 -38.79 -10.71
CA THR O 101 23.33 -39.96 -11.48
C THR O 101 23.92 -41.26 -10.95
N GLU O 102 25.24 -41.27 -10.85
CA GLU O 102 25.94 -42.41 -10.32
C GLU O 102 25.46 -42.72 -8.90
N GLN O 103 25.45 -41.72 -8.03
CA GLN O 103 24.96 -41.96 -6.67
C GLN O 103 23.54 -42.57 -6.64
N TYR O 104 22.54 -41.82 -7.13
CA TYR O 104 21.18 -42.31 -7.25
C TYR O 104 21.07 -43.77 -7.80
N SER O 105 21.94 -44.10 -8.75
CA SER O 105 22.04 -45.45 -9.28
C SER O 105 22.53 -46.42 -8.21
N ARG O 106 23.72 -46.19 -7.66
CA ARG O 106 24.22 -47.12 -6.70
C ARG O 106 23.13 -47.31 -5.62
N SER O 107 22.47 -46.19 -5.33
CA SER O 107 21.41 -46.16 -4.34
C SER O 107 20.18 -47.08 -4.62
N GLY O 108 19.83 -47.27 -5.89
CA GLY O 108 18.73 -48.17 -6.21
C GLY O 108 17.50 -47.40 -6.61
N VAL O 109 17.66 -46.06 -6.60
CA VAL O 109 16.72 -45.17 -7.25
C VAL O 109 16.36 -45.64 -8.68
N ALA O 110 15.05 -45.71 -8.98
CA ALA O 110 14.62 -46.23 -10.28
C ALA O 110 14.70 -45.20 -11.43
N ALA O 111 14.53 -43.92 -11.07
CA ALA O 111 14.37 -42.80 -12.01
C ALA O 111 14.59 -41.45 -11.27
N PHE O 112 15.05 -40.43 -11.97
CA PHE O 112 15.04 -39.12 -11.35
C PHE O 112 14.76 -38.03 -12.36
N HIS O 113 14.27 -36.86 -11.91
CA HIS O 113 14.06 -35.72 -12.82
C HIS O 113 15.05 -34.58 -12.57
N ILE O 114 15.48 -33.93 -13.66
CA ILE O 114 16.33 -32.71 -13.61
C ILE O 114 15.67 -31.57 -14.34
N GLU O 115 15.63 -30.40 -13.75
CA GLU O 115 14.91 -29.24 -14.33
C GLU O 115 15.88 -28.21 -14.89
N ASP O 116 15.34 -27.09 -15.35
CA ASP O 116 16.11 -26.08 -16.05
C ASP O 116 16.19 -24.82 -15.26
N GLN O 117 16.16 -24.94 -13.96
CA GLN O 117 16.27 -23.73 -13.17
C GLN O 117 17.70 -23.44 -12.72
N VAL O 118 17.98 -22.19 -12.31
CA VAL O 118 19.24 -21.88 -11.65
C VAL O 118 19.38 -22.79 -10.41
N GLN O 119 20.62 -23.09 -10.01
CA GLN O 119 20.76 -23.95 -8.84
C GLN O 119 19.90 -23.56 -7.63
N THR O 120 19.67 -22.27 -7.43
CA THR O 120 18.83 -21.79 -6.34
C THR O 120 17.37 -21.88 -6.81
N LYS O 121 16.93 -23.10 -7.02
CA LYS O 121 15.69 -23.33 -7.76
C LYS O 121 14.52 -23.05 -6.84
N ARG O 122 13.29 -23.12 -7.35
CA ARG O 122 12.14 -23.10 -6.41
C ARG O 122 11.12 -24.11 -6.84
N CYS O 123 10.10 -24.27 -6.03
CA CYS O 123 8.96 -25.06 -6.42
C CYS O 123 8.27 -24.59 -7.72
N GLY O 124 7.75 -25.57 -8.47
CA GLY O 124 7.20 -25.31 -9.80
C GLY O 124 6.00 -24.41 -9.74
N HIS O 125 5.16 -24.57 -8.73
CA HIS O 125 3.93 -23.78 -8.62
C HIS O 125 4.12 -22.51 -7.77
N LEU O 126 5.35 -22.01 -7.71
CA LEU O 126 5.56 -20.67 -7.24
C LEU O 126 5.88 -19.74 -8.36
N ALA O 127 5.74 -18.46 -8.10
CA ALA O 127 5.85 -17.49 -9.13
C ALA O 127 7.22 -16.90 -9.08
N GLY O 128 7.77 -16.57 -10.23
CA GLY O 128 8.94 -15.75 -10.30
C GLY O 128 10.23 -16.48 -10.56
N LYS O 129 10.17 -17.57 -11.30
CA LYS O 129 11.34 -18.47 -11.44
C LYS O 129 12.44 -17.85 -12.26
N ILE O 130 13.68 -18.21 -11.90
CA ILE O 130 14.86 -17.89 -12.68
C ILE O 130 15.31 -19.23 -13.37
N LEU O 131 15.31 -19.23 -14.71
CA LEU O 131 15.70 -20.40 -15.51
C LEU O 131 17.11 -20.25 -16.03
N VAL O 132 17.68 -21.36 -16.46
CA VAL O 132 18.97 -21.36 -17.13
C VAL O 132 18.68 -21.49 -18.66
N ASP O 133 19.66 -21.16 -19.51
CA ASP O 133 19.49 -21.21 -20.97
C ASP O 133 19.28 -22.62 -21.52
N THR O 134 18.80 -22.69 -22.76
CA THR O 134 18.56 -23.97 -23.37
C THR O 134 19.79 -24.92 -23.27
N ASP O 135 20.99 -24.39 -23.52
CA ASP O 135 22.20 -25.24 -23.66
C ASP O 135 22.47 -25.92 -22.36
N THR O 136 22.83 -25.12 -21.38
CA THR O 136 23.09 -25.65 -20.05
C THR O 136 22.01 -26.70 -19.73
N TYR O 137 20.74 -26.37 -20.01
CA TYR O 137 19.75 -27.31 -19.63
C TYR O 137 20.01 -28.67 -20.28
N VAL O 138 20.26 -28.68 -21.60
CA VAL O 138 20.58 -29.89 -22.36
C VAL O 138 21.86 -30.56 -21.89
N THR O 139 22.90 -29.76 -21.81
CA THR O 139 24.14 -30.15 -21.20
C THR O 139 23.87 -30.89 -19.91
N ARG O 140 22.99 -30.35 -19.08
CA ARG O 140 22.66 -31.04 -17.84
C ARG O 140 22.07 -32.41 -18.16
N ILE O 141 21.22 -32.49 -19.17
CA ILE O 141 20.59 -33.77 -19.49
C ILE O 141 21.63 -34.77 -20.02
N ARG O 142 22.54 -34.27 -20.85
CA ARG O 142 23.53 -35.13 -21.48
C ARG O 142 24.36 -35.80 -20.41
N ALA O 143 24.90 -34.99 -19.49
CA ALA O 143 25.66 -35.53 -18.37
C ALA O 143 25.01 -36.76 -17.74
N ALA O 144 23.73 -36.67 -17.39
CA ALA O 144 23.09 -37.83 -16.75
C ALA O 144 23.06 -39.03 -17.67
N VAL O 145 22.70 -38.79 -18.92
CA VAL O 145 22.60 -39.89 -19.84
C VAL O 145 23.96 -40.56 -20.03
N GLN O 146 24.99 -39.73 -20.20
CA GLN O 146 26.35 -40.21 -20.41
C GLN O 146 26.90 -40.88 -19.19
N ALA O 147 26.45 -40.42 -18.02
CA ALA O 147 26.93 -40.95 -16.74
C ALA O 147 26.33 -42.33 -16.52
N ARG O 148 25.06 -42.47 -16.83
CA ARG O 148 24.41 -43.70 -16.50
C ARG O 148 24.93 -44.87 -17.38
N GLN O 149 25.00 -44.66 -18.68
CA GLN O 149 25.51 -45.70 -19.58
C GLN O 149 27.02 -45.90 -19.44
N ARG O 150 27.71 -44.95 -18.81
CA ARG O 150 29.14 -45.14 -18.54
C ARG O 150 29.30 -46.22 -17.48
N ILE O 151 28.33 -46.33 -16.55
CA ILE O 151 28.39 -47.31 -15.46
C ILE O 151 27.39 -48.46 -15.66
N GLY O 152 26.73 -48.46 -16.81
CA GLY O 152 25.80 -49.51 -17.20
C GLY O 152 24.47 -49.53 -16.48
N SER O 153 23.90 -48.35 -16.26
CA SER O 153 22.73 -48.19 -15.39
C SER O 153 21.44 -48.03 -16.16
N ASP O 154 20.45 -48.82 -15.78
CA ASP O 154 19.14 -48.69 -16.40
C ASP O 154 18.30 -47.57 -15.81
N ILE O 155 18.92 -46.75 -14.96
CA ILE O 155 18.24 -45.65 -14.32
C ILE O 155 17.61 -44.79 -15.39
N VAL O 156 16.34 -44.48 -15.14
CA VAL O 156 15.48 -43.69 -16.00
C VAL O 156 15.62 -42.20 -15.72
N VAL O 157 16.03 -41.50 -16.79
CA VAL O 157 16.31 -40.08 -16.77
C VAL O 157 15.10 -39.31 -17.20
N ILE O 158 14.56 -38.56 -16.27
CA ILE O 158 13.35 -37.70 -16.51
C ILE O 158 13.77 -36.22 -16.67
N ALA O 159 13.15 -35.53 -17.59
CA ALA O 159 13.62 -34.23 -18.01
C ALA O 159 12.50 -33.21 -17.86
N ARG O 160 12.67 -32.32 -16.89
CA ARG O 160 11.64 -31.37 -16.48
C ARG O 160 11.96 -30.01 -17.05
N THR O 161 10.90 -29.23 -17.35
CA THR O 161 11.07 -27.79 -17.54
C THR O 161 10.06 -26.86 -16.87
N ASP O 162 10.63 -25.81 -16.31
CA ASP O 162 9.81 -24.91 -15.55
C ASP O 162 9.60 -23.67 -16.42
N SER O 163 9.90 -23.80 -17.69
CA SER O 163 9.85 -22.61 -18.54
C SER O 163 8.43 -22.34 -19.06
N LEU O 164 7.45 -23.14 -18.62
CA LEU O 164 6.08 -22.80 -18.96
C LEU O 164 5.77 -21.40 -18.47
N GLN O 165 5.78 -21.18 -17.16
CA GLN O 165 5.32 -19.89 -16.60
C GLN O 165 6.11 -18.70 -17.14
N THR O 166 7.25 -18.93 -17.79
CA THR O 166 8.14 -17.81 -18.13
C THR O 166 8.50 -17.60 -19.60
N HIS O 167 8.45 -18.63 -20.43
CA HIS O 167 8.76 -18.40 -21.83
C HIS O 167 7.60 -18.92 -22.70
N GLY O 168 6.52 -19.40 -22.06
CA GLY O 168 5.32 -19.75 -22.84
C GLY O 168 5.34 -21.18 -23.37
N TYR O 169 4.19 -21.68 -23.81
CA TYR O 169 4.00 -23.13 -24.11
C TYR O 169 5.02 -23.67 -25.14
N GLU O 170 5.26 -22.91 -26.20
CA GLU O 170 6.03 -23.51 -27.27
C GLU O 170 7.49 -23.73 -26.95
N GLU O 171 8.11 -22.73 -26.35
CA GLU O 171 9.51 -22.82 -25.96
C GLU O 171 9.70 -23.97 -24.96
N SER O 172 8.77 -24.14 -24.02
CA SER O 172 8.91 -25.20 -23.00
C SER O 172 9.02 -26.54 -23.72
N VAL O 173 8.15 -26.71 -24.74
CA VAL O 173 8.16 -27.96 -25.48
C VAL O 173 9.45 -28.05 -26.32
N ALA O 174 9.90 -26.93 -26.84
CA ALA O 174 11.23 -26.89 -27.50
C ALA O 174 12.38 -27.47 -26.59
N ARG O 175 12.47 -26.95 -25.37
CA ARG O 175 13.46 -27.37 -24.44
C ARG O 175 13.36 -28.85 -24.24
N LEU O 176 12.11 -29.33 -24.16
CA LEU O 176 11.85 -30.77 -23.97
C LEU O 176 12.32 -31.68 -25.13
N ARG O 177 12.15 -31.16 -26.35
CA ARG O 177 12.65 -31.83 -27.52
C ARG O 177 14.18 -31.95 -27.48
N ALA O 178 14.83 -30.82 -27.19
CA ALA O 178 16.27 -30.75 -27.05
C ALA O 178 16.82 -31.83 -26.13
N ALA O 179 15.96 -32.33 -25.24
CA ALA O 179 16.33 -33.29 -24.22
C ALA O 179 15.86 -34.71 -24.52
N ARG O 180 14.78 -34.83 -25.26
CA ARG O 180 14.53 -36.13 -25.86
C ARG O 180 15.79 -36.58 -26.61
N ASP O 181 16.35 -35.64 -27.38
CA ASP O 181 17.44 -35.84 -28.30
C ASP O 181 18.72 -36.17 -27.62
N ALA O 182 18.95 -35.50 -26.51
CA ALA O 182 20.14 -35.75 -25.73
C ALA O 182 19.98 -37.10 -25.04
N GLY O 183 18.76 -37.66 -25.15
CA GLY O 183 18.57 -39.08 -24.84
C GLY O 183 17.77 -39.45 -23.60
N ALA O 184 17.18 -38.44 -22.94
CA ALA O 184 16.30 -38.59 -21.79
C ALA O 184 15.19 -39.56 -22.10
N ASP O 185 14.85 -40.34 -21.09
CA ASP O 185 13.82 -41.36 -21.21
C ASP O 185 12.35 -40.90 -21.12
N VAL O 186 12.07 -39.84 -20.34
CA VAL O 186 10.69 -39.37 -20.05
C VAL O 186 10.56 -37.83 -20.05
N GLY O 187 9.40 -37.31 -20.45
CA GLY O 187 9.17 -35.86 -20.48
C GLY O 187 8.34 -35.31 -19.32
N PHE O 188 8.68 -34.08 -18.88
CA PHE O 188 8.08 -33.47 -17.69
C PHE O 188 7.84 -31.94 -17.88
N LEU O 189 6.66 -31.57 -18.42
CA LEU O 189 6.30 -30.14 -18.49
C LEU O 189 5.69 -29.75 -17.16
N GLU O 190 6.43 -28.93 -16.42
CA GLU O 190 6.00 -28.50 -15.08
C GLU O 190 4.96 -27.38 -15.13
N GLY O 191 3.86 -27.63 -14.43
CA GLY O 191 2.80 -26.68 -14.27
C GLY O 191 1.84 -26.49 -15.42
N ILE O 192 1.45 -27.58 -16.10
CA ILE O 192 0.41 -27.54 -17.13
C ILE O 192 -0.75 -26.69 -16.64
N THR O 193 -1.14 -25.66 -17.38
CA THR O 193 -2.20 -24.77 -16.91
C THR O 193 -3.58 -25.16 -17.34
N SER O 194 -3.69 -26.03 -18.33
CA SER O 194 -5.02 -26.44 -18.78
C SER O 194 -5.05 -27.88 -19.22
N ARG O 195 -6.22 -28.49 -19.18
CA ARG O 195 -6.34 -29.87 -19.57
C ARG O 195 -6.05 -29.98 -21.04
N GLU O 196 -6.44 -28.95 -21.77
CA GLU O 196 -6.19 -28.96 -23.18
C GLU O 196 -4.68 -28.81 -23.52
N MET O 197 -3.91 -28.15 -22.66
CA MET O 197 -2.46 -28.25 -22.81
C MET O 197 -2.01 -29.74 -22.59
N ALA O 198 -2.27 -30.32 -21.41
CA ALA O 198 -2.05 -31.75 -21.12
C ALA O 198 -2.08 -32.62 -22.35
N ARG O 199 -3.22 -32.49 -23.08
CA ARG O 199 -3.61 -33.17 -24.33
C ARG O 199 -2.63 -32.88 -25.46
N GLN O 200 -2.33 -31.59 -25.64
CA GLN O 200 -1.37 -31.20 -26.64
C GLN O 200 0.06 -31.67 -26.36
N VAL O 201 0.57 -31.48 -25.16
CA VAL O 201 1.95 -31.92 -24.90
C VAL O 201 2.13 -33.38 -25.31
N ILE O 202 1.10 -34.23 -25.16
CA ILE O 202 1.22 -35.64 -25.58
C ILE O 202 1.38 -35.75 -27.11
N GLN O 203 0.49 -35.13 -27.89
CA GLN O 203 0.61 -35.14 -29.37
C GLN O 203 1.90 -34.52 -29.89
N ASP O 204 2.44 -33.55 -29.16
CA ASP O 204 3.57 -32.84 -29.63
C ASP O 204 4.84 -33.54 -29.25
N LEU O 205 4.87 -34.20 -28.10
CA LEU O 205 5.99 -35.12 -27.77
C LEU O 205 5.51 -36.55 -27.98
N ALA O 206 5.17 -36.85 -29.23
CA ALA O 206 4.51 -38.09 -29.53
C ALA O 206 5.48 -39.26 -29.38
N GLY O 207 5.00 -40.33 -28.75
CA GLY O 207 5.79 -41.57 -28.66
C GLY O 207 6.71 -41.59 -27.46
N TRP O 208 7.12 -40.41 -27.00
CA TRP O 208 8.01 -40.25 -25.85
C TRP O 208 7.20 -40.20 -24.56
N PRO O 209 7.45 -41.14 -23.63
CA PRO O 209 6.59 -41.24 -22.42
C PRO O 209 6.50 -39.93 -21.63
N LEU O 210 5.29 -39.52 -21.27
CA LEU O 210 5.17 -38.29 -20.40
C LEU O 210 4.61 -38.44 -18.98
N LEU O 211 5.01 -37.47 -18.16
CA LEU O 211 4.70 -37.45 -16.72
C LEU O 211 3.78 -36.31 -16.39
N LEU O 212 2.86 -36.49 -15.47
CA LEU O 212 2.07 -35.37 -15.02
C LEU O 212 2.35 -35.21 -13.54
N ASN O 213 2.80 -34.01 -13.17
CA ASN O 213 2.90 -33.63 -11.77
C ASN O 213 1.63 -33.02 -11.28
N MET O 214 0.85 -33.84 -10.59
CA MET O 214 -0.47 -33.42 -10.10
C MET O 214 -0.37 -32.82 -8.69
N VAL O 215 -0.02 -31.54 -8.65
CA VAL O 215 0.03 -30.78 -7.42
C VAL O 215 -1.22 -29.94 -7.41
N GLU O 216 -2.09 -30.22 -6.46
CA GLU O 216 -3.41 -29.57 -6.38
C GLU O 216 -3.32 -28.08 -5.95
N HIS O 217 -4.19 -27.23 -6.50
CA HIS O 217 -4.23 -25.84 -6.07
C HIS O 217 -2.90 -25.15 -6.41
N GLY O 218 -2.31 -25.66 -7.47
CA GLY O 218 -1.18 -25.00 -8.05
C GLY O 218 -1.71 -24.44 -9.34
N ALA O 219 -0.83 -24.41 -10.32
CA ALA O 219 -1.18 -23.84 -11.58
C ALA O 219 -1.96 -24.87 -12.42
N THR O 220 -2.03 -26.09 -11.91
CA THR O 220 -2.47 -27.22 -12.73
C THR O 220 -3.88 -27.65 -12.33
N PRO O 221 -4.75 -27.81 -13.32
CA PRO O 221 -6.09 -28.25 -13.00
C PRO O 221 -6.00 -29.60 -12.32
N SER O 222 -6.93 -29.88 -11.42
CA SER O 222 -6.94 -31.22 -10.83
C SER O 222 -7.35 -32.22 -11.93
N ILE O 223 -6.51 -33.24 -12.11
CA ILE O 223 -6.74 -34.35 -13.05
C ILE O 223 -6.37 -35.69 -12.36
N SER O 224 -7.34 -36.60 -12.31
CA SER O 224 -7.18 -37.93 -11.73
C SER O 224 -6.19 -38.86 -12.49
N ALA O 225 -5.80 -39.94 -11.85
CA ALA O 225 -5.03 -41.03 -12.43
C ALA O 225 -5.77 -41.80 -13.56
N ALA O 226 -7.02 -42.23 -13.34
CA ALA O 226 -7.83 -42.85 -14.43
C ALA O 226 -7.83 -41.99 -15.68
N GLU O 227 -7.90 -40.67 -15.52
CA GLU O 227 -8.01 -39.76 -16.64
C GLU O 227 -6.65 -39.48 -17.24
N ALA O 228 -5.70 -39.26 -16.37
CA ALA O 228 -4.36 -38.95 -16.82
C ALA O 228 -3.80 -40.09 -17.69
N LYS O 229 -4.10 -41.34 -17.30
CA LYS O 229 -3.83 -42.53 -18.12
C LYS O 229 -4.54 -42.45 -19.46
N GLU O 230 -5.87 -42.49 -19.44
CA GLU O 230 -6.70 -42.26 -20.63
C GLU O 230 -6.19 -41.10 -21.48
N MET O 231 -5.82 -39.98 -20.86
CA MET O 231 -5.32 -38.87 -21.67
C MET O 231 -4.13 -39.22 -22.54
N GLY O 232 -3.39 -40.23 -22.09
CA GLY O 232 -2.18 -40.72 -22.77
C GLY O 232 -0.95 -40.32 -22.00
N PHE O 233 -1.03 -40.13 -20.69
CA PHE O 233 0.24 -40.00 -19.99
C PHE O 233 0.72 -41.38 -19.64
N ARG O 234 1.99 -41.49 -19.23
CA ARG O 234 2.57 -42.77 -18.79
C ARG O 234 2.83 -42.76 -17.27
N ILE O 235 2.99 -41.57 -16.67
CA ILE O 235 3.25 -41.46 -15.23
C ILE O 235 2.53 -40.27 -14.58
N ILE O 236 1.88 -40.52 -13.43
CA ILE O 236 1.33 -39.45 -12.61
C ILE O 236 2.00 -39.47 -11.23
N ILE O 237 2.26 -38.26 -10.73
CA ILE O 237 2.84 -38.09 -9.40
C ILE O 237 2.05 -37.05 -8.61
N PHE O 238 1.99 -37.27 -7.30
CA PHE O 238 1.22 -36.44 -6.39
C PHE O 238 2.15 -35.96 -5.25
N PRO O 239 2.98 -34.95 -5.50
CA PRO O 239 3.91 -34.54 -4.42
C PRO O 239 3.45 -34.47 -2.97
N PHE O 240 2.27 -33.96 -2.66
CA PHE O 240 1.85 -33.71 -1.26
C PHE O 240 0.84 -34.68 -0.72
N ALA O 241 0.92 -35.94 -1.14
CA ALA O 241 -0.13 -36.90 -0.84
C ALA O 241 0.04 -37.50 0.55
N ALA O 242 1.26 -37.28 1.10
CA ALA O 242 1.68 -37.66 2.46
C ALA O 242 1.77 -36.42 3.33
N LEU O 243 2.16 -35.31 2.69
CA LEU O 243 2.61 -34.11 3.41
C LEU O 243 1.38 -33.33 3.86
N GLY O 244 0.56 -32.93 2.87
CA GLY O 244 -0.67 -32.21 3.10
C GLY O 244 -1.43 -32.74 4.30
N PRO O 245 -1.96 -33.98 4.19
CA PRO O 245 -2.59 -34.70 5.31
C PRO O 245 -1.72 -34.71 6.59
N ALA O 246 -0.44 -35.08 6.50
CA ALA O 246 0.42 -35.10 7.70
C ALA O 246 0.46 -33.74 8.45
N VAL O 247 0.59 -32.66 7.67
CA VAL O 247 0.61 -31.30 8.20
C VAL O 247 -0.69 -31.00 8.90
N ALA O 248 -1.82 -31.24 8.23
CA ALA O 248 -3.13 -31.03 8.85
C ALA O 248 -3.34 -31.86 10.14
N ALA O 249 -2.99 -33.14 10.12
CA ALA O 249 -3.26 -33.96 11.29
C ALA O 249 -2.35 -33.70 12.51
N MET O 250 -1.14 -33.22 12.28
CA MET O 250 -0.26 -32.83 13.38
C MET O 250 -0.61 -31.43 13.90
N ARG O 251 -1.15 -30.59 13.03
CA ARG O 251 -1.65 -29.28 13.43
C ARG O 251 -2.77 -29.40 14.49
N GLU O 252 -3.81 -30.21 14.23
CA GLU O 252 -4.89 -30.44 15.19
C GLU O 252 -4.47 -31.21 16.43
N ALA O 253 -3.72 -32.31 16.25
CA ALA O 253 -3.22 -33.14 17.37
C ALA O 253 -2.44 -32.29 18.33
N MET O 254 -1.78 -31.27 17.78
CA MET O 254 -1.00 -30.33 18.59
C MET O 254 -1.79 -29.24 19.27
N GLU O 255 -3.08 -29.14 18.92
CA GLU O 255 -4.02 -28.15 19.52
C GLU O 255 -4.88 -28.81 20.61
N LYS O 256 -5.31 -30.05 20.27
CA LYS O 256 -5.92 -31.02 21.19
C LYS O 256 -4.97 -31.30 22.37
N LEU O 257 -3.71 -31.57 22.05
CA LEU O 257 -2.65 -31.61 23.08
C LEU O 257 -2.49 -30.29 23.86
N LYS O 258 -2.54 -29.15 23.15
CA LYS O 258 -2.31 -27.85 23.78
C LYS O 258 -3.45 -27.50 24.68
N ARG O 259 -4.64 -28.03 24.38
CA ARG O 259 -5.80 -27.84 25.24
C ARG O 259 -5.83 -28.92 26.34
N ASP O 260 -6.10 -30.19 25.98
CA ASP O 260 -6.33 -31.25 26.97
C ASP O 260 -5.06 -31.78 27.66
N GLY O 261 -3.95 -31.04 27.60
CA GLY O 261 -2.70 -31.47 28.22
C GLY O 261 -2.30 -32.92 28.03
N ILE O 262 -2.82 -33.56 26.99
CA ILE O 262 -2.43 -34.92 26.70
C ILE O 262 -2.84 -35.25 25.24
N PRO O 263 -2.06 -36.07 24.52
CA PRO O 263 -2.46 -36.14 23.10
C PRO O 263 -3.77 -36.96 22.94
N GLY O 264 -3.88 -38.08 23.65
CA GLY O 264 -5.03 -38.99 23.53
C GLY O 264 -5.06 -39.70 22.19
N LEU O 265 -3.95 -40.35 21.81
CA LEU O 265 -3.89 -41.22 20.62
C LEU O 265 -4.85 -42.37 20.76
N ASP O 266 -5.49 -42.74 19.66
CA ASP O 266 -6.37 -43.91 19.68
C ASP O 266 -5.60 -45.14 20.23
N LYS O 267 -6.19 -45.81 21.22
CA LYS O 267 -5.65 -47.01 21.94
C LYS O 267 -4.81 -48.03 21.14
N GLU O 268 -5.10 -48.17 19.85
CA GLU O 268 -4.51 -49.21 19.05
C GLU O 268 -3.14 -48.78 18.54
N MET O 269 -2.79 -47.50 18.76
CA MET O 269 -1.47 -46.97 18.41
C MET O 269 -0.48 -47.16 19.57
N THR O 270 -0.31 -48.44 19.96
CA THR O 270 0.73 -48.90 20.89
C THR O 270 2.03 -48.54 20.20
N PRO O 271 3.14 -48.41 20.95
CA PRO O 271 4.43 -48.26 20.28
C PRO O 271 4.68 -49.45 19.36
N GLN O 272 4.46 -50.66 19.87
CA GLN O 272 4.56 -51.86 19.03
C GLN O 272 3.78 -51.79 17.71
N MET O 273 2.64 -51.12 17.72
CA MET O 273 1.96 -50.87 16.48
C MET O 273 2.81 -49.95 15.60
N LEU O 274 3.28 -48.86 16.18
CA LEU O 274 3.98 -47.82 15.42
C LEU O 274 5.31 -48.33 14.83
N PHE O 275 5.97 -49.23 15.55
CA PHE O 275 7.20 -49.88 15.07
C PHE O 275 6.92 -50.99 14.06
N ARG O 276 5.82 -51.72 14.25
CA ARG O 276 5.39 -52.68 13.21
C ARG O 276 5.01 -51.95 11.94
N VAL O 277 4.49 -50.71 12.06
CA VAL O 277 4.43 -49.88 10.85
C VAL O 277 5.83 -49.85 10.19
N CYS O 278 6.88 -49.65 10.99
CA CYS O 278 8.26 -49.54 10.47
C CYS O 278 9.11 -50.82 10.47
N GLY O 279 8.53 -51.94 10.08
CA GLY O 279 9.30 -53.10 9.64
C GLY O 279 9.92 -53.83 10.78
N LEU O 280 9.36 -53.63 11.98
CA LEU O 280 9.88 -54.30 13.17
C LEU O 280 9.97 -55.83 12.98
N ASP O 281 8.87 -56.44 12.55
CA ASP O 281 8.78 -57.88 12.57
C ASP O 281 9.87 -58.43 11.69
N GLU O 282 9.98 -57.82 10.51
CA GLU O 282 11.02 -58.11 9.51
C GLU O 282 12.41 -57.88 10.10
N SER O 283 12.58 -56.78 10.86
CA SER O 283 13.83 -56.46 11.58
C SER O 283 14.25 -57.61 12.51
N MET O 284 13.32 -58.07 13.35
CA MET O 284 13.58 -59.10 14.36
C MET O 284 13.87 -60.46 13.76
N LYS O 285 13.53 -60.61 12.48
CA LYS O 285 13.68 -61.85 11.74
C LYS O 285 15.14 -62.03 11.30
N VAL O 286 15.68 -60.94 10.75
CA VAL O 286 17.11 -60.78 10.46
C VAL O 286 17.98 -61.27 11.64
N ASP O 287 17.81 -60.63 12.80
CA ASP O 287 18.55 -60.95 13.98
C ASP O 287 18.24 -62.36 14.43
N ALA O 288 16.99 -62.75 14.23
CA ALA O 288 16.54 -64.10 14.51
C ALA O 288 17.28 -65.12 13.67
N GLN O 289 17.25 -64.96 12.34
CA GLN O 289 17.88 -65.91 11.41
C GLN O 289 19.39 -66.01 11.55
N ALA O 290 20.08 -64.91 11.85
CA ALA O 290 21.55 -64.91 11.97
C ALA O 290 22.06 -65.67 13.19
N GLY O 291 21.15 -66.28 13.94
CA GLY O 291 21.50 -67.05 15.10
C GLY O 291 21.41 -66.15 16.30
N GLY O 292 21.05 -64.89 16.06
CA GLY O 292 20.88 -63.91 17.12
C GLY O 292 19.75 -64.28 18.08
N ALA O 293 19.86 -63.81 19.33
CA ALA O 293 18.88 -64.15 20.37
C ALA O 293 18.32 -62.95 21.15
N ALA O 294 18.73 -61.76 20.72
CA ALA O 294 18.44 -60.52 21.40
C ALA O 294 16.95 -60.11 21.38
N PHE O 295 16.14 -60.75 20.54
CA PHE O 295 14.71 -60.46 20.55
C PHE O 295 13.84 -61.52 21.18
N ASP O 296 14.14 -62.76 20.85
CA ASP O 296 13.38 -63.93 21.25
C ASP O 296 12.77 -63.90 22.63
N GLY O 297 11.51 -64.33 22.70
CA GLY O 297 10.62 -63.82 23.70
C GLY O 297 9.68 -62.74 23.25
N GLY O 298 10.22 -61.77 22.51
CA GLY O 298 9.40 -60.97 21.63
C GLY O 298 9.53 -59.52 22.02
N VAL O 299 8.52 -58.96 22.63
CA VAL O 299 8.42 -57.53 22.67
C VAL O 299 6.98 -57.18 22.88
N ASP O 300 6.19 -58.22 22.99
CA ASP O 300 4.97 -58.20 23.77
C ASP O 300 5.22 -57.84 25.21
N LEU O 301 4.88 -56.62 25.58
CA LEU O 301 4.82 -56.23 27.03
C LEU O 301 5.56 -54.91 27.25
N PRO P 1 28.70 -11.96 21.35
CA PRO P 1 28.60 -13.33 21.96
C PRO P 1 27.43 -14.12 21.36
N MET P 2 27.50 -15.45 21.33
CA MET P 2 26.37 -16.23 20.78
C MET P 2 25.67 -17.09 21.82
N VAL P 3 24.52 -16.62 22.26
CA VAL P 3 23.79 -17.31 23.35
C VAL P 3 23.09 -18.66 22.89
N THR P 4 22.52 -19.41 23.84
CA THR P 4 21.98 -20.77 23.59
C THR P 4 20.85 -21.19 24.55
N ALA P 5 19.97 -22.05 24.03
CA ALA P 5 18.76 -22.51 24.74
C ALA P 5 19.04 -23.45 25.90
N ALA P 6 20.21 -24.09 25.92
CA ALA P 6 20.71 -24.81 27.12
C ALA P 6 20.72 -23.99 28.41
N THR P 7 20.94 -22.69 28.30
CA THR P 7 21.12 -21.86 29.47
C THR P 7 19.73 -21.58 30.09
N SER P 8 18.83 -21.04 29.27
CA SER P 8 17.57 -20.54 29.79
C SER P 8 16.74 -21.70 30.33
N LEU P 9 16.82 -22.84 29.65
CA LEU P 9 16.29 -24.08 30.19
C LEU P 9 16.84 -24.39 31.61
N ARG P 10 18.07 -23.95 31.86
CA ARG P 10 18.78 -24.40 33.04
C ARG P 10 18.41 -23.55 34.24
N ARG P 11 18.38 -22.26 33.98
CA ARG P 11 17.80 -21.29 34.86
C ARG P 11 16.49 -21.89 35.45
N ALA P 12 15.60 -22.25 34.52
CA ALA P 12 14.31 -22.87 34.78
C ALA P 12 14.40 -24.04 35.73
N LEU P 13 15.31 -24.95 35.45
CA LEU P 13 15.43 -26.14 36.27
C LEU P 13 15.65 -25.90 37.78
N GLU P 14 16.51 -24.93 38.16
CA GLU P 14 16.67 -24.60 39.60
C GLU P 14 15.56 -23.68 40.11
N ASN P 15 14.88 -22.97 39.22
CA ASN P 15 13.62 -22.32 39.62
C ASN P 15 12.56 -23.38 39.98
N PRO P 16 12.25 -23.49 41.29
CA PRO P 16 11.43 -24.60 41.80
C PRO P 16 10.01 -24.70 41.18
N ASP P 17 9.50 -23.58 40.67
CA ASP P 17 8.10 -23.48 40.15
C ASP P 17 7.90 -23.85 38.70
N SER P 18 8.83 -23.42 37.72
CA SER P 18 8.64 -23.45 36.28
C SER P 18 8.57 -24.87 35.77
N PHE P 19 7.83 -25.20 34.80
CA PHE P 19 7.41 -26.57 34.43
C PHE P 19 7.42 -26.64 32.92
N ILE P 20 8.02 -27.71 32.39
CA ILE P 20 8.37 -27.70 30.96
C ILE P 20 7.55 -28.73 30.26
N VAL P 21 6.76 -28.22 29.32
CA VAL P 21 5.84 -29.04 28.60
C VAL P 21 6.46 -29.16 27.22
N ALA P 22 7.00 -30.35 26.89
CA ALA P 22 7.71 -30.63 25.59
C ALA P 22 7.15 -31.77 24.65
N PRO P 23 6.37 -31.40 23.59
CA PRO P 23 5.78 -32.39 22.68
C PRO P 23 6.82 -33.01 21.76
N GLY P 24 6.66 -34.31 21.56
CA GLY P 24 7.64 -35.06 20.80
C GLY P 24 7.56 -34.81 19.30
N VAL P 25 8.66 -34.27 18.77
CA VAL P 25 8.83 -34.15 17.32
C VAL P 25 9.94 -35.05 16.76
N TYR P 26 9.98 -35.14 15.44
CA TYR P 26 10.82 -36.10 14.77
C TYR P 26 11.41 -35.57 13.49
N ASP P 27 11.07 -34.34 13.10
CA ASP P 27 11.65 -33.71 11.90
C ASP P 27 11.26 -32.26 11.72
N GLY P 28 11.72 -31.68 10.61
CA GLY P 28 11.45 -30.31 10.24
C GLY P 28 9.98 -29.93 10.30
N LEU P 29 9.12 -30.76 9.70
CA LEU P 29 7.68 -30.50 9.68
C LEU P 29 7.03 -30.52 11.05
N SER P 30 7.20 -31.62 11.79
CA SER P 30 6.58 -31.80 13.06
C SER P 30 7.08 -30.68 13.95
N ALA P 31 8.34 -30.31 13.78
CA ALA P 31 8.88 -29.14 14.53
C ALA P 31 8.18 -27.80 14.17
N ARG P 32 7.99 -27.51 12.88
CA ARG P 32 7.32 -26.27 12.44
C ARG P 32 5.94 -26.09 13.06
N VAL P 33 5.14 -27.16 12.90
CA VAL P 33 3.78 -27.38 13.48
C VAL P 33 3.69 -27.29 15.02
N ALA P 34 4.55 -28.03 15.74
CA ALA P 34 4.65 -27.85 17.18
C ALA P 34 4.85 -26.34 17.58
N LEU P 35 5.62 -25.61 16.80
CA LEU P 35 5.91 -24.21 17.13
C LEU P 35 4.79 -23.29 16.77
N SER P 36 4.04 -23.60 15.71
CA SER P 36 2.82 -22.86 15.40
C SER P 36 1.85 -23.07 16.54
N ALA P 37 1.81 -24.31 17.06
CA ALA P 37 0.83 -24.67 18.08
C ALA P 37 1.00 -23.76 19.30
N GLY P 38 2.27 -23.40 19.61
CA GLY P 38 2.58 -22.43 20.64
C GLY P 38 3.45 -22.94 21.76
N PHE P 39 3.95 -24.18 21.67
CA PHE P 39 4.87 -24.74 22.71
C PHE P 39 6.17 -23.99 22.96
N ASP P 40 6.55 -23.89 24.22
CA ASP P 40 7.78 -23.17 24.56
C ASP P 40 8.93 -24.13 24.68
N ALA P 41 8.71 -25.36 24.24
CA ALA P 41 9.77 -26.36 24.29
C ALA P 41 9.40 -27.60 23.50
N LEU P 42 10.40 -28.24 22.90
CA LEU P 42 10.15 -29.39 22.05
C LEU P 42 10.95 -30.60 22.50
N TYR P 43 10.54 -31.81 22.11
CA TYR P 43 11.37 -33.03 22.33
C TYR P 43 11.71 -33.71 21.01
N MET P 44 12.95 -34.10 20.82
CA MET P 44 13.26 -34.88 19.63
C MET P 44 13.17 -36.37 20.03
N THR P 45 12.14 -37.06 19.55
CA THR P 45 11.96 -38.51 19.84
C THR P 45 12.98 -39.41 19.12
N GLY P 46 13.81 -40.16 19.83
CA GLY P 46 14.73 -41.10 19.18
C GLY P 46 14.05 -42.11 18.26
N ALA P 47 12.88 -42.60 18.66
CA ALA P 47 12.23 -43.65 17.91
C ALA P 47 11.77 -43.13 16.55
N GLY P 48 11.33 -41.88 16.58
CA GLY P 48 10.72 -41.26 15.43
C GLY P 48 11.75 -40.76 14.47
N THR P 49 12.94 -40.47 15.01
CA THR P 49 14.15 -40.23 14.21
C THR P 49 14.54 -41.52 13.51
N ALA P 50 14.39 -42.64 14.19
CA ALA P 50 14.52 -43.93 13.52
C ALA P 50 13.40 -44.15 12.47
N ALA P 51 12.20 -43.63 12.75
CA ALA P 51 11.07 -43.82 11.86
C ALA P 51 11.15 -42.92 10.63
N SER P 52 11.49 -41.64 10.83
CA SER P 52 11.50 -40.69 9.71
C SER P 52 12.75 -40.74 8.85
N VAL P 53 13.91 -40.63 9.48
CA VAL P 53 15.20 -40.66 8.82
C VAL P 53 15.58 -42.01 8.20
N HIS P 54 15.21 -43.12 8.87
CA HIS P 54 15.55 -44.46 8.37
C HIS P 54 14.44 -45.41 8.01
N GLY P 55 13.20 -44.94 8.08
CA GLY P 55 12.02 -45.75 7.78
C GLY P 55 11.97 -47.02 8.60
N GLN P 56 12.49 -46.94 9.81
CA GLN P 56 12.85 -48.16 10.52
C GLN P 56 12.49 -48.11 12.01
N ALA P 57 12.26 -49.30 12.60
CA ALA P 57 11.92 -49.37 14.03
C ALA P 57 13.00 -48.86 14.99
N ASP P 58 12.64 -48.72 16.25
CA ASP P 58 13.52 -48.09 17.23
C ASP P 58 14.25 -49.20 17.93
N LEU P 59 15.39 -49.57 17.33
CA LEU P 59 16.21 -50.67 17.79
C LEU P 59 17.69 -50.21 17.83
N GLY P 60 17.90 -48.89 17.97
CA GLY P 60 19.26 -48.32 18.00
C GLY P 60 19.93 -48.44 16.65
N ILE P 61 19.14 -48.35 15.60
CA ILE P 61 19.58 -48.35 14.22
C ILE P 61 20.28 -47.03 14.00
N CYS P 62 19.79 -45.97 14.65
CA CYS P 62 20.31 -44.64 14.40
C CYS P 62 21.70 -44.54 14.92
N THR P 63 22.50 -43.86 14.14
CA THR P 63 23.82 -43.59 14.55
C THR P 63 23.87 -42.17 15.06
N LEU P 64 24.95 -41.87 15.78
CA LEU P 64 25.21 -40.53 16.26
C LEU P 64 25.08 -39.40 15.20
N ASN P 65 25.51 -39.67 13.97
CA ASN P 65 25.53 -38.65 12.94
C ASN P 65 24.12 -38.27 12.63
N ASP P 66 23.28 -39.29 12.56
CA ASP P 66 21.91 -39.07 12.21
C ASP P 66 21.22 -38.34 13.32
N MET P 67 21.61 -38.61 14.55
CA MET P 67 20.87 -38.07 15.66
C MET P 67 21.30 -36.62 15.87
N ARG P 68 22.60 -36.38 15.86
CA ARG P 68 23.10 -35.04 16.13
C ARG P 68 22.48 -34.11 15.10
N ALA P 69 22.40 -34.58 13.85
CA ALA P 69 22.03 -33.71 12.75
C ALA P 69 20.52 -33.40 12.75
N ASN P 70 19.71 -34.42 13.02
CA ASN P 70 18.31 -34.23 13.30
C ASN P 70 18.09 -33.26 14.51
N ALA P 71 18.87 -33.44 15.58
CA ALA P 71 18.84 -32.45 16.68
C ALA P 71 19.23 -31.00 16.25
N GLU P 72 20.28 -30.87 15.44
CA GLU P 72 20.78 -29.55 15.17
C GLU P 72 19.76 -28.73 14.39
N MET P 73 19.08 -29.34 13.43
CA MET P 73 18.15 -28.52 12.68
C MET P 73 16.93 -28.27 13.53
N ILE P 74 16.53 -29.25 14.33
CA ILE P 74 15.38 -29.03 15.18
C ILE P 74 15.57 -27.88 16.17
N SER P 75 16.73 -27.78 16.82
CA SER P 75 16.96 -26.69 17.78
C SER P 75 17.11 -25.38 17.06
N ASN P 76 17.33 -25.44 15.76
CA ASN P 76 17.57 -24.22 15.02
C ASN P 76 16.43 -23.79 14.14
N ILE P 77 15.31 -24.51 14.20
CA ILE P 77 14.13 -23.88 13.73
C ILE P 77 13.81 -22.72 14.69
N SER P 78 13.71 -22.95 16.01
CA SER P 78 13.64 -21.82 16.91
C SER P 78 14.71 -21.82 18.00
N PRO P 79 15.64 -20.82 17.95
CA PRO P 79 16.82 -20.80 18.83
C PRO P 79 16.49 -20.37 20.29
N SER P 80 15.56 -19.44 20.49
CA SER P 80 15.14 -19.20 21.87
C SER P 80 14.19 -20.27 22.46
N THR P 81 13.81 -21.28 21.66
CA THR P 81 12.99 -22.37 22.20
C THR P 81 13.88 -23.59 22.46
N PRO P 82 13.86 -24.08 23.71
CA PRO P 82 14.77 -25.12 24.13
C PRO P 82 14.38 -26.49 23.62
N VAL P 83 15.34 -27.20 23.05
CA VAL P 83 15.09 -28.51 22.48
C VAL P 83 15.78 -29.48 23.41
N ILE P 84 15.12 -30.60 23.69
CA ILE P 84 15.61 -31.69 24.53
C ILE P 84 15.69 -32.90 23.62
N ALA P 85 16.87 -33.47 23.53
CA ALA P 85 17.08 -34.40 22.44
C ALA P 85 17.58 -35.73 22.99
N ASP P 86 16.85 -36.79 22.66
CA ASP P 86 17.30 -38.14 22.83
C ASP P 86 18.80 -38.28 22.51
N ALA P 87 19.43 -39.28 23.07
CA ALA P 87 20.80 -39.55 22.76
C ALA P 87 21.12 -40.91 23.24
N ASP P 88 20.13 -41.79 23.26
CA ASP P 88 20.32 -43.22 23.57
C ASP P 88 21.46 -43.51 24.61
N THR P 89 22.24 -44.57 24.36
CA THR P 89 23.33 -45.01 25.24
C THR P 89 24.64 -44.29 24.94
N GLY P 90 24.54 -43.04 24.50
CA GLY P 90 25.72 -42.19 24.19
C GLY P 90 26.61 -42.60 23.03
N TYR P 91 26.28 -43.73 22.38
CA TYR P 91 27.01 -44.22 21.20
C TYR P 91 28.41 -44.72 21.54
N GLY P 92 28.46 -45.86 22.23
CA GLY P 92 29.72 -46.39 22.76
C GLY P 92 30.12 -45.74 24.08
N GLY P 93 31.33 -46.09 24.55
CA GLY P 93 31.92 -45.56 25.80
C GLY P 93 32.23 -44.08 25.90
N PRO P 94 32.82 -43.65 27.03
CA PRO P 94 33.09 -42.27 27.46
C PRO P 94 33.55 -41.32 26.37
N ILE P 95 34.37 -41.80 25.45
CA ILE P 95 34.97 -40.95 24.42
C ILE P 95 33.95 -40.37 23.49
N MET P 96 33.00 -41.24 23.16
CA MET P 96 31.89 -40.95 22.29
C MET P 96 30.84 -40.18 23.02
N VAL P 97 30.65 -40.60 24.26
CA VAL P 97 29.77 -39.90 25.15
C VAL P 97 30.21 -38.42 25.11
N ALA P 98 31.52 -38.19 25.03
CA ALA P 98 32.04 -36.81 24.94
C ALA P 98 31.80 -36.07 23.61
N ARG P 99 31.78 -36.78 22.48
CA ARG P 99 31.55 -36.07 21.21
C ARG P 99 30.07 -35.71 21.06
N THR P 100 29.20 -36.67 21.39
CA THR P 100 27.77 -36.43 21.53
C THR P 100 27.58 -35.13 22.28
N THR P 101 28.09 -35.10 23.49
CA THR P 101 27.86 -33.99 24.37
C THR P 101 28.33 -32.68 23.74
N GLU P 102 29.57 -32.67 23.28
CA GLU P 102 30.16 -31.49 22.62
C GLU P 102 29.40 -31.12 21.35
N GLN P 103 29.03 -32.14 20.58
CA GLN P 103 28.34 -31.90 19.35
C GLN P 103 26.95 -31.33 19.57
N TYR P 104 26.25 -31.75 20.62
CA TYR P 104 24.94 -31.21 20.88
C TYR P 104 24.99 -29.76 21.35
N SER P 105 26.04 -29.46 22.12
CA SER P 105 26.33 -28.12 22.61
C SER P 105 26.52 -27.16 21.48
N ARG P 106 27.50 -27.46 20.63
CA ARG P 106 27.81 -26.61 19.50
C ARG P 106 26.56 -26.53 18.67
N SER P 107 25.80 -27.61 18.66
CA SER P 107 24.59 -27.69 17.86
C SER P 107 23.40 -26.80 18.36
N GLY P 108 23.43 -26.37 19.61
CA GLY P 108 22.31 -25.60 20.14
C GLY P 108 21.26 -26.37 20.96
N VAL P 109 21.50 -27.67 21.18
CA VAL P 109 20.60 -28.51 21.99
C VAL P 109 20.52 -28.04 23.44
N ALA P 110 19.31 -27.90 23.99
CA ALA P 110 19.21 -27.52 25.41
C ALA P 110 19.42 -28.68 26.42
N ALA P 111 18.91 -29.87 26.14
CA ALA P 111 19.11 -31.01 27.06
C ALA P 111 19.28 -32.27 26.29
N PHE P 112 19.83 -33.31 26.92
CA PHE P 112 19.80 -34.64 26.32
C PHE P 112 19.70 -35.79 27.34
N HIS P 113 19.33 -36.98 26.84
CA HIS P 113 19.11 -38.12 27.71
C HIS P 113 19.85 -39.44 27.35
N ILE P 114 20.58 -39.93 28.36
CA ILE P 114 21.43 -41.11 28.27
C ILE P 114 20.87 -42.21 29.21
N GLU P 115 20.97 -43.47 28.79
CA GLU P 115 20.29 -44.59 29.46
C GLU P 115 21.23 -45.75 29.71
N ASP P 116 20.73 -46.78 30.39
CA ASP P 116 21.55 -47.91 30.82
C ASP P 116 21.40 -49.20 30.01
N GLN P 117 21.09 -49.07 28.73
CA GLN P 117 21.09 -50.27 27.90
C GLN P 117 22.41 -50.44 27.14
N VAL P 118 22.62 -51.64 26.57
CA VAL P 118 23.67 -51.88 25.57
C VAL P 118 23.50 -50.95 24.34
N GLN P 119 24.62 -50.67 23.65
CA GLN P 119 24.60 -49.70 22.57
C GLN P 119 23.39 -49.95 21.67
N THR P 120 23.18 -51.22 21.39
CA THR P 120 22.11 -51.71 20.53
C THR P 120 20.82 -51.85 21.31
N LYS P 121 20.40 -50.70 21.81
CA LYS P 121 19.26 -50.59 22.66
C LYS P 121 17.98 -50.87 21.88
N ARG P 122 16.86 -50.86 22.61
CA ARG P 122 15.50 -50.85 22.03
C ARG P 122 14.65 -49.82 22.74
N CYS P 123 13.37 -49.81 22.38
CA CYS P 123 12.47 -48.83 22.91
C CYS P 123 12.21 -49.06 24.39
N GLY P 124 12.07 -47.96 25.13
CA GLY P 124 11.80 -48.04 26.58
C GLY P 124 10.64 -48.98 26.87
N HIS P 125 9.52 -48.77 26.19
CA HIS P 125 8.27 -49.54 26.40
C HIS P 125 8.14 -50.90 25.64
N LEU P 126 9.25 -51.60 25.50
CA LEU P 126 9.32 -52.86 24.75
C LEU P 126 10.00 -53.96 25.54
N ALA P 127 9.71 -55.20 25.22
CA ALA P 127 10.08 -56.29 26.10
C ALA P 127 11.54 -56.50 25.89
N GLY P 128 12.16 -57.31 26.72
CA GLY P 128 13.45 -57.92 26.40
C GLY P 128 14.67 -57.05 26.62
N LYS P 129 14.46 -55.87 27.13
CA LYS P 129 15.53 -54.90 27.23
C LYS P 129 16.81 -55.47 27.86
N ILE P 130 17.94 -55.22 27.19
CA ILE P 130 19.27 -55.58 27.69
C ILE P 130 19.90 -54.32 28.36
N LEU P 131 20.50 -54.48 29.54
CA LEU P 131 21.05 -53.32 30.24
C LEU P 131 22.58 -53.44 30.33
N VAL P 132 23.17 -52.54 31.10
CA VAL P 132 24.59 -52.63 31.45
C VAL P 132 24.65 -52.57 32.97
N ASP P 133 25.77 -52.88 33.61
CA ASP P 133 25.84 -52.67 35.08
C ASP P 133 25.90 -51.19 35.44
N THR P 134 25.51 -50.88 36.67
CA THR P 134 25.40 -49.51 37.17
C THR P 134 26.58 -48.60 36.82
N ASP P 135 27.80 -49.13 36.97
CA ASP P 135 29.03 -48.36 36.80
C ASP P 135 29.27 -47.93 35.36
N THR P 136 29.10 -48.86 34.41
CA THR P 136 29.22 -48.47 33.03
C THR P 136 28.21 -47.36 32.85
N TYR P 137 27.00 -47.52 33.33
CA TYR P 137 26.03 -46.45 33.19
C TYR P 137 26.50 -45.09 33.82
N VAL P 138 27.16 -45.17 34.97
CA VAL P 138 27.64 -43.96 35.65
C VAL P 138 28.75 -43.31 34.80
N THR P 139 29.61 -44.15 34.23
CA THR P 139 30.73 -43.65 33.46
C THR P 139 30.24 -42.72 32.34
N ARG P 140 29.18 -43.15 31.67
CA ARG P 140 28.46 -42.35 30.63
C ARG P 140 28.05 -41.04 31.24
N ILE P 141 27.32 -41.11 32.36
CA ILE P 141 26.82 -39.92 33.00
C ILE P 141 27.96 -38.97 33.28
N ARG P 142 29.04 -39.51 33.88
CA ARG P 142 30.18 -38.68 34.34
C ARG P 142 30.84 -38.01 33.14
N ALA P 143 31.01 -38.76 32.05
CA ALA P 143 31.68 -38.22 30.86
C ALA P 143 30.96 -37.01 30.22
N ALA P 144 29.63 -37.04 30.24
CA ALA P 144 28.78 -35.98 29.66
C ALA P 144 28.99 -34.69 30.43
N VAL P 145 28.93 -34.84 31.75
CA VAL P 145 29.14 -33.76 32.69
C VAL P 145 30.56 -33.14 32.52
N GLN P 146 31.56 -34.02 32.32
CA GLN P 146 32.96 -33.58 32.25
C GLN P 146 33.23 -32.88 30.93
N ALA P 147 32.72 -33.45 29.86
CA ALA P 147 32.89 -32.79 28.60
C ALA P 147 32.05 -31.52 28.58
N ARG P 148 30.90 -31.53 29.25
CA ARG P 148 30.00 -30.36 29.28
C ARG P 148 30.76 -29.14 29.78
N GLN P 149 31.45 -29.33 30.90
CA GLN P 149 32.05 -28.21 31.60
C GLN P 149 33.31 -27.78 30.88
N ARG P 150 34.07 -28.76 30.39
CA ARG P 150 35.31 -28.51 29.66
C ARG P 150 35.13 -27.53 28.47
N ILE P 151 33.91 -27.41 27.91
CA ILE P 151 33.62 -26.30 26.97
C ILE P 151 32.83 -25.04 27.46
N GLY P 152 32.25 -25.05 28.66
CA GLY P 152 31.56 -23.85 29.17
C GLY P 152 30.08 -23.80 28.81
N SER P 153 29.53 -24.98 28.56
CA SER P 153 28.26 -25.13 27.91
C SER P 153 27.23 -25.53 28.94
N ASP P 154 26.01 -25.05 28.77
CA ASP P 154 24.97 -25.32 29.75
C ASP P 154 23.98 -26.45 29.47
N ILE P 155 24.18 -27.19 28.37
CA ILE P 155 23.39 -28.39 28.12
C ILE P 155 23.06 -29.14 29.42
N VAL P 156 21.77 -29.45 29.55
CA VAL P 156 21.28 -30.17 30.68
C VAL P 156 21.43 -31.67 30.46
N VAL P 157 22.21 -32.32 31.31
CA VAL P 157 22.33 -33.77 31.28
C VAL P 157 21.08 -34.33 31.99
N ILE P 158 20.36 -35.21 31.28
CA ILE P 158 19.18 -35.98 31.78
C ILE P 158 19.52 -37.46 32.00
N ALA P 159 19.36 -37.95 33.21
CA ALA P 159 19.81 -39.32 33.50
C ALA P 159 18.67 -40.33 33.40
N ARG P 160 18.73 -41.27 32.46
CA ARG P 160 17.62 -42.22 32.31
C ARG P 160 18.01 -43.62 32.64
N THR P 161 17.16 -44.29 33.41
CA THR P 161 17.33 -45.71 33.60
C THR P 161 16.13 -46.43 33.07
N ASP P 162 16.39 -47.66 32.63
CA ASP P 162 15.42 -48.52 31.99
C ASP P 162 15.44 -49.85 32.73
N SER P 163 15.71 -49.79 34.04
CA SER P 163 16.13 -51.01 34.73
C SER P 163 15.00 -51.61 35.50
N LEU P 164 13.90 -50.86 35.51
CA LEU P 164 12.69 -51.19 36.28
C LEU P 164 12.03 -52.45 35.79
N GLN P 165 11.78 -52.52 34.49
CA GLN P 165 11.20 -53.74 33.93
C GLN P 165 12.10 -54.99 34.12
N THR P 166 13.42 -54.82 33.93
CA THR P 166 14.39 -55.92 34.15
C THR P 166 14.65 -56.22 35.63
N HIS P 167 15.30 -55.31 36.36
CA HIS P 167 15.96 -55.66 37.63
C HIS P 167 15.13 -55.38 38.90
N GLY P 168 14.04 -54.62 38.72
CA GLY P 168 13.23 -54.16 39.86
C GLY P 168 13.35 -52.69 40.27
N TYR P 169 12.35 -52.22 41.01
CA TYR P 169 12.26 -50.82 41.38
C TYR P 169 13.38 -50.40 42.35
N GLU P 170 13.76 -51.31 43.26
CA GLU P 170 14.93 -51.17 44.14
C GLU P 170 16.13 -50.69 43.38
N GLU P 171 16.47 -51.44 42.34
CA GLU P 171 17.65 -51.17 41.49
C GLU P 171 17.52 -49.85 40.70
N SER P 172 16.28 -49.45 40.37
CA SER P 172 16.12 -48.31 39.44
C SER P 172 16.27 -46.94 40.11
N VAL P 173 15.89 -46.86 41.37
CA VAL P 173 16.06 -45.60 42.06
C VAL P 173 17.55 -45.51 42.34
N ALA P 174 18.14 -46.62 42.78
CA ALA P 174 19.60 -46.68 43.05
C ALA P 174 20.39 -46.01 41.91
N ARG P 175 20.27 -46.60 40.72
CA ARG P 175 20.86 -46.07 39.49
C ARG P 175 20.62 -44.55 39.36
N LEU P 176 19.38 -44.12 39.56
CA LEU P 176 19.06 -42.70 39.48
C LEU P 176 19.88 -41.87 40.46
N ARG P 177 19.90 -42.31 41.73
CA ARG P 177 20.64 -41.62 42.82
C ARG P 177 22.06 -41.49 42.32
N ALA P 178 22.60 -42.66 42.01
CA ALA P 178 23.93 -42.85 41.45
C ALA P 178 24.33 -41.84 40.38
N ALA P 179 23.38 -41.36 39.60
CA ALA P 179 23.68 -40.41 38.55
C ALA P 179 23.50 -38.96 38.98
N ARG P 180 22.53 -38.71 39.87
CA ARG P 180 22.47 -37.39 40.52
C ARG P 180 23.80 -37.13 41.19
N ASP P 181 24.33 -38.21 41.75
CA ASP P 181 25.67 -38.27 42.35
C ASP P 181 26.74 -37.90 41.37
N ALA P 182 26.66 -38.40 40.14
CA ALA P 182 27.66 -38.07 39.09
C ALA P 182 27.45 -36.69 38.45
N GLY P 183 26.38 -36.01 38.88
CA GLY P 183 26.10 -34.63 38.49
C GLY P 183 25.19 -34.46 37.30
N ALA P 184 24.26 -35.38 37.08
CA ALA P 184 23.33 -35.14 35.97
C ALA P 184 22.25 -34.21 36.46
N ASP P 185 21.75 -33.38 35.57
CA ASP P 185 20.78 -32.30 35.91
C ASP P 185 19.30 -32.69 36.21
N VAL P 186 18.76 -33.60 35.40
CA VAL P 186 17.40 -34.05 35.58
C VAL P 186 17.41 -35.56 35.73
N GLY P 187 16.34 -36.12 36.32
CA GLY P 187 16.11 -37.58 36.43
C GLY P 187 14.93 -38.19 35.63
N PHE P 188 15.15 -39.37 35.02
CA PHE P 188 14.23 -39.98 34.05
C PHE P 188 14.18 -41.50 34.21
N LEU P 189 13.23 -41.93 35.05
CA LEU P 189 12.93 -43.33 35.30
C LEU P 189 11.98 -43.72 34.22
N GLU P 190 12.35 -44.74 33.47
CA GLU P 190 11.59 -45.05 32.27
C GLU P 190 10.56 -46.13 32.50
N GLY P 191 9.38 -45.93 31.94
CA GLY P 191 8.31 -46.91 32.01
C GLY P 191 7.81 -47.09 33.43
N ILE P 192 7.25 -46.01 33.98
CA ILE P 192 6.61 -46.03 35.30
C ILE P 192 5.29 -46.85 35.28
N THR P 193 5.19 -47.90 36.10
CA THR P 193 4.03 -48.83 36.07
C THR P 193 2.78 -48.30 36.78
N SER P 194 2.95 -47.59 37.89
CA SER P 194 1.82 -47.10 38.66
C SER P 194 1.75 -45.58 38.59
N ARG P 195 0.65 -45.00 39.08
CA ARG P 195 0.60 -43.59 39.44
C ARG P 195 1.11 -43.44 40.86
N GLU P 196 0.87 -44.44 41.68
CA GLU P 196 1.51 -44.37 42.97
C GLU P 196 2.93 -44.93 42.91
N MET P 197 3.50 -44.97 41.71
CA MET P 197 4.94 -45.12 41.62
C MET P 197 5.52 -43.76 41.32
N ALA P 198 4.66 -42.78 41.07
CA ALA P 198 5.12 -41.48 40.55
C ALA P 198 5.52 -40.49 41.65
N ARG P 199 4.60 -40.12 42.55
CA ARG P 199 5.06 -39.32 43.70
C ARG P 199 6.03 -40.17 44.54
N GLN P 200 5.97 -41.49 44.35
CA GLN P 200 6.83 -42.46 45.06
C GLN P 200 8.32 -42.28 44.65
N VAL P 201 8.52 -41.75 43.46
CA VAL P 201 9.86 -41.43 43.02
C VAL P 201 10.15 -39.93 43.15
N ILE P 202 9.14 -39.08 42.96
CA ILE P 202 9.32 -37.63 43.19
C ILE P 202 9.72 -37.40 44.65
N GLN P 203 9.21 -38.28 45.53
CA GLN P 203 9.60 -38.35 46.94
C GLN P 203 10.97 -38.99 47.09
N ASP P 204 11.08 -40.24 46.66
CA ASP P 204 12.34 -40.99 46.79
C ASP P 204 13.60 -40.26 46.20
N LEU P 205 13.40 -39.07 45.63
CA LEU P 205 14.48 -38.30 44.97
C LEU P 205 14.18 -36.78 45.02
N ALA P 206 13.59 -36.38 46.15
CA ALA P 206 13.12 -35.00 46.39
C ALA P 206 14.13 -33.93 45.94
N GLY P 207 13.67 -32.74 45.55
CA GLY P 207 14.56 -31.62 45.21
C GLY P 207 15.43 -31.74 43.95
N TRP P 208 15.49 -32.94 43.38
CA TRP P 208 16.19 -33.14 42.09
C TRP P 208 15.20 -33.23 40.92
N PRO P 209 15.14 -32.21 40.05
CA PRO P 209 14.07 -32.19 39.00
C PRO P 209 13.88 -33.54 38.30
N LEU P 210 12.65 -34.06 38.24
CA LEU P 210 12.37 -35.28 37.43
C LEU P 210 11.51 -35.06 36.18
N LEU P 211 11.47 -36.10 35.35
CA LEU P 211 10.85 -36.05 34.02
C LEU P 211 10.05 -37.29 33.80
N LEU P 212 8.80 -37.10 33.41
CA LEU P 212 7.90 -38.18 33.07
C LEU P 212 7.74 -38.29 31.59
N ASN P 213 7.87 -39.51 31.09
CA ASN P 213 7.70 -39.82 29.65
C ASN P 213 6.32 -40.43 29.44
N MET P 214 5.41 -39.63 28.86
CA MET P 214 4.03 -40.06 28.56
C MET P 214 3.86 -40.62 27.15
N VAL P 215 4.12 -41.92 27.01
CA VAL P 215 4.02 -42.67 25.77
C VAL P 215 2.80 -43.55 26.05
N GLU P 216 1.64 -43.15 25.54
CA GLU P 216 0.37 -43.79 25.94
C GLU P 216 0.18 -45.21 25.40
N HIS P 217 -0.55 -46.06 26.12
CA HIS P 217 -0.86 -47.44 25.68
C HIS P 217 0.40 -48.36 25.56
N GLY P 218 1.37 -48.05 26.41
CA GLY P 218 2.48 -48.95 26.71
C GLY P 218 2.38 -49.20 28.22
N ALA P 219 3.51 -48.98 28.93
CA ALA P 219 3.73 -49.29 30.36
C ALA P 219 3.21 -48.25 31.41
N THR P 220 3.12 -46.97 31.00
CA THR P 220 2.75 -45.85 31.90
C THR P 220 1.28 -45.42 31.92
N PRO P 221 0.63 -45.46 33.09
CA PRO P 221 -0.77 -45.01 33.02
C PRO P 221 -0.82 -43.54 32.61
N SER P 222 -1.83 -43.22 31.82
CA SER P 222 -2.12 -41.85 31.43
C SER P 222 -1.99 -40.79 32.51
N ILE P 223 -1.19 -39.78 32.18
CA ILE P 223 -1.08 -38.64 33.06
C ILE P 223 -1.04 -37.31 32.29
N SER P 224 -1.92 -36.39 32.72
CA SER P 224 -2.00 -35.02 32.21
C SER P 224 -0.79 -34.17 32.63
N ALA P 225 -0.38 -33.26 31.74
CA ALA P 225 0.53 -32.15 32.07
C ALA P 225 0.11 -31.24 33.29
N ALA P 226 -1.16 -31.19 33.67
CA ALA P 226 -1.46 -30.41 34.86
C ALA P 226 -1.20 -31.28 36.11
N GLU P 227 -1.53 -32.57 35.99
CA GLU P 227 -1.39 -33.55 37.07
C GLU P 227 0.09 -33.65 37.34
N ALA P 228 0.85 -33.81 36.26
CA ALA P 228 2.29 -33.99 36.31
C ALA P 228 2.93 -32.83 37.04
N LYS P 229 2.56 -31.60 36.64
CA LYS P 229 3.07 -30.40 37.28
C LYS P 229 2.93 -30.44 38.81
N GLU P 230 1.72 -30.71 39.26
CA GLU P 230 1.42 -30.73 40.67
C GLU P 230 2.11 -31.86 41.37
N MET P 231 2.15 -33.02 40.71
CA MET P 231 2.84 -34.18 41.23
C MET P 231 4.29 -33.88 41.73
N GLY P 232 4.92 -32.83 41.17
CA GLY P 232 6.32 -32.47 41.47
C GLY P 232 7.24 -32.60 40.27
N PHE P 233 6.79 -33.40 39.29
CA PHE P 233 7.48 -33.62 38.01
C PHE P 233 7.81 -32.30 37.40
N ARG P 234 9.00 -32.22 36.82
CA ARG P 234 9.49 -30.90 36.49
C ARG P 234 9.44 -30.69 35.00
N ILE P 235 9.42 -31.83 34.26
CA ILE P 235 9.27 -31.80 32.82
C ILE P 235 8.35 -32.96 32.38
N ILE P 236 7.53 -32.72 31.36
CA ILE P 236 6.86 -33.85 30.71
C ILE P 236 7.12 -33.90 29.20
N ILE P 237 7.43 -35.10 28.70
CA ILE P 237 7.47 -35.33 27.25
C ILE P 237 6.33 -36.22 26.66
N PHE P 238 6.14 -36.08 25.35
CA PHE P 238 5.13 -36.83 24.61
C PHE P 238 5.77 -37.23 23.29
N PRO P 239 6.58 -38.31 23.29
CA PRO P 239 7.30 -38.69 22.06
C PRO P 239 6.40 -38.73 20.83
N PHE P 240 5.29 -39.47 20.88
CA PHE P 240 4.44 -39.61 19.70
C PHE P 240 3.31 -38.64 19.56
N ALA P 241 3.52 -37.42 20.05
CA ALA P 241 2.52 -36.40 19.90
C ALA P 241 2.31 -35.96 18.44
N ALA P 242 3.30 -36.15 17.58
CA ALA P 242 3.10 -35.83 16.17
C ALA P 242 3.15 -37.07 15.25
N LEU P 243 4.11 -37.94 15.54
CA LEU P 243 4.30 -39.14 14.78
C LEU P 243 2.99 -39.92 14.68
N GLY P 244 2.41 -40.27 15.83
CA GLY P 244 1.17 -41.04 15.87
C GLY P 244 0.09 -40.52 14.95
N PRO P 245 -0.37 -39.26 15.19
CA PRO P 245 -1.31 -38.64 14.27
C PRO P 245 -0.82 -38.63 12.81
N ALA P 246 0.42 -38.19 12.55
CA ALA P 246 0.94 -38.20 11.16
C ALA P 246 0.73 -39.54 10.49
N VAL P 247 1.01 -40.61 11.22
CA VAL P 247 0.83 -41.95 10.69
C VAL P 247 -0.65 -42.18 10.37
N ALA P 248 -1.55 -42.17 11.35
CA ALA P 248 -2.98 -42.45 11.05
C ALA P 248 -3.63 -41.53 10.01
N ALA P 249 -3.09 -40.32 9.82
CA ALA P 249 -3.54 -39.46 8.71
C ALA P 249 -3.07 -39.96 7.36
N MET P 250 -1.80 -40.32 7.26
CA MET P 250 -1.25 -40.70 5.96
C MET P 250 -1.79 -42.05 5.46
N ARG P 251 -1.94 -43.05 6.35
CA ARG P 251 -2.66 -44.27 5.97
C ARG P 251 -4.10 -43.95 5.42
N GLU P 252 -4.84 -43.08 6.13
CA GLU P 252 -6.17 -42.66 5.73
C GLU P 252 -6.08 -42.03 4.38
N ALA P 253 -5.04 -41.22 4.18
CA ALA P 253 -4.86 -40.43 2.96
C ALA P 253 -4.47 -41.29 1.77
N MET P 254 -3.66 -42.31 2.04
CA MET P 254 -3.27 -43.27 1.06
C MET P 254 -4.44 -44.15 0.70
N GLU P 255 -5.14 -44.74 1.67
CA GLU P 255 -6.34 -45.52 1.30
C GLU P 255 -7.27 -44.73 0.41
N LYS P 256 -7.31 -43.41 0.58
CA LYS P 256 -8.21 -42.58 -0.20
C LYS P 256 -7.71 -42.33 -1.62
N LEU P 257 -6.46 -41.91 -1.75
CA LEU P 257 -5.83 -41.69 -3.04
C LEU P 257 -5.82 -42.96 -3.84
N LYS P 258 -5.60 -44.06 -3.14
CA LYS P 258 -5.71 -45.40 -3.71
C LYS P 258 -7.10 -45.65 -4.27
N ARG P 259 -8.09 -44.89 -3.82
CA ARG P 259 -9.50 -45.17 -4.13
C ARG P 259 -10.12 -44.17 -5.11
N ASP P 260 -9.66 -42.93 -5.04
CA ASP P 260 -10.14 -41.94 -5.97
C ASP P 260 -9.12 -41.98 -7.07
N GLY P 261 -7.92 -41.53 -6.82
CA GLY P 261 -6.96 -41.40 -7.88
C GLY P 261 -6.62 -39.94 -7.98
N ILE P 262 -6.64 -39.30 -6.82
CA ILE P 262 -6.39 -37.87 -6.60
C ILE P 262 -6.46 -37.77 -5.08
N PRO P 263 -5.48 -37.07 -4.48
CA PRO P 263 -5.44 -36.99 -3.02
C PRO P 263 -6.57 -36.13 -2.46
N GLY P 264 -7.04 -35.14 -3.20
CA GLY P 264 -8.23 -34.37 -2.76
C GLY P 264 -8.04 -33.46 -1.52
N LEU P 265 -6.81 -33.07 -1.24
CA LEU P 265 -6.49 -32.01 -0.29
C LEU P 265 -7.42 -30.78 -0.32
N ASP P 266 -7.54 -30.08 0.80
CA ASP P 266 -8.40 -28.88 0.89
C ASP P 266 -7.83 -27.68 0.10
N LYS P 267 -8.73 -26.96 -0.57
CA LYS P 267 -8.44 -25.72 -1.32
C LYS P 267 -7.44 -24.76 -0.65
N GLU P 268 -7.35 -24.86 0.67
CA GLU P 268 -6.58 -23.94 1.52
C GLU P 268 -5.10 -24.36 1.57
N MET P 269 -4.84 -25.67 1.50
CA MET P 269 -3.49 -26.21 1.31
C MET P 269 -2.85 -25.97 -0.06
N THR P 270 -2.60 -24.70 -0.43
CA THR P 270 -1.83 -24.43 -1.63
C THR P 270 -0.35 -24.76 -1.36
N PRO P 271 0.45 -25.02 -2.41
CA PRO P 271 1.85 -25.21 -1.99
C PRO P 271 2.34 -24.10 -1.09
N GLN P 272 2.05 -22.85 -1.44
CA GLN P 272 2.48 -21.71 -0.67
C GLN P 272 2.07 -21.81 0.84
N MET P 273 0.79 -22.12 1.09
CA MET P 273 0.41 -22.49 2.43
C MET P 273 1.39 -23.50 3.03
N LEU P 274 1.81 -24.51 2.28
CA LEU P 274 2.67 -25.49 2.95
C LEU P 274 4.02 -24.85 3.31
N PHE P 275 4.67 -24.27 2.31
CA PHE P 275 5.96 -23.59 2.48
C PHE P 275 5.94 -22.48 3.53
N ARG P 276 4.84 -21.72 3.55
CA ARG P 276 4.63 -20.65 4.50
C ARG P 276 4.80 -21.24 5.91
N VAL P 277 4.13 -22.38 6.15
CA VAL P 277 4.30 -23.27 7.33
C VAL P 277 5.75 -23.70 7.70
N CYS P 278 6.65 -23.66 6.70
CA CYS P 278 8.07 -23.94 6.89
C CYS P 278 8.93 -22.69 6.64
N GLY P 279 8.35 -21.57 7.04
CA GLY P 279 9.05 -20.32 7.12
C GLY P 279 9.49 -19.79 5.79
N LEU P 280 8.65 -19.92 4.78
CA LEU P 280 8.95 -19.28 3.48
C LEU P 280 9.16 -17.76 3.66
N ASP P 281 8.33 -17.16 4.49
CA ASP P 281 8.27 -15.73 4.65
C ASP P 281 9.57 -15.18 5.21
N GLU P 282 10.07 -15.91 6.19
CA GLU P 282 11.27 -15.54 6.90
C GLU P 282 12.42 -15.73 5.93
N SER P 283 12.45 -16.83 5.19
CA SER P 283 13.51 -17.05 4.18
C SER P 283 13.53 -15.96 3.10
N MET P 284 12.33 -15.58 2.59
CA MET P 284 12.22 -14.54 1.52
C MET P 284 12.53 -13.19 2.11
N LYS P 285 12.55 -13.12 3.45
CA LYS P 285 12.83 -11.88 4.14
C LYS P 285 14.31 -11.78 4.28
N VAL P 286 14.95 -12.90 4.58
CA VAL P 286 16.41 -12.97 4.60
C VAL P 286 17.06 -12.60 3.27
N ASP P 287 16.45 -13.00 2.15
CA ASP P 287 16.90 -12.55 0.80
C ASP P 287 16.63 -11.05 0.56
N ALA P 288 15.58 -10.57 1.20
CA ALA P 288 15.19 -9.18 1.15
C ALA P 288 16.19 -8.32 1.91
N GLN P 289 16.42 -8.64 3.18
CA GLN P 289 17.30 -7.83 4.05
C GLN P 289 18.61 -7.63 3.32
N ALA P 290 19.09 -8.72 2.74
CA ALA P 290 20.41 -8.76 2.13
C ALA P 290 20.50 -8.10 0.75
N GLY P 291 19.55 -7.23 0.41
CA GLY P 291 19.60 -6.48 -0.84
C GLY P 291 19.45 -7.33 -2.10
N GLY P 292 18.95 -8.56 -1.93
CA GLY P 292 18.74 -9.48 -3.06
C GLY P 292 17.31 -9.46 -3.58
N ALA P 293 17.14 -9.61 -4.89
CA ALA P 293 15.84 -9.37 -5.45
C ALA P 293 15.21 -10.63 -6.00
N ALA P 294 15.40 -11.76 -5.35
CA ALA P 294 14.98 -12.97 -6.05
C ALA P 294 13.54 -13.28 -5.82
N PHE P 295 12.92 -12.51 -4.94
CA PHE P 295 11.53 -12.75 -4.67
C PHE P 295 10.72 -11.53 -4.93
N ASP P 296 11.33 -10.54 -5.54
CA ASP P 296 10.58 -9.46 -6.04
C ASP P 296 9.36 -10.06 -6.66
N GLY P 297 8.21 -9.71 -6.13
CA GLY P 297 6.98 -10.03 -6.78
C GLY P 297 6.12 -10.75 -5.79
N GLY P 298 6.75 -11.60 -5.01
CA GLY P 298 6.02 -12.63 -4.35
C GLY P 298 6.15 -13.94 -5.09
N VAL P 299 5.55 -14.95 -4.53
CA VAL P 299 5.58 -16.28 -5.07
C VAL P 299 4.24 -16.67 -5.62
N ASP P 300 3.27 -15.81 -5.44
CA ASP P 300 1.92 -16.27 -5.47
C ASP P 300 1.47 -15.97 -6.86
N LEU P 301 0.78 -16.93 -7.45
CA LEU P 301 0.26 -16.74 -8.82
C LEU P 301 -1.27 -16.50 -8.75
#